data_6WOX
#
_entry.id   6WOX
#
_cell.length_a   185.435
_cell.length_b   102.654
_cell.length_c   295.382
_cell.angle_alpha   90.000
_cell.angle_beta   98.914
_cell.angle_gamma   90.000
#
_symmetry.space_group_name_H-M   'C 1 2 1'
#
loop_
_entity.id
_entity.type
_entity.pdbx_description
1 polymer 'DNA-directed RNA polymerase subunit alpha'
2 polymer 'DNA-directed RNA polymerase subunit beta'
3 polymer "DNA-directed RNA polymerase subunit beta'"
4 polymer 'DNA-directed RNA polymerase subunit omega'
5 polymer 'RNA polymerase sigma factor SigA'
6 polymer "DNA (5'-D(P*TP*GP*CP*AP*TP*CP*CP*GP*TP*GP*AP*GP*TP*GP*CP*AP*G)-3')"
7 polymer 'DNA (25-MER)'
8 polymer "RNA (5'-R(*GP*CP*A)-3')"
9 non-polymer 'SODIUM ION'
10 non-polymer "2'-DEOXYCYTIDINE-5'-TRIPHOSPHATE"
11 non-polymer 'MAGNESIUM ION'
12 non-polymer 'ZINC ION'
#
loop_
_entity_poly.entity_id
_entity_poly.type
_entity_poly.pdbx_seq_one_letter_code
_entity_poly.pdbx_strand_id
1 'polypeptide(L)'
;MLDSKLKAPVFTVRTQGREYGEFVLEPLERGFGVTLGNPLRRILLSSIPGTAVTSVYIEDVLHEFSTIPGVKEDVVEIIL
NLKELVVRFLNPSLQTVTLLLKAEGPKEVKARDFLPVADVEIMNPDLHIATLEEGGRLNMEVRVDRGVGYVPAEKHGIKD
RINAIPVDAVFSPVRRVAFQVEDTRLGQRTDLDKLTLRIWTDGSVTPLEALNQAVEILREHLTYFSNPQAAAVAAPEEAK
EPEAPPEQEEELDLPLEELGLSTRVLHSLKEEGIESVRALLALNLKDLKNIPGIGERSLEEIKEALEKKGFTLKE
;
A,B
2 'polypeptide(L)'
;MEIKRFGRIREVIPLPPLTEIQVESYRRALQADVPPEKRENVGIQAAFRETFPIEEEDKGKGGLVLDFLEYRLGEPPFPQ
DECREKDLTYQAPLYARLQLIHKDTGLIKEDEVFLGHIPLMTEDGSFIINGADRVIVSQIHRSPGVYFTPDPARPGRYIA
SIIPLPKRGPWIDLEVEPNGVVSMKVNKRKFPLVLLLRVLGYDQETLARELGAYGELVQGLMDESVFAMRPEEALIRLFT
LLRPGDPPKRDKAVAYVYGLIADPRRYDLGEAGRYKAEEKLGIRLSGRTLARFEDGEFKDEVFLPTLRYLFALTAGVPGH
EVDDIDHLGNRRIRTVGELMTDQFRVGLARLARGVRERMLMGSEDSLTPAKLVNSRPLEAAIREFFSRSQLSQFKDETNP
LSSLRHKRRISALGPGGLTRERAGFDVRDVHRTHYGRICPVETPEGANIGLITSLAAYARVDELGFIRTPYRRVVGGVVT
DEVVYMTATEEDRYTIAQANTPLEGNRIAAERVVARRKGEPVIVSPEEVEFMDVSPKQVFSVNTNLIPFLEHDDANRALM
GSNMQTQAVPLIRAQAPVVMTGLEERVVRDSLAALYAEEDGEVAKVDGNRIVVRYEDGRLVEYPLRRFYRSNQGTALDQR
PRVVVGQRVRKGDLLADGPASENGFLALGQNVLVAIMPFDGYNFEDAIVISEELLKRDFYTSIHIERYEIEARDTKLGPE
RITRDIPHLSEAALRDLDEEGVVRIGAEVKPGDILVGRTSFKGESEPTPEERLLRSIFGEKARDVKDTSLRVPPGEGGIV
VRTVRLRRGDPGVELKPGVREVVRVYVAQKRKLQVGDKLANRHGNKGVVAKILPVEDMPHLPDGTPVDVILNPLGVPSRM
NLGQILETHLGLAGYFLGQRYISPIFDGAKEPEIKELLAQAFEVYFGKRKGEGFGVDKREVEVLRRAEKLGLVTPGKTPE
EQLKELFLQGKVVLYDGRTGEPIEGPIVVGQMFIMKLYHMVEDKMHARSTGPYSLITQQPLGGKAQFGGQRFGEMEVWAL
EAYGAAHTLQEMLTLKSDDIEGRNAAYEAIIKGEDVPEPSVPESFRVLVKELQALALDVQTLDEKDNPVDIFEGLASKR
;
C
3 'polypeptide(L)'
;MKKEVRKVRIALASPEKIRSWSYGEVEKPETINYRTLKPERDGLFDERIFGPIKDYECACGKYKRQRFEGKVCERCGVEV
TKSIVKRYRMGHIELATPAAHIWFVKDVPSKIGTLLDLSATELEQVLYFSKYIVLDPKGAILNGVPVEKRQLLTDEEYRE
LRYGKQETYPLPPGVDALVKDGEEVVKGQELAPGVVSRLDGVALYRFPRRVRVEYVKKERAGLRLPLAAWVEKEAYKPGE
ILAELPEPYLFRAEEEGVVELKELEEGAFLVLRREDEPVATYFLPVGMTPLVVHGEIVEKGQPLAEAKGLLRMPRQVRAA
QVEAEEEGETVYLTLFLEWTEPKDYRVQPHMNVVVPEGARVEAGDKIVAAIDPEEEVIAEAEGVVHLHEPASILVVKARV
YPFEDDVEVSTGDRVAPGDVLADGGKVKSDVYGRVEVDLVRNVVRVVESYDIDARMGAEAIQQLLKELDLEALEKELLEE
MKHPSRARRAKARKRLEVVRAFLDSGNRPEWMILEAVPVLPPDLRPMVQVDGGRFATSDLNDLYRRLINRNNRLKKLLAQ
GAPEIIIRNEKRMLQEAVDALLDNGRRGAPVTNPGSDRPLRSLTDILSGKQGRFRQNLLGKRVDYSGRSVIVVGPQLKLH
QCGLPKRMALELFKPFLLKKMEEKGIAPNVKAARRMLERQRDIKDEVWDALEEVIHGKVVLLNRAPTLHRLGIQAFQPVL
VEGQSIQLHPLVCEAFNADFDGDQMAVHVPLSSFAQAEARIQMLSAHNLLSPASGEPLAKPSRDIILGLYYITQVRKEKK
GAGLEFATPEEALAAHERGEVALNAPIKVAGRETSVGRLKYVFANPDEALLAVAHGIVDLQDVVTVRYMGKRLETSPGRI
LFARIVAEAVEDEKVAWELIQLDVPQEKNSLKDLVYQAFLRLGMEKTARLLDALKYYGFTFSTTSGITIGIDDAVIPEEK
KQYLEEADRKLLQIEQAYEMGFLTDRERYDQILQLWTETTEKVTQAVFKNFEENYPFNPLYVMAQSGARGNPQQIRQLCG
LRGLMQKPSGETFEVPVRSSFREGLTVLEYFISSHGARKGGADTALRTADSGYLTRKLVDVTHEIVVREADCGTTNYISV
PLFQPDEVTRSLRLRKRADIEAGLYGRVLAREVEVLGVRLEEGRYLSMDDVHLLIKAAEAGEIQEVPVRSPLTCQTRYGV
CQKCYGYDLSMARPVSIGEAVGIVAAQSIGEPGTQLTMRTFHTGGVAGAADITQGLPRVIELFEARRPKAKAVISEIDGV
VRIEETEEKLSVFVESEGFSKEYKLPKEARLLVKDGDYVEAGQPLTRGAIDPHQLLEAKGPEAVERYLVEEIQKVYRAQG
VKLHDKHIEIVVRQMMKYVEVTDPGDSRLLEGQVLEKWDVEALNERLIAEGKTPVAWKPLLMGVTKSALSTKSWLSAASF
QNTTHVLTEAAIAGKKDELIGLKENVILGRLIPAGTGSDFVRFTQVVDQKTLKAIEEARKEAVEA
;
D
4 'polypeptide(L)'
;MAEPGIDKLFGMVDSKYRLTVVVAKRAQQLLRHGFKNTVLEPEERPKMQTLEGLFDDPNAVTWAMKELLTGRLVFGENLV
PEDRLQKEMERLYPVEREE
;
E
5 'polypeptide(L)'
;MKKSKRKNAQAQEAQETEVLVQEEAEELPEFPEGEPDPDLEDPDLTLEDDLLDLPEEGEGLDLEEEEEDLPIPKISTSDP
VRQYLHEIGQVPLLTLEEEVELARKVEEGMEAIKKLSEITGLDPDLIREVVRAKILGSARVRHIPGLKETLDPKTVEEID
QKLKSLPKEHKRYLHIAREGEAARQHLIEANLRLVVSIAKKYTGRGLSFLDLIQEGNQGLIRAVEKFEYKRRFKFSTYAT
WWIRQAINRAIADQARTIRIPVHMVETINKLSRTARQLQQELGREPTYEEIAEAMGPGWDAKRVEETLKIAQEPVSLETP
IGDEKDSFYGDFIPDEHLPSPVDAATQSLLSEELEKALSKLSEREAMVLKLRKGLIDGREHTLEEVGAFFGVTRERIRQI
ENKALRKLKYHESRTRKLRDFLD
;
F
6 'polydeoxyribonucleotide'
;(DC)(DC)(DT)(DG)(DC)(DA)(DT)(DC)(DC)(DG)(DT)(DG)(DA)(DG)(DT)(DG)(DC)(DA)(DG)(DC)
(DC)(DA)
;
G
7 'polydeoxyribonucleotide'
;(DT)(DA)(DT)(DA)(DA)(DT)(DG)(DG)(DG)(DA)(DG)(DC)(DT)(DG)(DT)(DC)(DA)(DC)(DG)(DG)
(DA)(DT)(DG)(DC)(DA)(DG)(DG)
;
H
8 'polyribonucleotide' GCA I
#
loop_
_chem_comp.id
_chem_comp.type
_chem_comp.name
_chem_comp.formula
A RNA linking ADENOSINE-5'-MONOPHOSPHATE 'C10 H14 N5 O7 P'
C RNA linking CYTIDINE-5'-MONOPHOSPHATE 'C9 H14 N3 O8 P'
DA DNA linking 2'-DEOXYADENOSINE-5'-MONOPHOSPHATE 'C10 H14 N5 O6 P'
DC DNA linking 2'-DEOXYCYTIDINE-5'-MONOPHOSPHATE 'C9 H14 N3 O7 P'
DCP non-polymer 2'-DEOXYCYTIDINE-5'-TRIPHOSPHATE 'C9 H16 N3 O13 P3'
DG DNA linking 2'-DEOXYGUANOSINE-5'-MONOPHOSPHATE 'C10 H14 N5 O7 P'
DT DNA linking THYMIDINE-5'-MONOPHOSPHATE 'C10 H15 N2 O8 P'
G RNA linking GUANOSINE-5'-MONOPHOSPHATE 'C10 H14 N5 O8 P'
MG non-polymer 'MAGNESIUM ION' 'Mg 2'
NA non-polymer 'SODIUM ION' 'Na 1'
ZN non-polymer 'ZINC ION' 'Zn 2'
#
# COMPACT_ATOMS: atom_id res chain seq x y z
N SER A 4 24.31 -48.18 -56.04
CA SER A 4 23.10 -49.02 -56.09
C SER A 4 22.55 -49.20 -54.66
N LYS A 5 21.27 -49.57 -54.57
CA LYS A 5 20.58 -49.55 -53.28
C LYS A 5 20.97 -50.76 -52.42
N LEU A 6 21.08 -50.53 -51.11
CA LEU A 6 21.24 -51.58 -50.12
C LEU A 6 19.98 -52.41 -50.02
N LYS A 7 20.11 -53.63 -49.51
CA LYS A 7 18.97 -54.53 -49.38
C LYS A 7 18.73 -54.90 -47.92
N ALA A 8 17.55 -55.49 -47.66
CA ALA A 8 17.01 -55.82 -46.36
C ALA A 8 18.10 -56.32 -45.40
N PRO A 9 18.24 -55.71 -44.21
CA PRO A 9 19.38 -56.00 -43.34
C PRO A 9 19.08 -57.04 -42.27
N VAL A 10 20.10 -57.42 -41.51
CA VAL A 10 20.03 -58.60 -40.64
C VAL A 10 19.55 -58.19 -39.23
N PHE A 11 18.30 -58.55 -38.93
CA PHE A 11 17.69 -58.37 -37.62
C PHE A 11 18.33 -59.34 -36.62
N THR A 12 18.93 -58.81 -35.55
CA THR A 12 19.40 -59.60 -34.42
C THR A 12 18.60 -59.23 -33.17
N VAL A 13 18.50 -60.18 -32.23
CA VAL A 13 17.56 -60.09 -31.10
C VAL A 13 18.23 -60.73 -29.88
N ARG A 14 18.39 -59.96 -28.82
CA ARG A 14 19.26 -60.37 -27.74
C ARG A 14 18.57 -60.22 -26.38
N THR A 15 17.34 -60.73 -26.29
CA THR A 15 16.53 -60.65 -25.07
C THR A 15 17.23 -61.28 -23.86
N GLN A 16 17.07 -60.61 -22.71
CA GLN A 16 17.50 -61.13 -21.42
C GLN A 16 16.38 -60.97 -20.40
N GLY A 17 16.06 -62.05 -19.71
CA GLY A 17 14.93 -62.02 -18.82
C GLY A 17 13.69 -61.51 -19.52
N ARG A 18 12.65 -61.27 -18.75
CA ARG A 18 11.43 -60.65 -19.24
C ARG A 18 11.53 -59.12 -19.22
N GLU A 19 12.66 -58.58 -18.74
CA GLU A 19 12.88 -57.14 -18.59
C GLU A 19 13.62 -56.51 -19.78
N TYR A 20 14.87 -56.90 -20.00
CA TYR A 20 15.76 -56.22 -20.94
C TYR A 20 15.53 -56.68 -22.37
N GLY A 21 16.27 -56.08 -23.29
CA GLY A 21 16.27 -56.42 -24.70
C GLY A 21 17.26 -55.54 -25.42
N GLU A 22 17.93 -56.06 -26.43
CA GLU A 22 18.75 -55.28 -27.33
C GLU A 22 18.40 -55.73 -28.73
N PHE A 23 18.08 -54.79 -29.61
CA PHE A 23 17.60 -55.11 -30.93
C PHE A 23 18.47 -54.38 -31.94
N VAL A 24 19.24 -55.17 -32.75
CA VAL A 24 20.15 -54.62 -33.76
C VAL A 24 19.50 -54.71 -35.12
N LEU A 25 19.86 -53.75 -35.98
CA LEU A 25 19.57 -53.84 -37.41
C LEU A 25 20.86 -53.48 -38.14
N GLU A 26 21.29 -54.36 -39.06
CA GLU A 26 22.58 -54.24 -39.77
C GLU A 26 22.36 -54.82 -41.17
N PRO A 27 22.82 -54.12 -42.22
CA PRO A 27 23.19 -52.72 -42.20
C PRO A 27 22.03 -51.87 -42.77
N LEU A 28 22.00 -50.56 -42.41
CA LEU A 28 21.01 -49.61 -42.91
C LEU A 28 21.72 -48.40 -43.52
N GLU A 29 21.04 -47.75 -44.46
CA GLU A 29 21.58 -46.59 -45.16
C GLU A 29 22.00 -45.49 -44.18
N ARG A 30 23.19 -44.94 -44.37
CA ARG A 30 23.64 -43.84 -43.53
C ARG A 30 22.51 -42.85 -43.27
N GLY A 31 22.34 -42.48 -42.00
CA GLY A 31 21.29 -41.57 -41.61
C GLY A 31 19.89 -42.16 -41.59
N PHE A 32 19.77 -43.49 -41.46
CA PHE A 32 18.54 -44.12 -41.03
C PHE A 32 18.69 -44.69 -39.63
N GLY A 33 19.84 -44.49 -39.01
CA GLY A 33 19.99 -44.90 -37.62
C GLY A 33 18.90 -44.26 -36.79
N VAL A 34 18.90 -42.92 -36.79
CA VAL A 34 17.86 -42.17 -36.12
C VAL A 34 16.53 -42.27 -36.87
N THR A 35 16.54 -42.06 -38.18
CA THR A 35 15.29 -42.02 -38.96
C THR A 35 14.38 -43.16 -38.57
N LEU A 36 14.95 -44.22 -38.01
CA LEU A 36 14.23 -45.39 -37.51
C LEU A 36 14.17 -45.46 -35.99
N GLY A 37 15.26 -45.12 -35.30
CA GLY A 37 15.37 -45.41 -33.87
C GLY A 37 14.73 -44.41 -32.96
N ASN A 38 14.47 -43.19 -33.45
CA ASN A 38 13.80 -42.18 -32.67
C ASN A 38 12.30 -42.36 -32.64
N PRO A 39 11.60 -42.24 -33.77
CA PRO A 39 10.14 -42.39 -33.74
C PRO A 39 9.72 -43.69 -33.06
N LEU A 40 10.52 -44.73 -33.18
CA LEU A 40 10.19 -45.94 -32.45
C LEU A 40 10.28 -45.70 -30.96
N ARG A 41 11.39 -45.09 -30.51
CA ARG A 41 11.51 -44.78 -29.10
C ARG A 41 10.45 -43.80 -28.64
N ARG A 42 9.95 -42.94 -29.52
CA ARG A 42 8.89 -42.04 -29.08
C ARG A 42 7.64 -42.85 -28.74
N ILE A 43 7.19 -43.70 -29.67
CA ILE A 43 6.04 -44.56 -29.44
C ILE A 43 6.28 -45.57 -28.32
N LEU A 44 7.54 -45.95 -28.11
CA LEU A 44 7.84 -46.91 -27.06
C LEU A 44 7.70 -46.30 -25.66
N LEU A 45 7.77 -44.98 -25.54
CA LEU A 45 7.63 -44.34 -24.23
C LEU A 45 6.19 -43.97 -23.91
N SER A 46 5.38 -43.74 -24.94
CA SER A 46 4.09 -43.08 -24.85
C SER A 46 2.88 -43.95 -25.15
N SER A 47 2.92 -44.85 -26.14
CA SER A 47 1.69 -45.42 -26.65
C SER A 47 1.51 -46.90 -26.35
N ILE A 48 2.36 -47.49 -25.52
CA ILE A 48 2.43 -48.94 -25.44
C ILE A 48 1.57 -49.40 -24.27
N PRO A 49 0.39 -50.01 -24.53
CA PRO A 49 -0.48 -50.49 -23.44
C PRO A 49 0.23 -51.26 -22.32
N GLY A 50 -0.43 -51.34 -21.16
CA GLY A 50 0.17 -51.97 -19.99
C GLY A 50 -0.76 -51.83 -18.79
N THR A 51 -0.22 -52.02 -17.59
CA THR A 51 -1.07 -51.92 -16.41
C THR A 51 -0.43 -51.15 -15.27
N ALA A 52 -1.32 -50.76 -14.35
CA ALA A 52 -1.09 -50.18 -13.03
C ALA A 52 -2.42 -50.02 -12.33
N VAL A 53 -2.36 -49.97 -10.99
CA VAL A 53 -3.54 -49.78 -10.15
C VAL A 53 -4.33 -48.50 -10.49
N THR A 54 -5.64 -48.50 -10.18
CA THR A 54 -6.54 -47.41 -10.52
C THR A 54 -7.31 -46.80 -9.34
N SER A 55 -7.55 -47.55 -8.27
CA SER A 55 -8.44 -47.11 -7.19
C SER A 55 -8.31 -48.07 -6.02
N VAL A 56 -8.67 -47.61 -4.84
CA VAL A 56 -8.58 -48.47 -3.66
C VAL A 56 -9.73 -48.19 -2.71
N TYR A 57 -10.31 -49.25 -2.14
CA TYR A 57 -11.06 -49.20 -0.89
C TYR A 57 -10.18 -49.75 0.21
N ILE A 58 -10.21 -49.13 1.37
CA ILE A 58 -9.58 -49.70 2.54
C ILE A 58 -10.59 -49.71 3.66
N GLU A 59 -10.97 -50.91 4.10
CA GLU A 59 -11.95 -51.06 5.17
C GLU A 59 -11.72 -50.04 6.27
N ASP A 60 -12.78 -49.33 6.64
CA ASP A 60 -12.69 -48.33 7.72
C ASP A 60 -11.79 -47.18 7.30
N VAL A 61 -11.99 -46.69 6.07
CA VAL A 61 -11.27 -45.53 5.56
C VAL A 61 -12.22 -44.79 4.63
N LEU A 62 -12.02 -43.48 4.47
CA LEU A 62 -12.94 -42.75 3.61
C LEU A 62 -12.29 -41.74 2.68
N HIS A 63 -11.02 -41.41 2.87
CA HIS A 63 -10.33 -40.45 2.01
C HIS A 63 -8.83 -40.77 1.99
N GLU A 64 -8.09 -40.13 1.09
CA GLU A 64 -6.67 -40.48 0.95
C GLU A 64 -5.88 -40.17 2.21
N PHE A 65 -6.23 -39.09 2.92
CA PHE A 65 -5.31 -38.47 3.88
C PHE A 65 -5.41 -39.11 5.25
N SER A 66 -5.89 -40.36 5.27
CA SER A 66 -6.20 -41.06 6.49
C SER A 66 -4.95 -41.73 7.05
N THR A 67 -5.15 -42.55 8.07
CA THR A 67 -4.09 -43.24 8.76
C THR A 67 -4.73 -44.46 9.40
N ILE A 68 -4.03 -45.59 9.37
CA ILE A 68 -4.58 -46.86 9.87
C ILE A 68 -3.73 -47.33 11.05
N PRO A 69 -4.35 -47.79 12.15
CA PRO A 69 -3.59 -48.04 13.38
C PRO A 69 -2.84 -49.35 13.31
N GLY A 70 -1.70 -49.37 14.00
CA GLY A 70 -0.79 -50.50 13.91
C GLY A 70 -0.18 -50.74 12.55
N VAL A 71 -0.28 -49.81 11.60
CA VAL A 71 0.47 -49.83 10.34
C VAL A 71 1.28 -48.53 10.27
N LYS A 72 2.60 -48.66 10.09
CA LYS A 72 3.46 -47.49 10.16
C LYS A 72 3.25 -46.53 8.99
N GLU A 73 2.68 -47.02 7.90
CA GLU A 73 2.52 -46.22 6.69
C GLU A 73 1.21 -45.44 6.72
N ASP A 74 1.27 -44.17 6.37
CA ASP A 74 0.06 -43.43 6.12
C ASP A 74 -0.53 -43.86 4.79
N VAL A 75 -1.86 -43.67 4.64
CA VAL A 75 -2.49 -44.06 3.38
C VAL A 75 -1.88 -43.35 2.18
N VAL A 76 -1.25 -42.20 2.40
CA VAL A 76 -0.63 -41.52 1.27
C VAL A 76 0.56 -42.32 0.76
N GLU A 77 1.29 -42.96 1.68
CA GLU A 77 2.43 -43.80 1.35
C GLU A 77 2.03 -45.19 0.90
N ILE A 78 0.82 -45.64 1.21
CA ILE A 78 0.39 -46.94 0.73
C ILE A 78 -0.15 -46.83 -0.69
N ILE A 79 -1.03 -45.87 -0.95
CA ILE A 79 -1.49 -45.59 -2.31
C ILE A 79 -0.27 -45.32 -3.17
N LEU A 80 0.84 -44.95 -2.53
CA LEU A 80 2.06 -44.64 -3.29
C LEU A 80 2.94 -45.87 -3.48
N ASN A 81 3.06 -46.73 -2.46
CA ASN A 81 3.71 -48.02 -2.63
C ASN A 81 2.95 -48.90 -3.60
N LEU A 82 1.66 -48.62 -3.83
CA LEU A 82 0.86 -49.44 -4.74
C LEU A 82 0.89 -48.96 -6.17
N LYS A 83 1.49 -47.80 -6.44
CA LYS A 83 1.68 -47.42 -7.83
C LYS A 83 2.79 -48.24 -8.48
N GLU A 84 3.86 -48.53 -7.71
CA GLU A 84 4.94 -49.40 -8.19
C GLU A 84 4.40 -50.73 -8.70
N LEU A 85 3.44 -51.31 -7.97
CA LEU A 85 2.96 -52.65 -8.28
C LEU A 85 2.54 -52.77 -9.75
N VAL A 86 3.05 -53.82 -10.38
CA VAL A 86 2.96 -54.06 -11.82
C VAL A 86 2.31 -55.42 -12.05
N VAL A 87 1.19 -55.44 -12.76
CA VAL A 87 0.31 -56.60 -12.86
C VAL A 87 0.25 -57.00 -14.31
N ARG A 88 0.65 -58.24 -14.62
CA ARG A 88 0.54 -58.78 -15.97
C ARG A 88 -0.76 -59.56 -16.13
N PHE A 89 -1.56 -59.19 -17.14
CA PHE A 89 -2.70 -59.99 -17.55
C PHE A 89 -2.27 -61.07 -18.54
N LEU A 90 -2.84 -62.26 -18.40
CA LEU A 90 -2.55 -63.36 -19.30
C LEU A 90 -3.63 -63.49 -20.36
N ASN A 91 -4.87 -63.71 -19.94
CA ASN A 91 -5.98 -63.58 -20.88
C ASN A 91 -5.89 -62.20 -21.54
N PRO A 92 -5.95 -62.14 -22.85
CA PRO A 92 -5.95 -60.84 -23.53
C PRO A 92 -7.25 -60.10 -23.32
N SER A 93 -8.37 -60.80 -23.44
CA SER A 93 -9.56 -59.97 -23.38
C SER A 93 -9.86 -59.42 -21.93
N LEU A 94 -8.94 -59.60 -20.96
CA LEU A 94 -9.16 -59.12 -19.59
C LEU A 94 -8.86 -57.62 -19.53
N GLN A 95 -9.87 -56.85 -19.11
CA GLN A 95 -9.76 -55.41 -19.07
C GLN A 95 -9.48 -54.88 -17.66
N THR A 96 -9.96 -55.57 -16.62
CA THR A 96 -9.97 -55.03 -15.26
C THR A 96 -10.14 -56.14 -14.22
N VAL A 97 -9.32 -56.07 -13.17
CA VAL A 97 -9.27 -57.05 -12.08
C VAL A 97 -9.79 -56.38 -10.84
N THR A 98 -9.84 -57.11 -9.73
CA THR A 98 -9.93 -56.46 -8.44
C THR A 98 -9.17 -57.35 -7.47
N LEU A 99 -7.92 -56.97 -7.19
CA LEU A 99 -7.12 -57.76 -6.27
C LEU A 99 -7.75 -57.72 -4.89
N LEU A 100 -7.12 -58.42 -3.94
CA LEU A 100 -7.66 -58.55 -2.59
C LEU A 100 -6.51 -58.88 -1.63
N LEU A 101 -6.57 -58.32 -0.42
CA LEU A 101 -5.51 -58.51 0.57
C LEU A 101 -6.11 -58.43 1.96
N LYS A 102 -5.51 -59.19 2.89
CA LYS A 102 -5.79 -59.12 4.33
C LYS A 102 -4.63 -59.77 5.08
N ALA A 103 -4.17 -59.12 6.13
CA ALA A 103 -3.11 -59.67 6.97
C ALA A 103 -3.15 -58.95 8.31
N GLU A 104 -2.27 -59.34 9.22
CA GLU A 104 -2.39 -58.95 10.63
C GLU A 104 -1.07 -59.29 11.33
N GLY A 105 -1.10 -59.21 12.67
CA GLY A 105 0.05 -59.54 13.46
C GLY A 105 1.24 -58.73 13.00
N PRO A 106 2.42 -59.04 13.54
CA PRO A 106 3.66 -58.33 13.11
C PRO A 106 4.21 -58.80 11.75
N LYS A 107 3.49 -58.47 10.68
CA LYS A 107 3.81 -58.88 9.33
C LYS A 107 4.07 -57.67 8.44
N GLU A 108 5.25 -57.61 7.81
CA GLU A 108 5.53 -56.60 6.79
C GLU A 108 4.88 -57.04 5.48
N VAL A 109 3.60 -56.69 5.29
CA VAL A 109 2.87 -57.10 4.08
C VAL A 109 3.62 -56.69 2.82
N LYS A 110 4.10 -57.68 2.05
CA LYS A 110 4.70 -57.42 0.74
C LYS A 110 3.66 -57.77 -0.34
N ALA A 111 4.03 -57.51 -1.60
CA ALA A 111 3.00 -57.51 -2.63
C ALA A 111 2.47 -58.90 -2.93
N ARG A 112 3.26 -59.96 -2.68
CA ARG A 112 2.80 -61.34 -2.85
C ARG A 112 1.60 -61.65 -1.96
N ASP A 113 1.59 -61.11 -0.73
CA ASP A 113 0.54 -61.36 0.26
C ASP A 113 -0.86 -61.19 -0.34
N PHE A 114 -0.98 -60.51 -1.47
CA PHE A 114 -2.25 -60.45 -2.18
C PHE A 114 -2.73 -61.85 -2.54
N LEU A 115 -4.04 -62.05 -2.46
CA LEU A 115 -4.64 -63.30 -2.89
C LEU A 115 -4.30 -63.56 -4.35
N PRO A 116 -4.10 -64.81 -4.74
CA PRO A 116 -3.91 -65.12 -6.17
C PRO A 116 -5.23 -65.11 -6.95
N VAL A 117 -5.16 -64.63 -8.19
CA VAL A 117 -6.24 -64.81 -9.15
C VAL A 117 -5.61 -65.48 -10.37
N ALA A 118 -6.45 -66.13 -11.17
CA ALA A 118 -5.93 -66.72 -12.41
C ALA A 118 -5.94 -65.68 -13.49
N ASP A 119 -4.98 -65.79 -14.40
CA ASP A 119 -4.77 -64.82 -15.48
C ASP A 119 -4.19 -63.51 -14.95
N VAL A 120 -3.52 -63.57 -13.80
CA VAL A 120 -2.83 -62.42 -13.23
C VAL A 120 -1.62 -62.91 -12.44
N GLU A 121 -0.44 -62.34 -12.75
CA GLU A 121 0.80 -62.66 -12.03
C GLU A 121 1.41 -61.38 -11.47
N ILE A 122 1.86 -61.45 -10.22
CA ILE A 122 2.43 -60.28 -9.50
C ILE A 122 3.91 -60.24 -9.83
N MET A 123 4.24 -59.51 -10.90
CA MET A 123 5.57 -59.49 -11.50
C MET A 123 6.65 -58.96 -10.56
N ASN A 124 6.31 -58.46 -9.36
CA ASN A 124 7.29 -58.12 -8.33
C ASN A 124 6.74 -58.53 -6.98
N PRO A 125 6.84 -59.80 -6.63
CA PRO A 125 6.34 -60.23 -5.32
C PRO A 125 7.00 -59.51 -4.15
N ASP A 126 8.30 -59.24 -4.24
CA ASP A 126 9.04 -58.72 -3.08
C ASP A 126 8.67 -57.28 -2.70
N LEU A 127 7.86 -56.59 -3.51
CA LEU A 127 7.45 -55.20 -3.26
C LEU A 127 6.98 -55.03 -1.82
N HIS A 128 7.52 -54.03 -1.14
CA HIS A 128 7.01 -53.69 0.19
C HIS A 128 5.68 -52.96 0.04
N ILE A 129 4.76 -53.18 1.00
CA ILE A 129 3.43 -52.56 0.96
C ILE A 129 3.12 -51.81 2.25
N ALA A 130 3.28 -52.45 3.40
CA ALA A 130 2.83 -51.81 4.62
C ALA A 130 3.37 -52.61 5.79
N THR A 131 3.89 -51.91 6.79
CA THR A 131 4.47 -52.58 7.95
C THR A 131 3.44 -52.61 9.08
N LEU A 132 3.14 -53.80 9.59
CA LEU A 132 2.14 -53.98 10.63
C LEU A 132 2.79 -54.54 11.89
N GLU A 133 2.33 -54.07 13.04
CA GLU A 133 2.81 -54.50 14.34
C GLU A 133 1.68 -55.20 15.08
N GLU A 134 2.01 -55.76 16.23
CA GLU A 134 1.05 -56.60 16.92
C GLU A 134 -0.25 -55.83 17.10
N GLY A 135 -1.31 -56.34 16.48
CA GLY A 135 -2.63 -55.77 16.55
C GLY A 135 -3.10 -55.06 15.31
N GLY A 136 -2.23 -54.84 14.33
CA GLY A 136 -2.57 -54.03 13.18
C GLY A 136 -3.18 -54.79 12.04
N ARG A 137 -4.38 -54.42 11.60
CA ARG A 137 -5.10 -55.17 10.57
C ARG A 137 -4.86 -54.55 9.20
N LEU A 138 -5.60 -55.03 8.18
CA LEU A 138 -5.55 -54.51 6.81
C LEU A 138 -6.62 -55.20 5.97
N ASN A 139 -7.22 -54.52 4.99
CA ASN A 139 -8.11 -55.19 4.05
C ASN A 139 -8.32 -54.27 2.84
N MET A 140 -7.62 -54.56 1.75
CA MET A 140 -7.68 -53.69 0.59
C MET A 140 -8.57 -54.31 -0.49
N GLU A 141 -9.00 -53.47 -1.41
CA GLU A 141 -9.61 -53.93 -2.65
C GLU A 141 -9.08 -53.02 -3.75
N VAL A 142 -7.91 -53.40 -4.30
CA VAL A 142 -7.25 -52.68 -5.38
C VAL A 142 -7.97 -52.98 -6.70
N ARG A 143 -7.84 -52.08 -7.65
CA ARG A 143 -8.55 -52.25 -8.92
C ARG A 143 -7.63 -51.79 -10.05
N VAL A 144 -6.86 -52.75 -10.59
CA VAL A 144 -5.82 -52.48 -11.60
C VAL A 144 -6.41 -52.63 -12.98
N ASP A 145 -5.84 -51.91 -13.95
CA ASP A 145 -6.44 -51.84 -15.28
C ASP A 145 -5.39 -51.83 -16.37
N ARG A 146 -5.75 -52.43 -17.51
CA ARG A 146 -5.03 -52.20 -18.75
C ARG A 146 -5.51 -50.90 -19.36
N GLY A 147 -4.55 -50.04 -19.71
CA GLY A 147 -4.79 -48.76 -20.34
C GLY A 147 -3.48 -48.30 -20.95
N VAL A 148 -3.49 -47.09 -21.49
CA VAL A 148 -2.32 -46.54 -22.17
C VAL A 148 -1.91 -45.23 -21.52
N GLY A 149 -0.59 -45.02 -21.47
CA GLY A 149 -0.07 -43.74 -21.07
C GLY A 149 -0.27 -43.45 -19.60
N TYR A 150 -0.44 -42.15 -19.32
CA TYR A 150 -0.52 -41.59 -17.97
C TYR A 150 -1.90 -40.99 -17.77
N VAL A 151 -2.68 -41.55 -16.86
CA VAL A 151 -4.03 -41.08 -16.56
C VAL A 151 -4.12 -40.81 -15.07
N PRO A 152 -4.09 -39.53 -14.65
CA PRO A 152 -3.92 -39.18 -13.24
C PRO A 152 -5.24 -39.15 -12.47
N ALA A 153 -5.12 -39.32 -11.15
CA ALA A 153 -6.30 -39.42 -10.29
C ALA A 153 -7.34 -38.35 -10.61
N GLU A 154 -6.91 -37.11 -10.67
CA GLU A 154 -7.80 -35.96 -10.76
C GLU A 154 -8.54 -36.05 -12.10
N LYS A 155 -8.41 -37.20 -12.79
CA LYS A 155 -8.78 -37.32 -14.20
C LYS A 155 -9.66 -38.52 -14.52
N HIS A 156 -9.60 -39.60 -13.71
CA HIS A 156 -10.41 -40.78 -13.98
C HIS A 156 -11.42 -41.14 -12.89
N GLY A 157 -11.21 -40.69 -11.65
CA GLY A 157 -12.27 -40.80 -10.63
C GLY A 157 -12.82 -42.19 -10.48
N ILE A 158 -11.94 -43.18 -10.34
CA ILE A 158 -12.33 -44.57 -10.36
C ILE A 158 -12.65 -44.97 -8.92
N LYS A 159 -13.95 -45.14 -8.64
CA LYS A 159 -14.44 -45.54 -7.32
C LYS A 159 -15.33 -46.76 -7.47
N ASP A 160 -14.87 -47.90 -6.94
CA ASP A 160 -15.72 -49.08 -6.74
C ASP A 160 -16.68 -48.90 -5.55
N ARG A 161 -16.16 -48.83 -4.33
CA ARG A 161 -17.01 -48.52 -3.18
C ARG A 161 -17.25 -47.00 -3.14
N ILE A 162 -17.89 -46.49 -2.08
CA ILE A 162 -18.10 -45.05 -2.02
C ILE A 162 -16.85 -44.34 -1.49
N ASN A 163 -16.16 -44.91 -0.51
CA ASN A 163 -14.88 -44.34 -0.05
C ASN A 163 -13.72 -45.00 -0.77
N ALA A 164 -13.76 -44.97 -2.09
CA ALA A 164 -12.69 -45.50 -2.93
C ALA A 164 -11.81 -44.34 -3.37
N ILE A 165 -10.58 -44.28 -2.84
CA ILE A 165 -9.53 -43.36 -3.29
C ILE A 165 -9.14 -43.64 -4.73
N PRO A 166 -9.47 -42.80 -5.70
CA PRO A 166 -8.81 -42.90 -7.00
C PRO A 166 -7.30 -42.69 -6.88
N VAL A 167 -6.57 -43.36 -7.77
CA VAL A 167 -5.11 -43.37 -7.78
C VAL A 167 -4.62 -43.10 -9.20
N ASP A 168 -3.35 -42.72 -9.30
CA ASP A 168 -2.71 -42.40 -10.56
C ASP A 168 -2.14 -43.65 -11.26
N ALA A 169 -2.19 -43.65 -12.60
CA ALA A 169 -1.85 -44.81 -13.40
C ALA A 169 -0.60 -44.52 -14.23
N VAL A 170 0.49 -45.24 -13.96
CA VAL A 170 1.59 -45.38 -14.93
C VAL A 170 1.30 -46.64 -15.72
N PHE A 171 0.37 -46.50 -16.67
CA PHE A 171 -0.06 -47.64 -17.48
C PHE A 171 1.13 -48.22 -18.23
N SER A 172 1.74 -47.39 -19.10
CA SER A 172 2.89 -47.68 -19.92
C SER A 172 3.82 -48.61 -19.16
N PRO A 173 4.21 -49.71 -19.80
CA PRO A 173 5.11 -50.73 -19.19
C PRO A 173 6.56 -50.57 -19.58
N VAL A 174 6.92 -49.48 -20.24
CA VAL A 174 8.26 -49.25 -20.74
C VAL A 174 9.00 -48.41 -19.72
N ARG A 175 9.99 -49.00 -19.06
CA ARG A 175 10.75 -48.29 -18.03
C ARG A 175 11.79 -47.34 -18.65
N ARG A 176 12.41 -47.74 -19.77
CA ARG A 176 13.45 -46.96 -20.44
C ARG A 176 13.64 -47.43 -21.86
N VAL A 177 14.01 -46.50 -22.75
CA VAL A 177 14.23 -46.82 -24.15
C VAL A 177 15.37 -45.96 -24.63
N ALA A 178 16.54 -46.54 -24.83
CA ALA A 178 17.68 -45.87 -25.46
C ALA A 178 17.96 -46.52 -26.82
N PHE A 179 18.80 -45.89 -27.64
CA PHE A 179 19.21 -46.58 -28.88
C PHE A 179 20.49 -46.02 -29.47
N GLN A 180 21.44 -46.92 -29.70
CA GLN A 180 22.75 -46.64 -30.30
C GLN A 180 22.70 -46.66 -31.82
N VAL A 181 23.53 -45.82 -32.42
CA VAL A 181 23.85 -45.90 -33.85
C VAL A 181 25.37 -45.83 -34.00
N GLU A 182 25.96 -46.93 -34.50
CA GLU A 182 27.41 -47.07 -34.68
C GLU A 182 27.72 -47.37 -36.14
N ASP A 183 28.99 -47.22 -36.51
CA ASP A 183 29.40 -47.25 -37.91
C ASP A 183 29.61 -48.66 -38.47
N THR A 184 29.28 -48.85 -39.76
CA THR A 184 29.31 -50.17 -40.37
C THR A 184 29.52 -50.06 -41.89
N ARG A 185 29.80 -51.21 -42.52
CA ARG A 185 30.08 -51.24 -43.95
C ARG A 185 29.62 -52.56 -44.57
N LEU A 186 29.08 -52.50 -45.79
CA LEU A 186 28.81 -53.69 -46.61
C LEU A 186 29.89 -53.83 -47.68
N GLY A 187 31.12 -54.00 -47.22
CA GLY A 187 32.25 -54.25 -48.09
C GLY A 187 32.55 -53.01 -48.90
N GLN A 188 31.66 -52.74 -49.86
CA GLN A 188 31.87 -51.62 -50.77
C GLN A 188 31.88 -50.30 -50.03
N ARG A 189 30.79 -50.04 -49.30
CA ARG A 189 30.35 -48.71 -48.91
C ARG A 189 30.72 -48.43 -47.45
N THR A 190 31.07 -47.17 -47.18
CA THR A 190 31.34 -46.71 -45.83
C THR A 190 30.20 -45.84 -45.31
N ASP A 191 30.29 -45.56 -44.01
CA ASP A 191 29.36 -44.67 -43.33
C ASP A 191 27.92 -45.22 -43.27
N LEU A 192 27.77 -46.55 -43.33
CA LEU A 192 26.48 -47.16 -43.03
C LEU A 192 26.23 -47.13 -41.53
N ASP A 193 24.99 -47.45 -41.14
CA ASP A 193 24.53 -47.28 -39.76
C ASP A 193 24.16 -48.64 -39.17
N LYS A 194 24.58 -48.88 -37.92
CA LYS A 194 24.24 -50.10 -37.15
C LYS A 194 23.33 -49.74 -35.98
N LEU A 195 22.02 -49.77 -36.22
CA LEU A 195 21.06 -49.43 -35.17
C LEU A 195 20.94 -50.54 -34.15
N THR A 196 21.21 -50.22 -32.89
CA THR A 196 20.87 -51.07 -31.75
C THR A 196 19.83 -50.36 -30.89
N LEU A 197 18.76 -51.07 -30.53
CA LEU A 197 17.60 -50.51 -29.82
C LEU A 197 17.48 -51.16 -28.44
N ARG A 198 17.88 -50.45 -27.37
CA ARG A 198 17.66 -50.99 -26.03
C ARG A 198 16.19 -50.89 -25.67
N ILE A 199 15.74 -51.77 -24.78
CA ILE A 199 14.38 -51.64 -24.24
C ILE A 199 14.38 -52.28 -22.86
N TRP A 200 13.77 -51.57 -21.90
CA TRP A 200 13.59 -52.06 -20.54
C TRP A 200 12.09 -52.11 -20.20
N THR A 201 11.72 -53.02 -19.30
CA THR A 201 10.29 -53.26 -19.16
C THR A 201 9.99 -53.78 -17.76
N ASP A 202 8.70 -53.69 -17.38
CA ASP A 202 8.20 -54.17 -16.09
C ASP A 202 7.83 -55.65 -16.10
N GLY A 203 7.35 -56.19 -17.23
CA GLY A 203 6.93 -57.58 -17.30
C GLY A 203 5.58 -57.78 -17.95
N SER A 204 4.62 -56.86 -17.75
CA SER A 204 3.30 -57.03 -18.34
C SER A 204 3.42 -57.33 -19.84
N VAL A 205 3.95 -56.38 -20.59
CA VAL A 205 4.49 -56.65 -21.90
C VAL A 205 6.01 -56.62 -21.79
N THR A 206 6.67 -57.16 -22.80
CA THR A 206 8.09 -57.42 -22.80
C THR A 206 8.80 -56.62 -23.88
N PRO A 207 10.09 -56.35 -23.68
CA PRO A 207 10.85 -55.56 -24.65
C PRO A 207 10.47 -55.88 -26.08
N LEU A 208 10.45 -57.18 -26.42
CA LEU A 208 10.12 -57.58 -27.79
C LEU A 208 8.70 -57.21 -28.15
N GLU A 209 7.71 -57.73 -27.40
CA GLU A 209 6.32 -57.40 -27.70
C GLU A 209 6.12 -55.90 -27.78
N ALA A 210 6.81 -55.15 -26.92
CA ALA A 210 6.78 -53.69 -27.00
C ALA A 210 7.23 -53.20 -28.37
N LEU A 211 8.40 -53.71 -28.81
CA LEU A 211 9.02 -53.25 -30.05
C LEU A 211 8.19 -53.61 -31.28
N ASN A 212 7.56 -54.78 -31.27
CA ASN A 212 6.62 -55.07 -32.35
C ASN A 212 5.45 -54.09 -32.29
N GLN A 213 4.83 -53.99 -31.10
CA GLN A 213 3.71 -53.09 -30.91
C GLN A 213 4.04 -51.67 -31.37
N ALA A 214 5.21 -51.17 -30.98
CA ALA A 214 5.65 -49.87 -31.46
C ALA A 214 5.61 -49.80 -32.99
N VAL A 215 6.32 -50.73 -33.66
CA VAL A 215 6.31 -50.80 -35.13
C VAL A 215 4.88 -50.82 -35.66
N GLU A 216 4.06 -51.72 -35.11
CA GLU A 216 2.68 -51.84 -35.60
C GLU A 216 1.99 -50.49 -35.61
N ILE A 217 2.11 -49.71 -34.53
CA ILE A 217 1.48 -48.39 -34.53
C ILE A 217 2.12 -47.51 -35.58
N LEU A 218 3.45 -47.50 -35.62
CA LEU A 218 4.15 -46.73 -36.64
C LEU A 218 3.63 -47.08 -38.03
N ARG A 219 3.52 -48.37 -38.34
CA ARG A 219 2.96 -48.77 -39.63
C ARG A 219 1.54 -48.28 -39.78
N GLU A 220 0.68 -48.65 -38.84
CA GLU A 220 -0.70 -48.22 -38.81
C GLU A 220 -0.82 -46.72 -39.12
N HIS A 221 0.11 -45.90 -38.61
CA HIS A 221 -0.02 -44.46 -38.81
C HIS A 221 0.21 -44.06 -40.26
N LEU A 222 1.15 -44.72 -40.95
CA LEU A 222 1.48 -44.26 -42.31
C LEU A 222 0.33 -44.49 -43.27
N THR A 223 -0.61 -45.37 -42.91
CA THR A 223 -1.82 -45.57 -43.70
C THR A 223 -2.61 -44.27 -43.86
N TYR A 224 -2.64 -43.44 -42.81
CA TYR A 224 -3.45 -42.22 -42.84
C TYR A 224 -3.13 -41.34 -44.05
N PHE A 225 -1.98 -41.55 -44.68
CA PHE A 225 -1.58 -40.82 -45.87
C PHE A 225 -2.21 -41.40 -47.13
N SER A 226 -3.20 -42.28 -47.01
CA SER A 226 -3.71 -42.98 -48.18
C SER A 226 -4.72 -42.11 -48.95
N ASN A 227 -5.54 -41.38 -48.22
CA ASN A 227 -6.75 -40.77 -48.76
C ASN A 227 -6.61 -39.25 -48.75
N PRO A 228 -5.92 -38.66 -49.72
CA PRO A 228 -5.72 -37.21 -49.71
C PRO A 228 -6.91 -36.42 -50.25
N GLN A 229 -7.04 -35.17 -49.77
CA GLN A 229 -7.96 -34.11 -50.28
C GLN A 229 -7.21 -32.80 -50.54
N LEU B 6 -11.29 -41.78 -30.97
CA LEU B 6 -10.00 -41.61 -31.67
C LEU B 6 -10.14 -41.73 -33.20
N LYS B 7 -10.60 -40.66 -33.85
CA LYS B 7 -11.14 -40.71 -35.21
C LYS B 7 -10.10 -41.12 -36.25
N ALA B 8 -10.52 -41.18 -37.51
CA ALA B 8 -9.65 -41.34 -38.68
C ALA B 8 -9.01 -40.01 -39.04
N PRO B 9 -7.69 -39.89 -38.90
CA PRO B 9 -7.03 -38.58 -39.16
C PRO B 9 -7.15 -38.16 -40.61
N VAL B 10 -7.78 -37.04 -40.82
CA VAL B 10 -8.10 -36.59 -42.17
C VAL B 10 -6.89 -35.89 -42.79
N PHE B 11 -6.66 -36.21 -44.07
CA PHE B 11 -5.43 -35.90 -44.78
C PHE B 11 -5.75 -34.94 -45.92
N THR B 12 -5.05 -33.79 -45.97
CA THR B 12 -5.41 -32.66 -46.82
C THR B 12 -4.24 -32.25 -47.70
N VAL B 13 -4.50 -32.12 -49.00
CA VAL B 13 -3.48 -31.70 -49.93
C VAL B 13 -3.84 -30.31 -50.41
N ARG B 14 -2.81 -29.49 -50.61
CA ARG B 14 -2.93 -28.20 -51.30
C ARG B 14 -1.67 -28.11 -52.16
N THR B 15 -1.79 -28.51 -53.43
CA THR B 15 -0.70 -28.40 -54.38
C THR B 15 -0.88 -27.17 -55.25
N GLN B 16 0.23 -26.65 -55.75
CA GLN B 16 0.19 -25.60 -56.76
C GLN B 16 0.38 -26.14 -58.17
N GLY B 17 1.54 -26.72 -58.45
CA GLY B 17 1.85 -27.24 -59.77
C GLY B 17 2.65 -28.51 -59.66
N ARG B 18 3.70 -28.64 -60.46
CA ARG B 18 4.51 -29.85 -60.40
C ARG B 18 5.59 -29.78 -59.33
N GLU B 19 5.74 -28.64 -58.64
CA GLU B 19 6.84 -28.42 -57.70
C GLU B 19 6.46 -28.14 -56.25
N TYR B 20 5.21 -27.83 -55.93
CA TYR B 20 4.96 -27.50 -54.53
C TYR B 20 3.58 -27.94 -54.08
N GLY B 21 3.57 -28.57 -52.93
CA GLY B 21 2.32 -28.91 -52.28
C GLY B 21 2.59 -28.90 -50.79
N GLU B 22 1.54 -28.60 -50.01
CA GLU B 22 1.55 -28.73 -48.56
C GLU B 22 0.53 -29.79 -48.16
N PHE B 23 0.89 -30.59 -47.18
CA PHE B 23 0.05 -31.72 -46.79
C PHE B 23 -0.18 -31.64 -45.30
N VAL B 24 -1.46 -31.57 -44.92
CA VAL B 24 -1.87 -31.31 -43.55
C VAL B 24 -2.65 -32.53 -43.06
N LEU B 25 -2.19 -33.11 -41.96
CA LEU B 25 -2.76 -34.36 -41.45
C LEU B 25 -3.05 -34.16 -39.97
N GLU B 26 -4.34 -33.99 -39.62
CA GLU B 26 -4.80 -33.76 -38.25
C GLU B 26 -6.18 -34.36 -38.06
N PRO B 27 -6.55 -34.74 -36.83
CA PRO B 27 -5.79 -34.58 -35.60
C PRO B 27 -4.99 -35.83 -35.29
N LEU B 28 -3.98 -35.72 -34.42
CA LEU B 28 -3.06 -36.81 -34.14
C LEU B 28 -2.71 -36.82 -32.67
N GLU B 29 -2.65 -38.00 -32.08
CA GLU B 29 -2.35 -38.16 -30.66
C GLU B 29 -1.10 -37.39 -30.28
N ARG B 30 -0.88 -37.14 -28.98
CA ARG B 30 0.12 -36.18 -28.56
C ARG B 30 1.54 -36.68 -28.81
N GLY B 31 2.36 -35.83 -29.43
CA GLY B 31 3.75 -36.11 -29.75
C GLY B 31 3.99 -36.61 -31.17
N PHE B 32 2.94 -37.00 -31.88
CA PHE B 32 3.10 -37.80 -33.09
C PHE B 32 3.30 -36.98 -34.36
N GLY B 33 2.84 -35.74 -34.41
CA GLY B 33 3.16 -34.91 -35.56
C GLY B 33 4.64 -34.70 -35.75
N VAL B 34 5.45 -35.02 -34.75
CA VAL B 34 6.90 -34.91 -34.88
C VAL B 34 7.47 -36.34 -34.96
N THR B 35 6.77 -37.30 -34.35
CA THR B 35 7.13 -38.70 -34.53
C THR B 35 7.10 -39.08 -36.02
N LEU B 36 6.00 -38.75 -36.71
CA LEU B 36 5.99 -38.80 -38.17
C LEU B 36 6.83 -37.62 -38.63
N GLY B 37 6.76 -37.28 -39.91
CA GLY B 37 7.16 -35.95 -40.37
C GLY B 37 8.53 -35.45 -39.95
N ASN B 38 9.10 -36.00 -38.89
CA ASN B 38 10.50 -35.73 -38.65
C ASN B 38 11.29 -36.72 -39.47
N PRO B 39 11.04 -38.01 -39.26
CA PRO B 39 11.57 -39.02 -40.17
C PRO B 39 11.27 -38.75 -41.64
N LEU B 40 10.02 -38.41 -41.97
CA LEU B 40 9.72 -38.03 -43.35
C LEU B 40 10.68 -36.97 -43.88
N ARG B 41 10.93 -35.93 -43.07
CA ARG B 41 11.96 -34.94 -43.38
C ARG B 41 13.28 -35.63 -43.73
N ARG B 42 13.79 -36.46 -42.81
CA ARG B 42 15.03 -37.17 -43.08
C ARG B 42 14.95 -37.86 -44.44
N ILE B 43 13.91 -38.66 -44.63
CA ILE B 43 13.82 -39.50 -45.80
C ILE B 43 13.65 -38.67 -47.06
N LEU B 44 12.75 -37.68 -47.03
CA LEU B 44 12.50 -36.87 -48.21
C LEU B 44 13.75 -36.14 -48.70
N LEU B 45 14.79 -36.08 -47.88
CA LEU B 45 16.06 -35.48 -48.27
C LEU B 45 17.21 -36.48 -48.44
N SER B 46 17.10 -37.67 -47.83
CA SER B 46 18.10 -38.74 -47.90
C SER B 46 17.99 -39.52 -49.21
N SER B 47 16.80 -40.03 -49.49
CA SER B 47 16.62 -41.20 -50.31
C SER B 47 15.50 -40.98 -51.31
N ILE B 48 15.49 -39.83 -51.98
CA ILE B 48 14.48 -39.64 -53.01
C ILE B 48 15.20 -39.70 -54.33
N PRO B 49 15.12 -40.82 -55.04
CA PRO B 49 15.94 -41.04 -56.24
C PRO B 49 15.62 -40.05 -57.35
N GLY B 50 16.65 -39.31 -57.77
CA GLY B 50 16.52 -38.35 -58.84
C GLY B 50 17.64 -38.51 -59.85
N THR B 51 17.99 -37.40 -60.49
CA THR B 51 19.01 -37.38 -61.53
C THR B 51 19.91 -36.19 -61.30
N ALA B 52 21.21 -36.35 -61.57
CA ALA B 52 22.17 -35.31 -61.24
C ALA B 52 23.30 -35.22 -62.26
N VAL B 53 23.68 -33.99 -62.64
CA VAL B 53 24.94 -33.78 -63.35
C VAL B 53 26.08 -34.19 -62.42
N THR B 54 26.97 -35.03 -62.92
CA THR B 54 28.04 -35.61 -62.10
C THR B 54 29.45 -35.48 -62.69
N SER B 55 29.62 -35.34 -64.01
CA SER B 55 30.90 -34.86 -64.52
C SER B 55 30.68 -33.99 -65.76
N VAL B 56 31.70 -33.21 -66.10
CA VAL B 56 31.66 -32.33 -67.26
C VAL B 56 33.03 -32.31 -67.96
N TYR B 57 33.04 -32.28 -69.30
CA TYR B 57 34.27 -31.97 -70.04
C TYR B 57 33.97 -30.92 -71.10
N ILE B 58 34.89 -29.94 -71.22
CA ILE B 58 34.73 -28.79 -72.13
C ILE B 58 36.03 -28.58 -72.91
N GLU B 59 35.89 -28.38 -74.23
CA GLU B 59 36.89 -28.89 -75.16
C GLU B 59 38.32 -28.45 -74.83
N ASP B 60 38.51 -27.24 -74.30
CA ASP B 60 39.87 -26.75 -74.09
C ASP B 60 40.12 -26.34 -72.65
N VAL B 61 39.47 -27.03 -71.71
CA VAL B 61 39.37 -26.58 -70.31
C VAL B 61 40.06 -27.60 -69.42
N LEU B 62 41.09 -27.14 -68.70
CA LEU B 62 41.94 -28.06 -67.94
C LEU B 62 41.38 -28.33 -66.54
N HIS B 63 41.19 -27.28 -65.73
CA HIS B 63 40.61 -27.35 -64.39
C HIS B 63 39.40 -26.43 -64.27
N GLU B 64 38.71 -26.54 -63.11
CA GLU B 64 37.46 -25.83 -62.85
C GLU B 64 37.65 -24.31 -62.86
N PHE B 65 38.71 -23.85 -62.24
CA PHE B 65 38.92 -22.42 -62.03
C PHE B 65 39.73 -21.87 -63.19
N SER B 66 39.05 -21.69 -64.31
CA SER B 66 39.69 -21.17 -65.51
C SER B 66 38.65 -20.41 -66.33
N THR B 67 39.14 -19.53 -67.20
CA THR B 67 38.27 -18.74 -68.07
C THR B 67 38.29 -19.33 -69.48
N ILE B 68 37.10 -19.52 -70.04
CA ILE B 68 36.89 -19.90 -71.42
C ILE B 68 36.94 -18.65 -72.28
N PRO B 69 37.84 -18.59 -73.26
CA PRO B 69 37.93 -17.41 -74.12
C PRO B 69 36.78 -17.37 -75.14
N GLY B 70 36.27 -16.16 -75.35
CA GLY B 70 35.13 -15.98 -76.23
C GLY B 70 33.82 -16.35 -75.58
N VAL B 71 33.86 -16.59 -74.27
CA VAL B 71 32.68 -16.90 -73.48
C VAL B 71 32.62 -15.94 -72.31
N LYS B 72 31.39 -15.52 -71.96
CA LYS B 72 31.17 -14.54 -70.89
C LYS B 72 31.28 -15.18 -69.51
N GLU B 73 30.63 -16.31 -69.29
CA GLU B 73 30.78 -17.01 -68.02
C GLU B 73 32.22 -17.49 -67.82
N ASP B 74 32.57 -17.74 -66.56
CA ASP B 74 33.74 -18.53 -66.23
C ASP B 74 33.33 -19.99 -66.16
N VAL B 75 34.30 -20.86 -65.88
CA VAL B 75 34.00 -22.28 -65.86
C VAL B 75 32.99 -22.57 -64.75
N VAL B 76 33.32 -22.15 -63.52
CA VAL B 76 32.46 -22.45 -62.39
C VAL B 76 31.02 -22.07 -62.70
N GLU B 77 30.84 -20.84 -63.20
CA GLU B 77 29.50 -20.34 -63.47
C GLU B 77 28.70 -21.31 -64.33
N ILE B 78 29.38 -21.93 -65.31
CA ILE B 78 28.70 -22.92 -66.15
C ILE B 78 28.45 -24.21 -65.37
N ILE B 79 29.45 -24.66 -64.62
CA ILE B 79 29.23 -25.81 -63.74
C ILE B 79 28.01 -25.58 -62.87
N LEU B 80 27.82 -24.34 -62.39
CA LEU B 80 26.68 -24.02 -61.52
C LEU B 80 25.37 -24.16 -62.29
N ASN B 81 25.25 -23.46 -63.44
CA ASN B 81 24.05 -23.61 -64.25
C ASN B 81 23.76 -25.07 -64.50
N LEU B 82 24.81 -25.86 -64.72
CA LEU B 82 24.63 -27.28 -64.95
C LEU B 82 24.15 -28.00 -63.69
N LYS B 83 24.57 -27.53 -62.52
CA LYS B 83 24.04 -28.07 -61.26
C LYS B 83 22.53 -27.91 -61.17
N GLU B 84 21.96 -26.97 -61.92
CA GLU B 84 20.54 -26.69 -61.80
C GLU B 84 19.66 -27.39 -62.85
N LEU B 85 20.25 -27.96 -63.90
CA LEU B 85 19.47 -28.74 -64.85
C LEU B 85 18.65 -29.82 -64.13
N VAL B 86 17.49 -30.15 -64.70
CA VAL B 86 16.64 -31.23 -64.19
C VAL B 86 16.16 -32.08 -65.36
N VAL B 87 16.29 -33.40 -65.25
CA VAL B 87 15.88 -34.29 -66.33
C VAL B 87 15.38 -35.60 -65.73
N ARG B 88 14.27 -36.09 -66.25
CA ARG B 88 13.73 -37.35 -65.78
C ARG B 88 14.11 -38.47 -66.75
N PHE B 89 14.43 -39.63 -66.20
CA PHE B 89 14.71 -40.83 -66.99
C PHE B 89 13.41 -41.58 -67.18
N LEU B 90 12.94 -41.61 -68.42
CA LEU B 90 11.65 -42.22 -68.72
C LEU B 90 11.71 -43.74 -68.71
N ASN B 91 12.79 -44.32 -69.22
CA ASN B 91 12.96 -45.77 -69.18
C ASN B 91 13.50 -46.18 -67.81
N PRO B 92 12.75 -46.93 -67.02
CA PRO B 92 13.16 -47.16 -65.63
C PRO B 92 14.48 -47.88 -65.53
N SER B 93 14.79 -48.70 -66.55
CA SER B 93 16.10 -49.34 -66.60
C SER B 93 17.20 -48.29 -66.60
N LEU B 94 17.11 -47.31 -67.51
CA LEU B 94 18.19 -46.35 -67.74
C LEU B 94 18.86 -45.91 -66.44
N GLN B 95 20.19 -45.82 -66.45
CA GLN B 95 20.89 -45.39 -65.25
C GLN B 95 22.09 -44.49 -65.46
N THR B 96 22.45 -44.17 -66.70
CA THR B 96 23.43 -43.13 -66.99
C THR B 96 23.14 -42.55 -68.36
N VAL B 97 23.83 -41.45 -68.68
CA VAL B 97 23.67 -40.70 -69.93
C VAL B 97 24.86 -39.75 -70.07
N THR B 98 25.39 -39.58 -71.29
CA THR B 98 26.18 -38.41 -71.62
C THR B 98 25.34 -37.49 -72.49
N LEU B 99 25.43 -36.20 -72.22
CA LEU B 99 24.69 -35.20 -72.97
C LEU B 99 25.70 -34.41 -73.78
N LEU B 100 25.42 -34.28 -75.07
CA LEU B 100 26.35 -33.62 -75.94
C LEU B 100 25.80 -32.25 -76.29
N LEU B 101 26.69 -31.27 -76.34
CA LEU B 101 26.29 -29.96 -76.82
C LEU B 101 27.49 -29.25 -77.39
N LYS B 102 27.39 -28.85 -78.65
CA LYS B 102 28.31 -27.89 -79.25
C LYS B 102 27.49 -26.75 -79.80
N ALA B 103 28.14 -25.60 -79.89
CA ALA B 103 27.62 -24.41 -80.54
C ALA B 103 28.74 -23.39 -80.42
N GLU B 104 28.61 -22.27 -81.10
CA GLU B 104 29.66 -21.26 -81.06
C GLU B 104 29.10 -19.96 -81.65
N GLY B 105 29.98 -18.97 -81.82
CA GLY B 105 29.58 -17.68 -82.31
C GLY B 105 28.65 -16.98 -81.32
N PRO B 106 27.96 -15.94 -81.77
CA PRO B 106 27.18 -15.07 -80.84
C PRO B 106 25.80 -15.60 -80.44
N LYS B 107 25.78 -16.62 -79.58
CA LYS B 107 24.52 -17.15 -79.11
C LYS B 107 24.64 -17.47 -77.62
N GLU B 108 23.49 -17.75 -77.03
CA GLU B 108 23.36 -18.19 -75.65
C GLU B 108 22.70 -19.57 -75.64
N VAL B 109 23.39 -20.56 -75.09
CA VAL B 109 22.91 -21.94 -75.15
C VAL B 109 21.88 -22.18 -74.06
N LYS B 110 20.92 -23.04 -74.36
CA LYS B 110 19.87 -23.44 -73.44
C LYS B 110 19.86 -24.95 -73.27
N ALA B 111 19.16 -25.41 -72.24
CA ALA B 111 19.01 -26.84 -72.04
C ALA B 111 18.21 -27.51 -73.16
N ARG B 112 17.42 -26.73 -73.92
CA ARG B 112 16.80 -27.27 -75.13
C ARG B 112 17.87 -27.70 -76.14
N ASP B 113 18.94 -26.90 -76.25
CA ASP B 113 20.08 -27.07 -77.16
C ASP B 113 20.95 -28.26 -76.80
N PHE B 114 20.52 -29.14 -75.90
CA PHE B 114 21.26 -30.36 -75.64
C PHE B 114 20.82 -31.43 -76.63
N LEU B 115 21.80 -32.14 -77.19
CA LEU B 115 21.60 -33.21 -78.15
C LEU B 115 20.63 -34.24 -77.59
N PRO B 116 19.40 -34.31 -78.13
CA PRO B 116 18.38 -35.19 -77.56
C PRO B 116 18.83 -36.64 -77.47
N VAL B 117 18.18 -37.38 -76.58
CA VAL B 117 18.61 -38.72 -76.21
C VAL B 117 17.36 -39.54 -75.90
N ALA B 118 17.57 -40.83 -75.66
CA ALA B 118 16.55 -41.86 -75.82
C ALA B 118 15.79 -42.07 -74.52
N ASP B 119 14.64 -41.40 -74.38
CA ASP B 119 13.87 -41.42 -73.14
C ASP B 119 14.51 -40.53 -72.07
N VAL B 120 15.19 -39.45 -72.49
CA VAL B 120 15.78 -38.45 -71.60
C VAL B 120 15.03 -37.15 -71.80
N GLU B 121 14.15 -36.81 -70.84
CA GLU B 121 13.29 -35.63 -70.88
C GLU B 121 13.96 -34.50 -70.11
N ILE B 122 14.32 -33.43 -70.82
CA ILE B 122 14.77 -32.17 -70.22
C ILE B 122 13.54 -31.41 -69.74
N MET B 123 13.32 -31.40 -68.42
CA MET B 123 12.17 -30.70 -67.84
C MET B 123 12.22 -29.21 -68.14
N ASN B 124 13.37 -28.61 -67.93
CA ASN B 124 13.44 -27.16 -67.87
C ASN B 124 14.22 -26.62 -69.06
N PRO B 125 13.64 -26.69 -70.27
CA PRO B 125 14.42 -26.42 -71.48
C PRO B 125 14.99 -25.01 -71.56
N ASP B 126 14.30 -23.99 -71.02
CA ASP B 126 14.74 -22.61 -71.23
C ASP B 126 15.86 -22.19 -70.27
N LEU B 127 16.16 -22.98 -69.24
CA LEU B 127 17.35 -22.76 -68.42
C LEU B 127 18.50 -22.35 -69.32
N HIS B 128 19.28 -21.36 -68.89
CA HIS B 128 20.38 -20.85 -69.71
C HIS B 128 21.73 -21.38 -69.22
N ILE B 129 22.57 -21.86 -70.15
CA ILE B 129 23.85 -22.49 -69.82
C ILE B 129 25.03 -21.53 -69.97
N ALA B 130 25.14 -20.86 -71.11
CA ALA B 130 26.21 -19.86 -71.19
C ALA B 130 26.05 -19.08 -72.49
N THR B 131 26.65 -17.89 -72.51
CA THR B 131 26.64 -17.02 -73.67
C THR B 131 28.00 -17.07 -74.37
N LEU B 132 27.97 -16.96 -75.69
CA LEU B 132 29.19 -16.92 -76.49
C LEU B 132 29.27 -15.61 -77.25
N GLU B 133 30.48 -15.10 -77.35
CA GLU B 133 30.82 -14.04 -78.29
C GLU B 133 31.31 -14.66 -79.61
N GLU B 134 31.16 -13.91 -80.71
CA GLU B 134 31.61 -14.44 -82.00
C GLU B 134 33.09 -14.77 -81.93
N GLY B 135 33.43 -15.98 -82.35
CA GLY B 135 34.74 -16.53 -82.10
C GLY B 135 34.83 -17.36 -80.84
N GLY B 136 33.69 -17.59 -80.17
CA GLY B 136 33.67 -18.37 -78.96
C GLY B 136 33.18 -19.77 -79.28
N ARG B 137 34.01 -20.75 -78.96
CA ARG B 137 33.65 -22.14 -79.18
C ARG B 137 33.17 -22.75 -77.86
N LEU B 138 31.97 -23.31 -77.87
CA LEU B 138 31.47 -24.12 -76.76
C LEU B 138 31.19 -25.55 -77.23
N ASN B 139 31.93 -26.49 -76.64
CA ASN B 139 31.88 -27.90 -77.02
C ASN B 139 31.97 -28.69 -75.71
N MET B 140 30.92 -29.43 -75.35
CA MET B 140 31.02 -30.10 -74.05
C MET B 140 30.10 -31.31 -73.90
N GLU B 141 30.54 -32.20 -73.02
CA GLU B 141 29.87 -33.43 -72.69
C GLU B 141 29.70 -33.50 -71.18
N VAL B 142 28.54 -34.00 -70.78
CA VAL B 142 28.03 -33.91 -69.42
C VAL B 142 27.50 -35.28 -69.01
N ARG B 143 27.96 -35.79 -67.87
CA ARG B 143 27.48 -37.06 -67.36
C ARG B 143 26.31 -36.85 -66.38
N VAL B 144 25.31 -37.73 -66.45
CA VAL B 144 24.05 -37.49 -65.75
C VAL B 144 23.45 -38.80 -65.26
N ASP B 145 23.41 -39.00 -63.94
CA ASP B 145 23.14 -40.32 -63.38
C ASP B 145 21.89 -40.34 -62.50
N ARG B 146 21.53 -41.57 -62.11
CA ARG B 146 20.40 -41.85 -61.24
C ARG B 146 20.93 -42.10 -59.83
N GLY B 147 20.43 -41.36 -58.85
CA GLY B 147 20.99 -41.43 -57.52
C GLY B 147 20.19 -40.65 -56.50
N VAL B 148 20.69 -40.66 -55.27
CA VAL B 148 19.94 -40.14 -54.14
C VAL B 148 20.83 -39.29 -53.25
N GLY B 149 20.18 -38.31 -52.60
CA GLY B 149 20.86 -37.52 -51.61
C GLY B 149 21.77 -36.51 -52.22
N TYR B 150 22.96 -36.38 -51.65
CA TYR B 150 23.87 -35.35 -52.14
C TYR B 150 25.29 -35.78 -51.86
N VAL B 151 26.17 -35.40 -52.77
CA VAL B 151 27.51 -35.97 -52.91
C VAL B 151 28.44 -34.89 -53.42
N PRO B 152 29.37 -34.41 -52.60
CA PRO B 152 30.33 -33.42 -53.10
C PRO B 152 30.97 -33.91 -54.39
N ALA B 153 31.63 -33.04 -55.17
CA ALA B 153 32.39 -33.53 -56.32
C ALA B 153 33.66 -34.25 -55.86
N GLU B 154 34.39 -33.63 -54.95
CA GLU B 154 35.63 -34.14 -54.41
C GLU B 154 35.38 -35.45 -53.64
N LYS B 155 34.20 -36.10 -53.79
CA LYS B 155 33.91 -37.29 -53.00
C LYS B 155 33.27 -38.44 -53.75
N HIS B 156 32.96 -38.31 -55.05
CA HIS B 156 32.69 -39.47 -55.89
C HIS B 156 33.67 -39.60 -57.05
N GLY B 157 34.34 -38.51 -57.45
CA GLY B 157 35.53 -38.52 -58.27
C GLY B 157 35.35 -38.82 -59.75
N ILE B 158 34.20 -39.36 -60.15
CA ILE B 158 34.08 -40.02 -61.43
C ILE B 158 34.73 -39.18 -62.53
N LYS B 159 35.69 -39.78 -63.24
CA LYS B 159 36.26 -39.21 -64.46
C LYS B 159 36.06 -40.21 -65.59
N ASP B 160 35.44 -39.76 -66.67
CA ASP B 160 35.34 -40.52 -67.90
C ASP B 160 36.50 -40.25 -68.85
N ARG B 161 37.38 -39.35 -68.48
CA ARG B 161 38.50 -39.01 -69.33
C ARG B 161 39.39 -38.01 -68.61
N ILE B 162 40.71 -38.06 -68.81
CA ILE B 162 41.53 -37.01 -68.26
C ILE B 162 40.93 -35.66 -68.67
N ASN B 163 40.87 -34.73 -67.71
CA ASN B 163 40.40 -33.34 -67.86
C ASN B 163 38.90 -33.15 -67.80
N ALA B 164 38.12 -34.22 -67.73
CA ALA B 164 36.75 -34.13 -67.24
C ALA B 164 36.79 -33.63 -65.81
N ILE B 165 35.89 -32.68 -65.48
CA ILE B 165 35.75 -32.20 -64.10
C ILE B 165 34.61 -32.93 -63.39
N PRO B 166 34.77 -33.24 -62.11
CA PRO B 166 33.63 -33.71 -61.31
C PRO B 166 32.86 -32.56 -60.67
N VAL B 167 31.54 -32.56 -60.85
CA VAL B 167 30.65 -31.58 -60.23
C VAL B 167 30.00 -32.19 -59.00
N ASP B 168 29.65 -31.33 -58.04
CA ASP B 168 28.88 -31.74 -56.86
C ASP B 168 27.53 -32.32 -57.30
N ALA B 169 27.10 -33.42 -56.66
CA ALA B 169 26.11 -34.32 -57.26
C ALA B 169 24.73 -34.09 -56.64
N VAL B 170 23.90 -33.29 -57.27
CA VAL B 170 22.62 -32.86 -56.67
C VAL B 170 21.52 -33.81 -57.17
N PHE B 171 21.45 -34.97 -56.52
CA PHE B 171 20.45 -35.93 -56.94
C PHE B 171 19.06 -35.46 -56.57
N SER B 172 18.82 -35.31 -55.25
CA SER B 172 17.49 -35.23 -54.67
C SER B 172 16.65 -34.31 -55.55
N PRO B 173 15.55 -34.82 -56.09
CA PRO B 173 14.55 -33.91 -56.69
C PRO B 173 13.82 -33.05 -55.63
N VAL B 174 14.05 -33.30 -54.32
CA VAL B 174 13.54 -32.46 -53.24
C VAL B 174 14.51 -31.31 -53.00
N ARG B 175 13.98 -30.10 -52.82
CA ARG B 175 14.78 -28.88 -52.60
C ARG B 175 14.73 -28.36 -51.17
N ARG B 176 13.59 -28.49 -50.50
CA ARG B 176 13.55 -28.42 -49.05
C ARG B 176 12.37 -29.22 -48.56
N VAL B 177 12.51 -29.73 -47.35
CA VAL B 177 11.38 -30.16 -46.55
C VAL B 177 11.27 -29.22 -45.38
N ALA B 178 10.08 -28.67 -45.18
CA ALA B 178 9.74 -27.87 -43.99
C ALA B 178 8.44 -28.41 -43.40
N PHE B 179 8.49 -28.86 -42.15
CA PHE B 179 7.28 -29.33 -41.48
C PHE B 179 7.10 -28.59 -40.15
N GLN B 180 5.82 -28.49 -39.74
CA GLN B 180 5.35 -27.50 -38.76
C GLN B 180 4.20 -28.12 -37.97
N VAL B 181 4.48 -28.59 -36.75
CA VAL B 181 3.50 -29.30 -35.95
C VAL B 181 2.97 -28.37 -34.83
N GLU B 182 1.70 -27.99 -34.93
CA GLU B 182 1.06 -27.10 -33.98
C GLU B 182 -0.02 -27.84 -33.20
N ASP B 183 -0.39 -27.28 -32.03
CA ASP B 183 -1.40 -27.90 -31.15
C ASP B 183 -2.82 -27.67 -31.68
N THR B 184 -3.64 -28.71 -31.62
CA THR B 184 -5.04 -28.57 -32.03
C THR B 184 -5.92 -29.50 -31.22
N ARG B 185 -7.23 -29.19 -31.21
CA ARG B 185 -8.21 -29.83 -30.34
C ARG B 185 -9.39 -30.35 -31.15
N LEU B 186 -10.01 -31.42 -30.62
CA LEU B 186 -11.22 -32.04 -31.19
C LEU B 186 -12.21 -32.36 -30.05
N GLY B 187 -13.18 -31.46 -29.85
CA GLY B 187 -14.16 -31.61 -28.80
C GLY B 187 -13.62 -31.17 -27.45
N GLN B 188 -13.34 -32.14 -26.58
CA GLN B 188 -12.70 -31.89 -25.30
C GLN B 188 -11.24 -32.30 -25.27
N ARG B 189 -10.83 -33.28 -26.09
CA ARG B 189 -9.42 -33.68 -26.16
C ARG B 189 -8.61 -32.56 -26.81
N THR B 190 -7.75 -31.89 -26.02
CA THR B 190 -6.92 -30.78 -26.52
C THR B 190 -5.47 -31.00 -26.09
N ASP B 191 -4.78 -31.89 -26.79
CA ASP B 191 -3.32 -31.83 -26.87
C ASP B 191 -2.86 -32.28 -28.25
N LEU B 192 -3.79 -32.56 -29.15
CA LEU B 192 -3.50 -33.29 -30.35
C LEU B 192 -2.53 -32.52 -31.24
N ASP B 193 -1.74 -33.28 -31.99
CA ASP B 193 -0.88 -32.71 -33.01
C ASP B 193 -1.67 -32.47 -34.28
N LYS B 194 -1.41 -31.35 -34.93
CA LYS B 194 -1.81 -31.09 -36.31
C LYS B 194 -0.52 -30.88 -37.09
N LEU B 195 -0.30 -31.72 -38.10
CA LEU B 195 0.96 -31.75 -38.84
C LEU B 195 0.73 -31.11 -40.21
N THR B 196 1.40 -29.98 -40.42
CA THR B 196 1.55 -29.38 -41.74
C THR B 196 2.94 -29.72 -42.23
N LEU B 197 3.04 -30.06 -43.52
CA LEU B 197 4.28 -30.51 -44.13
C LEU B 197 4.40 -29.88 -45.50
N ARG B 198 5.50 -29.19 -45.74
CA ARG B 198 5.71 -28.48 -46.99
C ARG B 198 6.89 -29.10 -47.75
N ILE B 199 6.75 -29.20 -49.07
CA ILE B 199 7.65 -30.03 -49.89
C ILE B 199 7.94 -29.33 -51.23
N TRP B 200 9.16 -28.86 -51.41
CA TRP B 200 9.56 -28.31 -52.69
C TRP B 200 10.29 -29.38 -53.50
N THR B 201 10.03 -29.43 -54.82
CA THR B 201 10.75 -30.30 -55.74
C THR B 201 11.16 -29.50 -56.99
N ASP B 202 11.84 -30.18 -57.92
CA ASP B 202 12.33 -29.59 -59.16
C ASP B 202 11.49 -29.99 -60.38
N GLY B 203 10.31 -30.57 -60.17
CA GLY B 203 9.49 -31.02 -61.28
C GLY B 203 9.82 -32.42 -61.79
N SER B 204 11.10 -32.82 -61.67
CA SER B 204 11.48 -34.20 -61.95
C SER B 204 10.48 -35.16 -61.33
N VAL B 205 10.35 -35.13 -60.02
CA VAL B 205 9.23 -35.79 -59.35
C VAL B 205 8.36 -34.70 -58.73
N THR B 206 7.22 -35.08 -58.17
CA THR B 206 6.31 -34.07 -57.66
C THR B 206 6.32 -34.05 -56.13
N PRO B 207 5.79 -32.97 -55.54
CA PRO B 207 5.67 -32.95 -54.08
C PRO B 207 4.81 -34.08 -53.57
N LEU B 208 3.61 -34.25 -54.13
CA LEU B 208 2.77 -35.36 -53.67
C LEU B 208 3.49 -36.69 -53.87
N GLU B 209 4.09 -36.89 -55.05
CA GLU B 209 4.82 -38.11 -55.33
C GLU B 209 5.93 -38.31 -54.30
N ALA B 210 6.88 -37.37 -54.22
CA ALA B 210 8.03 -37.50 -53.34
C ALA B 210 7.62 -38.08 -51.98
N LEU B 211 6.56 -37.52 -51.40
CA LEU B 211 6.12 -37.95 -50.07
C LEU B 211 5.74 -39.42 -50.07
N ASN B 212 4.78 -39.81 -50.92
CA ASN B 212 4.29 -41.19 -50.91
C ASN B 212 5.43 -42.19 -51.05
N GLN B 213 6.52 -41.79 -51.71
CA GLN B 213 7.70 -42.65 -51.75
C GLN B 213 8.37 -42.70 -50.39
N ALA B 214 8.57 -41.53 -49.78
CA ALA B 214 9.18 -41.46 -48.46
C ALA B 214 8.34 -42.20 -47.43
N VAL B 215 7.00 -42.10 -47.53
CA VAL B 215 6.10 -42.97 -46.78
C VAL B 215 6.42 -44.43 -47.05
N GLU B 216 6.47 -44.77 -48.35
CA GLU B 216 6.65 -46.16 -48.78
C GLU B 216 7.95 -46.73 -48.24
N ILE B 217 9.07 -46.02 -48.44
CA ILE B 217 10.30 -46.46 -47.81
C ILE B 217 10.06 -46.83 -46.36
N LEU B 218 9.30 -45.98 -45.66
CA LEU B 218 9.21 -46.08 -44.21
C LEU B 218 8.64 -47.42 -43.79
N ARG B 219 7.42 -47.75 -44.25
CA ARG B 219 6.87 -49.04 -43.86
C ARG B 219 7.83 -50.16 -44.20
N GLU B 220 8.55 -50.00 -45.32
CA GLU B 220 9.44 -51.06 -45.81
C GLU B 220 10.48 -51.42 -44.75
N HIS B 221 11.02 -50.42 -44.03
CA HIS B 221 11.87 -50.75 -42.89
C HIS B 221 11.09 -51.36 -41.71
N LEU B 222 9.80 -51.01 -41.52
CA LEU B 222 9.02 -51.70 -40.50
C LEU B 222 9.11 -53.22 -40.66
N THR B 223 9.20 -53.69 -41.91
CA THR B 223 9.27 -55.11 -42.21
C THR B 223 10.62 -55.71 -41.86
N TYR B 224 11.64 -54.89 -41.65
CA TYR B 224 12.98 -55.36 -41.28
C TYR B 224 13.07 -55.74 -39.83
N PHE B 225 11.91 -56.01 -39.25
CA PHE B 225 11.77 -56.58 -37.92
C PHE B 225 11.07 -57.94 -38.00
N SER B 226 11.53 -58.82 -38.91
CA SER B 226 10.87 -60.11 -39.17
C SER B 226 11.68 -61.34 -38.77
N ASN B 227 12.87 -61.57 -39.33
CA ASN B 227 13.53 -62.86 -39.10
C ASN B 227 14.63 -62.67 -38.08
N PRO B 228 14.42 -63.05 -36.83
CA PRO B 228 15.40 -62.74 -35.78
C PRO B 228 16.65 -63.59 -35.81
N GLN B 229 17.45 -63.48 -34.75
CA GLN B 229 18.67 -64.29 -34.54
C GLN B 229 19.39 -63.87 -33.25
N MET C 1 23.03 -43.79 1.40
CA MET C 1 24.20 -43.54 0.57
C MET C 1 25.29 -42.77 1.34
N GLU C 2 26.51 -42.80 0.79
CA GLU C 2 27.63 -42.17 1.45
C GLU C 2 27.46 -40.64 1.47
N ILE C 3 28.05 -40.00 2.48
CA ILE C 3 27.98 -38.55 2.64
C ILE C 3 29.41 -38.03 2.78
N LYS C 4 30.02 -37.65 1.66
CA LYS C 4 31.40 -37.16 1.68
C LYS C 4 31.45 -35.69 2.14
N ARG C 5 32.29 -35.41 3.13
CA ARG C 5 32.44 -34.04 3.62
C ARG C 5 33.60 -33.35 2.93
N PHE C 6 33.57 -32.04 2.93
CA PHE C 6 34.79 -31.27 2.73
C PHE C 6 35.01 -30.37 3.94
N GLY C 7 35.99 -29.49 3.83
CA GLY C 7 36.17 -28.45 4.81
C GLY C 7 37.32 -28.73 5.75
N ARG C 8 38.25 -27.79 5.85
CA ARG C 8 39.38 -27.90 6.74
C ARG C 8 39.17 -27.21 8.09
N ILE C 9 38.04 -26.54 8.30
CA ILE C 9 37.86 -25.65 9.45
C ILE C 9 37.24 -26.48 10.58
N ARG C 10 38.08 -26.86 11.54
CA ARG C 10 37.59 -27.46 12.78
C ARG C 10 36.90 -26.36 13.58
N GLU C 11 35.56 -26.34 13.54
CA GLU C 11 34.79 -25.34 14.29
C GLU C 11 34.79 -25.70 15.76
N VAL C 12 35.14 -24.74 16.62
CA VAL C 12 35.34 -25.05 18.03
C VAL C 12 34.01 -25.31 18.73
N ILE C 13 33.17 -24.28 18.85
CA ILE C 13 31.86 -24.45 19.50
C ILE C 13 30.80 -24.71 18.44
N PRO C 14 29.66 -25.27 18.79
CA PRO C 14 28.58 -25.43 17.82
C PRO C 14 27.65 -24.23 17.85
N LEU C 15 26.80 -24.16 16.83
CA LEU C 15 25.67 -23.26 16.83
C LEU C 15 24.97 -23.32 18.17
N PRO C 16 24.64 -22.16 18.76
CA PRO C 16 23.93 -22.17 20.04
C PRO C 16 22.45 -22.39 19.81
N PRO C 17 21.67 -22.57 20.88
CA PRO C 17 20.27 -22.99 20.73
C PRO C 17 19.49 -21.91 20.01
N LEU C 18 18.94 -22.28 18.84
CA LEU C 18 18.61 -21.28 17.83
C LEU C 18 17.36 -20.50 18.14
N THR C 19 16.55 -20.89 19.12
CA THR C 19 15.43 -20.07 19.57
C THR C 19 15.68 -19.43 20.93
N GLU C 20 16.91 -19.48 21.46
CA GLU C 20 17.14 -18.95 22.79
C GLU C 20 16.72 -17.49 22.89
N ILE C 21 16.86 -16.70 21.83
CA ILE C 21 16.46 -15.30 21.91
C ILE C 21 14.96 -15.15 22.11
N GLN C 22 14.17 -16.17 21.79
CA GLN C 22 12.75 -16.07 22.11
C GLN C 22 12.45 -16.65 23.48
N VAL C 23 13.06 -17.78 23.81
CA VAL C 23 12.66 -18.52 25.00
C VAL C 23 13.40 -18.02 26.24
N GLU C 24 14.73 -18.06 26.22
CA GLU C 24 15.54 -17.50 27.29
C GLU C 24 15.02 -16.13 27.71
N SER C 25 14.51 -15.36 26.75
CA SER C 25 14.10 -13.99 27.00
C SER C 25 12.85 -13.92 27.85
N TYR C 26 11.77 -14.56 27.39
CA TYR C 26 10.50 -14.57 28.11
C TYR C 26 10.67 -15.17 29.49
N ARG C 27 11.39 -16.28 29.58
CA ARG C 27 11.52 -16.91 30.87
C ARG C 27 12.23 -15.98 31.86
N ARG C 28 13.31 -15.25 31.39
CA ARG C 28 14.00 -14.25 32.24
C ARG C 28 13.14 -13.03 32.50
N ALA C 29 11.86 -13.11 32.18
CA ALA C 29 10.88 -12.10 32.51
C ALA C 29 9.73 -12.62 33.33
N LEU C 30 9.39 -13.90 33.18
CA LEU C 30 8.33 -14.52 33.98
C LEU C 30 8.86 -15.10 35.29
N GLN C 31 9.92 -15.90 35.24
CA GLN C 31 10.45 -16.52 36.42
C GLN C 31 9.47 -17.49 37.05
N ALA C 32 8.46 -17.96 36.30
CA ALA C 32 7.43 -18.82 36.87
C ALA C 32 8.01 -20.11 37.44
N ASP C 33 9.34 -20.24 37.36
CA ASP C 33 10.05 -21.42 37.84
C ASP C 33 11.02 -21.09 38.97
N VAL C 34 10.96 -19.89 39.52
CA VAL C 34 11.82 -19.48 40.63
C VAL C 34 10.95 -19.33 41.88
N PRO C 35 11.34 -19.93 43.00
CA PRO C 35 10.75 -19.54 44.28
C PRO C 35 10.80 -18.04 44.46
N PRO C 36 9.61 -17.37 44.59
CA PRO C 36 9.58 -15.91 44.73
C PRO C 36 10.67 -15.30 45.60
N GLU C 37 10.91 -15.84 46.79
CA GLU C 37 12.02 -15.34 47.59
C GLU C 37 13.30 -15.18 46.75
N LYS C 38 13.60 -16.17 45.89
CA LYS C 38 14.81 -16.22 45.09
C LYS C 38 14.72 -15.43 43.77
N ARG C 39 13.63 -14.68 43.54
CA ARG C 39 13.54 -13.93 42.29
C ARG C 39 14.45 -12.72 42.33
N GLU C 40 14.58 -12.08 41.19
CA GLU C 40 15.55 -10.99 41.02
C GLU C 40 14.91 -9.94 40.14
N ASN C 41 15.25 -8.69 40.42
CA ASN C 41 14.39 -7.54 40.12
C ASN C 41 14.48 -7.14 38.64
N VAL C 42 14.13 -8.09 37.78
CA VAL C 42 14.09 -7.91 36.33
C VAL C 42 12.80 -8.51 35.82
N GLY C 43 12.18 -7.82 34.87
CA GLY C 43 11.05 -8.37 34.16
C GLY C 43 9.76 -8.21 34.93
N ILE C 44 8.90 -9.22 34.85
CA ILE C 44 7.59 -9.12 35.49
C ILE C 44 7.74 -8.63 36.92
N GLN C 45 8.76 -9.11 37.62
CA GLN C 45 9.01 -8.63 38.98
C GLN C 45 9.25 -7.13 38.97
N ALA C 46 10.30 -6.67 38.28
CA ALA C 46 10.71 -5.27 38.39
C ALA C 46 9.54 -4.31 38.16
N ALA C 47 8.55 -4.71 37.38
CA ALA C 47 7.39 -3.85 37.15
C ALA C 47 6.57 -3.68 38.42
N PHE C 48 6.28 -4.78 39.12
CA PHE C 48 5.66 -4.67 40.43
C PHE C 48 6.48 -3.74 41.31
N ARG C 49 7.75 -4.05 41.51
CA ARG C 49 8.59 -3.21 42.37
C ARG C 49 8.54 -1.74 41.98
N GLU C 50 8.34 -1.44 40.69
CA GLU C 50 8.31 -0.04 40.25
C GLU C 50 6.99 0.65 40.61
N THR C 51 5.85 0.11 40.16
CA THR C 51 4.57 0.79 40.43
C THR C 51 4.20 0.78 41.90
N PHE C 52 4.73 -0.24 42.72
CA PHE C 52 4.36 -0.31 44.14
C PHE C 52 5.46 0.25 45.02
N PRO C 53 5.08 0.86 46.19
CA PRO C 53 3.69 0.92 46.68
C PRO C 53 2.89 2.20 46.34
N ILE C 54 1.56 2.04 46.26
CA ILE C 54 0.61 3.14 46.03
C ILE C 54 0.44 3.96 47.31
N GLU C 55 0.14 5.27 47.16
CA GLU C 55 0.34 6.28 48.20
C GLU C 55 -0.89 7.16 48.44
N GLU C 56 -0.89 7.85 49.59
CA GLU C 56 -1.99 8.73 49.97
C GLU C 56 -2.13 9.88 48.96
N LEU C 64 -3.69 6.23 53.61
CA LEU C 64 -3.74 4.85 53.11
C LEU C 64 -2.55 4.46 52.16
N VAL C 65 -2.03 3.23 52.25
CA VAL C 65 -0.97 2.75 51.33
C VAL C 65 -1.13 1.24 51.11
N LEU C 66 -0.78 0.79 49.88
CA LEU C 66 -1.02 -0.57 49.40
C LEU C 66 0.26 -1.12 48.80
N ASP C 67 0.83 -2.15 49.41
CA ASP C 67 2.18 -2.58 49.08
C ASP C 67 2.21 -4.00 48.54
N PHE C 68 3.25 -4.29 47.76
CA PHE C 68 3.32 -5.50 46.96
C PHE C 68 4.18 -6.54 47.64
N LEU C 69 3.63 -7.73 47.84
CA LEU C 69 4.39 -8.80 48.47
C LEU C 69 5.11 -9.68 47.46
N GLU C 70 4.35 -10.35 46.60
CA GLU C 70 4.90 -11.33 45.68
C GLU C 70 3.79 -11.70 44.70
N TYR C 71 4.19 -12.24 43.55
CA TYR C 71 3.23 -12.76 42.58
C TYR C 71 3.45 -14.25 42.43
N ARG C 72 2.45 -14.91 41.88
CA ARG C 72 2.57 -16.31 41.54
C ARG C 72 1.92 -16.53 40.18
N LEU C 73 2.25 -17.66 39.56
CA LEU C 73 1.65 -18.01 38.28
C LEU C 73 1.17 -19.44 38.34
N GLY C 74 -0.07 -19.66 37.91
CA GLY C 74 -0.65 -20.97 37.90
C GLY C 74 -0.58 -21.61 36.53
N GLU C 75 -0.65 -22.93 36.48
CA GLU C 75 -0.61 -23.61 35.20
C GLU C 75 -1.87 -23.32 34.40
N PRO C 76 -1.83 -23.53 33.08
CA PRO C 76 -2.91 -23.05 32.21
C PRO C 76 -4.15 -23.89 32.36
N PRO C 77 -5.34 -23.28 32.27
CA PRO C 77 -6.59 -24.06 32.34
C PRO C 77 -6.80 -25.00 31.17
N PHE C 78 -5.98 -24.92 30.12
CA PHE C 78 -6.12 -25.82 28.99
C PHE C 78 -4.79 -26.05 28.31
N PRO C 79 -4.51 -27.27 27.86
CA PRO C 79 -3.19 -27.58 27.29
C PRO C 79 -3.04 -27.01 25.88
N GLN C 80 -1.78 -26.87 25.47
CA GLN C 80 -1.44 -26.13 24.25
C GLN C 80 -2.41 -26.39 23.13
N ASP C 81 -2.65 -27.67 22.82
CA ASP C 81 -3.48 -28.00 21.67
C ASP C 81 -4.93 -27.61 21.89
N GLU C 82 -5.42 -27.71 23.13
CA GLU C 82 -6.82 -27.42 23.39
C GLU C 82 -7.14 -25.97 23.06
N CYS C 83 -6.17 -25.08 23.25
CA CYS C 83 -6.38 -23.68 22.91
C CYS C 83 -6.31 -23.47 21.41
N ARG C 84 -5.47 -24.22 20.71
CA ARG C 84 -5.42 -24.08 19.26
C ARG C 84 -6.77 -24.36 18.64
N GLU C 85 -7.42 -25.43 19.11
CA GLU C 85 -8.74 -25.77 18.59
C GLU C 85 -9.78 -24.72 18.97
N LYS C 86 -9.98 -24.53 20.27
CA LYS C 86 -11.11 -23.77 20.79
C LYS C 86 -10.90 -22.25 20.69
N ASP C 87 -9.97 -21.81 19.85
CA ASP C 87 -9.69 -20.39 19.62
C ASP C 87 -9.62 -19.61 20.93
N LEU C 88 -8.89 -20.20 21.89
CA LEU C 88 -8.54 -19.66 23.19
C LEU C 88 -7.12 -19.11 23.16
N THR C 89 -6.60 -18.70 24.31
CA THR C 89 -5.20 -18.31 24.44
C THR C 89 -4.49 -19.23 25.43
N TYR C 90 -3.24 -19.57 25.12
CA TYR C 90 -2.41 -20.41 25.97
C TYR C 90 -1.75 -19.51 27.03
N GLN C 91 -2.43 -19.37 28.17
CA GLN C 91 -2.09 -18.37 29.15
C GLN C 91 -2.24 -18.97 30.55
N ALA C 92 -1.61 -18.33 31.54
CA ALA C 92 -1.59 -18.75 32.93
C ALA C 92 -2.25 -17.70 33.81
N PRO C 93 -2.96 -18.11 34.85
CA PRO C 93 -3.58 -17.11 35.73
C PRO C 93 -2.53 -16.44 36.60
N LEU C 94 -2.66 -15.12 36.73
CA LEU C 94 -1.69 -14.29 37.45
C LEU C 94 -2.30 -13.80 38.78
N TYR C 95 -1.77 -14.31 39.88
CA TYR C 95 -2.16 -13.86 41.21
C TYR C 95 -1.06 -13.02 41.80
N ALA C 96 -1.45 -12.04 42.60
CA ALA C 96 -0.48 -11.16 43.23
C ALA C 96 -0.97 -10.85 44.63
N ARG C 97 -0.14 -11.15 45.62
CA ARG C 97 -0.48 -10.96 47.02
C ARG C 97 -0.16 -9.54 47.44
N LEU C 98 -1.12 -8.91 48.10
CA LEU C 98 -0.99 -7.52 48.50
C LEU C 98 -1.34 -7.38 49.98
N GLN C 99 -0.93 -6.25 50.57
CA GLN C 99 -1.29 -5.92 51.94
C GLN C 99 -1.60 -4.42 52.00
N LEU C 100 -2.86 -4.10 52.31
CA LEU C 100 -3.29 -2.74 52.61
C LEU C 100 -2.89 -2.33 54.01
N ILE C 101 -2.43 -1.09 54.17
CA ILE C 101 -2.02 -0.58 55.47
C ILE C 101 -2.40 0.90 55.54
N HIS C 102 -2.98 1.31 56.67
CA HIS C 102 -3.64 2.61 56.78
C HIS C 102 -2.62 3.68 57.22
N LYS C 103 -2.52 4.76 56.42
CA LYS C 103 -1.55 5.84 56.58
C LYS C 103 -1.70 6.54 57.94
N ASP C 104 -2.69 6.14 58.74
CA ASP C 104 -2.97 6.83 60.01
C ASP C 104 -3.09 5.90 61.22
N THR C 105 -3.57 4.67 61.06
CA THR C 105 -3.88 3.80 62.21
C THR C 105 -2.99 2.56 62.33
N GLY C 106 -2.73 1.85 61.24
CA GLY C 106 -1.99 0.60 61.29
C GLY C 106 -2.75 -0.59 60.72
N LEU C 107 -3.80 -0.28 59.95
CA LEU C 107 -4.64 -1.26 59.25
C LEU C 107 -3.77 -2.35 58.64
N ILE C 108 -4.25 -3.60 58.70
CA ILE C 108 -3.58 -4.70 58.00
C ILE C 108 -4.63 -5.64 57.42
N LYS C 109 -4.80 -5.61 56.10
CA LYS C 109 -5.50 -6.65 55.38
C LYS C 109 -4.58 -7.20 54.30
N GLU C 110 -4.82 -8.45 53.89
CA GLU C 110 -3.91 -9.11 52.96
C GLU C 110 -4.69 -10.18 52.20
N ASP C 111 -5.06 -9.85 50.97
CA ASP C 111 -5.64 -10.79 50.02
C ASP C 111 -4.64 -11.04 48.89
N GLU C 112 -4.83 -12.13 48.16
CA GLU C 112 -4.09 -12.34 46.93
C GLU C 112 -5.13 -12.19 45.82
N VAL C 113 -5.12 -11.05 45.20
CA VAL C 113 -6.12 -10.70 44.21
C VAL C 113 -5.67 -11.19 42.84
N PHE C 114 -6.63 -11.65 42.04
CA PHE C 114 -6.41 -12.23 40.73
C PHE C 114 -6.35 -11.14 39.65
N LEU C 115 -5.31 -11.17 38.84
CA LEU C 115 -5.01 -10.08 37.94
C LEU C 115 -5.36 -10.37 36.49
N GLY C 116 -5.69 -11.62 36.13
CA GLY C 116 -5.97 -11.94 34.75
C GLY C 116 -5.15 -13.12 34.29
N HIS C 117 -4.93 -13.26 32.99
CA HIS C 117 -4.14 -14.35 32.45
C HIS C 117 -2.96 -13.78 31.66
N ILE C 118 -1.75 -14.21 31.99
CA ILE C 118 -0.56 -13.89 31.21
C ILE C 118 -0.31 -15.03 30.21
N PRO C 119 -0.25 -14.74 28.90
CA PRO C 119 -0.06 -15.82 27.93
C PRO C 119 1.37 -16.41 27.95
N LEU C 120 1.46 -17.72 27.72
CA LEU C 120 2.69 -18.47 27.88
C LEU C 120 3.25 -18.87 26.53
N MET C 121 4.59 -19.01 26.48
CA MET C 121 5.32 -19.31 25.25
C MET C 121 5.63 -20.80 25.19
N THR C 122 5.39 -21.41 24.04
CA THR C 122 5.50 -22.84 23.90
C THR C 122 6.98 -23.26 23.84
N GLU C 123 7.22 -24.52 23.50
CA GLU C 123 8.58 -25.01 23.58
C GLU C 123 9.46 -24.40 22.51
N ASP C 124 8.92 -24.11 21.33
CA ASP C 124 9.75 -23.73 20.19
C ASP C 124 9.99 -22.22 20.08
N GLY C 125 9.28 -21.42 20.86
CA GLY C 125 9.43 -19.97 20.79
C GLY C 125 8.17 -19.23 20.37
N SER C 126 7.06 -19.91 20.13
CA SER C 126 5.85 -19.28 19.63
C SER C 126 4.89 -18.94 20.76
N PHE C 127 3.74 -18.38 20.38
CA PHE C 127 2.64 -18.09 21.28
C PHE C 127 1.35 -18.55 20.65
N ILE C 128 0.30 -18.70 21.47
CA ILE C 128 -1.03 -19.01 20.98
C ILE C 128 -1.96 -17.97 21.55
N ILE C 129 -2.69 -17.29 20.68
CA ILE C 129 -3.46 -16.09 21.01
C ILE C 129 -4.78 -16.21 20.25
N ASN C 130 -5.88 -16.45 20.97
CA ASN C 130 -7.11 -16.86 20.33
C ASN C 130 -6.83 -17.94 19.28
N GLY C 131 -5.99 -18.91 19.65
CA GLY C 131 -5.85 -20.13 18.87
C GLY C 131 -5.23 -19.96 17.51
N ALA C 132 -4.26 -19.05 17.39
CA ALA C 132 -3.36 -19.00 16.23
C ALA C 132 -1.96 -18.72 16.73
N ASP C 133 -0.98 -19.49 16.26
CA ASP C 133 0.39 -19.29 16.70
C ASP C 133 0.90 -17.93 16.20
N ARG C 134 1.76 -17.29 16.99
CA ARG C 134 2.26 -15.98 16.65
C ARG C 134 3.70 -15.86 17.14
N VAL C 135 4.42 -14.91 16.57
CA VAL C 135 5.80 -14.66 16.96
C VAL C 135 5.93 -13.21 17.41
N ILE C 136 6.80 -12.96 18.38
CA ILE C 136 7.08 -11.60 18.83
C ILE C 136 8.49 -11.25 18.35
N VAL C 137 8.53 -10.46 17.28
CA VAL C 137 9.76 -10.07 16.61
C VAL C 137 10.53 -9.11 17.49
N SER C 138 11.71 -9.51 17.95
CA SER C 138 12.55 -8.57 18.68
C SER C 138 12.72 -7.29 17.87
N GLN C 139 12.86 -6.17 18.57
CA GLN C 139 12.89 -4.87 17.92
C GLN C 139 14.24 -4.22 18.19
N ILE C 140 14.80 -3.60 17.16
CA ILE C 140 16.06 -2.90 17.28
C ILE C 140 15.75 -1.42 17.46
N HIS C 141 16.52 -0.76 18.33
CA HIS C 141 16.32 0.66 18.61
C HIS C 141 17.63 1.21 19.12
N ARG C 142 17.78 2.53 18.95
CA ARG C 142 18.89 3.25 19.53
C ARG C 142 18.94 3.03 21.05
N SER C 143 20.13 2.88 21.58
CA SER C 143 19.98 2.43 22.96
C SER C 143 20.08 3.61 23.92
N PRO C 144 19.48 3.44 25.10
CA PRO C 144 19.68 4.40 26.18
C PRO C 144 21.15 4.72 26.40
N GLY C 145 21.43 5.92 26.91
CA GLY C 145 22.78 6.40 27.13
C GLY C 145 22.93 7.86 26.78
N VAL C 146 24.13 8.42 26.82
CA VAL C 146 24.35 9.82 26.45
C VAL C 146 25.36 9.84 25.33
N TYR C 147 25.08 10.63 24.29
CA TYR C 147 25.91 10.66 23.10
C TYR C 147 26.24 12.10 22.71
N PHE C 148 27.29 12.25 21.90
CA PHE C 148 27.64 13.52 21.28
C PHE C 148 27.83 13.30 19.80
N THR C 149 27.23 14.18 18.98
CA THR C 149 27.35 14.07 17.53
C THR C 149 27.40 15.47 16.93
N PRO C 150 28.36 15.74 16.05
CA PRO C 150 28.59 17.11 15.61
C PRO C 150 27.33 17.78 15.11
N ASP C 151 27.28 19.11 15.28
CA ASP C 151 26.13 19.91 14.86
C ASP C 151 26.16 20.05 13.34
N PRO C 152 25.11 19.66 12.64
CA PRO C 152 25.11 19.76 11.16
C PRO C 152 25.26 21.18 10.64
N ALA C 153 25.11 22.20 11.50
CA ALA C 153 25.25 23.60 11.08
C ALA C 153 26.65 24.15 11.33
N ARG C 154 27.05 24.23 12.61
CA ARG C 154 28.31 24.81 13.03
C ARG C 154 29.39 23.74 13.05
N PRO C 155 30.23 23.66 12.02
CA PRO C 155 31.18 22.53 11.92
C PRO C 155 32.06 22.36 13.14
N GLY C 156 32.08 23.33 14.06
CA GLY C 156 32.96 23.24 15.21
C GLY C 156 32.26 23.15 16.56
N ARG C 157 30.93 23.12 16.56
CA ARG C 157 30.19 22.91 17.79
C ARG C 157 29.31 21.67 17.65
N TYR C 158 29.11 20.98 18.78
CA TYR C 158 28.62 19.60 18.80
C TYR C 158 27.45 19.47 19.78
N ILE C 159 26.28 19.07 19.28
CA ILE C 159 25.18 18.74 20.17
C ILE C 159 25.60 17.58 21.07
N ALA C 160 25.20 17.63 22.32
CA ALA C 160 25.20 16.45 23.17
C ALA C 160 23.75 16.08 23.44
N SER C 161 23.47 14.78 23.54
CA SER C 161 22.11 14.29 23.68
C SER C 161 22.05 13.25 24.78
N ILE C 162 20.89 13.18 25.43
CA ILE C 162 20.65 12.36 26.60
C ILE C 162 19.34 11.62 26.36
N ILE C 163 19.40 10.30 26.24
CA ILE C 163 18.26 9.51 25.79
C ILE C 163 17.97 8.35 26.73
N PRO C 164 16.75 8.24 27.30
CA PRO C 164 16.39 7.05 28.09
C PRO C 164 15.73 5.95 27.27
N LEU C 165 15.29 4.88 27.95
CA LEU C 165 14.42 3.90 27.33
C LEU C 165 13.17 4.59 26.80
N PRO C 166 12.49 3.96 25.84
CA PRO C 166 11.35 4.61 25.19
C PRO C 166 10.22 4.90 26.17
N LYS C 167 9.69 6.13 26.07
CA LYS C 167 8.54 6.56 26.86
C LYS C 167 8.79 6.49 28.36
N ARG C 168 10.06 6.43 28.77
CA ARG C 168 10.43 6.43 30.18
C ARG C 168 11.30 7.65 30.51
N GLY C 169 10.95 8.80 29.96
CA GLY C 169 11.72 10.00 30.18
C GLY C 169 11.90 10.77 28.89
N PRO C 170 12.26 12.06 28.99
CA PRO C 170 12.38 12.91 27.80
C PRO C 170 13.80 12.97 27.25
N TRP C 171 13.88 13.28 25.94
CA TRP C 171 15.16 13.55 25.31
C TRP C 171 15.60 14.96 25.68
N ILE C 172 16.92 15.20 25.64
CA ILE C 172 17.50 16.50 26.02
C ILE C 172 18.77 16.76 25.21
N ASP C 173 18.89 17.95 24.62
CA ASP C 173 20.11 18.33 23.92
C ASP C 173 20.78 19.50 24.64
N LEU C 174 22.11 19.59 24.49
CA LEU C 174 22.94 20.60 25.14
C LEU C 174 23.73 21.43 24.13
N GLU C 175 23.11 21.73 22.99
CA GLU C 175 23.74 22.54 21.96
C GLU C 175 24.30 23.84 22.55
N VAL C 176 25.62 24.02 22.46
CA VAL C 176 26.24 25.25 22.94
C VAL C 176 26.03 26.32 21.87
N GLU C 177 25.14 27.27 22.16
CA GLU C 177 24.60 28.24 21.20
C GLU C 177 25.70 29.10 20.59
N PRO C 178 25.37 29.99 19.65
CA PRO C 178 26.34 30.98 19.18
C PRO C 178 26.54 32.17 20.13
N ASN C 179 25.92 32.18 21.31
CA ASN C 179 26.12 33.28 22.26
C ASN C 179 26.91 32.84 23.49
N GLY C 180 27.86 31.92 23.32
CA GLY C 180 28.80 31.61 24.38
C GLY C 180 28.31 30.69 25.47
N VAL C 181 27.07 30.91 25.99
CA VAL C 181 26.52 30.16 27.12
C VAL C 181 25.64 29.01 26.60
N VAL C 182 25.67 27.87 27.33
CA VAL C 182 25.22 26.58 26.82
C VAL C 182 23.73 26.38 27.09
N SER C 183 23.02 25.84 26.09
CA SER C 183 21.56 25.79 26.07
C SER C 183 21.07 24.47 26.67
N MET C 184 19.76 24.20 26.53
CA MET C 184 19.19 22.89 26.87
C MET C 184 17.76 22.74 26.34
N LYS C 185 17.44 21.62 25.67
CA LYS C 185 16.12 21.41 25.09
C LYS C 185 15.39 20.28 25.81
N VAL C 186 14.14 20.55 26.24
CA VAL C 186 13.23 19.58 26.86
C VAL C 186 11.82 19.86 26.36
N ASN C 187 11.17 18.85 25.77
CA ASN C 187 9.89 19.05 25.11
C ASN C 187 9.99 20.19 24.09
N LYS C 188 11.17 20.27 23.43
CA LYS C 188 11.51 21.28 22.43
C LYS C 188 11.51 22.71 22.99
N ARG C 189 11.72 22.86 24.32
CA ARG C 189 11.71 24.15 25.01
C ARG C 189 13.12 24.54 25.47
N LYS C 190 13.79 25.38 24.67
CA LYS C 190 15.19 25.77 24.92
C LYS C 190 15.29 26.85 26.01
N PHE C 191 16.40 26.82 26.74
CA PHE C 191 16.69 27.82 27.77
C PHE C 191 18.13 27.62 28.24
N PRO C 192 18.71 28.63 28.89
CA PRO C 192 20.11 28.51 29.33
C PRO C 192 20.31 27.39 30.34
N LEU C 193 21.30 26.55 30.08
CA LEU C 193 21.59 25.44 30.97
C LEU C 193 21.81 25.92 32.39
N VAL C 194 22.54 27.02 32.56
CA VAL C 194 22.92 27.53 33.87
C VAL C 194 21.75 27.47 34.84
N LEU C 195 20.60 28.04 34.46
CA LEU C 195 19.45 28.08 35.34
C LEU C 195 19.21 26.73 36.02
N LEU C 196 19.52 25.63 35.30
CA LEU C 196 19.29 24.29 35.82
C LEU C 196 20.38 23.86 36.80
N LEU C 197 21.65 24.08 36.45
CA LEU C 197 22.70 23.69 37.39
C LEU C 197 22.47 24.34 38.75
N ARG C 198 22.01 25.60 38.76
CA ARG C 198 21.66 26.30 40.00
C ARG C 198 20.77 25.42 40.87
N VAL C 199 19.60 25.07 40.34
CA VAL C 199 18.61 24.27 41.05
C VAL C 199 19.22 23.03 41.70
N LEU C 200 20.36 22.56 41.20
CA LEU C 200 21.02 21.39 41.79
C LEU C 200 21.90 21.77 42.97
N GLY C 201 21.79 23.01 43.44
CA GLY C 201 22.62 23.45 44.53
C GLY C 201 24.03 23.79 44.10
N TYR C 202 24.19 24.31 42.89
CA TYR C 202 25.52 24.55 42.35
C TYR C 202 25.94 26.00 42.60
N ASP C 203 27.25 26.20 42.79
CA ASP C 203 27.84 27.49 43.12
C ASP C 203 28.81 27.93 42.03
N GLN C 204 28.82 29.23 41.74
CA GLN C 204 29.68 29.81 40.71
C GLN C 204 31.08 29.21 40.72
N GLU C 205 31.72 29.15 41.89
CA GLU C 205 33.11 28.72 41.97
C GLU C 205 33.26 27.25 41.59
N THR C 206 32.47 26.36 42.21
CA THR C 206 32.59 24.93 41.97
C THR C 206 32.29 24.56 40.50
N LEU C 207 32.03 25.52 39.61
CA LEU C 207 32.00 25.31 38.16
C LEU C 207 33.38 25.45 37.52
N ALA C 208 34.02 26.61 37.72
CA ALA C 208 35.43 26.75 37.38
C ALA C 208 36.31 25.80 38.19
N ARG C 209 35.86 25.39 39.38
CA ARG C 209 36.56 24.36 40.16
C ARG C 209 36.44 22.99 39.54
N GLU C 210 35.46 22.80 38.66
CA GLU C 210 35.30 21.56 37.90
C GLU C 210 35.58 21.72 36.42
N LEU C 211 35.20 22.85 35.82
CA LEU C 211 35.59 23.10 34.43
C LEU C 211 37.00 23.66 34.36
N GLY C 212 37.19 24.89 34.88
CA GLY C 212 38.51 25.45 35.13
C GLY C 212 39.60 25.23 34.10
N ALA C 213 39.23 24.90 32.90
CA ALA C 213 40.25 24.78 31.86
C ALA C 213 39.90 25.59 30.63
N TYR C 214 38.64 25.55 30.21
CA TYR C 214 38.20 26.14 28.95
C TYR C 214 37.59 27.50 29.24
N GLY C 215 38.46 28.45 29.58
CA GLY C 215 38.01 29.83 29.57
C GLY C 215 37.38 30.25 28.27
N GLU C 216 37.45 29.39 27.26
CA GLU C 216 36.65 29.57 26.06
C GLU C 216 35.19 29.80 26.41
N LEU C 217 34.57 28.81 27.08
CA LEU C 217 33.15 28.86 27.41
C LEU C 217 32.89 28.59 28.89
N VAL C 218 33.77 27.83 29.55
CA VAL C 218 33.65 27.60 31.00
C VAL C 218 33.29 28.94 31.62
N GLN C 219 33.98 29.99 31.19
CA GLN C 219 33.71 31.36 31.62
C GLN C 219 32.53 32.01 30.90
N GLY C 220 32.02 31.40 29.82
CA GLY C 220 30.84 31.91 29.16
C GLY C 220 29.57 31.27 29.71
N LEU C 221 29.71 30.05 30.21
CA LEU C 221 28.57 29.35 30.79
C LEU C 221 27.97 30.11 31.94
N MET C 222 28.73 31.00 32.57
CA MET C 222 28.36 31.67 33.81
C MET C 222 27.73 33.03 33.52
N ASP C 223 26.51 33.26 34.02
CA ASP C 223 25.79 34.52 33.81
C ASP C 223 24.90 34.79 35.03
N GLU C 224 25.30 35.76 35.88
CA GLU C 224 24.81 35.92 37.24
C GLU C 224 23.49 36.68 37.36
N SER C 225 22.85 37.08 36.25
CA SER C 225 21.39 37.27 36.36
C SER C 225 20.73 36.03 36.91
N VAL C 226 21.47 34.93 37.03
CA VAL C 226 21.00 33.67 37.61
C VAL C 226 21.62 33.43 38.99
N PHE C 227 22.93 33.67 39.12
CA PHE C 227 23.65 33.41 40.37
C PHE C 227 23.08 34.18 41.56
N ALA C 228 22.35 35.27 41.30
CA ALA C 228 21.78 36.06 42.38
C ALA C 228 20.51 35.41 42.91
N MET C 229 20.58 34.12 43.22
CA MET C 229 19.42 33.35 43.67
C MET C 229 19.91 32.12 44.41
N ARG C 230 19.16 31.72 45.43
CA ARG C 230 19.44 30.46 46.13
C ARG C 230 18.94 29.29 45.28
N PRO C 231 19.20 28.05 45.70
CA PRO C 231 18.76 26.91 44.87
C PRO C 231 17.25 26.93 44.63
N GLU C 232 16.44 26.90 45.69
CA GLU C 232 14.99 26.85 45.49
C GLU C 232 14.45 28.14 44.89
N GLU C 233 15.30 29.10 44.54
CA GLU C 233 14.85 30.33 43.91
C GLU C 233 14.75 30.16 42.39
N ALA C 234 15.81 29.63 41.77
CA ALA C 234 15.71 29.28 40.36
C ALA C 234 14.76 28.10 40.14
N LEU C 235 14.57 27.26 41.17
CA LEU C 235 13.61 26.18 41.10
C LEU C 235 12.27 26.68 40.56
N ILE C 236 11.80 27.81 41.10
CA ILE C 236 10.55 28.43 40.64
C ILE C 236 10.81 29.25 39.36
N ARG C 237 12.05 29.74 39.17
CA ARG C 237 12.37 30.51 37.97
C ARG C 237 12.00 29.75 36.71
N LEU C 238 12.31 28.46 36.67
CA LEU C 238 12.22 27.65 35.45
C LEU C 238 10.86 27.00 35.28
N PHE C 239 10.16 26.69 36.38
CA PHE C 239 8.78 26.22 36.26
C PHE C 239 7.95 27.20 35.43
N THR C 240 8.31 28.49 35.48
CA THR C 240 7.70 29.46 34.60
C THR C 240 8.14 29.27 33.15
N LEU C 241 9.36 28.77 32.93
CA LEU C 241 9.92 28.62 31.58
C LEU C 241 9.31 27.44 30.81
N LEU C 242 8.73 26.46 31.52
CA LEU C 242 8.15 25.27 30.88
C LEU C 242 6.65 25.13 31.10
N ARG C 243 6.04 25.98 31.92
CA ARG C 243 4.59 25.98 32.16
C ARG C 243 4.09 27.41 32.02
N PRO C 244 3.93 27.89 30.79
CA PRO C 244 3.36 29.23 30.63
C PRO C 244 1.90 29.26 31.04
N GLY C 245 1.67 29.46 32.35
CA GLY C 245 0.34 29.59 32.92
C GLY C 245 0.09 29.01 34.30
N ASP C 246 0.88 27.99 34.72
CA ASP C 246 0.62 27.26 35.97
C ASP C 246 1.18 28.02 37.17
N PRO C 247 0.46 28.06 38.30
CA PRO C 247 0.93 28.83 39.47
C PRO C 247 2.18 28.21 40.05
N PRO C 248 3.33 28.93 39.98
CA PRO C 248 4.61 28.35 40.38
C PRO C 248 4.79 28.08 41.87
N LYS C 249 3.87 27.34 42.48
CA LYS C 249 4.00 27.03 43.90
C LYS C 249 5.14 26.05 44.12
N ARG C 250 5.89 26.25 45.22
CA ARG C 250 7.03 25.40 45.60
C ARG C 250 6.61 23.99 46.03
N ASP C 251 5.33 23.65 45.94
CA ASP C 251 4.90 22.25 45.96
C ASP C 251 4.73 21.68 44.55
N LYS C 252 4.33 22.52 43.61
CA LYS C 252 4.09 22.11 42.23
C LYS C 252 5.36 22.07 41.38
N ALA C 253 6.35 22.92 41.66
CA ALA C 253 7.56 22.93 40.85
C ALA C 253 8.49 21.78 41.19
N VAL C 254 8.71 21.53 42.50
CA VAL C 254 9.49 20.36 42.89
C VAL C 254 8.85 19.09 42.35
N ALA C 255 7.53 19.09 42.16
CA ALA C 255 6.83 17.92 41.64
C ALA C 255 7.00 17.78 40.12
N TYR C 256 6.99 18.89 39.36
CA TYR C 256 7.12 18.78 37.91
C TYR C 256 8.53 18.38 37.51
N VAL C 257 9.53 19.12 38.01
CA VAL C 257 10.91 18.74 37.72
C VAL C 257 11.15 17.28 38.08
N TYR C 258 10.98 16.95 39.36
CA TYR C 258 11.17 15.58 39.83
C TYR C 258 10.48 14.57 38.94
N GLY C 259 9.22 14.85 38.58
CA GLY C 259 8.41 13.95 37.77
C GLY C 259 8.91 13.85 36.35
N LEU C 260 10.03 14.53 36.08
CA LEU C 260 10.71 14.53 34.79
C LEU C 260 12.17 14.09 34.87
N ILE C 261 12.88 14.34 35.98
CA ILE C 261 14.33 14.19 35.96
C ILE C 261 14.89 13.40 37.14
N ALA C 262 14.21 13.26 38.25
CA ALA C 262 14.78 12.50 39.35
C ALA C 262 13.84 11.41 39.85
N ASP C 263 12.68 11.24 39.22
CA ASP C 263 11.64 10.32 39.65
C ASP C 263 11.83 8.99 38.96
N PRO C 264 12.54 8.03 39.56
CA PRO C 264 12.73 6.77 38.88
C PRO C 264 11.41 6.05 38.82
N ARG C 265 10.40 6.74 38.29
CA ARG C 265 9.11 6.13 37.98
C ARG C 265 8.51 6.63 36.67
N ARG C 266 8.89 7.81 36.15
CA ARG C 266 8.71 8.07 34.74
C ARG C 266 9.98 8.58 34.08
N TYR C 267 11.14 8.43 34.75
CA TYR C 267 12.43 8.57 34.08
C TYR C 267 13.33 7.39 34.41
N ASP C 268 13.45 6.47 33.45
CA ASP C 268 14.32 5.31 33.51
C ASP C 268 15.24 5.38 32.30
N LEU C 269 16.53 5.58 32.55
CA LEU C 269 17.54 5.09 31.62
C LEU C 269 17.50 3.57 31.62
N GLY C 270 17.98 2.95 30.56
CA GLY C 270 18.05 1.51 30.57
C GLY C 270 18.89 1.02 31.73
N GLU C 271 18.67 -0.23 32.12
CA GLU C 271 19.76 -0.90 32.81
C GLU C 271 21.00 -0.80 31.94
N ALA C 272 20.81 -0.93 30.63
CA ALA C 272 21.84 -0.62 29.66
C ALA C 272 22.31 0.82 29.79
N GLY C 273 21.38 1.76 29.62
CA GLY C 273 21.64 3.19 29.71
C GLY C 273 22.54 3.59 30.85
N ARG C 274 22.41 2.92 32.01
CA ARG C 274 23.34 3.17 33.10
C ARG C 274 24.76 2.86 32.67
N TYR C 275 25.03 1.59 32.33
CA TYR C 275 26.40 1.20 32.03
C TYR C 275 27.00 2.02 30.90
N LYS C 276 26.23 2.26 29.81
CA LYS C 276 26.80 2.98 28.68
C LYS C 276 27.19 4.40 29.05
N ALA C 277 26.29 5.13 29.70
CA ALA C 277 26.67 6.46 30.19
C ALA C 277 27.72 6.37 31.29
N GLU C 278 27.72 5.29 32.08
CA GLU C 278 28.77 5.13 33.08
C GLU C 278 30.14 5.10 32.41
N GLU C 279 30.41 4.03 31.64
CA GLU C 279 31.73 3.92 31.04
C GLU C 279 32.02 5.11 30.13
N LYS C 280 30.97 5.70 29.52
CA LYS C 280 31.18 6.81 28.63
C LYS C 280 31.82 7.99 29.36
N LEU C 281 31.12 8.51 30.37
CA LEU C 281 31.59 9.61 31.20
C LEU C 281 32.41 9.13 32.38
N GLY C 282 32.67 7.82 32.48
CA GLY C 282 33.59 7.28 33.46
C GLY C 282 33.25 7.59 34.90
N ILE C 283 31.99 7.43 35.27
CA ILE C 283 31.50 7.74 36.60
C ILE C 283 30.54 6.63 37.00
N ARG C 284 30.60 6.21 38.25
CA ARG C 284 29.60 5.27 38.73
C ARG C 284 28.27 6.01 38.94
N LEU C 285 27.18 5.26 38.88
CA LEU C 285 25.85 5.87 38.79
C LEU C 285 24.93 5.14 39.75
N SER C 286 24.46 5.84 40.79
CA SER C 286 23.67 5.17 41.82
C SER C 286 22.51 4.41 41.20
N GLY C 287 21.66 5.12 40.47
CA GLY C 287 20.48 4.53 39.86
C GLY C 287 20.29 5.06 38.45
N ARG C 288 19.27 4.51 37.81
CA ARG C 288 19.04 4.75 36.40
C ARG C 288 18.30 6.06 36.18
N THR C 289 18.82 7.14 36.75
CA THR C 289 18.05 8.38 36.84
C THR C 289 19.00 9.57 36.82
N LEU C 290 18.56 10.65 36.18
CA LEU C 290 19.46 11.79 35.93
C LEU C 290 19.77 12.55 37.22
N ALA C 291 18.77 12.75 38.08
CA ALA C 291 18.92 13.49 39.32
C ALA C 291 18.33 12.70 40.48
N ARG C 292 18.68 13.12 41.68
CA ARG C 292 18.16 12.54 42.92
C ARG C 292 17.51 13.62 43.76
N PHE C 293 16.55 13.21 44.60
CA PHE C 293 16.06 14.00 45.71
C PHE C 293 16.51 13.31 46.99
N GLU C 294 17.35 13.99 47.77
CA GLU C 294 18.02 13.41 48.93
C GLU C 294 18.37 14.53 49.90
N ASP C 295 17.83 14.45 51.13
CA ASP C 295 18.11 15.42 52.19
C ASP C 295 17.62 16.81 51.79
N GLY C 296 16.34 16.88 51.44
CA GLY C 296 15.64 18.12 51.17
C GLY C 296 15.73 18.71 49.76
N GLU C 297 16.89 18.62 49.13
CA GLU C 297 17.10 19.25 47.82
C GLU C 297 17.52 18.20 46.77
N PHE C 298 17.88 18.70 45.58
CA PHE C 298 18.30 17.88 44.44
C PHE C 298 19.81 17.76 44.39
N LYS C 299 20.31 16.53 44.21
CA LYS C 299 21.74 16.23 44.11
C LYS C 299 22.02 15.65 42.72
N ASP C 300 22.55 16.48 41.81
CA ASP C 300 22.81 16.04 40.45
C ASP C 300 23.63 14.75 40.36
N GLU C 301 23.45 13.95 39.28
CA GLU C 301 24.20 12.72 38.99
C GLU C 301 24.82 12.69 37.60
N VAL C 302 24.14 13.24 36.60
CA VAL C 302 24.53 13.05 35.20
C VAL C 302 24.80 14.35 34.47
N PHE C 303 24.29 15.48 34.95
CA PHE C 303 24.34 16.70 34.14
C PHE C 303 25.76 17.27 34.03
N LEU C 304 26.50 17.28 35.14
CA LEU C 304 27.82 17.92 35.05
C LEU C 304 28.80 17.02 34.29
N PRO C 305 28.86 15.71 34.57
CA PRO C 305 29.72 14.84 33.74
C PRO C 305 29.47 15.03 32.25
N THR C 306 28.23 14.90 31.81
CA THR C 306 27.88 15.22 30.42
C THR C 306 28.38 16.61 30.03
N LEU C 307 28.09 17.61 30.85
CA LEU C 307 28.59 18.96 30.58
C LEU C 307 30.11 19.00 30.54
N ARG C 308 30.77 18.05 31.22
CA ARG C 308 32.23 18.00 31.25
C ARG C 308 32.78 17.54 29.90
N TYR C 309 32.29 16.40 29.42
CA TYR C 309 32.65 15.89 28.09
C TYR C 309 32.46 16.95 27.02
N LEU C 310 31.21 17.42 26.85
CA LEU C 310 30.87 18.32 25.75
C LEU C 310 31.87 19.47 25.62
N PHE C 311 32.21 20.11 26.76
CA PHE C 311 33.12 21.26 26.71
C PHE C 311 34.51 20.85 26.23
N ALA C 312 35.09 19.84 26.88
CA ALA C 312 36.43 19.40 26.52
C ALA C 312 36.51 18.95 25.06
N LEU C 313 35.39 18.50 24.49
CA LEU C 313 35.37 18.14 23.08
C LEU C 313 35.42 19.38 22.21
N THR C 314 34.55 20.38 22.48
CA THR C 314 34.50 21.54 21.59
C THR C 314 35.77 22.41 21.63
N ALA C 315 36.76 22.05 22.47
CA ALA C 315 38.12 22.59 22.40
C ALA C 315 39.07 21.65 21.67
N GLY C 316 39.06 20.36 22.02
CA GLY C 316 39.91 19.42 21.32
C GLY C 316 40.53 18.32 22.16
N VAL C 317 40.17 18.27 23.44
CA VAL C 317 40.75 17.33 24.39
C VAL C 317 40.85 15.90 23.83
N PRO C 318 41.78 15.07 24.30
CA PRO C 318 41.84 13.69 23.84
C PRO C 318 40.84 12.78 24.54
N GLY C 319 40.47 11.70 23.86
CA GLY C 319 39.52 10.75 24.40
C GLY C 319 38.08 11.17 24.32
N HIS C 320 37.79 12.23 23.54
CA HIS C 320 36.45 12.78 23.33
C HIS C 320 36.12 12.62 21.84
N GLU C 321 35.56 11.46 21.49
CA GLU C 321 35.14 11.17 20.12
C GLU C 321 33.63 11.30 19.99
N VAL C 322 33.17 11.85 18.86
CA VAL C 322 31.77 11.73 18.52
C VAL C 322 31.42 10.25 18.51
N ASP C 323 30.12 9.94 18.61
CA ASP C 323 29.66 8.56 18.66
C ASP C 323 28.86 8.22 17.41
N ASP C 324 28.92 6.95 17.03
CA ASP C 324 28.32 6.48 15.79
C ASP C 324 27.04 5.79 16.20
N ILE C 325 25.91 6.49 16.09
CA ILE C 325 24.70 5.93 16.66
C ILE C 325 24.25 4.67 15.94
N ASP C 326 24.87 4.33 14.81
CA ASP C 326 24.55 3.11 14.08
C ASP C 326 25.53 1.97 14.36
N HIS C 327 26.59 2.23 15.14
CA HIS C 327 27.38 1.17 15.72
C HIS C 327 26.47 0.19 16.43
N LEU C 328 26.90 -1.06 16.51
CA LEU C 328 26.09 -2.06 17.19
C LEU C 328 26.46 -2.17 18.67
N GLY C 329 27.25 -1.20 19.17
CA GLY C 329 27.37 -0.98 20.60
C GLY C 329 26.43 0.13 21.10
N ASN C 330 25.98 0.99 20.19
CA ASN C 330 25.03 2.04 20.52
C ASN C 330 23.62 1.73 20.09
N ARG C 331 23.41 0.64 19.37
CA ARG C 331 22.09 0.09 19.09
C ARG C 331 21.97 -1.15 19.94
N ARG C 332 20.76 -1.71 20.00
CA ARG C 332 20.49 -2.80 20.93
C ARG C 332 19.09 -3.33 20.65
N ILE C 333 18.79 -4.48 21.23
CA ILE C 333 17.63 -5.28 20.87
C ILE C 333 16.66 -5.36 22.04
N ARG C 334 15.41 -4.95 21.80
CA ARG C 334 14.36 -5.14 22.80
C ARG C 334 13.75 -6.51 22.52
N THR C 335 14.31 -7.54 23.17
CA THR C 335 13.85 -8.92 23.02
C THR C 335 12.38 -9.05 23.45
N VAL C 336 11.78 -10.22 23.18
CA VAL C 336 10.34 -10.35 23.39
C VAL C 336 9.96 -10.11 24.85
N GLY C 337 10.67 -10.76 25.77
CA GLY C 337 10.39 -10.55 27.19
C GLY C 337 10.43 -9.08 27.60
N GLU C 338 11.50 -8.38 27.25
CA GLU C 338 11.54 -6.95 27.53
C GLU C 338 10.37 -6.22 26.87
N LEU C 339 10.02 -6.58 25.64
CA LEU C 339 8.97 -5.86 24.92
C LEU C 339 7.63 -5.97 25.63
N MET C 340 7.35 -7.10 26.27
CA MET C 340 6.06 -7.28 26.92
C MET C 340 6.01 -6.73 28.33
N THR C 341 7.10 -6.85 29.10
CA THR C 341 7.10 -6.16 30.38
C THR C 341 6.95 -4.66 30.20
N ASP C 342 7.47 -4.09 29.11
CA ASP C 342 7.09 -2.71 28.80
C ASP C 342 5.57 -2.56 28.81
N GLN C 343 4.88 -3.35 27.99
CA GLN C 343 3.42 -3.29 28.00
C GLN C 343 2.85 -3.65 29.37
N PHE C 344 3.58 -4.47 30.12
CA PHE C 344 3.10 -4.82 31.46
C PHE C 344 3.24 -3.63 32.40
N ARG C 345 4.39 -2.98 32.38
CA ARG C 345 4.65 -1.79 33.18
C ARG C 345 3.70 -0.65 32.82
N VAL C 346 2.89 -0.78 31.77
CA VAL C 346 1.92 0.23 31.42
C VAL C 346 0.52 -0.18 31.85
N GLY C 347 0.25 -1.49 31.91
CA GLY C 347 -0.97 -1.95 32.55
C GLY C 347 -0.93 -1.73 34.06
N LEU C 348 0.19 -2.08 34.69
CA LEU C 348 0.37 -1.85 36.13
C LEU C 348 0.16 -0.38 36.48
N ALA C 349 0.76 0.53 35.74
CA ALA C 349 0.60 1.93 36.08
C ALA C 349 -0.85 2.39 35.91
N ARG C 350 -1.61 1.75 35.01
CA ARG C 350 -3.02 2.15 34.86
C ARG C 350 -3.86 1.65 36.03
N LEU C 351 -3.65 0.40 36.43
CA LEU C 351 -4.25 -0.09 37.66
C LEU C 351 -3.99 0.85 38.83
N ALA C 352 -2.83 1.52 38.86
CA ALA C 352 -2.52 2.41 39.97
C ALA C 352 -3.24 3.76 39.86
N ARG C 353 -3.74 4.13 38.68
CA ARG C 353 -4.69 5.24 38.61
C ARG C 353 -6.04 4.82 39.15
N GLY C 354 -6.31 3.51 39.19
CA GLY C 354 -7.58 2.98 39.63
C GLY C 354 -7.68 2.61 41.10
N VAL C 355 -6.55 2.37 41.76
CA VAL C 355 -6.60 2.21 43.21
C VAL C 355 -6.70 3.57 43.88
N ARG C 356 -5.71 4.44 43.69
CA ARG C 356 -5.72 5.70 44.41
C ARG C 356 -7.03 6.47 44.20
N GLU C 357 -7.65 6.33 43.02
CA GLU C 357 -8.96 6.93 42.81
C GLU C 357 -9.96 6.43 43.85
N ARG C 358 -9.99 5.12 44.08
CA ARG C 358 -10.83 4.56 45.12
C ARG C 358 -10.15 4.52 46.48
N MET C 359 -8.92 5.06 46.60
CA MET C 359 -8.33 5.31 47.90
C MET C 359 -8.75 6.67 48.49
N LEU C 360 -9.26 7.59 47.66
CA LEU C 360 -9.74 8.88 48.14
C LEU C 360 -11.13 9.18 47.61
N MET C 361 -11.96 8.15 47.44
CA MET C 361 -13.39 8.37 47.41
C MET C 361 -14.12 7.04 47.54
N GLY C 362 -14.87 6.86 48.63
CA GLY C 362 -15.81 5.77 48.79
C GLY C 362 -15.92 5.04 50.12
N SER C 363 -14.82 4.74 50.82
CA SER C 363 -14.84 4.66 52.29
C SER C 363 -13.44 4.39 52.82
N GLU C 364 -12.83 5.34 53.53
CA GLU C 364 -11.40 5.20 53.82
C GLU C 364 -11.09 4.23 54.99
N ASP C 365 -12.00 3.33 55.38
CA ASP C 365 -11.61 2.29 56.34
C ASP C 365 -12.15 0.88 56.08
N SER C 366 -13.28 0.71 55.37
CA SER C 366 -13.81 -0.64 55.11
C SER C 366 -13.37 -1.15 53.73
N LEU C 367 -12.06 -1.38 53.60
CA LEU C 367 -11.43 -1.62 52.31
C LEU C 367 -10.39 -2.71 52.45
N THR C 368 -10.32 -3.59 51.43
CA THR C 368 -9.34 -4.68 51.29
C THR C 368 -8.50 -4.48 50.02
N PRO C 369 -7.41 -5.24 49.82
CA PRO C 369 -6.84 -5.29 48.47
C PRO C 369 -7.84 -5.84 47.49
N ALA C 370 -8.56 -6.89 47.88
CA ALA C 370 -9.47 -7.54 46.96
C ALA C 370 -10.35 -6.57 46.17
N LYS C 371 -10.93 -5.55 46.83
CA LYS C 371 -11.91 -4.69 46.16
C LYS C 371 -11.38 -3.29 45.86
N LEU C 372 -10.08 -3.07 46.03
CA LEU C 372 -9.43 -1.83 45.65
C LEU C 372 -8.72 -1.94 44.31
N VAL C 373 -8.71 -3.15 43.70
CA VAL C 373 -7.98 -3.47 42.48
C VAL C 373 -8.97 -3.93 41.42
N ASN C 374 -9.07 -3.17 40.33
CA ASN C 374 -9.78 -3.58 39.15
C ASN C 374 -8.76 -4.17 38.18
N SER C 375 -8.77 -5.49 38.01
CA SER C 375 -7.76 -6.14 37.18
C SER C 375 -7.75 -5.66 35.72
N ARG C 376 -8.78 -4.94 35.26
CA ARG C 376 -8.97 -4.78 33.82
C ARG C 376 -7.92 -3.93 33.12
N PRO C 377 -7.52 -2.76 33.62
CA PRO C 377 -6.44 -2.03 32.95
C PRO C 377 -5.21 -2.88 32.66
N LEU C 378 -4.94 -3.90 33.48
CA LEU C 378 -3.83 -4.79 33.18
C LEU C 378 -4.20 -5.79 32.09
N GLU C 379 -5.22 -6.60 32.33
CA GLU C 379 -5.76 -7.52 31.34
C GLU C 379 -5.81 -6.93 29.94
N ALA C 380 -6.15 -5.64 29.81
CA ALA C 380 -6.30 -5.05 28.48
C ALA C 380 -4.95 -4.75 27.81
N ALA C 381 -3.99 -4.15 28.53
CA ALA C 381 -2.70 -3.82 27.90
C ALA C 381 -1.95 -5.08 27.46
N ILE C 382 -2.22 -6.20 28.12
CA ILE C 382 -1.63 -7.46 27.69
C ILE C 382 -2.37 -7.99 26.48
N ARG C 383 -3.70 -8.01 26.52
CA ARG C 383 -4.45 -8.39 25.33
C ARG C 383 -4.01 -7.56 24.14
N GLU C 384 -3.73 -6.28 24.37
CA GLU C 384 -3.25 -5.38 23.32
C GLU C 384 -1.92 -5.86 22.74
N PHE C 385 -0.88 -5.97 23.59
CA PHE C 385 0.45 -6.25 23.08
C PHE C 385 0.44 -7.42 22.11
N PHE C 386 -0.34 -8.45 22.41
CA PHE C 386 -0.26 -9.69 21.64
C PHE C 386 -1.24 -9.76 20.49
N SER C 387 -2.17 -8.82 20.38
CA SER C 387 -3.23 -8.94 19.38
C SER C 387 -3.25 -7.78 18.39
N ARG C 388 -2.55 -6.69 18.68
CA ARG C 388 -2.45 -5.68 17.65
C ARG C 388 -1.11 -4.95 17.65
N SER C 389 -0.06 -5.48 18.28
CA SER C 389 1.23 -4.84 18.09
C SER C 389 1.71 -5.02 16.65
N GLN C 390 2.51 -4.05 16.22
CA GLN C 390 3.31 -4.29 15.03
C GLN C 390 4.20 -5.51 15.22
N LEU C 391 4.66 -5.77 16.44
CA LEU C 391 5.61 -6.84 16.68
C LEU C 391 4.96 -8.16 17.04
N SER C 392 3.64 -8.27 17.08
CA SER C 392 3.03 -9.58 17.20
C SER C 392 2.47 -9.95 15.84
N GLN C 393 3.21 -10.81 15.15
CA GLN C 393 2.90 -11.24 13.80
C GLN C 393 2.43 -12.69 13.80
N PHE C 394 1.37 -12.92 13.02
CA PHE C 394 0.98 -14.26 12.61
C PHE C 394 2.21 -15.09 12.31
N LYS C 395 2.31 -16.26 12.93
CA LYS C 395 3.51 -17.10 12.76
C LYS C 395 3.71 -17.50 11.32
N ASP C 396 4.97 -17.72 10.95
CA ASP C 396 5.28 -18.21 9.62
C ASP C 396 5.64 -19.70 9.69
N GLU C 397 4.62 -20.55 9.73
CA GLU C 397 4.90 -21.98 9.75
C GLU C 397 4.64 -22.62 8.37
N THR C 398 5.01 -21.93 7.28
CA THR C 398 4.94 -22.53 5.94
C THR C 398 5.59 -23.91 5.95
N ASN C 399 6.89 -23.92 6.22
CA ASN C 399 7.69 -25.11 6.49
C ASN C 399 8.36 -24.86 7.85
N PRO C 400 9.14 -25.81 8.39
CA PRO C 400 9.76 -25.55 9.70
C PRO C 400 10.83 -24.50 9.68
N LEU C 401 11.53 -24.30 8.57
CA LEU C 401 12.50 -23.21 8.54
C LEU C 401 11.81 -21.86 8.71
N SER C 402 10.60 -21.71 8.15
CA SER C 402 9.96 -20.40 8.20
C SER C 402 9.68 -19.99 9.64
N SER C 403 9.19 -20.92 10.46
CA SER C 403 8.95 -20.62 11.86
C SER C 403 10.25 -20.27 12.57
N LEU C 404 11.33 -21.02 12.33
CA LEU C 404 12.59 -20.70 12.97
C LEU C 404 13.15 -19.35 12.47
N ARG C 405 13.09 -19.08 11.17
CA ARG C 405 13.67 -17.82 10.70
C ARG C 405 12.91 -16.63 11.26
N HIS C 406 11.63 -16.85 11.53
CA HIS C 406 10.76 -15.79 12.01
C HIS C 406 11.18 -15.32 13.39
N LYS C 407 11.21 -16.25 14.33
CA LYS C 407 11.63 -16.08 15.71
C LYS C 407 12.96 -15.34 15.81
N ARG C 408 13.79 -15.42 14.76
CA ARG C 408 15.06 -14.72 14.74
C ARG C 408 15.03 -13.46 13.86
N ARG C 409 13.87 -12.84 13.70
CA ARG C 409 13.74 -11.59 12.96
C ARG C 409 14.00 -10.37 13.85
N ILE C 410 14.37 -9.27 13.22
CA ILE C 410 14.78 -8.05 13.90
C ILE C 410 14.19 -6.88 13.13
N SER C 411 13.17 -6.22 13.70
CA SER C 411 12.53 -5.10 13.03
C SER C 411 13.06 -3.82 13.64
N ALA C 412 13.39 -2.86 12.78
CA ALA C 412 13.67 -1.53 13.28
C ALA C 412 12.39 -0.79 13.58
N LEU C 413 11.30 -1.25 12.99
CA LEU C 413 10.00 -0.61 13.02
C LEU C 413 9.25 -1.03 14.28
N GLY C 414 8.18 -0.29 14.57
CA GLY C 414 7.25 -0.65 15.62
C GLY C 414 7.08 0.44 16.65
N PRO C 415 6.15 0.22 17.60
CA PRO C 415 6.04 1.11 18.74
C PRO C 415 7.33 1.15 19.54
N GLY C 416 7.98 2.31 19.50
CA GLY C 416 9.25 2.53 20.16
C GLY C 416 10.38 2.83 19.20
N GLY C 417 10.19 2.54 17.93
CA GLY C 417 11.28 2.65 16.99
C GLY C 417 11.01 3.68 15.93
N LEU C 418 10.95 3.21 14.69
CA LEU C 418 10.97 4.07 13.52
C LEU C 418 9.67 3.94 12.75
N THR C 419 9.08 5.08 12.41
CA THR C 419 8.01 5.12 11.44
C THR C 419 8.66 5.07 10.07
N ARG C 420 8.03 4.34 9.14
CA ARG C 420 8.63 4.12 7.81
C ARG C 420 9.25 5.40 7.26
N GLU C 421 8.51 6.52 7.35
CA GLU C 421 9.03 7.81 6.91
C GLU C 421 10.27 8.23 7.69
N ARG C 422 10.38 7.86 8.97
CA ARG C 422 11.55 8.18 9.77
C ARG C 422 12.79 7.40 9.33
N ALA C 423 12.66 6.43 8.42
CA ALA C 423 13.76 5.55 8.04
C ALA C 423 14.49 6.10 6.82
N GLY C 424 15.78 6.42 7.00
CA GLY C 424 16.58 6.99 5.93
C GLY C 424 17.53 6.00 5.31
N PHE C 425 18.84 6.26 5.44
CA PHE C 425 19.89 5.40 4.92
C PHE C 425 20.69 4.71 6.01
N ASP C 426 21.21 5.50 6.96
CA ASP C 426 22.09 4.97 7.99
C ASP C 426 21.43 3.83 8.74
N VAL C 427 20.11 3.86 8.91
CA VAL C 427 19.42 2.78 9.60
C VAL C 427 19.57 1.46 8.83
N ARG C 428 19.56 1.54 7.51
CA ARG C 428 19.42 0.34 6.70
C ARG C 428 20.77 -0.20 6.26
N ASP C 429 21.75 0.67 6.05
CA ASP C 429 23.07 0.22 5.62
C ASP C 429 23.51 -0.98 6.45
N VAL C 430 24.33 -1.82 5.84
CA VAL C 430 25.09 -2.79 6.61
C VAL C 430 26.21 -2.03 7.28
N HIS C 431 26.22 -2.02 8.61
CA HIS C 431 27.30 -1.40 9.36
C HIS C 431 28.47 -2.37 9.56
N ARG C 432 29.68 -1.79 9.61
CA ARG C 432 30.84 -2.57 9.99
C ARG C 432 30.55 -3.56 11.12
N THR C 433 29.99 -3.06 12.20
CA THR C 433 29.78 -3.89 13.38
C THR C 433 28.67 -4.89 13.20
N HIS C 434 28.02 -4.94 12.04
CA HIS C 434 27.08 -6.03 11.83
C HIS C 434 27.83 -7.34 11.80
N TYR C 435 29.12 -7.28 11.44
CA TYR C 435 29.92 -8.44 11.09
C TYR C 435 29.67 -9.54 12.11
N GLY C 436 29.03 -10.62 11.66
CA GLY C 436 28.81 -11.73 12.57
C GLY C 436 27.79 -11.51 13.66
N ARG C 437 27.02 -10.42 13.61
CA ARG C 437 25.87 -10.28 14.50
C ARG C 437 24.56 -10.27 13.74
N ILE C 438 24.37 -9.33 12.81
CA ILE C 438 23.21 -9.34 11.92
C ILE C 438 23.65 -9.79 10.53
N CYS C 439 22.89 -10.70 9.94
CA CYS C 439 23.22 -11.13 8.59
C CYS C 439 23.20 -9.93 7.64
N PRO C 440 24.10 -9.94 6.61
CA PRO C 440 24.14 -8.84 5.63
C PRO C 440 23.37 -9.18 4.38
N VAL C 441 22.92 -10.42 4.29
CA VAL C 441 22.12 -10.87 3.17
C VAL C 441 20.65 -10.87 3.49
N GLU C 442 20.29 -11.53 4.57
CA GLU C 442 18.90 -11.88 4.83
C GLU C 442 18.18 -10.65 5.34
N THR C 443 17.32 -10.14 4.47
CA THR C 443 16.52 -8.93 4.59
C THR C 443 15.62 -8.89 3.38
N PRO C 444 14.54 -8.13 3.41
CA PRO C 444 13.61 -8.18 2.29
C PRO C 444 13.92 -7.14 1.22
N GLU C 445 13.66 -7.52 -0.01
CA GLU C 445 13.67 -6.53 -1.07
C GLU C 445 12.37 -5.75 -0.95
N GLY C 446 12.42 -4.47 -1.31
CA GLY C 446 11.27 -3.60 -1.12
C GLY C 446 11.53 -2.49 -0.12
N ALA C 447 10.46 -1.95 0.46
CA ALA C 447 10.57 -0.74 1.27
C ALA C 447 11.15 -1.00 2.64
N ASN C 448 11.04 -2.23 3.15
CA ASN C 448 11.56 -2.60 4.46
C ASN C 448 13.04 -3.02 4.41
N ILE C 449 13.66 -2.93 3.24
CA ILE C 449 15.05 -3.34 3.10
C ILE C 449 15.90 -2.63 4.14
N GLY C 450 16.64 -3.43 4.92
CA GLY C 450 17.55 -2.90 5.92
C GLY C 450 16.91 -2.51 7.23
N LEU C 451 15.60 -2.60 7.34
CA LEU C 451 15.01 -2.39 8.65
C LEU C 451 14.80 -3.73 9.34
N ILE C 452 14.17 -4.67 8.63
CA ILE C 452 13.96 -6.02 9.10
C ILE C 452 15.14 -6.86 8.67
N THR C 453 15.79 -7.52 9.63
CA THR C 453 16.97 -8.30 9.34
C THR C 453 16.92 -9.58 10.18
N SER C 454 18.06 -10.28 10.22
CA SER C 454 18.10 -11.58 10.84
C SER C 454 19.33 -11.69 11.73
N LEU C 455 19.17 -12.49 12.78
CA LEU C 455 20.23 -12.73 13.74
C LEU C 455 21.30 -13.61 13.11
N ALA C 456 22.57 -13.21 13.28
CA ALA C 456 23.69 -14.07 12.86
C ALA C 456 23.60 -15.42 13.57
N ALA C 457 24.27 -16.41 13.00
CA ALA C 457 24.00 -17.77 13.46
C ALA C 457 24.70 -18.10 14.77
N TYR C 458 25.89 -17.56 14.99
CA TYR C 458 26.59 -17.78 16.24
C TYR C 458 26.29 -16.71 17.25
N ALA C 459 25.52 -15.69 16.88
CA ALA C 459 25.36 -14.49 17.67
C ALA C 459 24.36 -14.70 18.79
N ARG C 460 24.51 -13.91 19.84
CA ARG C 460 23.59 -13.92 20.96
C ARG C 460 23.45 -12.50 21.49
N VAL C 461 22.36 -12.28 22.22
CA VAL C 461 22.08 -11.01 22.89
C VAL C 461 22.39 -11.15 24.37
N ASP C 462 23.30 -10.32 24.86
CA ASP C 462 23.67 -10.34 26.26
C ASP C 462 22.51 -9.76 27.11
N GLU C 463 22.70 -9.75 28.43
CA GLU C 463 21.63 -9.37 29.35
C GLU C 463 21.23 -7.92 29.20
N LEU C 464 22.09 -7.10 28.61
CA LEU C 464 21.83 -5.69 28.40
C LEU C 464 21.14 -5.39 27.07
N GLY C 465 20.98 -6.38 26.21
CA GLY C 465 20.28 -6.20 24.95
C GLY C 465 21.16 -5.94 23.74
N PHE C 466 22.49 -6.08 23.89
CA PHE C 466 23.41 -5.95 22.78
C PHE C 466 23.70 -7.31 22.19
N ILE C 467 23.99 -7.34 20.89
CA ILE C 467 24.32 -8.58 20.19
C ILE C 467 25.81 -8.81 20.27
N ARG C 468 26.20 -10.02 20.65
CA ARG C 468 27.61 -10.35 20.67
C ARG C 468 27.83 -11.68 19.97
N THR C 469 29.05 -11.83 19.43
CA THR C 469 29.50 -12.89 18.55
C THR C 469 30.79 -13.49 19.06
N PRO C 470 31.04 -14.78 18.79
CA PRO C 470 32.20 -15.47 19.39
C PRO C 470 33.49 -15.31 18.61
N TYR C 471 34.59 -15.54 19.33
CA TYR C 471 35.94 -15.38 18.81
C TYR C 471 36.89 -16.25 19.63
N ARG C 472 37.78 -16.96 18.96
CA ARG C 472 38.81 -17.73 19.65
C ARG C 472 39.97 -16.83 20.07
N ARG C 473 40.55 -17.10 21.23
CA ARG C 473 41.67 -16.28 21.68
C ARG C 473 42.97 -16.91 21.23
N VAL C 474 43.78 -16.14 20.53
CA VAL C 474 45.11 -16.58 20.14
C VAL C 474 46.12 -15.95 21.09
N VAL C 475 47.04 -16.77 21.61
CA VAL C 475 48.16 -16.32 22.42
C VAL C 475 49.47 -16.79 21.78
N GLY C 476 50.50 -15.95 21.86
CA GLY C 476 51.66 -16.14 21.03
C GLY C 476 51.17 -16.14 19.60
N GLY C 477 51.08 -17.33 19.03
CA GLY C 477 50.43 -17.51 17.76
C GLY C 477 49.60 -18.77 17.78
N VAL C 478 49.60 -19.47 18.90
CA VAL C 478 48.77 -20.66 19.03
C VAL C 478 47.35 -20.22 19.36
N VAL C 479 46.37 -21.01 18.94
CA VAL C 479 44.95 -20.66 19.05
C VAL C 479 44.33 -21.49 20.16
N THR C 480 43.77 -20.80 21.17
CA THR C 480 43.16 -21.47 22.30
C THR C 480 41.76 -21.96 21.96
N ASP C 481 41.34 -23.02 22.64
CA ASP C 481 39.97 -23.49 22.54
C ASP C 481 39.01 -22.68 23.40
N GLU C 482 39.51 -21.63 24.06
CA GLU C 482 38.70 -20.80 24.95
C GLU C 482 38.04 -19.71 24.11
N VAL C 483 36.71 -19.73 24.07
CA VAL C 483 35.95 -18.81 23.23
C VAL C 483 35.30 -17.76 24.11
N VAL C 484 35.19 -16.55 23.59
CA VAL C 484 34.54 -15.46 24.31
C VAL C 484 33.74 -14.64 23.31
N TYR C 485 32.55 -14.21 23.72
CA TYR C 485 31.67 -13.42 22.89
C TYR C 485 31.80 -11.94 23.23
N MET C 486 32.06 -11.11 22.21
CA MET C 486 32.30 -9.69 22.41
C MET C 486 31.10 -8.88 21.96
N THR C 487 30.83 -7.80 22.69
CA THR C 487 29.99 -6.77 22.13
C THR C 487 30.76 -6.06 21.02
N ALA C 488 30.02 -5.43 20.12
CA ALA C 488 30.65 -4.61 19.11
C ALA C 488 31.80 -3.78 19.68
N THR C 489 31.57 -3.14 20.84
CA THR C 489 32.50 -2.11 21.31
C THR C 489 33.87 -2.70 21.67
N GLU C 490 33.89 -3.88 22.29
CA GLU C 490 35.20 -4.36 22.71
C GLU C 490 35.93 -5.04 21.57
N GLU C 491 35.20 -5.68 20.67
CA GLU C 491 35.76 -6.16 19.42
C GLU C 491 36.77 -5.16 18.89
N ASP C 492 36.32 -3.92 18.72
CA ASP C 492 37.11 -2.85 18.11
C ASP C 492 38.47 -2.67 18.78
N ARG C 493 38.71 -3.33 19.91
CA ARG C 493 39.97 -3.16 20.62
C ARG C 493 41.09 -4.05 20.08
N TYR C 494 40.76 -5.07 19.29
CA TYR C 494 41.70 -6.14 18.97
C TYR C 494 41.94 -6.25 17.46
N THR C 495 42.98 -7.01 17.12
CA THR C 495 43.29 -7.45 15.77
C THR C 495 42.83 -8.90 15.67
N ILE C 496 41.95 -9.21 14.71
CA ILE C 496 41.19 -10.46 14.74
C ILE C 496 41.38 -11.21 13.42
N ALA C 497 41.98 -12.40 13.50
CA ALA C 497 42.34 -13.17 12.31
C ALA C 497 41.10 -13.82 11.69
N GLN C 498 41.25 -14.21 10.43
CA GLN C 498 40.13 -14.67 9.64
C GLN C 498 39.83 -16.14 9.88
N ALA C 499 38.56 -16.49 9.66
CA ALA C 499 38.06 -17.82 9.96
C ALA C 499 39.06 -18.88 9.56
N ASN C 500 39.59 -18.76 8.35
CA ASN C 500 40.32 -19.82 7.67
C ASN C 500 41.81 -19.52 7.54
N THR C 501 42.39 -18.70 8.43
CA THR C 501 43.84 -18.48 8.39
C THR C 501 44.53 -19.77 8.82
N PRO C 502 45.50 -20.28 8.05
CA PRO C 502 45.83 -21.70 8.09
C PRO C 502 46.77 -22.08 9.22
N LEU C 503 46.57 -23.29 9.75
CA LEU C 503 47.18 -23.69 11.02
C LEU C 503 47.80 -25.08 10.95
N GLU C 504 48.95 -25.23 11.61
CA GLU C 504 49.54 -26.53 11.94
C GLU C 504 49.14 -26.89 13.36
N GLY C 505 48.36 -27.95 13.51
CA GLY C 505 47.82 -28.23 14.82
C GLY C 505 47.00 -27.04 15.25
N ASN C 506 47.47 -26.28 16.23
CA ASN C 506 46.75 -25.07 16.62
C ASN C 506 47.69 -23.86 16.67
N ARG C 507 48.69 -23.80 15.80
CA ARG C 507 49.50 -22.61 15.65
C ARG C 507 49.24 -21.94 14.31
N ILE C 508 49.27 -20.61 14.29
CA ILE C 508 49.07 -19.87 13.06
C ILE C 508 50.27 -20.12 12.15
N ALA C 509 50.03 -20.85 11.06
CA ALA C 509 51.10 -21.38 10.24
C ALA C 509 51.56 -20.42 9.14
N ALA C 510 50.82 -19.35 8.87
CA ALA C 510 51.25 -18.40 7.85
C ALA C 510 52.10 -17.30 8.47
N GLU C 511 52.63 -16.44 7.61
CA GLU C 511 53.38 -15.27 8.02
C GLU C 511 52.66 -13.98 7.66
N ARG C 512 51.79 -14.03 6.65
CA ARG C 512 50.74 -13.05 6.44
C ARG C 512 49.42 -13.69 6.89
N VAL C 513 48.74 -13.05 7.87
CA VAL C 513 47.43 -13.47 8.36
C VAL C 513 46.43 -12.38 8.03
N VAL C 514 45.22 -12.79 7.71
CA VAL C 514 44.20 -11.90 7.19
C VAL C 514 43.29 -11.50 8.35
N ALA C 515 43.37 -10.24 8.77
CA ALA C 515 42.79 -9.82 10.04
C ALA C 515 42.08 -8.48 9.91
N ARG C 516 41.13 -8.23 10.81
CA ARG C 516 40.41 -6.96 10.90
C ARG C 516 40.77 -6.21 12.19
N ARG C 517 40.97 -4.90 12.06
CA ARG C 517 41.16 -4.01 13.21
C ARG C 517 40.09 -2.92 13.11
N LYS C 518 39.08 -3.01 13.97
CA LYS C 518 37.90 -2.16 13.88
C LYS C 518 37.29 -2.24 12.48
N GLY C 519 37.18 -3.46 11.98
CA GLY C 519 36.45 -3.75 10.76
C GLY C 519 37.15 -3.39 9.47
N GLU C 520 38.19 -2.56 9.51
CA GLU C 520 39.04 -2.39 8.33
C GLU C 520 39.95 -3.61 8.19
N PRO C 521 40.22 -4.08 6.97
CA PRO C 521 41.07 -5.27 6.81
C PRO C 521 42.56 -4.89 6.82
N VAL C 522 43.35 -5.63 7.59
CA VAL C 522 44.78 -5.38 7.74
C VAL C 522 45.57 -6.68 7.55
N ILE C 523 46.69 -6.58 6.85
CA ILE C 523 47.60 -7.72 6.70
C ILE C 523 48.64 -7.61 7.80
N VAL C 524 48.77 -8.66 8.59
CA VAL C 524 49.49 -8.56 9.84
C VAL C 524 50.10 -9.91 10.15
N SER C 525 51.24 -9.88 10.85
CA SER C 525 52.00 -11.07 11.23
C SER C 525 51.37 -11.78 12.42
N PRO C 526 51.57 -13.09 12.53
CA PRO C 526 50.95 -13.86 13.62
C PRO C 526 51.40 -13.43 15.02
N GLU C 527 52.38 -12.52 15.14
CA GLU C 527 52.75 -11.99 16.45
C GLU C 527 51.66 -11.08 17.02
N GLU C 528 51.14 -10.17 16.18
CA GLU C 528 50.12 -9.15 16.33
C GLU C 528 48.69 -9.70 16.40
N VAL C 529 48.40 -10.99 16.54
CA VAL C 529 47.05 -11.52 16.37
C VAL C 529 46.51 -11.98 17.71
N GLU C 530 45.35 -11.42 18.10
CA GLU C 530 44.73 -11.61 19.41
C GLU C 530 43.51 -12.53 19.39
N PHE C 531 42.68 -12.49 18.36
CA PHE C 531 41.50 -13.34 18.30
C PHE C 531 41.30 -13.79 16.86
N MET C 532 40.52 -14.87 16.68
CA MET C 532 40.28 -15.45 15.36
C MET C 532 38.80 -15.83 15.22
N ASP C 533 38.18 -15.49 14.08
CA ASP C 533 36.78 -15.85 13.87
C ASP C 533 36.59 -17.33 14.19
N VAL C 534 35.40 -17.66 14.69
CA VAL C 534 35.12 -19.06 15.00
C VAL C 534 34.95 -19.86 13.74
N SER C 535 34.23 -19.30 12.78
CA SER C 535 33.85 -20.00 11.56
C SER C 535 33.39 -18.97 10.55
N PRO C 536 33.24 -19.35 9.29
CA PRO C 536 32.48 -18.48 8.38
C PRO C 536 30.99 -18.54 8.63
N LYS C 537 30.45 -19.66 9.16
CA LYS C 537 29.01 -19.71 9.41
C LYS C 537 28.54 -18.57 10.32
N GLN C 538 29.47 -17.90 11.02
CA GLN C 538 29.14 -16.90 12.03
C GLN C 538 28.83 -15.53 11.47
N VAL C 539 28.91 -15.34 10.15
CA VAL C 539 28.72 -14.02 9.55
C VAL C 539 27.37 -13.89 8.86
N PHE C 540 26.60 -14.96 8.79
CA PHE C 540 25.38 -15.00 7.97
C PHE C 540 24.20 -15.57 8.75
N SER C 541 23.02 -15.31 8.19
CA SER C 541 21.79 -15.85 8.73
C SER C 541 21.83 -17.35 8.87
N VAL C 542 20.85 -17.97 9.51
CA VAL C 542 20.70 -19.40 9.34
C VAL C 542 20.45 -19.69 7.86
N ASN C 543 19.40 -19.10 7.31
CA ASN C 543 19.02 -19.35 5.91
C ASN C 543 20.20 -19.20 4.97
N THR C 544 20.92 -18.10 5.07
CA THR C 544 22.07 -17.88 4.23
C THR C 544 23.08 -19.02 4.35
N ASN C 545 23.24 -19.58 5.56
CA ASN C 545 24.12 -20.73 5.78
C ASN C 545 23.58 -22.01 5.17
N LEU C 546 22.40 -21.98 4.57
CA LEU C 546 21.82 -23.09 3.82
C LEU C 546 22.12 -23.02 2.34
N ILE C 547 22.85 -22.00 1.90
CA ILE C 547 23.19 -21.84 0.50
C ILE C 547 24.55 -22.50 0.26
N PRO C 548 24.61 -23.64 -0.44
CA PRO C 548 25.90 -24.22 -0.79
C PRO C 548 26.59 -23.36 -1.82
N PHE C 549 27.93 -23.35 -1.76
CA PHE C 549 28.75 -22.54 -2.68
C PHE C 549 28.41 -21.07 -2.60
N LEU C 550 28.16 -20.57 -1.39
CA LEU C 550 27.77 -19.17 -1.26
C LEU C 550 28.83 -18.24 -1.83
N GLU C 551 30.12 -18.57 -1.66
CA GLU C 551 31.14 -17.61 -2.10
C GLU C 551 31.21 -17.45 -3.61
N HIS C 552 30.41 -18.18 -4.39
CA HIS C 552 30.32 -18.01 -5.84
C HIS C 552 28.98 -17.43 -6.25
N ASP C 553 28.37 -16.60 -5.40
CA ASP C 553 26.99 -16.13 -5.61
C ASP C 553 26.89 -14.64 -5.32
N ASP C 554 26.70 -13.80 -6.36
CA ASP C 554 26.56 -12.37 -6.11
C ASP C 554 25.53 -12.14 -5.01
N ALA C 555 25.76 -11.09 -4.21
CA ALA C 555 24.99 -10.92 -2.97
C ALA C 555 23.50 -10.77 -3.24
N ASN C 556 23.13 -10.01 -4.27
CA ASN C 556 21.73 -9.71 -4.54
C ASN C 556 20.91 -10.91 -4.97
N ARG C 557 21.52 -12.03 -5.30
CA ARG C 557 20.69 -13.21 -5.45
C ARG C 557 20.84 -14.19 -4.32
N ALA C 558 21.99 -14.19 -3.62
CA ALA C 558 22.08 -14.93 -2.38
C ALA C 558 20.86 -14.57 -1.54
N LEU C 559 20.49 -13.30 -1.57
CA LEU C 559 19.41 -12.82 -0.71
C LEU C 559 18.07 -13.46 -1.10
N MET C 560 17.82 -13.61 -2.41
CA MET C 560 16.57 -14.22 -2.85
C MET C 560 16.55 -15.70 -2.53
N GLY C 561 17.68 -16.38 -2.75
CA GLY C 561 17.76 -17.75 -2.35
C GLY C 561 17.69 -17.92 -0.85
N SER C 562 18.08 -16.88 -0.11
CA SER C 562 17.91 -16.95 1.32
C SER C 562 16.43 -16.87 1.63
N ASN C 563 15.77 -15.74 1.32
CA ASN C 563 14.37 -15.60 1.70
C ASN C 563 13.54 -16.72 1.10
N MET C 564 13.81 -17.06 -0.16
CA MET C 564 12.89 -17.93 -0.86
C MET C 564 12.75 -19.28 -0.17
N GLN C 565 13.68 -19.62 0.74
CA GLN C 565 13.56 -20.92 1.36
C GLN C 565 12.38 -20.94 2.30
N THR C 566 12.21 -19.89 3.08
CA THR C 566 11.11 -19.84 4.02
C THR C 566 9.76 -19.92 3.31
N GLN C 567 9.78 -20.00 1.98
CA GLN C 567 8.57 -20.17 1.21
C GLN C 567 8.44 -21.56 0.61
N ALA C 568 9.29 -22.48 1.05
CA ALA C 568 9.31 -23.84 0.51
C ALA C 568 8.09 -24.61 1.00
N VAL C 569 7.11 -24.80 0.13
CA VAL C 569 5.98 -25.67 0.48
C VAL C 569 6.51 -27.04 0.86
N PRO C 570 5.97 -27.70 1.88
CA PRO C 570 6.44 -29.05 2.23
C PRO C 570 5.88 -30.08 1.28
N LEU C 571 6.78 -30.86 0.67
CA LEU C 571 6.44 -31.80 -0.38
C LEU C 571 6.27 -33.20 0.18
N ILE C 572 5.31 -33.96 -0.38
CA ILE C 572 4.96 -35.27 0.19
C ILE C 572 6.04 -36.31 -0.03
N ARG C 573 7.00 -36.06 -0.93
CA ARG C 573 8.17 -36.90 -1.13
C ARG C 573 9.46 -36.07 -0.94
N ALA C 574 9.49 -35.22 0.09
CA ALA C 574 10.58 -34.25 0.15
C ALA C 574 11.93 -34.91 0.36
N GLN C 575 12.99 -34.26 -0.11
CA GLN C 575 14.32 -34.80 0.11
C GLN C 575 15.32 -33.69 0.37
N ALA C 576 16.26 -33.98 1.27
CA ALA C 576 17.33 -33.05 1.54
C ALA C 576 18.20 -32.86 0.29
N PRO C 577 18.81 -31.68 0.16
CA PRO C 577 19.59 -31.39 -1.05
C PRO C 577 20.84 -32.26 -1.14
N VAL C 578 21.09 -32.82 -2.34
CA VAL C 578 22.28 -33.64 -2.56
C VAL C 578 23.55 -32.94 -2.13
N VAL C 579 23.57 -31.61 -2.23
CA VAL C 579 24.70 -30.81 -1.78
C VAL C 579 24.24 -29.96 -0.61
N MET C 580 24.72 -30.27 0.59
CA MET C 580 24.30 -29.62 1.81
C MET C 580 25.41 -28.74 2.34
N THR C 581 25.08 -27.96 3.37
CA THR C 581 26.05 -27.07 3.98
C THR C 581 26.40 -27.42 5.42
N GLY C 582 25.75 -28.42 6.02
CA GLY C 582 26.03 -28.84 7.37
C GLY C 582 24.99 -28.41 8.40
N LEU C 583 24.17 -27.41 8.09
CA LEU C 583 23.12 -27.03 9.03
C LEU C 583 21.83 -27.80 8.81
N GLU C 584 21.66 -28.48 7.69
CA GLU C 584 20.38 -29.11 7.39
C GLU C 584 19.87 -29.98 8.53
N GLU C 585 20.73 -30.28 9.52
CA GLU C 585 20.39 -31.20 10.62
C GLU C 585 19.99 -30.48 11.91
N ARG C 586 20.83 -29.57 12.40
CA ARG C 586 20.41 -28.71 13.50
C ARG C 586 19.05 -28.09 13.21
N VAL C 587 18.88 -27.51 12.02
CA VAL C 587 17.63 -26.81 11.70
C VAL C 587 16.44 -27.73 11.93
N VAL C 588 16.52 -28.97 11.46
CA VAL C 588 15.42 -29.88 11.74
C VAL C 588 15.32 -30.12 13.23
N ARG C 589 16.44 -30.05 13.94
CA ARG C 589 16.45 -30.14 15.39
C ARG C 589 15.77 -28.98 16.13
N ASP C 590 16.40 -27.79 16.11
CA ASP C 590 15.89 -26.66 16.88
C ASP C 590 14.51 -26.24 16.39
N SER C 591 14.20 -26.48 15.11
CA SER C 591 12.84 -26.29 14.63
C SER C 591 11.83 -27.06 15.45
N LEU C 592 12.29 -28.01 16.27
CA LEU C 592 11.41 -28.70 17.18
C LEU C 592 10.19 -29.22 16.43
N ALA C 593 10.42 -29.72 15.22
CA ALA C 593 9.33 -30.25 14.43
C ALA C 593 9.45 -31.74 14.17
N ALA C 594 10.67 -32.22 13.90
CA ALA C 594 11.01 -33.64 14.00
C ALA C 594 10.92 -34.08 15.47
N LEU C 595 11.15 -35.37 15.72
CA LEU C 595 10.78 -35.96 17.01
C LEU C 595 11.81 -37.01 17.42
N TYR C 596 12.45 -36.84 18.58
CA TYR C 596 13.73 -37.49 18.90
C TYR C 596 13.64 -38.45 20.10
N ALA C 597 14.81 -38.89 20.60
CA ALA C 597 14.89 -39.90 21.65
C ALA C 597 15.40 -39.26 22.93
N GLU C 598 14.61 -39.39 24.01
CA GLU C 598 14.88 -38.68 25.26
C GLU C 598 16.02 -39.35 26.04
N GLU C 599 16.08 -40.69 26.02
CA GLU C 599 17.16 -41.46 26.62
C GLU C 599 17.29 -42.77 25.85
N ASP C 600 18.38 -43.48 26.11
CA ASP C 600 18.62 -44.78 25.46
C ASP C 600 17.49 -45.75 25.76
N GLY C 601 17.16 -46.61 24.81
CA GLY C 601 16.07 -47.54 25.03
C GLY C 601 15.85 -48.46 23.85
N GLU C 602 14.68 -49.11 23.85
CA GLU C 602 14.25 -49.93 22.73
C GLU C 602 12.83 -49.55 22.38
N VAL C 603 12.45 -49.80 21.15
CA VAL C 603 11.19 -49.30 20.60
C VAL C 603 10.11 -50.34 20.77
N ALA C 604 8.98 -49.94 21.36
CA ALA C 604 7.92 -50.85 21.76
C ALA C 604 6.90 -51.07 20.65
N LYS C 605 6.27 -50.01 20.22
CA LYS C 605 5.32 -50.08 19.13
C LYS C 605 5.72 -49.02 18.10
N VAL C 606 5.04 -49.04 16.95
CA VAL C 606 5.22 -48.03 15.91
C VAL C 606 4.00 -48.06 15.01
N ASP C 607 3.61 -46.88 14.51
CA ASP C 607 2.29 -46.71 13.91
C ASP C 607 2.12 -45.33 13.28
N GLY C 608 1.30 -45.24 12.22
CA GLY C 608 1.06 -43.94 11.58
C GLY C 608 0.55 -42.87 12.54
N ASN C 609 0.19 -43.30 13.76
CA ASN C 609 -0.43 -42.46 14.75
C ASN C 609 0.38 -42.27 16.02
N ARG C 610 1.20 -43.24 16.44
CA ARG C 610 1.98 -43.06 17.66
C ARG C 610 3.23 -43.92 17.63
N ILE C 611 4.17 -43.57 18.52
CA ILE C 611 5.47 -44.25 18.65
C ILE C 611 5.77 -44.38 20.14
N VAL C 612 5.64 -45.59 20.68
CA VAL C 612 5.91 -45.86 22.10
C VAL C 612 7.24 -46.58 22.23
N VAL C 613 8.00 -46.23 23.25
CA VAL C 613 9.37 -46.70 23.41
C VAL C 613 9.60 -47.08 24.86
N ARG C 614 10.00 -48.31 25.11
CA ARG C 614 10.51 -48.66 26.44
C ARG C 614 11.89 -48.06 26.61
N TYR C 615 12.12 -47.41 27.76
CA TYR C 615 13.44 -46.90 28.05
C TYR C 615 14.19 -47.86 28.98
N GLU C 616 15.51 -47.63 29.09
CA GLU C 616 16.34 -48.30 30.07
C GLU C 616 15.91 -47.96 31.49
N ASP C 617 15.29 -46.79 31.67
CA ASP C 617 14.67 -46.43 32.94
C ASP C 617 13.38 -47.20 33.22
N GLY C 618 13.00 -48.16 32.37
CA GLY C 618 11.73 -48.85 32.51
C GLY C 618 10.52 -48.02 32.14
N ARG C 619 10.61 -46.70 32.19
CA ARG C 619 9.51 -45.84 31.76
C ARG C 619 9.08 -46.20 30.34
N LEU C 620 7.77 -46.16 30.10
CA LEU C 620 7.19 -46.43 28.79
C LEU C 620 6.57 -45.14 28.26
N VAL C 621 7.39 -44.30 27.61
CA VAL C 621 6.88 -43.05 27.05
C VAL C 621 6.06 -43.39 25.81
N GLU C 622 5.06 -42.56 25.53
CA GLU C 622 4.27 -42.72 24.30
C GLU C 622 4.18 -41.38 23.59
N TYR C 623 5.11 -41.14 22.69
CA TYR C 623 5.11 -39.98 21.82
C TYR C 623 4.02 -40.11 20.78
N PRO C 624 2.94 -39.34 20.83
CA PRO C 624 1.96 -39.39 19.75
C PRO C 624 2.36 -38.43 18.64
N LEU C 625 1.82 -38.72 17.45
CA LEU C 625 2.32 -38.12 16.21
C LEU C 625 1.37 -37.03 15.74
N ARG C 626 1.88 -35.82 15.60
CA ARG C 626 1.09 -34.75 15.03
C ARG C 626 0.89 -35.06 13.56
N ARG C 627 -0.22 -35.67 13.20
CA ARG C 627 -0.40 -36.23 11.86
C ARG C 627 -1.43 -35.41 11.07
N PHE C 628 -0.94 -34.72 10.03
CA PHE C 628 -1.77 -33.96 9.09
C PHE C 628 -2.43 -32.74 9.75
N TYR C 629 -1.62 -31.94 10.45
CA TYR C 629 -2.09 -30.71 11.13
C TYR C 629 -1.96 -29.52 10.19
N ARG C 630 -3.00 -28.68 10.16
CA ARG C 630 -3.04 -27.56 9.23
C ARG C 630 -2.28 -26.37 9.82
N SER C 631 -1.26 -25.93 9.09
CA SER C 631 -0.44 -24.80 9.51
C SER C 631 -1.16 -23.50 9.22
N ASN C 632 -0.68 -22.45 9.88
CA ASN C 632 -1.08 -21.07 9.62
C ASN C 632 -1.27 -20.77 8.14
N GLN C 633 -0.34 -21.24 7.31
CA GLN C 633 -0.36 -20.91 5.90
C GLN C 633 -1.04 -21.97 5.05
N GLY C 634 -1.78 -22.90 5.66
CA GLY C 634 -2.45 -23.94 4.91
C GLY C 634 -1.60 -25.16 4.56
N THR C 635 -0.32 -25.15 4.89
CA THR C 635 0.57 -26.21 4.45
C THR C 635 0.56 -27.33 5.48
N ALA C 636 0.17 -28.52 5.03
CA ALA C 636 0.04 -29.70 5.89
C ALA C 636 1.29 -29.94 6.73
N LEU C 637 1.17 -29.75 8.04
CA LEU C 637 2.29 -29.92 8.96
C LEU C 637 2.24 -31.36 9.48
N ASP C 638 2.91 -32.28 8.76
CA ASP C 638 2.71 -33.73 8.89
C ASP C 638 3.93 -34.44 9.46
N GLN C 639 3.70 -35.24 10.51
CA GLN C 639 4.72 -36.01 11.20
C GLN C 639 4.55 -37.48 10.84
N ARG C 640 5.63 -38.08 10.30
CA ARG C 640 5.78 -39.43 9.78
C ARG C 640 6.82 -40.20 10.61
N PRO C 641 6.65 -41.55 10.79
CA PRO C 641 7.55 -42.30 11.69
C PRO C 641 8.76 -42.93 11.02
N ARG C 642 9.95 -42.94 11.64
CA ARG C 642 11.17 -43.40 10.96
C ARG C 642 11.87 -44.60 11.62
N VAL C 643 11.23 -45.27 12.59
CA VAL C 643 11.79 -46.46 13.25
C VAL C 643 10.81 -47.63 13.06
N VAL C 644 11.26 -48.83 13.43
CA VAL C 644 10.42 -50.02 13.37
C VAL C 644 10.55 -50.77 14.69
N VAL C 645 9.61 -51.71 14.87
CA VAL C 645 9.47 -52.33 16.19
C VAL C 645 10.81 -52.86 16.65
N GLY C 646 11.04 -52.73 17.96
CA GLY C 646 12.24 -53.24 18.58
C GLY C 646 13.53 -52.52 18.22
N GLN C 647 13.47 -51.49 17.39
CA GLN C 647 14.72 -50.84 16.99
C GLN C 647 15.45 -50.35 18.23
N ARG C 648 16.75 -50.60 18.27
CA ARG C 648 17.57 -50.19 19.40
C ARG C 648 18.09 -48.77 19.14
N VAL C 649 17.72 -47.84 20.02
CA VAL C 649 17.92 -46.41 19.83
C VAL C 649 18.77 -45.86 20.96
N ARG C 650 19.99 -45.40 20.62
CA ARG C 650 20.80 -44.60 21.51
C ARG C 650 20.16 -43.22 21.67
N LYS C 651 20.68 -42.42 22.59
CA LYS C 651 20.02 -41.16 22.91
C LYS C 651 20.12 -40.17 21.74
N GLY C 652 19.14 -39.28 21.66
CA GLY C 652 19.16 -38.26 20.64
C GLY C 652 19.03 -38.75 19.20
N ASP C 653 18.78 -40.05 19.01
CA ASP C 653 18.45 -40.53 17.67
C ASP C 653 17.04 -40.06 17.29
N LEU C 654 16.64 -40.37 16.07
CA LEU C 654 15.39 -39.88 15.52
C LEU C 654 14.30 -40.94 15.66
N LEU C 655 13.04 -40.49 15.74
CA LEU C 655 11.89 -41.38 15.78
C LEU C 655 10.77 -40.99 14.83
N ALA C 656 10.77 -39.78 14.30
CA ALA C 656 9.84 -39.41 13.25
C ALA C 656 10.39 -38.18 12.54
N ASP C 657 10.17 -38.11 11.23
CA ASP C 657 10.54 -36.93 10.46
C ASP C 657 9.40 -35.92 10.53
N GLY C 658 9.73 -34.66 10.83
CA GLY C 658 8.78 -33.60 10.68
C GLY C 658 8.48 -33.36 9.21
N PRO C 659 7.68 -32.33 8.93
CA PRO C 659 7.46 -31.97 7.52
C PRO C 659 8.74 -31.36 6.94
N ALA C 660 8.98 -31.59 5.64
CA ALA C 660 10.17 -31.06 4.98
C ALA C 660 11.45 -31.44 5.72
N SER C 661 11.50 -32.69 6.19
CA SER C 661 12.68 -33.30 6.79
C SER C 661 12.76 -34.73 6.29
N GLU C 662 13.94 -35.17 5.89
CA GLU C 662 14.14 -36.54 5.45
C GLU C 662 15.22 -37.15 6.31
N ASN C 663 14.84 -38.18 7.08
CA ASN C 663 15.76 -38.83 8.02
C ASN C 663 16.50 -37.82 8.90
N GLY C 664 15.89 -36.65 9.11
CA GLY C 664 16.46 -35.61 9.96
C GLY C 664 17.19 -34.46 9.25
N PHE C 665 16.97 -34.26 7.96
CA PHE C 665 17.65 -33.20 7.23
C PHE C 665 16.63 -32.29 6.56
N LEU C 666 16.94 -30.99 6.49
CA LEU C 666 15.93 -30.03 6.03
C LEU C 666 15.62 -30.25 4.55
N ALA C 667 14.49 -30.91 4.26
CA ALA C 667 14.11 -31.26 2.88
C ALA C 667 13.18 -30.19 2.30
N LEU C 668 13.79 -29.09 1.85
CA LEU C 668 12.95 -28.01 1.37
C LEU C 668 12.32 -28.30 0.02
N GLY C 669 12.92 -29.13 -0.78
CA GLY C 669 12.39 -29.49 -2.09
C GLY C 669 12.86 -30.82 -2.54
N GLN C 670 13.12 -30.94 -3.84
CA GLN C 670 13.52 -32.20 -4.43
C GLN C 670 14.83 -32.03 -5.20
N ASN C 671 15.56 -33.13 -5.39
CA ASN C 671 16.75 -33.15 -6.23
C ASN C 671 16.35 -33.63 -7.61
N VAL C 672 16.67 -32.85 -8.64
CA VAL C 672 16.26 -33.24 -9.98
C VAL C 672 17.41 -33.20 -10.99
N LEU C 673 17.24 -34.01 -12.01
CA LEU C 673 18.13 -34.05 -13.16
C LEU C 673 17.86 -32.83 -14.03
N VAL C 674 18.77 -31.87 -14.03
CA VAL C 674 18.55 -30.59 -14.70
C VAL C 674 19.48 -30.46 -15.90
N ALA C 675 18.91 -30.03 -17.01
CA ALA C 675 19.68 -29.66 -18.18
C ALA C 675 19.62 -28.16 -18.34
N ILE C 676 20.76 -27.54 -18.65
CA ILE C 676 20.83 -26.09 -18.74
C ILE C 676 20.98 -25.64 -20.18
N MET C 677 19.88 -25.42 -20.87
CA MET C 677 19.94 -25.14 -22.30
C MET C 677 18.65 -24.51 -22.79
N PRO C 678 18.72 -23.42 -23.56
CA PRO C 678 17.50 -22.87 -24.17
C PRO C 678 16.61 -23.98 -24.66
N PHE C 679 15.31 -23.87 -24.56
CA PHE C 679 14.49 -24.91 -25.12
C PHE C 679 13.31 -24.24 -25.83
N ASP C 680 13.55 -23.81 -27.06
CA ASP C 680 12.49 -23.47 -28.00
C ASP C 680 11.50 -22.41 -27.49
N GLY C 681 11.82 -21.63 -26.45
CA GLY C 681 11.02 -20.49 -26.04
C GLY C 681 10.40 -20.63 -24.66
N TYR C 682 10.01 -21.84 -24.27
CA TYR C 682 9.57 -22.14 -22.91
C TYR C 682 10.70 -21.93 -21.80
N ASN C 683 11.87 -21.48 -22.17
CA ASN C 683 12.83 -20.99 -21.20
C ASN C 683 12.76 -19.50 -21.02
N PHE C 684 12.05 -18.82 -21.90
CA PHE C 684 12.16 -17.38 -22.08
C PHE C 684 11.97 -16.63 -20.76
N GLU C 685 12.96 -15.81 -20.42
CA GLU C 685 12.88 -14.96 -19.25
C GLU C 685 12.52 -15.77 -18.01
N ASP C 686 13.38 -16.70 -17.66
CA ASP C 686 13.32 -17.39 -16.38
C ASP C 686 12.20 -18.39 -16.29
N ALA C 687 11.30 -18.39 -17.26
CA ALA C 687 10.38 -19.52 -17.32
C ALA C 687 11.13 -20.86 -17.26
N ILE C 688 10.38 -21.92 -16.98
CA ILE C 688 11.00 -23.21 -16.74
C ILE C 688 10.20 -24.32 -17.39
N VAL C 689 10.90 -25.27 -18.00
CA VAL C 689 10.26 -26.41 -18.62
C VAL C 689 10.55 -27.63 -17.78
N ILE C 690 9.53 -28.47 -17.58
CA ILE C 690 9.64 -29.66 -16.72
C ILE C 690 9.17 -30.91 -17.42
N SER C 691 9.75 -32.03 -16.99
CA SER C 691 9.43 -33.35 -17.53
C SER C 691 8.15 -33.88 -16.90
N GLU C 692 7.15 -34.19 -17.73
CA GLU C 692 5.96 -34.81 -17.18
C GLU C 692 6.30 -35.95 -16.25
N GLU C 693 7.46 -36.59 -16.41
CA GLU C 693 7.86 -37.67 -15.51
C GLU C 693 7.96 -37.22 -14.07
N LEU C 694 7.81 -35.92 -13.78
CA LEU C 694 7.83 -35.43 -12.41
C LEU C 694 6.47 -35.64 -11.74
N LEU C 695 5.37 -35.27 -12.41
CA LEU C 695 4.06 -35.51 -11.82
C LEU C 695 3.79 -37.00 -11.67
N LYS C 696 4.35 -37.81 -12.57
CA LYS C 696 4.19 -39.26 -12.52
C LYS C 696 4.66 -39.81 -11.19
N ARG C 697 5.94 -39.63 -10.88
CA ARG C 697 6.46 -40.16 -9.62
C ARG C 697 6.07 -39.31 -8.40
N ASP C 698 5.12 -38.38 -8.55
CA ASP C 698 4.63 -37.49 -7.48
C ASP C 698 5.77 -36.65 -6.88
N PHE C 699 6.66 -36.16 -7.73
CA PHE C 699 7.60 -35.13 -7.30
C PHE C 699 6.90 -33.79 -7.32
N TYR C 700 7.32 -32.89 -6.42
CA TYR C 700 6.69 -31.58 -6.28
C TYR C 700 5.18 -31.75 -6.25
N THR C 701 4.75 -32.49 -5.24
CA THR C 701 3.36 -32.50 -4.83
C THR C 701 3.25 -32.14 -3.37
N SER C 702 2.14 -31.52 -3.03
CA SER C 702 2.01 -31.01 -1.70
C SER C 702 0.54 -31.03 -1.37
N ILE C 703 0.26 -31.08 -0.07
CA ILE C 703 -1.09 -31.15 0.45
C ILE C 703 -1.43 -29.84 1.14
N HIS C 704 -2.63 -29.37 0.90
CA HIS C 704 -3.01 -28.06 1.40
C HIS C 704 -4.43 -28.12 1.95
N ILE C 705 -4.68 -27.24 2.93
CA ILE C 705 -5.97 -27.18 3.63
C ILE C 705 -6.43 -25.74 3.80
N GLU C 706 -7.75 -25.55 3.73
CA GLU C 706 -8.40 -24.30 4.05
C GLU C 706 -9.50 -24.62 5.03
N ARG C 707 -9.61 -23.79 6.09
CA ARG C 707 -10.76 -23.81 6.99
C ARG C 707 -11.93 -23.06 6.37
N TYR C 708 -13.13 -23.66 6.42
CA TYR C 708 -14.36 -22.99 5.99
C TYR C 708 -15.32 -22.98 7.19
N GLU C 709 -15.51 -21.82 7.82
CA GLU C 709 -16.25 -21.66 9.07
C GLU C 709 -17.59 -20.97 8.84
N ILE C 710 -18.59 -21.32 9.63
CA ILE C 710 -19.88 -20.64 9.54
C ILE C 710 -20.54 -20.58 10.93
N GLU C 711 -21.27 -19.50 11.19
CA GLU C 711 -22.06 -19.33 12.42
C GLU C 711 -23.56 -19.39 12.13
N ALA C 712 -24.34 -19.77 13.14
CA ALA C 712 -25.79 -19.61 13.12
C ALA C 712 -26.20 -18.86 14.38
N ARG C 713 -26.80 -17.67 14.20
CA ARG C 713 -26.97 -16.74 15.30
C ARG C 713 -28.43 -16.34 15.53
N ASP C 714 -28.75 -16.02 16.79
CA ASP C 714 -30.08 -15.55 17.13
C ASP C 714 -30.34 -14.18 16.49
N THR C 715 -31.49 -14.04 15.88
CA THR C 715 -31.79 -12.85 15.11
C THR C 715 -33.07 -12.19 15.59
N LYS C 716 -33.17 -10.89 15.29
CA LYS C 716 -34.38 -10.12 15.46
C LYS C 716 -35.41 -10.52 14.41
N LEU C 717 -35.20 -11.65 13.74
CA LEU C 717 -36.21 -12.17 12.83
C LEU C 717 -36.34 -13.68 12.95
N GLY C 718 -35.67 -14.29 13.93
CA GLY C 718 -35.69 -15.71 14.11
C GLY C 718 -34.29 -16.23 14.35
N PRO C 719 -34.15 -17.55 14.53
CA PRO C 719 -32.81 -18.12 14.61
C PRO C 719 -32.37 -18.67 13.26
N GLU C 720 -31.09 -18.45 12.95
CA GLU C 720 -30.44 -19.16 11.86
C GLU C 720 -30.37 -20.65 12.23
N ARG C 721 -30.62 -21.52 11.25
CA ARG C 721 -30.68 -22.96 11.50
C ARG C 721 -29.73 -23.73 10.60
N ILE C 722 -28.84 -24.51 11.21
CA ILE C 722 -28.04 -25.48 10.50
C ILE C 722 -28.87 -26.73 10.20
N THR C 723 -29.49 -26.78 9.03
CA THR C 723 -30.35 -27.88 8.62
C THR C 723 -29.83 -28.57 7.37
N ARG C 724 -30.31 -29.78 7.16
CA ARG C 724 -30.20 -30.44 5.87
C ARG C 724 -31.36 -30.07 4.95
N ASP C 725 -32.16 -29.08 5.33
CA ASP C 725 -33.48 -28.83 4.74
C ASP C 725 -33.44 -27.43 4.11
N ILE C 726 -32.91 -27.35 2.89
CA ILE C 726 -32.68 -26.08 2.22
C ILE C 726 -33.75 -25.93 1.14
N PRO C 727 -34.51 -24.83 1.12
CA PRO C 727 -35.59 -24.72 0.13
C PRO C 727 -35.09 -24.67 -1.31
N HIS C 728 -35.80 -25.35 -2.20
CA HIS C 728 -35.62 -25.32 -3.65
C HIS C 728 -34.37 -26.07 -4.12
N LEU C 729 -33.90 -27.06 -3.36
CA LEU C 729 -32.62 -27.69 -3.65
C LEU C 729 -32.81 -29.19 -3.88
N SER C 730 -32.27 -29.67 -5.01
CA SER C 730 -32.41 -31.06 -5.43
C SER C 730 -31.51 -32.00 -4.62
N GLU C 731 -32.00 -33.23 -4.38
CA GLU C 731 -31.26 -34.16 -3.54
C GLU C 731 -29.84 -34.38 -4.05
N ALA C 732 -29.68 -34.51 -5.37
CA ALA C 732 -28.34 -34.53 -5.95
C ALA C 732 -27.50 -33.41 -5.37
N ALA C 733 -28.07 -32.22 -5.28
CA ALA C 733 -27.40 -31.10 -4.65
C ALA C 733 -27.28 -31.27 -3.12
N LEU C 734 -27.59 -32.42 -2.52
CA LEU C 734 -27.35 -32.66 -1.10
C LEU C 734 -26.78 -34.03 -0.80
N ARG C 735 -26.49 -34.83 -1.84
CA ARG C 735 -26.19 -36.26 -1.71
C ARG C 735 -24.94 -36.52 -0.86
N ASP C 736 -24.33 -35.47 -0.31
CA ASP C 736 -23.12 -35.65 0.50
C ASP C 736 -23.27 -35.04 1.88
N LEU C 737 -24.47 -34.55 2.22
CA LEU C 737 -24.75 -33.92 3.51
C LEU C 737 -25.42 -34.90 4.46
N ASP C 738 -24.99 -34.87 5.73
CA ASP C 738 -25.58 -35.71 6.77
C ASP C 738 -26.93 -35.11 7.19
N GLU C 739 -27.61 -35.84 8.08
CA GLU C 739 -28.95 -35.43 8.52
C GLU C 739 -28.99 -33.94 8.87
N GLU C 740 -27.95 -33.45 9.54
CA GLU C 740 -27.95 -32.11 10.11
C GLU C 740 -27.68 -31.01 9.09
N GLY C 741 -26.93 -31.30 8.02
CA GLY C 741 -26.51 -30.28 7.06
C GLY C 741 -25.01 -30.10 6.93
N VAL C 742 -24.25 -31.16 7.25
CA VAL C 742 -22.79 -31.20 7.15
C VAL C 742 -22.44 -32.14 6.00
N VAL C 743 -21.42 -31.77 5.22
CA VAL C 743 -20.87 -32.72 4.26
C VAL C 743 -20.29 -33.89 5.03
N ARG C 744 -20.37 -35.07 4.43
CA ARG C 744 -19.84 -36.26 5.07
C ARG C 744 -18.31 -36.25 5.01
N ILE C 745 -17.65 -36.55 6.13
CA ILE C 745 -16.18 -36.61 6.09
C ILE C 745 -15.73 -37.64 5.04
N GLY C 746 -14.99 -37.15 4.04
CA GLY C 746 -14.49 -37.99 2.97
C GLY C 746 -15.17 -37.77 1.64
N ALA C 747 -16.07 -36.79 1.54
CA ALA C 747 -16.67 -36.49 0.26
C ALA C 747 -15.67 -35.82 -0.66
N GLU C 748 -16.07 -35.62 -1.90
CA GLU C 748 -15.40 -34.70 -2.79
C GLU C 748 -16.31 -33.50 -2.98
N VAL C 749 -15.77 -32.31 -2.75
CA VAL C 749 -16.51 -31.07 -2.88
C VAL C 749 -15.80 -30.21 -3.92
N LYS C 750 -16.57 -29.58 -4.79
CA LYS C 750 -16.06 -28.69 -5.81
C LYS C 750 -16.83 -27.38 -5.82
N PRO C 751 -16.39 -26.38 -6.60
CA PRO C 751 -17.06 -25.08 -6.60
C PRO C 751 -18.55 -25.16 -6.92
N GLY C 752 -19.36 -24.50 -6.07
CA GLY C 752 -20.81 -24.55 -6.11
C GLY C 752 -21.42 -25.43 -5.03
N ASP C 753 -20.67 -26.42 -4.58
CA ASP C 753 -21.19 -27.43 -3.68
C ASP C 753 -21.49 -26.83 -2.31
N ILE C 754 -22.62 -27.23 -1.73
CA ILE C 754 -22.90 -26.88 -0.35
C ILE C 754 -21.94 -27.64 0.55
N LEU C 755 -21.35 -26.93 1.50
CA LEU C 755 -20.63 -27.61 2.57
C LEU C 755 -21.44 -27.69 3.85
N VAL C 756 -22.22 -26.65 4.18
CA VAL C 756 -23.11 -26.63 5.33
C VAL C 756 -24.39 -25.85 5.01
N GLY C 757 -25.50 -26.55 4.90
CA GLY C 757 -26.76 -25.88 4.66
C GLY C 757 -27.13 -24.99 5.84
N ARG C 758 -27.82 -23.90 5.55
CA ARG C 758 -28.25 -22.99 6.62
C ARG C 758 -29.44 -22.21 6.14
N THR C 759 -30.27 -21.76 7.09
CA THR C 759 -31.50 -21.04 6.78
C THR C 759 -31.61 -19.81 7.66
N SER C 760 -31.79 -18.65 7.03
CA SER C 760 -32.10 -17.41 7.70
C SER C 760 -33.48 -16.94 7.25
N PHE C 761 -34.15 -16.17 8.10
CA PHE C 761 -35.51 -15.74 7.79
C PHE C 761 -35.49 -14.52 6.89
N LYS C 762 -36.43 -14.47 5.95
CA LYS C 762 -36.56 -13.35 5.01
C LYS C 762 -37.07 -12.09 5.74
N GLY C 763 -36.97 -10.95 5.05
CA GLY C 763 -37.21 -9.66 5.68
C GLY C 763 -38.60 -9.08 5.46
N GLU C 764 -38.68 -7.74 5.58
CA GLU C 764 -39.88 -6.98 5.24
C GLU C 764 -40.10 -6.90 3.73
N SER C 765 -39.16 -7.39 2.93
CA SER C 765 -39.42 -7.76 1.56
C SER C 765 -39.95 -9.20 1.48
N GLU C 766 -40.56 -9.71 2.58
CA GLU C 766 -41.26 -11.00 2.52
C GLU C 766 -42.13 -10.86 1.26
N PRO C 767 -42.41 -11.97 0.55
CA PRO C 767 -42.74 -11.87 -0.88
C PRO C 767 -43.58 -10.67 -1.27
N THR C 768 -43.02 -9.82 -2.13
CA THR C 768 -43.75 -8.69 -2.68
C THR C 768 -44.77 -9.19 -3.71
N PRO C 769 -45.65 -8.30 -4.20
CA PRO C 769 -46.64 -8.73 -5.19
C PRO C 769 -46.07 -9.53 -6.38
N GLU C 770 -45.10 -8.97 -7.11
CA GLU C 770 -44.54 -9.67 -8.27
C GLU C 770 -44.33 -11.15 -7.95
N GLU C 771 -43.81 -11.42 -6.76
CA GLU C 771 -43.44 -12.76 -6.33
C GLU C 771 -44.62 -13.51 -5.74
N ARG C 772 -45.44 -12.87 -4.89
CA ARG C 772 -46.59 -13.57 -4.34
C ARG C 772 -47.48 -14.13 -5.43
N LEU C 773 -47.38 -13.58 -6.64
CA LEU C 773 -48.19 -14.10 -7.73
C LEU C 773 -47.52 -15.27 -8.42
N LEU C 774 -46.22 -15.17 -8.71
CA LEU C 774 -45.54 -16.26 -9.40
C LEU C 774 -45.74 -17.57 -8.65
N ARG C 775 -45.71 -17.53 -7.32
CA ARG C 775 -46.00 -18.73 -6.54
C ARG C 775 -47.47 -19.12 -6.65
N SER C 776 -48.37 -18.12 -6.70
CA SER C 776 -49.80 -18.39 -6.84
C SER C 776 -50.11 -19.34 -7.99
N ILE C 777 -49.23 -19.41 -8.99
CA ILE C 777 -49.46 -20.31 -10.12
C ILE C 777 -48.89 -21.70 -9.89
N PHE C 778 -47.88 -21.85 -9.03
CA PHE C 778 -47.11 -23.08 -8.95
C PHE C 778 -47.53 -23.99 -7.79
N GLY C 779 -48.53 -23.61 -7.01
CA GLY C 779 -49.04 -24.48 -5.97
C GLY C 779 -48.22 -24.53 -4.71
N GLU C 780 -47.02 -23.94 -4.71
CA GLU C 780 -46.26 -23.72 -3.50
C GLU C 780 -46.44 -22.25 -3.12
N LYS C 781 -46.73 -22.00 -1.86
CA LYS C 781 -46.80 -20.62 -1.41
C LYS C 781 -45.40 -20.16 -0.99
N ALA C 782 -45.26 -18.85 -0.76
CA ALA C 782 -43.96 -18.31 -0.41
C ALA C 782 -43.41 -18.99 0.84
N ARG C 783 -42.17 -19.47 0.76
CA ARG C 783 -41.53 -20.07 1.92
C ARG C 783 -40.90 -18.98 2.80
N ASP C 784 -40.82 -19.27 4.10
CA ASP C 784 -40.49 -18.24 5.08
C ASP C 784 -39.01 -18.22 5.47
N VAL C 785 -38.23 -19.23 5.08
CA VAL C 785 -36.81 -19.26 5.39
C VAL C 785 -36.02 -19.10 4.09
N LYS C 786 -34.69 -19.09 4.18
CA LYS C 786 -33.84 -18.77 3.04
C LYS C 786 -32.61 -19.66 3.03
N ASP C 787 -32.18 -20.03 1.81
CA ASP C 787 -30.91 -20.72 1.59
C ASP C 787 -29.77 -19.75 1.84
N THR C 788 -29.07 -19.92 2.96
CA THR C 788 -27.84 -19.20 3.19
C THR C 788 -26.66 -20.18 3.29
N SER C 789 -26.85 -21.39 2.77
CA SER C 789 -25.85 -22.43 2.84
C SER C 789 -24.46 -21.87 2.53
N LEU C 790 -23.48 -22.39 3.27
CA LEU C 790 -22.07 -22.16 2.96
C LEU C 790 -21.65 -23.06 1.79
N ARG C 791 -21.52 -22.48 0.59
CA ARG C 791 -21.06 -23.20 -0.59
C ARG C 791 -19.52 -23.23 -0.57
N VAL C 792 -18.89 -23.56 -1.70
CA VAL C 792 -17.43 -23.44 -1.80
C VAL C 792 -17.05 -22.37 -2.82
N PRO C 793 -15.93 -21.68 -2.62
CA PRO C 793 -15.61 -20.49 -3.42
C PRO C 793 -15.14 -20.88 -4.80
N PRO C 794 -15.16 -19.95 -5.75
CA PRO C 794 -14.71 -20.32 -7.11
C PRO C 794 -13.24 -20.70 -7.05
N GLY C 795 -12.91 -21.81 -7.70
CA GLY C 795 -11.52 -22.24 -7.71
C GLY C 795 -10.99 -22.74 -6.39
N GLU C 796 -11.79 -23.49 -5.65
CA GLU C 796 -11.37 -24.10 -4.40
C GLU C 796 -11.95 -25.50 -4.34
N GLY C 797 -11.54 -26.27 -3.35
CA GLY C 797 -12.21 -27.55 -3.14
C GLY C 797 -11.30 -28.72 -2.83
N GLY C 798 -11.87 -29.89 -2.67
CA GLY C 798 -11.10 -31.04 -2.31
C GLY C 798 -11.96 -32.04 -1.54
N ILE C 799 -11.34 -32.62 -0.52
CA ILE C 799 -11.86 -33.80 0.14
C ILE C 799 -12.06 -33.48 1.61
N VAL C 800 -13.31 -33.48 2.06
CA VAL C 800 -13.59 -33.12 3.44
C VAL C 800 -12.85 -34.12 4.34
N VAL C 801 -12.01 -33.60 5.21
CA VAL C 801 -11.15 -34.44 6.04
C VAL C 801 -11.60 -34.49 7.49
N ARG C 802 -12.37 -33.49 7.94
CA ARG C 802 -12.83 -33.37 9.30
C ARG C 802 -14.02 -32.42 9.29
N THR C 803 -14.73 -32.38 10.40
CA THR C 803 -15.71 -31.34 10.65
C THR C 803 -15.66 -31.06 12.14
N VAL C 804 -15.95 -29.82 12.52
CA VAL C 804 -16.11 -29.46 13.92
C VAL C 804 -17.45 -28.73 14.06
N ARG C 805 -18.32 -29.21 14.94
CA ARG C 805 -19.60 -28.58 15.20
C ARG C 805 -19.67 -28.20 16.68
N LEU C 806 -19.68 -26.89 16.95
CA LEU C 806 -19.80 -26.37 18.31
C LEU C 806 -21.13 -25.65 18.43
N ARG C 807 -22.07 -26.24 19.17
CA ARG C 807 -23.28 -25.49 19.50
C ARG C 807 -23.05 -24.80 20.85
N ARG C 808 -24.11 -24.22 21.40
CA ARG C 808 -24.16 -23.88 22.80
C ARG C 808 -25.40 -24.51 23.40
N GLY C 809 -25.24 -25.06 24.58
CA GLY C 809 -26.11 -26.09 25.10
C GLY C 809 -25.43 -27.42 25.19
N ASP C 810 -24.28 -27.56 24.54
CA ASP C 810 -23.35 -28.65 24.68
C ASP C 810 -22.35 -28.33 25.77
N PRO C 811 -21.70 -29.33 26.36
CA PRO C 811 -20.72 -29.07 27.41
C PRO C 811 -19.49 -28.36 26.86
N GLY C 812 -18.70 -27.82 27.80
CA GLY C 812 -17.39 -27.23 27.53
C GLY C 812 -17.38 -25.97 26.70
N VAL C 813 -18.52 -25.60 26.11
CA VAL C 813 -18.59 -24.66 25.00
C VAL C 813 -19.55 -23.51 25.32
N GLU C 814 -19.11 -22.30 24.94
CA GLU C 814 -19.88 -21.04 25.05
C GLU C 814 -19.22 -20.02 24.12
N LEU C 815 -19.98 -19.55 23.12
CA LEU C 815 -19.49 -18.71 22.01
C LEU C 815 -19.99 -17.26 22.13
N LYS C 816 -19.52 -16.40 21.23
CA LYS C 816 -19.79 -14.97 21.36
C LYS C 816 -21.29 -14.69 21.36
N PRO C 817 -21.73 -13.67 22.08
CA PRO C 817 -23.15 -13.54 22.42
C PRO C 817 -24.07 -13.56 21.20
N GLY C 818 -25.22 -14.19 21.38
CA GLY C 818 -26.21 -14.27 20.33
C GLY C 818 -25.98 -15.33 19.27
N VAL C 819 -24.91 -16.10 19.34
CA VAL C 819 -24.64 -17.13 18.33
C VAL C 819 -25.05 -18.50 18.89
N ARG C 820 -25.97 -19.16 18.20
CA ARG C 820 -26.37 -20.49 18.62
C ARG C 820 -25.23 -21.46 18.42
N GLU C 821 -24.79 -21.65 17.17
CA GLU C 821 -23.95 -22.76 16.76
C GLU C 821 -23.01 -22.31 15.65
N VAL C 822 -21.80 -22.88 15.66
CA VAL C 822 -20.73 -22.54 14.73
C VAL C 822 -20.10 -23.84 14.20
N VAL C 823 -20.11 -24.03 12.87
CA VAL C 823 -19.65 -25.27 12.23
C VAL C 823 -18.46 -24.96 11.34
N ARG C 824 -17.37 -25.75 11.50
CA ARG C 824 -16.15 -25.62 10.72
C ARG C 824 -15.91 -26.93 9.96
N VAL C 825 -15.58 -26.83 8.67
CA VAL C 825 -15.31 -28.02 7.85
C VAL C 825 -13.96 -27.85 7.17
N TYR C 826 -12.99 -28.68 7.54
CA TYR C 826 -11.66 -28.61 6.97
C TYR C 826 -11.58 -29.45 5.70
N VAL C 827 -11.11 -28.84 4.60
CA VAL C 827 -11.02 -29.47 3.29
C VAL C 827 -9.56 -29.60 2.88
N ALA C 828 -9.27 -30.65 2.12
CA ALA C 828 -7.90 -30.93 1.74
C ALA C 828 -7.78 -31.03 0.22
N GLN C 829 -6.54 -30.95 -0.26
CA GLN C 829 -6.24 -31.20 -1.66
C GLN C 829 -4.82 -31.72 -1.80
N LYS C 830 -4.64 -32.65 -2.73
CA LYS C 830 -3.31 -33.12 -3.12
C LYS C 830 -2.91 -32.30 -4.33
N ARG C 831 -1.87 -31.49 -4.19
CA ARG C 831 -1.52 -30.53 -5.22
C ARG C 831 -0.34 -31.04 -6.03
N LYS C 832 -0.66 -31.67 -7.16
CA LYS C 832 0.35 -31.92 -8.16
C LYS C 832 0.92 -30.59 -8.60
N LEU C 833 2.12 -30.65 -9.17
CA LEU C 833 2.70 -29.47 -9.77
C LEU C 833 1.94 -29.16 -11.06
N GLN C 834 1.72 -27.89 -11.36
CA GLN C 834 0.96 -27.56 -12.55
C GLN C 834 1.46 -26.24 -13.13
N VAL C 835 1.01 -25.97 -14.35
CA VAL C 835 1.65 -24.93 -15.16
C VAL C 835 1.29 -23.56 -14.58
N GLY C 836 2.22 -22.97 -13.84
CA GLY C 836 2.03 -21.65 -13.29
C GLY C 836 2.68 -21.53 -11.94
N ASP C 837 2.91 -22.68 -11.30
CA ASP C 837 3.50 -22.65 -9.97
C ASP C 837 4.95 -22.20 -10.05
N LYS C 838 5.46 -21.72 -8.92
CA LYS C 838 6.78 -21.11 -8.87
C LYS C 838 7.77 -22.12 -8.32
N LEU C 839 8.91 -22.26 -8.99
CA LEU C 839 10.02 -23.04 -8.51
C LEU C 839 11.24 -22.15 -8.29
N ALA C 840 12.11 -22.58 -7.39
CA ALA C 840 13.29 -21.81 -7.07
C ALA C 840 14.34 -22.73 -6.52
N ASN C 841 15.60 -22.26 -6.58
CA ASN C 841 16.74 -22.97 -6.02
C ASN C 841 17.45 -22.10 -4.99
N ARG C 842 18.36 -22.67 -4.31
CA ARG C 842 18.92 -21.83 -3.27
C ARG C 842 19.79 -20.76 -3.78
N HIS C 843 19.91 -20.42 -5.04
CA HIS C 843 20.85 -19.38 -5.43
C HIS C 843 20.16 -18.15 -5.97
N GLY C 844 18.83 -18.13 -5.98
CA GLY C 844 18.07 -17.05 -6.57
C GLY C 844 17.56 -17.30 -7.97
N ASN C 845 17.86 -18.46 -8.56
CA ASN C 845 17.14 -18.82 -9.77
C ASN C 845 15.69 -19.10 -9.37
N LYS C 846 14.79 -18.27 -9.83
CA LYS C 846 13.38 -18.50 -9.56
C LYS C 846 12.67 -18.41 -10.88
N GLY C 847 11.64 -19.26 -11.06
CA GLY C 847 10.84 -19.15 -12.27
C GLY C 847 9.56 -19.96 -12.19
N VAL C 848 8.64 -19.65 -13.12
CA VAL C 848 7.34 -20.29 -13.21
C VAL C 848 7.41 -21.48 -14.17
N VAL C 849 6.75 -22.57 -13.81
CA VAL C 849 6.65 -23.72 -14.69
C VAL C 849 5.84 -23.28 -15.92
N ALA C 850 6.48 -23.15 -17.07
CA ALA C 850 5.76 -22.63 -18.25
C ALA C 850 5.29 -23.73 -19.18
N LYS C 851 5.71 -24.99 -18.95
CA LYS C 851 5.48 -26.06 -19.90
C LYS C 851 5.89 -27.38 -19.29
N ILE C 852 5.03 -28.38 -19.47
CA ILE C 852 5.35 -29.76 -19.07
C ILE C 852 5.33 -30.67 -20.31
N LEU C 853 6.50 -30.90 -20.90
CA LEU C 853 6.63 -31.85 -22.00
C LEU C 853 6.45 -33.28 -21.51
N PRO C 854 5.91 -34.15 -22.36
CA PRO C 854 5.97 -35.59 -22.07
C PRO C 854 7.34 -36.17 -22.37
N VAL C 855 7.73 -37.18 -21.59
CA VAL C 855 9.12 -37.65 -21.49
C VAL C 855 9.75 -37.91 -22.85
N GLU C 856 8.95 -38.31 -23.83
CA GLU C 856 9.48 -38.48 -25.18
C GLU C 856 9.98 -37.18 -25.82
N ASP C 857 9.81 -35.99 -25.18
CA ASP C 857 10.34 -34.74 -25.73
C ASP C 857 11.51 -34.18 -24.94
N MET C 858 11.74 -34.68 -23.76
CA MET C 858 12.81 -34.17 -22.92
C MET C 858 14.17 -34.50 -23.53
N PRO C 859 15.09 -33.54 -23.60
CA PRO C 859 16.50 -33.91 -23.83
C PRO C 859 16.87 -35.03 -22.87
N HIS C 860 17.77 -35.91 -23.33
CA HIS C 860 18.12 -37.14 -22.63
C HIS C 860 19.55 -37.54 -22.96
N LEU C 861 20.11 -38.35 -22.07
CA LEU C 861 21.47 -38.80 -22.28
C LEU C 861 21.53 -40.03 -23.19
N PRO C 862 22.72 -40.35 -23.74
CA PRO C 862 22.80 -41.48 -24.66
C PRO C 862 22.17 -42.73 -24.11
N ASP C 863 22.29 -42.94 -22.80
CA ASP C 863 21.83 -44.20 -22.23
C ASP C 863 20.37 -44.16 -21.84
N GLY C 864 19.56 -43.34 -22.54
CA GLY C 864 18.10 -43.44 -22.51
C GLY C 864 17.39 -42.59 -21.48
N THR C 865 18.13 -42.00 -20.54
CA THR C 865 17.63 -41.29 -19.37
C THR C 865 17.18 -39.88 -19.74
N PRO C 866 15.94 -39.48 -19.41
CA PRO C 866 15.49 -38.12 -19.73
C PRO C 866 15.72 -37.18 -18.56
N VAL C 867 16.06 -35.93 -18.91
CA VAL C 867 16.20 -34.91 -17.86
C VAL C 867 14.82 -34.55 -17.28
N ASP C 868 14.82 -33.85 -16.14
CA ASP C 868 13.59 -33.43 -15.46
C ASP C 868 13.29 -31.95 -15.65
N VAL C 869 14.30 -31.10 -15.60
CA VAL C 869 14.15 -29.65 -15.67
C VAL C 869 15.12 -29.13 -16.72
N ILE C 870 14.63 -28.28 -17.60
CA ILE C 870 15.47 -27.56 -18.55
C ILE C 870 15.46 -26.11 -18.10
N LEU C 871 16.47 -25.71 -17.33
CA LEU C 871 16.65 -24.29 -17.06
C LEU C 871 17.33 -23.64 -18.26
N ASN C 872 17.35 -22.31 -18.28
CA ASN C 872 17.89 -21.59 -19.44
C ASN C 872 19.15 -20.82 -19.07
N PRO C 873 20.25 -20.98 -19.80
CA PRO C 873 21.51 -20.37 -19.36
C PRO C 873 21.46 -18.86 -19.31
N LEU C 874 20.54 -18.23 -20.04
CA LEU C 874 20.43 -16.77 -20.00
C LEU C 874 20.13 -16.25 -18.59
N GLY C 875 19.74 -17.13 -17.68
CA GLY C 875 19.57 -16.71 -16.30
C GLY C 875 20.89 -16.35 -15.64
N VAL C 876 21.95 -17.10 -15.95
CA VAL C 876 23.18 -17.02 -15.17
C VAL C 876 24.03 -15.79 -15.43
N PRO C 877 24.30 -15.41 -16.64
CA PRO C 877 25.31 -14.37 -16.83
C PRO C 877 24.92 -13.09 -16.10
N SER C 878 23.78 -12.48 -16.44
CA SER C 878 23.51 -11.15 -15.86
C SER C 878 23.16 -11.24 -14.39
N ARG C 879 22.72 -12.42 -13.97
CA ARG C 879 22.33 -12.69 -12.56
C ARG C 879 23.54 -12.90 -11.67
N MET C 880 24.64 -13.47 -12.20
CA MET C 880 25.93 -13.55 -11.51
C MET C 880 25.95 -14.53 -10.34
N ASN C 881 25.01 -15.48 -10.28
CA ASN C 881 24.94 -16.44 -9.17
C ASN C 881 25.47 -17.78 -9.70
N LEU C 882 26.80 -17.94 -9.62
CA LEU C 882 27.51 -19.09 -10.19
C LEU C 882 27.40 -20.36 -9.35
N GLY C 883 27.04 -20.23 -8.07
CA GLY C 883 26.91 -21.43 -7.23
C GLY C 883 26.05 -22.50 -7.87
N GLN C 884 24.89 -22.12 -8.38
CA GLN C 884 24.02 -23.13 -8.95
C GLN C 884 24.70 -23.84 -10.10
N ILE C 885 25.76 -23.25 -10.65
CA ILE C 885 26.54 -23.92 -11.67
C ILE C 885 27.37 -25.03 -11.04
N LEU C 886 28.21 -24.70 -10.07
CA LEU C 886 28.95 -25.72 -9.33
C LEU C 886 28.00 -26.76 -8.72
N GLU C 887 26.91 -26.32 -8.10
CA GLU C 887 26.00 -27.26 -7.44
C GLU C 887 25.50 -28.32 -8.41
N THR C 888 25.39 -28.00 -9.69
CA THR C 888 25.02 -29.05 -10.65
C THR C 888 26.18 -30.01 -10.90
N HIS C 889 27.37 -29.47 -11.18
CA HIS C 889 28.53 -30.29 -11.50
C HIS C 889 28.77 -31.35 -10.42
N LEU C 890 28.93 -30.92 -9.17
CA LEU C 890 29.06 -31.87 -8.07
C LEU C 890 27.79 -32.70 -7.90
N GLY C 891 26.67 -32.25 -8.50
CA GLY C 891 25.48 -33.07 -8.54
C GLY C 891 25.56 -34.16 -9.56
N LEU C 892 26.23 -33.88 -10.68
CA LEU C 892 26.53 -34.89 -11.70
C LEU C 892 27.25 -36.09 -11.11
N ALA C 893 28.45 -35.86 -10.59
CA ALA C 893 29.21 -36.88 -9.88
C ALA C 893 28.30 -37.64 -8.93
N GLY C 894 27.71 -36.94 -7.96
CA GLY C 894 26.90 -37.63 -6.99
C GLY C 894 25.87 -38.53 -7.63
N TYR C 895 25.37 -38.15 -8.79
CA TYR C 895 24.26 -38.88 -9.37
C TYR C 895 24.69 -40.27 -9.79
N PHE C 896 25.91 -40.42 -10.27
CA PHE C 896 26.42 -41.70 -10.77
C PHE C 896 27.24 -42.47 -9.74
N LEU C 897 27.86 -41.79 -8.78
CA LEU C 897 28.45 -42.51 -7.66
C LEU C 897 27.41 -42.98 -6.65
N GLY C 898 26.25 -42.32 -6.63
CA GLY C 898 25.28 -42.54 -5.58
C GLY C 898 25.65 -41.89 -4.27
N GLN C 899 26.14 -40.65 -4.30
CA GLN C 899 26.60 -39.94 -3.12
C GLN C 899 25.90 -38.60 -2.97
N ARG C 900 25.77 -38.16 -1.72
CA ARG C 900 25.47 -36.78 -1.36
C ARG C 900 26.71 -36.17 -0.72
N TYR C 901 26.79 -34.84 -0.69
CA TYR C 901 27.96 -34.12 -0.21
C TYR C 901 27.59 -33.03 0.79
N ILE C 902 28.55 -32.68 1.63
CA ILE C 902 28.42 -31.60 2.60
C ILE C 902 29.54 -30.61 2.27
N SER C 903 29.19 -29.51 1.60
CA SER C 903 30.20 -28.52 1.21
C SER C 903 30.08 -27.29 2.09
N PRO C 904 30.91 -27.14 3.12
CA PRO C 904 30.74 -26.02 4.05
C PRO C 904 30.95 -24.67 3.38
N ILE C 905 30.03 -23.75 3.64
CA ILE C 905 30.06 -22.36 3.20
C ILE C 905 31.44 -21.77 3.33
N PHE C 906 32.00 -21.23 2.25
CA PHE C 906 33.26 -20.52 2.30
C PHE C 906 34.42 -21.44 2.68
N ASP C 907 34.13 -22.69 2.98
CA ASP C 907 35.14 -23.67 3.34
C ASP C 907 34.71 -25.02 2.78
N GLY C 908 34.35 -25.03 1.48
CA GLY C 908 33.75 -26.19 0.87
C GLY C 908 34.68 -26.95 -0.06
N ALA C 909 34.07 -27.70 -0.97
CA ALA C 909 34.80 -28.40 -2.01
C ALA C 909 35.13 -27.42 -3.12
N LYS C 910 36.40 -27.37 -3.51
CA LYS C 910 36.88 -26.52 -4.59
C LYS C 910 36.97 -27.31 -5.89
N GLU C 911 37.29 -26.60 -6.99
CA GLU C 911 37.14 -27.15 -8.34
C GLU C 911 37.93 -28.43 -8.57
N PRO C 912 39.20 -28.52 -8.18
CA PRO C 912 39.92 -29.78 -8.37
C PRO C 912 39.22 -30.90 -7.60
N GLU C 913 39.00 -30.72 -6.30
CA GLU C 913 38.39 -31.78 -5.50
C GLU C 913 37.16 -32.35 -6.19
N ILE C 914 36.49 -31.55 -6.99
CA ILE C 914 35.21 -31.94 -7.55
C ILE C 914 35.36 -32.52 -8.93
N LYS C 915 36.22 -31.92 -9.76
CA LYS C 915 36.59 -32.56 -11.04
C LYS C 915 37.17 -33.95 -10.81
N GLU C 916 37.84 -34.15 -9.66
CA GLU C 916 38.19 -35.49 -9.23
C GLU C 916 36.97 -36.40 -9.22
N LEU C 917 35.89 -35.95 -8.56
CA LEU C 917 34.69 -36.78 -8.40
C LEU C 917 34.00 -37.04 -9.72
N LEU C 918 34.13 -36.12 -10.67
CA LEU C 918 33.53 -36.31 -11.98
C LEU C 918 34.26 -37.40 -12.76
N ALA C 919 35.59 -37.39 -12.76
CA ALA C 919 36.32 -38.51 -13.34
C ALA C 919 35.71 -39.83 -12.84
N GLN C 920 35.73 -40.02 -11.52
CA GLN C 920 35.23 -41.25 -10.91
C GLN C 920 33.81 -41.59 -11.34
N ALA C 921 33.01 -40.58 -11.69
CA ALA C 921 31.68 -40.88 -12.21
C ALA C 921 31.75 -41.32 -13.67
N PHE C 922 32.49 -40.57 -14.48
CA PHE C 922 32.64 -40.93 -15.88
C PHE C 922 32.84 -42.44 -16.05
N GLU C 923 33.72 -43.01 -15.23
CA GLU C 923 33.98 -44.44 -15.26
C GLU C 923 32.69 -45.24 -15.22
N VAL C 924 31.76 -44.86 -14.36
CA VAL C 924 30.54 -45.64 -14.19
C VAL C 924 29.63 -45.46 -15.38
N TYR C 925 29.58 -44.24 -15.93
CA TYR C 925 28.61 -43.88 -16.95
C TYR C 925 28.97 -44.42 -18.32
N PHE C 926 30.27 -44.54 -18.60
CA PHE C 926 30.80 -44.96 -19.89
C PHE C 926 31.46 -46.33 -19.87
N GLY C 927 32.23 -46.65 -18.83
CA GLY C 927 32.85 -47.97 -18.74
C GLY C 927 31.82 -49.08 -18.63
N LYS C 928 30.76 -48.85 -17.86
CA LYS C 928 29.56 -49.68 -17.93
C LYS C 928 29.26 -49.98 -19.39
N ARG C 929 29.39 -48.98 -20.25
CA ARG C 929 29.03 -49.08 -21.66
C ARG C 929 29.99 -49.92 -22.50
N LYS C 930 31.26 -49.48 -22.66
CA LYS C 930 32.13 -50.08 -23.68
C LYS C 930 32.43 -51.55 -23.35
N GLY C 931 31.82 -52.03 -22.27
CA GLY C 931 31.81 -53.44 -21.94
C GLY C 931 30.48 -54.09 -22.23
N GLU C 932 29.36 -53.39 -22.00
CA GLU C 932 28.01 -53.97 -22.21
C GLU C 932 27.72 -54.26 -23.68
N GLY C 933 28.73 -54.05 -24.53
CA GLY C 933 28.64 -54.44 -25.92
C GLY C 933 28.48 -53.31 -26.91
N PHE C 934 28.73 -52.06 -26.51
CA PHE C 934 28.51 -50.90 -27.38
C PHE C 934 29.73 -49.97 -27.31
N GLY C 935 30.01 -49.32 -28.42
CA GLY C 935 31.16 -48.46 -28.50
C GLY C 935 30.74 -47.02 -28.45
N VAL C 936 31.56 -46.14 -29.03
CA VAL C 936 31.11 -44.76 -29.20
C VAL C 936 29.99 -44.71 -30.23
N ASP C 937 29.18 -43.66 -30.14
CA ASP C 937 27.99 -43.53 -30.97
C ASP C 937 28.24 -42.48 -32.06
N LYS C 938 27.55 -42.65 -33.19
CA LYS C 938 27.86 -41.81 -34.33
C LYS C 938 27.57 -40.34 -34.05
N ARG C 939 26.52 -40.03 -33.29
CA ARG C 939 26.22 -38.64 -32.98
C ARG C 939 27.22 -38.05 -31.97
N GLU C 940 27.64 -38.84 -30.98
CA GLU C 940 28.65 -38.37 -30.02
C GLU C 940 29.93 -37.87 -30.73
N VAL C 941 30.24 -38.42 -31.90
CA VAL C 941 31.36 -37.86 -32.65
C VAL C 941 31.00 -36.52 -33.26
N GLU C 942 29.87 -36.44 -33.98
CA GLU C 942 29.52 -35.18 -34.61
C GLU C 942 29.56 -34.05 -33.58
N VAL C 943 29.13 -34.32 -32.34
CA VAL C 943 29.22 -33.32 -31.29
C VAL C 943 30.69 -33.08 -30.93
N LEU C 944 31.44 -34.17 -30.75
CA LEU C 944 32.87 -34.04 -30.44
C LEU C 944 33.61 -33.26 -31.51
N ARG C 945 33.27 -33.50 -32.78
CA ARG C 945 33.75 -32.62 -33.84
C ARG C 945 33.54 -31.16 -33.46
N ARG C 946 32.33 -30.79 -33.04
CA ARG C 946 32.06 -29.40 -32.68
C ARG C 946 32.83 -28.99 -31.43
N ALA C 947 32.73 -29.77 -30.37
CA ALA C 947 33.47 -29.44 -29.16
C ALA C 947 34.92 -29.06 -29.48
N GLU C 948 35.51 -29.72 -30.49
CA GLU C 948 36.90 -29.41 -30.85
C GLU C 948 37.02 -28.03 -31.46
N LYS C 949 36.08 -27.65 -32.33
CA LYS C 949 36.11 -26.28 -32.84
C LYS C 949 35.98 -25.28 -31.70
N LEU C 950 35.21 -25.64 -30.68
CA LEU C 950 35.05 -24.77 -29.54
C LEU C 950 36.32 -24.72 -28.72
N GLY C 951 36.88 -25.87 -28.42
CA GLY C 951 38.06 -25.83 -27.61
C GLY C 951 37.84 -26.54 -26.31
N LEU C 952 36.75 -27.30 -26.21
CA LEU C 952 36.48 -28.04 -24.99
C LEU C 952 37.33 -29.29 -24.86
N VAL C 953 37.86 -29.82 -25.97
CA VAL C 953 38.55 -31.10 -26.02
C VAL C 953 39.83 -30.99 -26.81
N THR C 954 40.82 -31.84 -26.45
CA THR C 954 42.13 -31.86 -27.11
C THR C 954 42.08 -32.72 -28.38
N PRO C 955 42.35 -32.17 -29.56
CA PRO C 955 42.12 -32.92 -30.79
C PRO C 955 43.15 -34.02 -30.96
N GLY C 956 42.71 -35.14 -31.55
CA GLY C 956 43.54 -36.30 -31.66
C GLY C 956 43.62 -37.00 -30.33
N LYS C 957 42.45 -37.47 -29.84
CA LYS C 957 42.40 -38.30 -28.65
C LYS C 957 41.22 -39.23 -28.81
N THR C 958 41.32 -40.43 -28.25
CA THR C 958 40.21 -41.35 -28.35
C THR C 958 38.93 -40.66 -27.87
N PRO C 959 37.83 -40.84 -28.55
CA PRO C 959 36.54 -40.39 -28.03
C PRO C 959 36.38 -40.55 -26.52
N GLU C 960 36.69 -41.73 -25.95
CA GLU C 960 36.60 -41.85 -24.49
C GLU C 960 37.41 -40.74 -23.81
N GLU C 961 38.66 -40.54 -24.27
CA GLU C 961 39.49 -39.45 -23.74
C GLU C 961 38.76 -38.11 -23.80
N GLN C 962 38.09 -37.82 -24.91
CA GLN C 962 37.42 -36.54 -25.06
C GLN C 962 36.15 -36.46 -24.23
N LEU C 963 35.31 -37.50 -24.29
CA LEU C 963 34.11 -37.48 -23.48
C LEU C 963 34.48 -37.33 -22.01
N LYS C 964 35.46 -38.08 -21.54
CA LYS C 964 36.09 -37.78 -20.26
C LYS C 964 36.33 -36.28 -20.10
N GLU C 965 36.95 -35.64 -21.11
CA GLU C 965 37.32 -34.24 -20.93
C GLU C 965 36.10 -33.34 -20.82
N LEU C 966 35.06 -33.62 -21.62
CA LEU C 966 33.82 -32.87 -21.53
C LEU C 966 33.17 -33.06 -20.18
N PHE C 967 33.06 -34.32 -19.74
CA PHE C 967 32.47 -34.61 -18.44
C PHE C 967 33.05 -33.71 -17.35
N LEU C 968 34.36 -33.79 -17.13
CA LEU C 968 35.03 -32.95 -16.11
C LEU C 968 34.69 -31.46 -16.25
N GLN C 969 34.35 -31.00 -17.44
CA GLN C 969 33.73 -29.69 -17.57
C GLN C 969 32.24 -29.74 -17.27
N GLY C 970 31.77 -30.86 -16.72
CA GLY C 970 30.39 -30.99 -16.32
C GLY C 970 29.43 -31.07 -17.48
N LYS C 971 29.93 -31.34 -18.68
CA LYS C 971 29.12 -31.31 -19.89
C LYS C 971 28.97 -32.72 -20.47
N VAL C 972 27.81 -33.00 -21.05
CA VAL C 972 27.51 -34.32 -21.59
C VAL C 972 26.82 -34.18 -22.93
N VAL C 973 26.76 -35.27 -23.68
CA VAL C 973 26.06 -35.26 -24.96
C VAL C 973 24.58 -35.44 -24.68
N LEU C 974 23.75 -34.72 -25.43
CA LEU C 974 22.32 -34.73 -25.16
C LEU C 974 21.60 -34.91 -26.49
N TYR C 975 20.67 -35.86 -26.56
CA TYR C 975 19.91 -36.07 -27.79
C TYR C 975 18.55 -35.43 -27.62
N ASP C 976 18.15 -34.61 -28.58
CA ASP C 976 16.79 -34.11 -28.59
C ASP C 976 15.83 -35.28 -28.82
N GLY C 977 14.86 -35.43 -27.91
CA GLY C 977 13.91 -36.52 -28.00
C GLY C 977 12.90 -36.36 -29.10
N ARG C 978 12.81 -35.17 -29.69
CA ARG C 978 11.90 -34.91 -30.80
C ARG C 978 12.47 -35.38 -32.14
N THR C 979 13.77 -35.64 -32.19
CA THR C 979 14.43 -36.01 -33.44
C THR C 979 15.39 -37.17 -33.32
N GLY C 980 15.91 -37.45 -32.13
CA GLY C 980 17.05 -38.33 -31.99
C GLY C 980 18.37 -37.66 -32.31
N GLU C 981 18.36 -36.57 -33.07
CA GLU C 981 19.58 -35.88 -33.42
C GLU C 981 20.18 -35.24 -32.17
N PRO C 982 21.50 -35.10 -32.10
CA PRO C 982 22.11 -34.60 -30.87
C PRO C 982 22.07 -33.09 -30.78
N ILE C 983 22.17 -32.59 -29.56
CA ILE C 983 22.30 -31.14 -29.43
C ILE C 983 23.65 -30.76 -30.02
N GLU C 984 23.64 -29.84 -30.99
CA GLU C 984 24.87 -29.49 -31.69
C GLU C 984 26.04 -29.33 -30.72
N GLY C 985 25.75 -29.05 -29.45
CA GLY C 985 26.79 -28.88 -28.47
C GLY C 985 26.74 -29.82 -27.29
N PRO C 986 27.78 -29.81 -26.51
CA PRO C 986 27.75 -30.51 -25.24
C PRO C 986 27.22 -29.58 -24.14
N ILE C 987 26.23 -30.11 -23.43
CA ILE C 987 25.38 -29.38 -22.49
C ILE C 987 25.87 -29.60 -21.05
N VAL C 988 25.56 -28.67 -20.16
CA VAL C 988 25.74 -28.88 -18.73
C VAL C 988 24.52 -29.64 -18.21
N VAL C 989 24.73 -30.84 -17.67
CA VAL C 989 23.64 -31.60 -17.08
C VAL C 989 24.08 -32.11 -15.71
N GLY C 990 23.22 -31.90 -14.71
CA GLY C 990 23.54 -32.27 -13.36
C GLY C 990 22.34 -32.36 -12.43
N GLN C 991 22.65 -32.42 -11.14
CA GLN C 991 21.66 -32.68 -10.11
C GLN C 991 21.52 -31.45 -9.24
N MET C 992 20.30 -30.92 -9.15
CA MET C 992 20.03 -29.65 -8.51
C MET C 992 18.99 -29.82 -7.42
N PHE C 993 19.13 -28.99 -6.38
CA PHE C 993 18.13 -28.85 -5.35
C PHE C 993 17.21 -27.71 -5.71
N ILE C 994 15.91 -28.01 -5.84
CA ILE C 994 14.94 -27.05 -6.34
C ILE C 994 13.62 -27.20 -5.58
N MET C 995 13.19 -26.13 -4.88
CA MET C 995 12.00 -26.14 -4.05
C MET C 995 10.76 -25.71 -4.83
N LYS C 996 9.60 -26.16 -4.37
CA LYS C 996 8.34 -25.62 -4.85
C LYS C 996 7.97 -24.46 -3.95
N LEU C 997 7.84 -23.27 -4.51
CA LEU C 997 7.52 -22.13 -3.68
C LEU C 997 6.02 -22.12 -3.35
N TYR C 998 5.65 -21.23 -2.43
CA TYR C 998 4.29 -21.18 -1.93
C TYR C 998 3.29 -20.55 -2.91
N HIS C 999 3.76 -19.95 -4.01
CA HIS C 999 2.93 -19.10 -4.86
C HIS C 999 2.43 -19.87 -6.07
N MET C 1000 1.24 -20.46 -5.96
CA MET C 1000 0.75 -21.38 -6.98
C MET C 1000 -0.44 -20.79 -7.71
N VAL C 1001 -0.52 -21.02 -9.02
CA VAL C 1001 -1.58 -20.46 -9.84
C VAL C 1001 -2.91 -20.71 -9.19
N GLU C 1002 -3.08 -21.91 -8.64
CA GLU C 1002 -4.35 -22.27 -8.02
C GLU C 1002 -4.82 -21.20 -7.00
N ASP C 1003 -3.89 -20.63 -6.23
CA ASP C 1003 -4.26 -19.63 -5.23
C ASP C 1003 -4.44 -18.25 -5.81
N LYS C 1004 -4.09 -18.01 -7.08
CA LYS C 1004 -4.12 -16.66 -7.62
C LYS C 1004 -4.91 -16.45 -8.90
N MET C 1005 -5.47 -17.46 -9.53
CA MET C 1005 -6.32 -17.14 -10.66
C MET C 1005 -7.62 -16.59 -10.12
N HIS C 1006 -8.10 -15.51 -10.71
CA HIS C 1006 -9.35 -14.94 -10.23
C HIS C 1006 -9.96 -14.10 -11.35
N ALA C 1007 -11.28 -14.11 -11.42
CA ALA C 1007 -11.95 -13.23 -12.37
C ALA C 1007 -13.39 -13.06 -11.95
N ARG C 1008 -13.92 -11.89 -12.26
CA ARG C 1008 -15.29 -11.52 -11.98
C ARG C 1008 -15.88 -10.83 -13.19
N SER C 1009 -17.10 -11.24 -13.53
CA SER C 1009 -17.93 -10.44 -14.42
C SER C 1009 -18.54 -9.27 -13.66
N THR C 1010 -19.35 -9.55 -12.62
CA THR C 1010 -19.93 -8.58 -11.65
C THR C 1010 -20.13 -9.25 -10.30
N GLY C 1011 -19.96 -8.47 -9.23
CA GLY C 1011 -20.08 -8.98 -7.88
C GLY C 1011 -20.44 -7.94 -6.82
N PRO C 1012 -19.94 -8.14 -5.58
CA PRO C 1012 -20.13 -7.16 -4.51
C PRO C 1012 -19.78 -5.71 -4.91
N TYR C 1013 -20.46 -4.76 -4.29
CA TYR C 1013 -20.05 -3.36 -4.38
C TYR C 1013 -19.88 -2.75 -3.00
N SER C 1014 -19.34 -1.54 -2.95
CA SER C 1014 -18.98 -0.87 -1.71
C SER C 1014 -20.11 0.05 -1.28
N LEU C 1015 -20.35 0.13 0.03
CA LEU C 1015 -21.47 0.91 0.57
C LEU C 1015 -21.51 2.34 0.02
N ILE C 1016 -20.48 3.14 0.26
CA ILE C 1016 -20.66 4.55 -0.03
C ILE C 1016 -20.37 4.89 -1.48
N THR C 1017 -19.48 4.11 -2.14
CA THR C 1017 -19.01 4.41 -3.50
C THR C 1017 -19.72 3.63 -4.59
N GLN C 1018 -20.35 2.51 -4.28
CA GLN C 1018 -20.91 1.60 -5.27
C GLN C 1018 -19.88 1.21 -6.33
N GLN C 1019 -18.61 1.28 -5.99
CA GLN C 1019 -17.60 0.67 -6.83
C GLN C 1019 -17.34 -0.75 -6.35
N PRO C 1020 -16.89 -1.64 -7.23
CA PRO C 1020 -16.74 -3.05 -6.85
C PRO C 1020 -15.76 -3.25 -5.70
N LEU C 1021 -16.06 -4.23 -4.84
CA LEU C 1021 -15.10 -4.63 -3.81
C LEU C 1021 -13.78 -5.08 -4.41
N GLY C 1022 -12.79 -5.36 -3.57
CA GLY C 1022 -11.46 -5.74 -4.02
C GLY C 1022 -10.86 -6.92 -3.31
N GLY C 1023 -10.14 -7.77 -4.03
CA GLY C 1023 -9.59 -8.95 -3.39
C GLY C 1023 -10.27 -10.24 -3.83
N LYS C 1024 -9.45 -11.28 -4.06
CA LYS C 1024 -9.98 -12.54 -4.54
C LYS C 1024 -11.12 -13.03 -3.65
N ALA C 1025 -10.97 -12.85 -2.33
CA ALA C 1025 -11.89 -13.49 -1.39
C ALA C 1025 -13.24 -12.79 -1.33
N GLN C 1026 -13.26 -11.50 -1.59
CA GLN C 1026 -14.53 -10.80 -1.68
C GLN C 1026 -15.19 -11.02 -3.03
N PHE C 1027 -14.50 -11.68 -3.92
CA PHE C 1027 -14.90 -11.74 -5.31
C PHE C 1027 -14.74 -10.39 -5.97
N GLY C 1028 -13.52 -9.85 -5.85
CA GLY C 1028 -13.15 -8.49 -6.19
C GLY C 1028 -13.42 -8.01 -7.60
N GLY C 1029 -13.06 -6.75 -7.82
CA GLY C 1029 -12.86 -6.16 -9.12
C GLY C 1029 -11.39 -5.77 -9.22
N GLN C 1030 -10.91 -5.55 -10.40
CA GLN C 1030 -9.50 -5.20 -10.49
C GLN C 1030 -9.39 -3.69 -10.41
N ARG C 1031 -8.55 -3.20 -9.49
CA ARG C 1031 -8.38 -1.76 -9.40
C ARG C 1031 -7.74 -1.22 -10.67
N PHE C 1032 -8.48 -0.41 -11.43
CA PHE C 1032 -7.97 0.29 -12.61
C PHE C 1032 -7.56 1.70 -12.18
N GLY C 1033 -6.24 1.86 -11.85
CA GLY C 1033 -5.76 3.05 -11.17
C GLY C 1033 -5.41 4.24 -12.09
N GLU C 1034 -5.17 5.38 -11.43
CA GLU C 1034 -4.69 6.61 -12.07
C GLU C 1034 -3.73 6.26 -13.19
N MET C 1035 -2.83 5.31 -12.94
CA MET C 1035 -1.81 4.99 -13.92
C MET C 1035 -2.40 4.20 -15.10
N GLU C 1036 -3.31 3.27 -14.82
CA GLU C 1036 -4.05 2.61 -15.90
C GLU C 1036 -4.91 3.59 -16.68
N VAL C 1037 -5.55 4.54 -16.01
CA VAL C 1037 -6.33 5.53 -16.75
C VAL C 1037 -5.43 6.29 -17.71
N TRP C 1038 -4.29 6.78 -17.21
CA TRP C 1038 -3.31 7.38 -18.10
C TRP C 1038 -3.12 6.52 -19.34
N ALA C 1039 -2.81 5.25 -19.14
CA ALA C 1039 -2.57 4.34 -20.26
C ALA C 1039 -3.66 4.53 -21.32
N LEU C 1040 -4.91 4.20 -20.97
CA LEU C 1040 -6.01 4.36 -21.91
C LEU C 1040 -6.03 5.77 -22.48
N GLU C 1041 -5.78 6.77 -21.62
CA GLU C 1041 -5.75 8.13 -22.11
C GLU C 1041 -4.76 8.27 -23.25
N ALA C 1042 -3.52 7.80 -23.05
CA ALA C 1042 -2.51 7.99 -24.08
C ALA C 1042 -2.91 7.30 -25.39
N TYR C 1043 -3.54 6.11 -25.29
CA TYR C 1043 -4.10 5.47 -26.48
C TYR C 1043 -5.22 6.28 -27.10
N GLY C 1044 -5.91 7.09 -26.31
CA GLY C 1044 -7.10 7.73 -26.82
C GLY C 1044 -8.33 6.86 -26.88
N ALA C 1045 -8.36 5.76 -26.14
CA ALA C 1045 -9.56 4.92 -26.07
C ALA C 1045 -10.65 5.51 -25.17
N ALA C 1046 -11.20 6.66 -25.59
CA ALA C 1046 -12.18 7.34 -24.75
C ALA C 1046 -13.32 6.41 -24.35
N HIS C 1047 -13.81 5.61 -25.29
CA HIS C 1047 -14.96 4.79 -24.96
C HIS C 1047 -14.58 3.63 -24.06
N THR C 1048 -13.36 3.15 -24.18
CA THR C 1048 -12.95 2.04 -23.33
C THR C 1048 -12.69 2.51 -21.92
N LEU C 1049 -12.18 3.74 -21.81
CA LEU C 1049 -11.94 4.33 -20.50
C LEU C 1049 -13.25 4.70 -19.83
N GLN C 1050 -14.06 5.50 -20.50
CA GLN C 1050 -15.39 5.82 -20.00
C GLN C 1050 -16.07 4.56 -19.48
N GLU C 1051 -16.11 3.51 -20.30
CA GLU C 1051 -16.64 2.23 -19.84
C GLU C 1051 -16.09 1.89 -18.48
N MET C 1052 -14.76 1.87 -18.36
CA MET C 1052 -14.15 1.55 -17.08
C MET C 1052 -14.70 2.46 -15.98
N LEU C 1053 -14.96 3.73 -16.31
CA LEU C 1053 -15.34 4.72 -15.30
C LEU C 1053 -16.85 4.80 -15.08
N THR C 1054 -17.68 4.19 -15.95
CA THR C 1054 -19.11 4.09 -15.64
C THR C 1054 -19.68 2.69 -15.56
N LEU C 1055 -19.90 1.98 -16.68
CA LEU C 1055 -20.67 0.73 -16.63
C LEU C 1055 -19.94 -0.42 -15.96
N LYS C 1056 -18.63 -0.36 -15.95
CA LYS C 1056 -17.87 -1.40 -15.28
C LYS C 1056 -17.62 -1.12 -13.81
N SER C 1057 -17.86 0.10 -13.31
CA SER C 1057 -17.57 0.35 -11.90
C SER C 1057 -18.80 0.72 -11.08
N ASP C 1058 -19.37 1.93 -11.25
CA ASP C 1058 -20.35 2.44 -10.29
C ASP C 1058 -21.43 3.33 -10.93
N ASP C 1059 -21.64 3.24 -12.24
CA ASP C 1059 -22.72 3.93 -12.91
C ASP C 1059 -23.95 3.02 -12.82
N ILE C 1060 -24.45 2.92 -11.58
CA ILE C 1060 -25.49 2.00 -11.15
C ILE C 1060 -26.56 1.88 -12.21
N GLU C 1061 -27.00 3.01 -12.74
CA GLU C 1061 -27.99 3.00 -13.83
C GLU C 1061 -27.47 2.20 -15.04
N GLY C 1062 -26.46 2.72 -15.75
CA GLY C 1062 -25.98 2.05 -16.95
C GLY C 1062 -25.28 0.73 -16.71
N ARG C 1063 -24.90 0.45 -15.45
CA ARG C 1063 -24.32 -0.84 -15.10
C ARG C 1063 -25.38 -1.93 -15.18
N ASN C 1064 -26.41 -1.83 -14.34
CA ASN C 1064 -27.61 -2.64 -14.49
C ASN C 1064 -28.09 -2.66 -15.95
N ALA C 1065 -28.07 -1.50 -16.62
CA ALA C 1065 -28.58 -1.41 -17.98
C ALA C 1065 -27.77 -2.28 -18.93
N ALA C 1066 -26.46 -2.30 -18.75
CA ALA C 1066 -25.54 -3.06 -19.59
C ALA C 1066 -25.80 -4.56 -19.44
N TYR C 1067 -25.56 -5.12 -18.25
CA TYR C 1067 -25.73 -6.56 -18.07
C TYR C 1067 -27.08 -7.04 -18.60
N GLU C 1068 -28.11 -6.23 -18.48
CA GLU C 1068 -29.35 -6.58 -19.16
C GLU C 1068 -29.13 -6.58 -20.69
N ALA C 1069 -28.32 -5.65 -21.19
CA ALA C 1069 -28.10 -5.58 -22.64
C ALA C 1069 -27.33 -6.81 -23.14
N ILE C 1070 -26.39 -7.32 -22.36
CA ILE C 1070 -25.63 -8.46 -22.86
C ILE C 1070 -26.52 -9.68 -22.92
N ILE C 1071 -27.13 -10.06 -21.79
CA ILE C 1071 -27.98 -11.24 -21.75
C ILE C 1071 -29.15 -11.14 -22.72
N LYS C 1072 -29.46 -9.94 -23.20
CA LYS C 1072 -30.48 -9.74 -24.22
C LYS C 1072 -29.88 -9.64 -25.61
N GLY C 1073 -28.56 -9.77 -25.74
CA GLY C 1073 -27.91 -9.69 -27.02
C GLY C 1073 -27.89 -8.32 -27.66
N GLU C 1074 -27.88 -7.26 -26.86
CA GLU C 1074 -27.87 -5.90 -27.39
C GLU C 1074 -26.56 -5.21 -27.04
N ASP C 1075 -26.21 -4.20 -27.83
CA ASP C 1075 -25.04 -3.41 -27.48
C ASP C 1075 -25.30 -2.62 -26.21
N VAL C 1076 -24.23 -2.38 -25.44
CA VAL C 1076 -24.38 -1.72 -24.13
C VAL C 1076 -24.81 -0.29 -24.34
N PRO C 1077 -25.50 0.31 -23.37
CA PRO C 1077 -26.06 1.66 -23.54
C PRO C 1077 -25.11 2.76 -23.07
N GLU C 1078 -25.15 3.89 -23.78
CA GLU C 1078 -24.32 5.03 -23.39
C GLU C 1078 -24.55 5.38 -21.92
N PRO C 1079 -23.51 5.73 -21.17
CA PRO C 1079 -23.64 5.80 -19.71
C PRO C 1079 -24.04 7.18 -19.20
N SER C 1080 -24.54 7.19 -17.95
CA SER C 1080 -24.85 8.41 -17.18
C SER C 1080 -23.76 8.66 -16.13
N VAL C 1081 -24.02 9.59 -15.21
CA VAL C 1081 -22.97 10.06 -14.28
C VAL C 1081 -22.62 8.97 -13.28
N PRO C 1082 -21.33 8.67 -13.07
CA PRO C 1082 -20.96 7.72 -12.02
C PRO C 1082 -21.55 8.14 -10.69
N GLU C 1083 -21.90 7.13 -9.90
CA GLU C 1083 -22.43 7.43 -8.57
C GLU C 1083 -21.37 8.05 -7.66
N SER C 1084 -20.11 7.65 -7.79
CA SER C 1084 -19.12 8.22 -6.88
C SER C 1084 -18.94 9.71 -7.06
N PHE C 1085 -19.31 10.25 -8.23
CA PHE C 1085 -19.26 11.70 -8.40
C PHE C 1085 -20.34 12.39 -7.59
N ARG C 1086 -21.55 11.83 -7.59
CA ARG C 1086 -22.60 12.32 -6.73
C ARG C 1086 -22.12 12.41 -5.28
N VAL C 1087 -21.51 11.34 -4.77
CA VAL C 1087 -20.92 11.43 -3.43
C VAL C 1087 -19.96 12.60 -3.34
N LEU C 1088 -19.29 12.94 -4.42
CA LEU C 1088 -18.36 14.04 -4.33
C LEU C 1088 -19.12 15.37 -4.19
N VAL C 1089 -20.28 15.48 -4.83
CA VAL C 1089 -21.13 16.66 -4.68
C VAL C 1089 -21.64 16.78 -3.24
N LYS C 1090 -22.35 15.74 -2.81
CA LYS C 1090 -22.92 15.78 -1.48
C LYS C 1090 -21.83 15.98 -0.43
N GLU C 1091 -20.64 15.43 -0.64
CA GLU C 1091 -19.61 15.65 0.37
C GLU C 1091 -19.09 17.09 0.37
N LEU C 1092 -19.25 17.83 -0.72
CA LEU C 1092 -18.84 19.22 -0.70
C LEU C 1092 -19.94 20.12 -0.14
N GLN C 1093 -21.19 19.69 -0.24
CA GLN C 1093 -22.24 20.39 0.49
C GLN C 1093 -22.02 20.28 1.99
N ALA C 1094 -21.77 19.06 2.48
CA ALA C 1094 -21.51 18.87 3.90
C ALA C 1094 -20.36 19.73 4.40
N LEU C 1095 -19.53 20.25 3.51
CA LEU C 1095 -18.55 21.26 3.88
C LEU C 1095 -19.01 22.65 3.53
N ALA C 1096 -20.27 22.82 3.17
CA ALA C 1096 -20.85 24.14 2.90
C ALA C 1096 -20.34 24.74 1.61
N LEU C 1097 -20.07 23.90 0.61
CA LEU C 1097 -19.69 24.37 -0.72
C LEU C 1097 -20.73 23.91 -1.72
N ASP C 1098 -21.10 24.82 -2.62
CA ASP C 1098 -22.24 24.65 -3.50
C ASP C 1098 -21.73 24.36 -4.91
N VAL C 1099 -21.44 23.09 -5.15
CA VAL C 1099 -20.99 22.62 -6.46
C VAL C 1099 -22.18 22.51 -7.41
N GLN C 1100 -21.99 22.80 -8.69
CA GLN C 1100 -23.15 22.92 -9.56
C GLN C 1100 -22.84 22.56 -11.02
N THR C 1101 -23.41 21.44 -11.47
CA THR C 1101 -23.44 21.10 -12.88
C THR C 1101 -24.23 22.13 -13.68
N LEU C 1102 -23.69 22.53 -14.82
CA LEU C 1102 -24.30 23.60 -15.63
C LEU C 1102 -24.26 23.28 -17.11
N ASP C 1103 -25.34 23.65 -17.84
CA ASP C 1103 -25.34 23.51 -19.30
C ASP C 1103 -24.67 24.72 -19.96
N GLU C 1104 -24.53 24.64 -21.29
CA GLU C 1104 -23.68 25.63 -21.95
C GLU C 1104 -24.25 27.03 -21.80
N LYS C 1105 -25.57 27.15 -21.64
CA LYS C 1105 -26.20 28.43 -21.34
C LYS C 1105 -26.31 28.69 -19.84
N ASP C 1106 -25.42 28.12 -19.04
CA ASP C 1106 -25.16 28.54 -17.67
C ASP C 1106 -26.34 28.32 -16.73
N ASN C 1107 -27.27 27.42 -17.08
CA ASN C 1107 -28.33 27.19 -16.10
C ASN C 1107 -28.24 25.78 -15.54
N PRO C 1108 -28.45 25.59 -14.25
CA PRO C 1108 -28.07 24.32 -13.62
C PRO C 1108 -28.63 23.09 -14.30
N VAL C 1109 -28.14 21.94 -13.86
CA VAL C 1109 -28.51 20.64 -14.42
C VAL C 1109 -28.53 19.65 -13.27
N ASP C 1110 -29.66 19.00 -13.08
CA ASP C 1110 -29.86 18.20 -11.88
C ASP C 1110 -29.31 16.82 -12.15
N ILE C 1111 -28.19 16.49 -11.54
CA ILE C 1111 -27.67 15.15 -11.78
C ILE C 1111 -28.27 14.21 -10.75
N PHE C 1112 -29.27 14.69 -10.01
CA PHE C 1112 -29.98 13.86 -9.07
C PHE C 1112 -31.44 13.62 -9.50
N GLU C 1113 -31.79 13.97 -10.75
CA GLU C 1113 -33.14 13.83 -11.29
C GLU C 1113 -34.21 14.15 -10.24
N GLY C 1114 -34.12 15.37 -9.73
CA GLY C 1114 -35.14 15.91 -8.85
C GLY C 1114 -35.28 15.27 -7.49
N LEU C 1115 -34.55 14.19 -7.20
CA LEU C 1115 -34.70 13.49 -5.93
C LEU C 1115 -34.14 14.23 -4.70
N ALA C 1116 -33.55 15.42 -4.86
CA ALA C 1116 -33.06 16.20 -3.74
C ALA C 1116 -33.46 17.66 -3.87
N SER C 1117 -34.51 17.92 -4.64
CA SER C 1117 -35.19 19.19 -4.62
C SER C 1117 -36.58 19.02 -4.03
N LYS C 1118 -37.10 20.10 -3.48
CA LYS C 1118 -38.42 20.12 -2.90
C LYS C 1118 -39.36 20.91 -3.82
N LYS D 3 -31.20 18.60 -20.77
CA LYS D 3 -29.96 19.25 -21.21
C LYS D 3 -28.72 18.45 -20.77
N GLU D 4 -27.54 18.89 -21.23
CA GLU D 4 -26.28 18.15 -21.10
C GLU D 4 -25.25 18.97 -20.33
N VAL D 5 -24.62 18.35 -19.32
CA VAL D 5 -23.66 19.07 -18.50
C VAL D 5 -22.55 19.63 -19.36
N ARG D 6 -22.09 20.83 -19.05
CA ARG D 6 -20.95 21.36 -19.80
C ARG D 6 -19.94 22.12 -18.96
N LYS D 7 -20.21 22.42 -17.70
CA LYS D 7 -19.27 23.12 -16.84
C LYS D 7 -19.53 22.65 -15.42
N VAL D 8 -18.66 23.03 -14.49
CA VAL D 8 -19.02 22.74 -13.10
C VAL D 8 -18.58 23.83 -12.13
N ARG D 9 -19.58 24.55 -11.57
CA ARG D 9 -19.39 25.74 -10.74
C ARG D 9 -19.25 25.35 -9.28
N ILE D 10 -18.36 26.03 -8.56
CA ILE D 10 -18.19 25.82 -7.12
C ILE D 10 -18.15 27.16 -6.41
N ALA D 11 -18.92 27.28 -5.32
CA ALA D 11 -19.12 28.57 -4.68
C ALA D 11 -19.75 28.38 -3.30
N LEU D 12 -19.70 29.45 -2.50
CA LEU D 12 -20.12 29.36 -1.11
C LEU D 12 -21.62 29.21 -0.97
N ALA D 13 -22.02 28.39 -0.02
CA ALA D 13 -23.41 28.14 0.30
C ALA D 13 -23.80 29.09 1.42
N SER D 14 -24.69 30.04 1.11
CA SER D 14 -25.20 30.92 2.14
C SER D 14 -25.93 30.11 3.22
N PRO D 15 -25.91 30.59 4.45
CA PRO D 15 -26.80 30.00 5.45
C PRO D 15 -28.19 29.78 4.92
N GLU D 16 -28.82 30.78 4.31
CA GLU D 16 -30.17 30.52 3.81
C GLU D 16 -30.14 29.41 2.76
N LYS D 17 -29.04 29.26 2.03
CA LYS D 17 -28.95 28.25 0.97
C LYS D 17 -28.78 26.85 1.53
N ILE D 18 -27.87 26.70 2.49
CA ILE D 18 -27.75 25.47 3.28
C ILE D 18 -29.13 25.02 3.70
N ARG D 19 -29.90 25.96 4.28
CA ARG D 19 -31.29 25.70 4.63
C ARG D 19 -32.08 25.27 3.41
N SER D 20 -31.84 25.91 2.26
CA SER D 20 -32.50 25.53 1.02
C SER D 20 -32.41 24.03 0.80
N TRP D 21 -31.21 23.46 0.95
CA TRP D 21 -31.06 22.05 0.67
C TRP D 21 -31.77 21.18 1.71
N SER D 22 -31.88 21.66 2.95
CA SER D 22 -32.12 20.73 4.05
C SER D 22 -33.58 20.27 4.13
N TYR D 23 -33.72 19.04 4.60
CA TYR D 23 -35.00 18.36 4.73
C TYR D 23 -35.37 18.19 6.19
N GLY D 24 -34.54 18.68 7.11
CA GLY D 24 -34.94 18.73 8.51
C GLY D 24 -33.83 18.95 9.53
N GLU D 25 -34.05 19.82 10.52
CA GLU D 25 -33.06 20.04 11.57
C GLU D 25 -32.79 18.76 12.34
N VAL D 26 -31.59 18.22 12.22
CA VAL D 26 -31.26 17.08 13.05
C VAL D 26 -31.20 17.59 14.49
N GLU D 27 -32.23 17.29 15.30
CA GLU D 27 -32.28 17.91 16.62
C GLU D 27 -31.52 17.11 17.67
N LYS D 28 -31.59 15.73 17.62
CA LYS D 28 -31.06 14.82 18.62
C LYS D 28 -29.79 14.14 18.12
N PRO D 29 -28.80 13.84 19.07
CA PRO D 29 -27.58 13.09 18.74
C PRO D 29 -27.79 11.58 18.81
N GLU D 30 -28.88 11.11 18.24
CA GLU D 30 -29.27 9.72 18.35
C GLU D 30 -29.16 9.06 16.98
N THR D 31 -28.79 7.79 17.00
CA THR D 31 -28.70 7.14 15.72
C THR D 31 -29.97 6.37 15.44
N ILE D 32 -30.14 5.25 16.14
CA ILE D 32 -31.06 4.20 15.75
C ILE D 32 -31.38 3.38 16.99
N ASN D 33 -32.60 2.89 17.07
CA ASN D 33 -33.16 2.48 18.35
C ASN D 33 -32.55 1.17 18.80
N TYR D 34 -31.93 1.17 19.98
CA TYR D 34 -31.21 0.01 20.44
C TYR D 34 -32.09 -1.23 20.53
N ARG D 35 -33.39 -1.12 20.35
CA ARG D 35 -34.23 -2.30 20.39
C ARG D 35 -34.79 -2.65 19.00
N THR D 36 -35.50 -1.72 18.37
CA THR D 36 -35.98 -2.00 17.02
C THR D 36 -34.92 -1.85 15.96
N LEU D 37 -33.71 -1.42 16.36
CA LEU D 37 -32.62 -1.18 15.42
C LEU D 37 -33.09 -0.32 14.26
N LYS D 38 -34.11 0.50 14.52
CA LYS D 38 -34.60 1.44 13.54
C LYS D 38 -34.22 2.85 13.95
N PRO D 39 -34.39 3.83 13.06
CA PRO D 39 -33.85 5.17 13.32
C PRO D 39 -34.77 5.96 14.26
N GLU D 40 -34.23 6.41 15.39
CA GLU D 40 -34.90 7.40 16.22
C GLU D 40 -35.28 8.63 15.39
N ARG D 41 -36.50 9.13 15.58
CA ARG D 41 -36.94 10.33 14.86
C ARG D 41 -36.28 11.58 15.44
N ASP D 42 -35.91 12.51 14.55
CA ASP D 42 -35.24 13.79 14.84
C ASP D 42 -33.75 13.62 15.09
N GLY D 43 -33.19 12.42 14.91
CA GLY D 43 -31.77 12.18 14.99
C GLY D 43 -31.19 11.84 13.63
N LEU D 44 -29.94 11.37 13.66
CA LEU D 44 -29.08 11.45 12.47
C LEU D 44 -29.58 10.58 11.32
N PHE D 45 -30.51 9.65 11.53
CA PHE D 45 -30.93 8.77 10.46
C PHE D 45 -32.43 8.82 10.18
N ASP D 46 -33.16 9.73 10.83
CA ASP D 46 -34.61 9.84 10.73
C ASP D 46 -35.10 9.81 9.29
N GLU D 47 -36.18 9.08 9.04
CA GLU D 47 -36.67 8.90 7.68
C GLU D 47 -37.60 10.03 7.23
N ARG D 48 -38.30 10.69 8.18
CA ARG D 48 -39.09 11.86 7.80
C ARG D 48 -38.21 13.00 7.30
N ILE D 49 -36.93 13.00 7.65
CA ILE D 49 -35.95 13.92 7.05
C ILE D 49 -35.44 13.36 5.72
N PHE D 50 -34.71 12.24 5.77
CA PHE D 50 -33.76 11.88 4.72
C PHE D 50 -34.37 11.04 3.60
N GLY D 51 -35.04 9.94 3.94
CA GLY D 51 -35.78 9.20 2.96
C GLY D 51 -36.39 7.93 3.52
N PRO D 52 -37.31 7.32 2.75
CA PRO D 52 -37.78 5.99 3.11
C PRO D 52 -36.60 5.03 3.16
N ILE D 53 -36.62 4.11 4.12
CA ILE D 53 -35.55 3.11 4.16
C ILE D 53 -35.80 1.96 3.17
N LYS D 54 -37.04 1.64 2.85
CA LYS D 54 -37.37 0.63 1.85
C LYS D 54 -38.10 1.31 0.69
N ASP D 55 -37.75 0.90 -0.54
CA ASP D 55 -38.27 1.55 -1.74
C ASP D 55 -39.79 1.64 -1.69
N TYR D 56 -40.32 2.85 -1.97
CA TYR D 56 -41.76 3.11 -1.99
C TYR D 56 -42.49 2.43 -0.86
N GLU D 57 -41.95 2.46 0.35
CA GLU D 57 -42.68 1.96 1.51
C GLU D 57 -42.56 2.99 2.61
N CYS D 58 -43.71 3.41 3.12
CA CYS D 58 -43.73 4.35 4.23
C CYS D 58 -43.15 3.71 5.49
N ALA D 59 -42.88 4.55 6.47
CA ALA D 59 -42.05 4.14 7.58
C ALA D 59 -42.75 3.13 8.49
N CYS D 60 -44.03 3.37 8.83
CA CYS D 60 -44.75 2.61 9.86
C CYS D 60 -45.66 1.52 9.32
N GLY D 61 -46.03 1.58 8.05
CA GLY D 61 -46.91 0.59 7.43
C GLY D 61 -47.85 1.29 6.48
N LYS D 62 -48.00 2.60 6.68
CA LYS D 62 -49.10 3.35 6.10
C LYS D 62 -49.27 3.08 4.60
N TYR D 63 -48.28 3.45 3.78
CA TYR D 63 -48.41 3.40 2.31
C TYR D 63 -47.25 2.63 1.71
N LYS D 64 -47.56 1.57 0.99
CA LYS D 64 -46.55 0.58 0.66
C LYS D 64 -46.65 0.12 -0.79
N ARG D 65 -46.76 1.06 -1.73
CA ARG D 65 -46.20 0.80 -3.06
C ARG D 65 -46.37 1.92 -4.09
N GLN D 66 -45.91 1.66 -5.32
CA GLN D 66 -45.51 2.71 -6.25
C GLN D 66 -46.61 3.75 -6.51
N ARG D 67 -47.88 3.33 -6.51
CA ARG D 67 -48.92 4.26 -6.92
C ARG D 67 -49.00 5.46 -5.99
N PHE D 68 -48.95 5.24 -4.66
CA PHE D 68 -48.79 6.36 -3.74
C PHE D 68 -47.36 6.87 -3.78
N GLU D 69 -46.98 7.67 -4.77
CA GLU D 69 -45.59 8.10 -4.91
C GLU D 69 -45.52 9.60 -4.64
N GLY D 70 -45.15 9.95 -3.42
CA GLY D 70 -44.93 11.34 -3.06
C GLY D 70 -45.84 11.84 -1.97
N LYS D 71 -46.71 11.01 -1.41
CA LYS D 71 -47.52 11.43 -0.28
C LYS D 71 -46.74 11.19 1.00
N VAL D 72 -46.53 12.26 1.78
CA VAL D 72 -45.97 12.12 3.12
C VAL D 72 -47.08 11.59 4.00
N CYS D 73 -47.09 10.28 4.22
CA CYS D 73 -48.09 9.71 5.12
C CYS D 73 -48.15 10.54 6.39
N GLU D 74 -49.37 10.63 6.95
CA GLU D 74 -49.62 11.45 8.14
C GLU D 74 -49.14 10.77 9.42
N ARG D 75 -49.33 9.45 9.55
CA ARG D 75 -49.08 8.80 10.84
C ARG D 75 -47.60 8.85 11.22
N CYS D 76 -46.71 8.54 10.28
CA CYS D 76 -45.27 8.50 10.55
C CYS D 76 -44.48 9.62 9.86
N GLY D 77 -44.95 10.12 8.73
CA GLY D 77 -44.43 11.33 8.14
C GLY D 77 -43.32 11.17 7.13
N VAL D 78 -43.29 10.04 6.41
CA VAL D 78 -42.17 9.66 5.56
C VAL D 78 -42.63 9.62 4.10
N GLU D 79 -41.81 10.19 3.20
CA GLU D 79 -42.19 10.22 1.80
C GLU D 79 -42.27 8.79 1.25
N VAL D 80 -42.87 8.67 0.06
CA VAL D 80 -43.00 7.36 -0.59
C VAL D 80 -42.27 7.48 -1.92
N THR D 81 -40.97 7.17 -1.87
CA THR D 81 -40.10 7.22 -3.04
C THR D 81 -39.08 6.11 -2.86
N LYS D 82 -38.05 6.14 -3.70
CA LYS D 82 -37.00 5.14 -3.70
C LYS D 82 -36.03 5.37 -2.55
N SER D 83 -35.71 4.30 -1.81
CA SER D 83 -34.72 4.39 -0.72
C SER D 83 -33.42 5.05 -1.17
N ILE D 84 -33.13 5.06 -2.48
CA ILE D 84 -31.95 5.72 -2.99
C ILE D 84 -31.85 7.18 -2.57
N VAL D 85 -32.91 7.78 -2.04
CA VAL D 85 -32.77 9.17 -1.64
C VAL D 85 -32.05 9.32 -0.30
N LYS D 86 -32.06 8.30 0.57
CA LYS D 86 -31.20 8.42 1.75
C LYS D 86 -29.76 8.76 1.38
N ARG D 87 -29.42 8.74 0.09
CA ARG D 87 -28.08 9.04 -0.42
C ARG D 87 -27.88 10.53 -0.78
N TYR D 88 -28.96 11.28 -0.98
CA TYR D 88 -28.82 12.61 -1.56
C TYR D 88 -29.44 13.72 -0.74
N ARG D 89 -30.38 13.42 0.17
CA ARG D 89 -31.18 14.43 0.84
C ARG D 89 -30.43 14.97 2.06
N MET D 90 -30.04 16.24 1.99
CA MET D 90 -29.24 16.86 3.03
C MET D 90 -30.09 17.16 4.27
N GLY D 91 -29.51 16.97 5.46
CA GLY D 91 -29.98 17.59 6.68
C GLY D 91 -29.14 18.82 7.05
N HIS D 92 -29.60 19.52 8.09
CA HIS D 92 -28.86 20.67 8.58
C HIS D 92 -29.00 20.77 10.09
N ILE D 93 -27.91 21.10 10.75
CA ILE D 93 -27.94 21.42 12.17
C ILE D 93 -28.00 22.93 12.27
N GLU D 94 -28.87 23.43 13.15
CA GLU D 94 -29.15 24.87 13.23
C GLU D 94 -28.48 25.42 14.48
N LEU D 95 -27.31 26.05 14.29
CA LEU D 95 -26.42 26.38 15.39
C LEU D 95 -26.96 27.53 16.22
N ALA D 96 -26.65 27.47 17.53
CA ALA D 96 -27.05 28.53 18.46
C ALA D 96 -26.23 29.79 18.23
N THR D 97 -24.91 29.72 18.42
CA THR D 97 -24.16 30.91 18.05
C THR D 97 -23.33 30.66 16.78
N PRO D 98 -23.30 31.60 15.83
CA PRO D 98 -22.57 31.38 14.58
C PRO D 98 -21.18 30.81 14.83
N ALA D 99 -20.67 30.06 13.83
CA ALA D 99 -19.36 29.39 13.86
C ALA D 99 -18.65 29.50 12.51
N ALA D 100 -17.33 29.63 12.59
CA ALA D 100 -16.50 29.87 11.41
C ALA D 100 -16.16 28.56 10.75
N HIS D 101 -16.07 28.60 9.42
CA HIS D 101 -15.61 27.48 8.62
C HIS D 101 -14.08 27.45 8.66
N ILE D 102 -13.49 26.39 9.25
CA ILE D 102 -12.06 26.45 9.53
C ILE D 102 -11.23 26.60 8.26
N TRP D 103 -11.72 26.10 7.12
CA TRP D 103 -10.95 26.30 5.89
C TRP D 103 -10.66 27.78 5.69
N PHE D 104 -11.71 28.61 5.72
CA PHE D 104 -11.51 30.04 5.51
C PHE D 104 -10.81 30.70 6.69
N VAL D 105 -10.48 29.97 7.75
CA VAL D 105 -9.73 30.54 8.85
C VAL D 105 -8.27 30.14 8.74
N LYS D 106 -8.03 28.84 8.83
CA LYS D 106 -6.68 28.32 9.00
C LYS D 106 -5.99 27.97 7.66
N ASP D 107 -6.62 28.21 6.52
CA ASP D 107 -5.94 28.08 5.24
C ASP D 107 -5.15 29.35 5.03
N VAL D 108 -3.85 29.30 5.31
CA VAL D 108 -2.93 30.44 5.21
C VAL D 108 -2.69 30.77 3.74
N PRO D 109 -2.64 32.06 3.35
CA PRO D 109 -2.95 33.21 4.22
C PRO D 109 -4.44 33.31 4.47
N SER D 110 -4.86 33.67 5.67
CA SER D 110 -6.28 33.53 5.95
C SER D 110 -7.11 34.36 4.99
N LYS D 111 -8.29 33.86 4.67
CA LYS D 111 -9.24 34.60 3.84
C LYS D 111 -10.17 35.47 4.68
N ILE D 112 -10.37 35.11 5.93
CA ILE D 112 -11.02 36.06 6.82
C ILE D 112 -10.01 36.98 7.45
N GLY D 113 -8.78 36.51 7.67
CA GLY D 113 -7.75 37.33 8.30
C GLY D 113 -7.09 38.37 7.41
N THR D 114 -7.00 38.13 6.11
CA THR D 114 -6.56 39.22 5.24
C THR D 114 -7.72 40.14 4.88
N LEU D 115 -8.93 39.59 4.74
CA LEU D 115 -10.04 40.44 4.34
C LEU D 115 -10.44 41.46 5.43
N LEU D 116 -9.90 41.34 6.67
CA LEU D 116 -10.19 42.34 7.70
C LEU D 116 -8.93 42.86 8.35
N ASP D 117 -7.79 42.82 7.67
CA ASP D 117 -6.51 43.20 8.25
C ASP D 117 -6.43 42.71 9.69
N LEU D 118 -6.59 41.40 9.83
CA LEU D 118 -6.51 40.72 11.12
C LEU D 118 -5.32 39.77 11.12
N SER D 119 -4.45 39.92 12.12
CA SER D 119 -3.30 39.05 12.25
C SER D 119 -3.73 37.60 12.26
N ALA D 120 -2.83 36.73 11.83
CA ALA D 120 -3.01 35.30 12.07
C ALA D 120 -3.46 35.07 13.51
N THR D 121 -2.60 35.46 14.46
CA THR D 121 -2.86 35.13 15.86
C THR D 121 -3.98 35.98 16.46
N GLU D 122 -4.35 37.11 15.85
CA GLU D 122 -5.55 37.79 16.32
C GLU D 122 -6.78 36.93 16.05
N LEU D 123 -6.96 36.49 14.79
CA LEU D 123 -8.15 35.74 14.46
C LEU D 123 -8.37 34.56 15.40
N GLU D 124 -7.28 34.00 15.92
CA GLU D 124 -7.39 32.91 16.87
C GLU D 124 -7.98 33.41 18.16
N GLN D 125 -7.28 34.34 18.81
CA GLN D 125 -7.77 34.93 20.05
C GLN D 125 -9.23 35.32 19.93
N VAL D 126 -9.58 36.16 18.95
CA VAL D 126 -10.97 36.58 18.81
C VAL D 126 -11.95 35.44 18.55
N LEU D 127 -11.49 34.28 18.05
CA LEU D 127 -12.36 33.17 17.64
C LEU D 127 -12.42 32.05 18.66
N TYR D 128 -11.26 31.68 19.24
CA TYR D 128 -11.14 30.70 20.30
C TYR D 128 -11.13 31.36 21.68
N PHE D 129 -11.67 32.58 21.75
CA PHE D 129 -12.04 33.29 22.97
C PHE D 129 -10.84 33.50 23.91
N SER D 130 -9.82 34.16 23.39
CA SER D 130 -8.70 34.65 24.21
C SER D 130 -8.56 36.18 24.17
N LYS D 131 -9.56 36.91 23.63
CA LYS D 131 -9.55 38.37 23.56
C LYS D 131 -10.88 38.87 23.01
N TYR D 132 -11.33 40.03 23.47
CA TYR D 132 -12.52 40.66 22.92
C TYR D 132 -12.12 41.47 21.69
N ILE D 133 -13.10 41.90 20.90
CA ILE D 133 -12.80 42.73 19.74
C ILE D 133 -13.89 43.81 19.63
N VAL D 134 -13.51 45.07 19.85
CA VAL D 134 -14.50 46.11 20.08
C VAL D 134 -15.20 46.44 18.77
N LEU D 135 -16.53 46.45 18.79
CA LEU D 135 -17.28 46.79 17.60
C LEU D 135 -17.91 48.19 17.63
N ASP D 136 -18.17 48.79 18.85
CA ASP D 136 -18.71 50.15 19.14
C ASP D 136 -18.28 50.65 20.51
N PRO D 137 -17.11 51.28 20.69
CA PRO D 137 -16.58 51.44 22.06
C PRO D 137 -17.38 52.41 22.93
N LYS D 138 -18.49 52.97 22.40
CA LYS D 138 -19.36 53.87 23.13
C LYS D 138 -18.53 54.82 23.98
N GLY D 139 -17.42 55.29 23.41
CA GLY D 139 -16.54 56.23 24.05
C GLY D 139 -15.65 55.67 25.13
N ALA D 140 -15.57 54.35 25.28
CA ALA D 140 -14.74 53.82 26.34
C ALA D 140 -13.33 54.40 26.26
N ILE D 141 -12.55 54.24 27.31
CA ILE D 141 -11.18 54.75 27.27
C ILE D 141 -10.31 54.02 28.28
N LEU D 142 -9.11 53.62 27.86
CA LEU D 142 -8.29 52.65 28.57
C LEU D 142 -6.87 53.17 28.79
N ASN D 143 -6.51 53.40 30.05
CA ASN D 143 -5.17 53.88 30.41
C ASN D 143 -4.81 55.18 29.70
N GLY D 144 -5.80 56.04 29.49
CA GLY D 144 -5.61 57.33 28.85
C GLY D 144 -5.53 57.33 27.34
N VAL D 145 -6.42 56.58 26.67
CA VAL D 145 -6.58 56.62 25.20
C VAL D 145 -7.97 56.10 24.88
N PRO D 146 -8.80 56.85 24.15
CA PRO D 146 -10.09 56.29 23.71
C PRO D 146 -9.86 55.01 22.92
N VAL D 147 -10.76 54.08 23.09
CA VAL D 147 -10.63 52.79 22.42
C VAL D 147 -11.42 52.83 21.12
N GLU D 148 -10.81 52.28 20.08
CA GLU D 148 -11.23 52.42 18.70
C GLU D 148 -11.92 51.15 18.24
N LYS D 149 -12.88 51.31 17.31
CA LYS D 149 -13.50 50.15 16.67
C LYS D 149 -12.43 49.22 16.11
N ARG D 150 -12.64 47.92 16.30
CA ARG D 150 -11.67 46.88 15.94
C ARG D 150 -10.35 47.08 16.69
N GLN D 151 -10.45 46.87 18.01
CA GLN D 151 -9.29 46.86 18.88
C GLN D 151 -9.40 45.66 19.83
N LEU D 152 -8.24 45.08 20.17
CA LEU D 152 -8.16 43.79 20.89
C LEU D 152 -7.90 44.01 22.39
N LEU D 153 -8.95 43.83 23.19
CA LEU D 153 -8.90 43.96 24.63
C LEU D 153 -8.83 42.58 25.27
N THR D 154 -7.83 42.37 26.11
CA THR D 154 -7.75 41.16 26.92
C THR D 154 -8.99 41.03 27.80
N ASP D 155 -9.07 39.98 28.64
CA ASP D 155 -10.28 39.79 29.45
C ASP D 155 -10.40 40.86 30.52
N GLU D 156 -9.31 41.13 31.24
CA GLU D 156 -9.34 42.11 32.31
C GLU D 156 -9.65 43.50 31.75
N GLU D 157 -8.95 43.90 30.70
CA GLU D 157 -9.24 45.18 30.06
C GLU D 157 -10.71 45.30 29.71
N TYR D 158 -11.39 44.18 29.45
CA TYR D 158 -12.81 44.27 29.14
C TYR D 158 -13.62 44.52 30.38
N ARG D 159 -13.24 43.87 31.49
CA ARG D 159 -13.99 44.05 32.74
C ARG D 159 -13.86 45.49 33.24
N GLU D 160 -12.64 46.05 33.19
CA GLU D 160 -12.45 47.46 33.49
C GLU D 160 -13.45 48.30 32.72
N LEU D 161 -13.33 48.31 31.39
CA LEU D 161 -14.22 49.16 30.59
C LEU D 161 -15.69 48.85 30.85
N ARG D 162 -16.02 47.59 31.08
CA ARG D 162 -17.43 47.20 31.08
C ARG D 162 -18.05 47.11 32.47
N TYR D 163 -17.24 46.83 33.49
CA TYR D 163 -17.76 46.53 34.83
C TYR D 163 -17.20 47.41 35.95
N GLY D 164 -16.03 48.00 35.79
CA GLY D 164 -15.55 48.97 36.73
C GLY D 164 -14.39 48.43 37.54
N LYS D 165 -13.52 49.34 37.98
CA LYS D 165 -12.40 48.94 38.82
C LYS D 165 -12.86 48.86 40.27
N GLN D 166 -12.22 47.99 41.05
CA GLN D 166 -12.55 47.81 42.45
C GLN D 166 -11.60 46.80 43.07
N GLU D 167 -11.39 46.85 44.37
CA GLU D 167 -10.55 45.84 44.99
C GLU D 167 -10.92 45.69 46.46
N THR D 168 -10.96 44.45 46.92
CA THR D 168 -11.32 44.15 48.30
C THR D 168 -10.07 43.85 49.12
N TYR D 169 -10.10 44.24 50.40
CA TYR D 169 -8.93 44.06 51.26
C TYR D 169 -9.33 43.49 52.61
N PRO D 170 -8.58 42.52 53.14
CA PRO D 170 -8.97 41.91 54.42
C PRO D 170 -8.31 42.59 55.61
N LEU D 171 -9.07 42.79 56.62
CA LEU D 171 -8.17 43.23 57.68
C LEU D 171 -7.89 42.07 58.64
N PRO D 172 -6.78 42.08 59.35
CA PRO D 172 -6.58 41.11 60.42
C PRO D 172 -7.78 41.12 61.34
N PRO D 173 -8.51 40.00 61.44
CA PRO D 173 -9.77 40.01 62.20
C PRO D 173 -9.65 40.73 63.54
N GLY D 174 -10.64 41.54 63.85
CA GLY D 174 -10.62 42.32 65.08
C GLY D 174 -10.04 43.71 64.98
N VAL D 175 -8.85 43.83 64.37
CA VAL D 175 -8.30 45.15 64.11
C VAL D 175 -9.35 45.98 63.37
N ASP D 176 -9.46 47.25 63.73
CA ASP D 176 -10.58 48.04 63.28
C ASP D 176 -10.23 48.88 62.05
N ALA D 177 -11.21 49.64 61.58
CA ALA D 177 -11.12 50.40 60.35
C ALA D 177 -10.64 51.82 60.65
N LEU D 178 -9.55 52.24 60.00
CA LEU D 178 -9.12 53.64 60.09
C LEU D 178 -10.07 54.58 59.35
N VAL D 179 -10.98 54.05 58.53
CA VAL D 179 -12.00 54.81 57.84
C VAL D 179 -13.34 54.14 58.10
N LYS D 180 -14.41 54.67 57.51
CA LYS D 180 -15.74 54.17 57.83
C LYS D 180 -16.64 54.26 56.61
N ASP D 181 -17.72 53.47 56.65
CA ASP D 181 -18.61 53.25 55.52
C ASP D 181 -19.03 54.54 54.83
N GLY D 182 -19.32 54.44 53.52
CA GLY D 182 -19.67 55.56 52.68
C GLY D 182 -18.50 56.43 52.23
N GLU D 183 -17.29 56.13 52.72
CA GLU D 183 -16.17 57.07 52.85
C GLU D 183 -15.36 57.22 51.55
N GLU D 184 -15.52 58.35 50.87
CA GLU D 184 -14.68 58.69 49.72
C GLU D 184 -13.20 58.74 50.12
N VAL D 185 -12.35 58.01 49.39
CA VAL D 185 -10.93 57.89 49.73
C VAL D 185 -10.12 57.62 48.47
N VAL D 186 -8.79 57.73 48.59
CA VAL D 186 -7.89 57.67 47.45
C VAL D 186 -6.70 56.79 47.77
N LYS D 187 -6.05 56.35 46.67
CA LYS D 187 -4.91 55.44 46.73
C LYS D 187 -3.90 55.92 47.76
N GLY D 188 -3.14 54.96 48.28
CA GLY D 188 -2.13 55.20 49.29
C GLY D 188 -2.72 55.41 50.68
N GLN D 189 -4.02 55.70 50.76
CA GLN D 189 -4.66 56.06 52.02
C GLN D 189 -4.72 54.86 52.98
N GLU D 190 -4.25 55.07 54.20
CA GLU D 190 -4.27 54.03 55.24
C GLU D 190 -5.69 53.59 55.55
N LEU D 191 -5.96 52.29 55.38
CA LEU D 191 -7.28 51.71 55.69
C LEU D 191 -7.34 51.02 57.03
N ALA D 192 -6.28 50.36 57.46
CA ALA D 192 -6.20 49.73 58.76
C ALA D 192 -4.74 49.57 59.13
N PRO D 193 -4.43 49.08 60.34
CA PRO D 193 -3.02 48.96 60.73
C PRO D 193 -2.12 48.36 59.65
N GLY D 194 -2.45 47.17 59.16
CA GLY D 194 -1.70 46.61 58.06
C GLY D 194 -2.25 46.89 56.68
N VAL D 195 -3.42 47.53 56.59
CA VAL D 195 -4.21 47.63 55.36
C VAL D 195 -4.08 49.03 54.79
N VAL D 196 -3.75 49.12 53.51
CA VAL D 196 -3.62 50.39 52.78
C VAL D 196 -4.17 50.20 51.36
N SER D 197 -5.07 51.10 50.95
CA SER D 197 -5.72 50.99 49.65
C SER D 197 -4.78 51.44 48.52
N ARG D 198 -5.05 50.94 47.31
CA ARG D 198 -4.19 51.19 46.17
C ARG D 198 -4.90 51.86 44.98
N LEU D 199 -6.21 52.03 45.02
CA LEU D 199 -6.85 52.82 43.96
C LEU D 199 -7.65 53.96 44.58
N ASP D 200 -8.46 54.62 43.76
CA ASP D 200 -9.40 55.63 44.24
C ASP D 200 -10.79 55.02 44.36
N GLY D 201 -11.67 55.76 45.06
CA GLY D 201 -13.10 55.50 45.03
C GLY D 201 -13.75 55.69 46.40
N VAL D 202 -14.97 55.16 46.49
CA VAL D 202 -15.78 55.16 47.70
C VAL D 202 -15.66 53.79 48.34
N ALA D 203 -15.03 53.72 49.52
CA ALA D 203 -14.95 52.47 50.25
C ALA D 203 -16.35 51.96 50.64
N LEU D 204 -16.40 50.72 51.10
CA LEU D 204 -17.67 50.12 51.50
C LEU D 204 -17.41 48.96 52.44
N TYR D 205 -18.26 48.82 53.45
CA TYR D 205 -18.08 47.83 54.50
C TYR D 205 -18.66 46.49 54.06
N ARG D 206 -17.97 45.41 54.42
CA ARG D 206 -18.47 44.09 54.02
C ARG D 206 -19.33 43.47 55.13
N PHE D 207 -18.70 43.15 56.26
CA PHE D 207 -19.40 42.43 57.32
C PHE D 207 -18.97 42.97 58.67
N PRO D 208 -19.72 43.90 59.24
CA PRO D 208 -19.39 44.39 60.58
C PRO D 208 -19.61 43.28 61.59
N ARG D 209 -18.53 42.88 62.25
CA ARG D 209 -18.61 41.93 63.34
C ARG D 209 -19.13 42.56 64.63
N ARG D 210 -18.96 43.87 64.78
CA ARG D 210 -19.35 44.62 65.98
C ARG D 210 -20.25 45.79 65.61
N VAL D 211 -21.50 45.72 66.04
CA VAL D 211 -22.46 46.82 65.90
C VAL D 211 -22.62 47.48 67.25
N ARG D 212 -22.54 48.82 67.27
CA ARG D 212 -22.75 49.59 68.50
C ARG D 212 -23.91 50.56 68.33
N VAL D 213 -24.78 50.61 69.31
CA VAL D 213 -25.95 51.48 69.27
C VAL D 213 -25.78 52.52 70.37
N GLU D 214 -25.40 53.74 69.97
CA GLU D 214 -25.46 54.88 70.86
C GLU D 214 -26.92 55.19 71.11
N TYR D 215 -27.42 54.76 72.27
CA TYR D 215 -28.80 54.98 72.69
C TYR D 215 -28.94 56.36 73.35
N VAL D 216 -30.03 57.07 73.04
CA VAL D 216 -30.22 58.47 73.43
C VAL D 216 -31.01 58.52 74.75
N LYS D 217 -30.50 59.32 75.70
CA LYS D 217 -31.17 59.58 76.99
C LYS D 217 -31.32 61.07 77.22
N LYS D 218 -32.51 61.48 77.64
CA LYS D 218 -32.78 62.87 78.02
C LYS D 218 -33.55 62.86 79.34
N GLU D 219 -32.93 63.41 80.38
CA GLU D 219 -33.48 63.23 81.71
C GLU D 219 -32.98 64.33 82.64
N ARG D 220 -33.69 64.47 83.78
CA ARG D 220 -33.43 65.46 84.83
C ARG D 220 -32.57 64.87 85.95
N ALA D 221 -31.50 65.60 86.32
CA ALA D 221 -30.68 65.27 87.48
C ALA D 221 -30.14 66.57 88.09
N GLY D 222 -29.88 66.55 89.41
CA GLY D 222 -29.44 67.73 90.12
C GLY D 222 -28.14 67.65 90.90
N LEU D 223 -27.54 68.81 91.17
CA LEU D 223 -26.27 68.85 91.90
C LEU D 223 -26.15 70.17 92.65
N ARG D 224 -25.75 70.11 93.94
CA ARG D 224 -25.63 71.29 94.80
C ARG D 224 -24.15 71.67 94.98
N LEU D 225 -23.87 72.98 94.87
CA LEU D 225 -22.51 73.52 94.83
C LEU D 225 -22.46 74.83 95.58
N PRO D 226 -21.27 75.27 96.00
CA PRO D 226 -21.12 76.64 96.51
C PRO D 226 -21.60 77.68 95.51
N LEU D 227 -22.02 78.84 96.03
CA LEU D 227 -22.42 79.94 95.14
C LEU D 227 -21.21 80.71 94.65
N ALA D 228 -20.18 80.81 95.48
CA ALA D 228 -18.95 81.50 95.12
C ALA D 228 -18.02 80.65 94.26
N ALA D 229 -18.54 79.57 93.67
CA ALA D 229 -17.67 78.71 92.87
C ALA D 229 -18.29 78.22 91.56
N TRP D 230 -19.58 78.46 91.30
CA TRP D 230 -20.16 78.05 90.03
C TRP D 230 -20.28 79.25 89.10
N VAL D 231 -20.19 78.97 87.80
CA VAL D 231 -20.32 79.99 86.77
C VAL D 231 -21.74 79.91 86.22
N GLU D 232 -22.50 80.99 86.39
CA GLU D 232 -23.87 81.05 85.89
C GLU D 232 -23.89 80.94 84.36
N LYS D 233 -24.53 79.88 83.85
CA LYS D 233 -24.87 79.75 82.44
C LYS D 233 -26.24 79.07 82.39
N GLU D 234 -27.02 79.40 81.37
CA GLU D 234 -28.32 78.76 81.21
C GLU D 234 -28.26 77.43 80.44
N ALA D 235 -27.05 76.96 80.12
CA ALA D 235 -26.81 75.60 79.63
C ALA D 235 -25.31 75.36 79.63
N TYR D 236 -24.91 74.11 79.36
CA TYR D 236 -23.48 73.74 79.46
C TYR D 236 -23.12 72.77 78.34
N LYS D 237 -22.62 73.32 77.23
CA LYS D 237 -22.07 72.52 76.14
C LYS D 237 -21.10 71.50 76.71
N PRO D 238 -20.96 70.31 76.10
CA PRO D 238 -20.00 69.31 76.59
C PRO D 238 -18.60 69.88 76.75
N GLY D 239 -17.75 69.22 77.55
CA GLY D 239 -16.42 69.72 77.83
C GLY D 239 -16.37 71.05 78.57
N GLU D 240 -17.53 71.69 78.75
CA GLU D 240 -17.59 73.04 79.29
C GLU D 240 -17.39 73.04 80.80
N ILE D 241 -16.61 74.01 81.28
CA ILE D 241 -16.38 74.17 82.70
C ILE D 241 -17.54 74.98 83.31
N LEU D 242 -18.11 74.45 84.39
CA LEU D 242 -19.26 75.09 84.99
C LEU D 242 -19.05 75.53 86.44
N ALA D 243 -17.99 75.08 87.11
CA ALA D 243 -17.71 75.63 88.42
C ALA D 243 -16.28 75.34 88.81
N GLU D 244 -15.71 76.25 89.61
CA GLU D 244 -14.37 76.09 90.16
C GLU D 244 -14.37 76.38 91.65
N LEU D 245 -13.85 75.44 92.41
CA LEU D 245 -13.96 75.42 93.86
C LEU D 245 -12.67 75.88 94.50
N PRO D 246 -12.71 76.90 95.36
CA PRO D 246 -11.52 77.19 96.19
C PRO D 246 -10.86 75.92 96.74
N GLU D 247 -11.61 75.12 97.50
CA GLU D 247 -11.08 73.89 98.08
C GLU D 247 -12.06 72.74 97.83
N PRO D 248 -11.76 71.52 98.28
CA PRO D 248 -12.70 70.41 98.04
C PRO D 248 -13.97 70.58 98.85
N TYR D 249 -15.13 70.34 98.22
CA TYR D 249 -16.44 70.60 98.83
C TYR D 249 -17.35 69.39 98.68
N LEU D 250 -17.51 68.60 99.74
CA LEU D 250 -18.19 67.30 99.64
C LEU D 250 -19.66 67.50 99.29
N PHE D 251 -20.06 66.93 98.16
CA PHE D 251 -21.47 66.89 97.79
C PHE D 251 -22.12 65.80 98.62
N ARG D 252 -23.12 66.17 99.42
CA ARG D 252 -23.77 65.28 100.40
C ARG D 252 -25.18 64.93 99.95
N ALA D 253 -25.70 63.82 100.46
CA ALA D 253 -27.04 63.39 100.07
C ALA D 253 -28.12 64.37 100.54
N GLU D 254 -29.27 64.28 99.90
CA GLU D 254 -30.44 65.06 100.26
C GLU D 254 -31.67 64.18 100.19
N GLU D 255 -31.52 62.95 100.67
CA GLU D 255 -32.54 61.92 100.78
C GLU D 255 -31.83 60.70 101.34
N GLU D 256 -32.63 59.78 101.86
CA GLU D 256 -32.12 58.51 102.36
C GLU D 256 -32.41 57.45 101.32
N GLY D 257 -31.43 56.60 101.06
CA GLY D 257 -31.68 55.55 100.08
C GLY D 257 -30.46 54.69 99.81
N VAL D 258 -30.66 53.77 98.86
CA VAL D 258 -29.62 52.90 98.36
C VAL D 258 -29.11 53.48 97.06
N VAL D 259 -27.85 53.19 96.76
CA VAL D 259 -27.10 53.84 95.68
C VAL D 259 -27.16 52.97 94.42
N GLU D 260 -27.56 53.59 93.31
CA GLU D 260 -27.51 52.95 91.99
C GLU D 260 -26.49 53.73 91.15
N LEU D 261 -25.21 53.35 91.27
CA LEU D 261 -24.14 54.05 90.57
C LEU D 261 -24.14 53.70 89.09
N LYS D 262 -24.07 54.72 88.22
CA LYS D 262 -24.07 54.50 86.76
C LYS D 262 -22.93 55.30 86.13
N GLU D 263 -21.71 54.74 86.14
CA GLU D 263 -20.53 55.45 85.66
C GLU D 263 -20.54 55.61 84.13
N LEU D 264 -19.96 56.71 83.66
CA LEU D 264 -19.81 56.99 82.24
C LEU D 264 -18.32 57.02 81.89
N GLU D 265 -18.03 57.35 80.62
CA GLU D 265 -16.63 57.49 80.22
C GLU D 265 -15.91 58.44 81.16
N GLU D 266 -16.32 59.69 81.17
CA GLU D 266 -15.87 60.61 82.20
C GLU D 266 -17.10 61.24 82.84
N GLY D 267 -17.22 61.08 84.15
CA GLY D 267 -18.39 61.48 84.88
C GLY D 267 -19.07 60.31 85.55
N ALA D 268 -20.26 60.59 86.07
CA ALA D 268 -21.03 59.61 86.83
C ALA D 268 -22.47 60.08 87.01
N PHE D 269 -23.34 59.09 87.15
CA PHE D 269 -24.69 59.28 87.66
C PHE D 269 -24.83 58.53 88.97
N LEU D 270 -25.62 59.12 89.86
CA LEU D 270 -25.93 58.57 91.17
C LEU D 270 -27.44 58.63 91.32
N VAL D 271 -28.06 57.48 91.49
CA VAL D 271 -29.49 57.43 91.73
C VAL D 271 -29.70 56.73 93.05
N LEU D 272 -30.35 57.43 93.99
CA LEU D 272 -30.78 56.84 95.24
C LEU D 272 -32.21 56.35 95.07
N ARG D 273 -32.55 55.30 95.81
CA ARG D 273 -33.93 54.82 95.77
C ARG D 273 -34.17 54.02 97.04
N ARG D 274 -35.27 54.36 97.73
CA ARG D 274 -35.87 53.61 98.83
C ARG D 274 -36.62 52.46 98.18
N GLU D 275 -37.65 51.92 98.84
CA GLU D 275 -38.52 50.95 98.15
C GLU D 275 -38.59 51.33 96.68
N ASP D 276 -38.55 50.35 95.79
CA ASP D 276 -37.85 50.47 94.51
C ASP D 276 -38.19 51.74 93.72
N GLU D 277 -39.13 52.55 94.21
CA GLU D 277 -39.33 53.87 93.61
C GLU D 277 -38.06 54.70 93.76
N PRO D 278 -37.67 55.44 92.71
CA PRO D 278 -36.43 56.23 92.78
C PRO D 278 -36.66 57.62 93.38
N VAL D 279 -35.76 57.98 94.30
CA VAL D 279 -35.98 59.10 95.21
C VAL D 279 -35.31 60.38 94.73
N ALA D 280 -34.11 60.27 94.16
CA ALA D 280 -33.36 61.44 93.75
C ALA D 280 -32.22 60.98 92.85
N THR D 281 -31.97 61.78 91.81
CA THR D 281 -30.97 61.48 90.78
C THR D 281 -29.95 62.59 90.77
N TYR D 282 -28.76 62.32 91.29
CA TYR D 282 -27.72 63.34 91.30
C TYR D 282 -26.76 63.10 90.14
N PHE D 283 -26.09 64.17 89.72
CA PHE D 283 -25.18 64.14 88.59
C PHE D 283 -23.81 64.63 89.02
N LEU D 284 -22.87 63.71 89.20
CA LEU D 284 -21.49 64.14 89.40
C LEU D 284 -20.87 64.42 88.05
N PRO D 285 -20.33 65.62 87.84
CA PRO D 285 -19.55 65.88 86.63
C PRO D 285 -18.09 65.50 86.79
N VAL D 286 -17.30 65.85 85.78
CA VAL D 286 -15.86 65.64 85.83
C VAL D 286 -15.26 66.59 86.86
N GLY D 287 -14.37 66.06 87.70
CA GLY D 287 -13.82 66.76 88.85
C GLY D 287 -14.40 66.30 90.18
N MET D 288 -15.62 65.78 90.15
CA MET D 288 -16.21 65.16 91.32
C MET D 288 -16.00 63.66 91.22
N THR D 289 -15.43 63.10 92.28
CA THR D 289 -15.02 61.69 92.37
C THR D 289 -15.87 60.93 93.38
N PRO D 290 -16.78 60.03 92.96
CA PRO D 290 -17.68 59.39 93.94
C PRO D 290 -17.00 58.84 95.18
N LEU D 291 -17.78 58.68 96.27
CA LEU D 291 -17.35 58.05 97.51
C LEU D 291 -18.40 57.05 98.00
N VAL D 292 -19.07 56.40 97.04
CA VAL D 292 -20.01 55.32 97.28
C VAL D 292 -19.69 54.17 96.31
N VAL D 293 -20.38 53.05 96.50
CA VAL D 293 -20.34 51.89 95.62
C VAL D 293 -21.76 51.63 95.14
N HIS D 294 -21.88 50.92 94.05
CA HIS D 294 -23.22 50.46 93.69
C HIS D 294 -23.80 49.62 94.83
N GLY D 295 -25.08 49.87 95.13
CA GLY D 295 -25.81 49.03 96.06
C GLY D 295 -25.63 49.35 97.53
N GLU D 296 -25.48 50.62 97.87
CA GLU D 296 -25.03 51.05 99.20
C GLU D 296 -26.05 51.99 99.81
N ILE D 297 -25.99 52.08 101.14
CA ILE D 297 -26.96 52.82 101.93
C ILE D 297 -26.39 54.19 102.30
N VAL D 298 -27.25 55.21 102.21
CA VAL D 298 -26.92 56.57 102.66
C VAL D 298 -28.10 57.18 103.42
N GLU D 299 -27.79 57.81 104.55
CA GLU D 299 -28.75 58.65 105.24
C GLU D 299 -28.68 60.06 104.63
N LYS D 300 -29.55 60.96 105.12
CA LYS D 300 -29.51 62.34 104.63
C LYS D 300 -28.22 63.03 105.07
N GLY D 301 -27.66 63.83 104.17
CA GLY D 301 -26.53 64.68 104.51
C GLY D 301 -25.20 64.00 104.66
N GLN D 302 -25.05 62.54 104.24
CA GLN D 302 -23.67 62.04 104.21
C GLN D 302 -23.07 62.28 102.84
N PRO D 303 -21.74 62.39 102.78
CA PRO D 303 -21.05 62.77 101.53
C PRO D 303 -21.05 61.65 100.50
N LEU D 304 -21.66 61.93 99.33
CA LEU D 304 -21.68 61.03 98.19
C LEU D 304 -20.42 61.11 97.31
N ALA D 305 -19.77 62.27 97.23
CA ALA D 305 -18.65 62.50 96.33
C ALA D 305 -17.88 63.73 96.80
N GLU D 306 -16.71 63.95 96.18
CA GLU D 306 -15.88 65.12 96.48
C GLU D 306 -15.49 65.85 95.19
N ALA D 307 -15.86 67.12 95.11
CA ALA D 307 -15.34 67.99 94.07
C ALA D 307 -13.97 68.51 94.50
N LYS D 308 -13.07 68.65 93.52
CA LYS D 308 -11.70 69.09 93.77
C LYS D 308 -11.29 69.96 92.58
N GLY D 309 -11.22 71.28 92.79
CA GLY D 309 -10.77 72.22 91.77
C GLY D 309 -11.77 72.58 90.69
N LEU D 310 -11.28 72.79 89.47
CA LEU D 310 -12.19 72.97 88.33
C LEU D 310 -13.09 71.76 88.19
N LEU D 311 -14.30 71.98 87.71
CA LEU D 311 -15.10 70.84 87.31
C LEU D 311 -15.97 71.27 86.14
N ARG D 312 -16.08 70.38 85.16
CA ARG D 312 -16.59 70.66 83.83
C ARG D 312 -17.46 69.50 83.37
N MET D 313 -18.50 69.83 82.61
CA MET D 313 -19.31 68.80 81.95
C MET D 313 -18.41 67.79 81.24
N PRO D 314 -18.87 66.55 81.02
CA PRO D 314 -18.13 65.63 80.15
C PRO D 314 -18.28 65.97 78.67
N ARG D 315 -17.78 65.09 77.81
CA ARG D 315 -17.87 65.35 76.37
C ARG D 315 -19.12 64.73 75.73
N GLN D 316 -19.48 63.51 76.12
CA GLN D 316 -20.63 62.88 75.49
C GLN D 316 -21.96 63.49 75.93
N VAL D 317 -21.96 64.41 76.90
CA VAL D 317 -23.13 64.68 77.75
C VAL D 317 -23.44 66.17 77.81
N ARG D 318 -24.71 66.52 77.59
CA ARG D 318 -25.15 67.87 77.30
C ARG D 318 -25.95 68.45 78.46
N ALA D 319 -25.96 69.77 78.53
CA ALA D 319 -26.75 70.52 79.50
C ALA D 319 -27.79 71.30 78.70
N ALA D 320 -28.95 70.67 78.49
CA ALA D 320 -29.99 71.22 77.62
C ALA D 320 -30.49 72.57 78.12
N GLN D 321 -31.17 72.56 79.26
CA GLN D 321 -31.47 73.77 80.01
C GLN D 321 -31.01 73.57 81.44
N VAL D 322 -30.87 74.66 82.19
CA VAL D 322 -30.33 74.56 83.54
C VAL D 322 -31.08 75.48 84.51
N GLU D 323 -31.98 74.90 85.31
CA GLU D 323 -32.78 75.64 86.29
C GLU D 323 -32.06 75.67 87.63
N ALA D 324 -31.77 76.88 88.11
CA ALA D 324 -31.06 77.04 89.37
C ALA D 324 -32.01 77.64 90.42
N GLU D 325 -31.64 77.41 91.68
CA GLU D 325 -32.29 77.99 92.84
C GLU D 325 -31.26 78.04 93.97
N GLU D 326 -31.21 79.16 94.68
CA GLU D 326 -30.27 79.38 95.77
C GLU D 326 -30.92 79.19 97.14
N GLU D 327 -30.11 78.77 98.10
CA GLU D 327 -30.45 78.74 99.51
C GLU D 327 -29.14 78.57 100.27
N GLY D 328 -29.11 79.06 101.50
CA GLY D 328 -27.78 78.99 102.10
C GLY D 328 -26.74 79.73 101.27
N GLU D 329 -25.48 79.40 101.53
CA GLU D 329 -24.38 79.85 100.69
C GLU D 329 -24.11 78.85 99.55
N THR D 330 -25.17 78.47 98.82
CA THR D 330 -25.05 77.42 97.82
C THR D 330 -26.17 77.56 96.82
N VAL D 331 -26.05 76.79 95.73
CA VAL D 331 -27.11 76.64 94.74
C VAL D 331 -27.17 75.17 94.32
N TYR D 332 -28.38 74.73 93.97
CA TYR D 332 -28.65 73.35 93.57
C TYR D 332 -29.37 73.34 92.25
N LEU D 333 -28.69 72.76 91.25
CA LEU D 333 -29.08 72.76 89.86
C LEU D 333 -29.92 71.54 89.54
N THR D 334 -30.94 71.72 88.69
CA THR D 334 -31.62 70.63 88.03
C THR D 334 -31.37 70.80 86.54
N LEU D 335 -30.33 70.13 86.02
CA LEU D 335 -29.95 70.25 84.62
C LEU D 335 -30.72 69.20 83.83
N PHE D 336 -31.32 69.62 82.71
CA PHE D 336 -32.10 68.71 81.88
C PHE D 336 -31.12 67.98 80.96
N LEU D 337 -30.30 67.13 81.58
CA LEU D 337 -29.18 66.55 80.87
C LEU D 337 -29.65 65.82 79.61
N GLU D 338 -28.66 65.58 78.74
CA GLU D 338 -28.78 64.80 77.50
C GLU D 338 -27.45 64.09 77.27
N TRP D 339 -27.51 62.80 76.99
CA TRP D 339 -26.32 61.97 76.82
C TRP D 339 -26.74 60.61 76.29
N THR D 340 -25.77 59.87 75.74
CA THR D 340 -26.00 58.58 75.08
C THR D 340 -25.03 57.51 75.58
N GLU D 341 -25.47 56.25 75.48
CA GLU D 341 -24.78 55.11 76.07
C GLU D 341 -24.50 54.03 75.02
N PRO D 342 -23.26 53.54 74.95
CA PRO D 342 -22.94 52.47 74.00
C PRO D 342 -23.31 51.08 74.49
N LYS D 343 -23.76 50.24 73.56
CA LYS D 343 -24.02 48.81 73.79
C LYS D 343 -23.59 48.03 72.54
N ASP D 344 -22.47 47.33 72.62
CA ASP D 344 -21.87 46.65 71.45
C ASP D 344 -22.52 45.29 71.22
N TYR D 345 -23.25 45.16 70.11
CA TYR D 345 -23.82 43.89 69.68
C TYR D 345 -22.87 43.08 68.81
N ARG D 346 -23.10 41.76 68.75
CA ARG D 346 -22.27 40.84 67.98
C ARG D 346 -23.05 40.29 66.78
N VAL D 347 -22.54 40.54 65.57
CA VAL D 347 -23.12 39.98 64.35
C VAL D 347 -22.36 38.73 63.97
N GLN D 348 -23.09 37.70 63.57
CA GLN D 348 -22.54 36.38 63.31
C GLN D 348 -22.50 36.08 61.82
N PRO D 349 -21.62 35.16 61.39
CA PRO D 349 -21.49 34.90 59.95
C PRO D 349 -22.81 34.58 59.27
N HIS D 350 -23.70 33.84 59.93
CA HIS D 350 -25.00 33.60 59.34
C HIS D 350 -25.95 34.80 59.49
N MET D 351 -25.43 35.98 59.81
CA MET D 351 -26.23 37.18 60.10
C MET D 351 -25.76 38.35 59.22
N ASN D 352 -26.62 39.37 59.16
CA ASN D 352 -26.40 40.52 58.30
C ASN D 352 -27.08 41.75 58.91
N VAL D 353 -26.31 42.82 59.09
CA VAL D 353 -26.88 44.06 59.58
C VAL D 353 -27.73 44.67 58.48
N VAL D 354 -28.96 45.05 58.82
CA VAL D 354 -29.91 45.52 57.84
C VAL D 354 -30.13 47.03 57.96
N VAL D 355 -29.17 47.75 58.53
CA VAL D 355 -29.34 49.18 58.80
C VAL D 355 -28.06 49.93 58.43
N PRO D 356 -28.17 51.12 57.84
CA PRO D 356 -26.98 51.83 57.36
C PRO D 356 -26.07 52.28 58.49
N GLU D 357 -25.01 53.03 58.17
CA GLU D 357 -24.16 53.65 59.18
C GLU D 357 -24.84 54.92 59.67
N GLY D 358 -25.35 54.88 60.91
CA GLY D 358 -25.90 56.05 61.55
C GLY D 358 -27.34 56.37 61.22
N ALA D 359 -28.22 55.37 61.21
CA ALA D 359 -29.65 55.60 61.03
C ALA D 359 -30.36 55.68 62.39
N ARG D 360 -31.55 56.26 62.35
CA ARG D 360 -32.34 56.48 63.56
C ARG D 360 -33.30 55.32 63.80
N VAL D 361 -33.24 54.73 64.99
CA VAL D 361 -34.18 53.69 65.39
C VAL D 361 -34.92 54.12 66.66
N GLU D 362 -36.22 53.81 66.71
CA GLU D 362 -37.02 53.90 67.93
C GLU D 362 -36.81 52.61 68.73
N ALA D 363 -37.68 52.34 69.69
CA ALA D 363 -37.75 50.98 70.16
C ALA D 363 -38.43 50.11 69.10
N GLY D 364 -38.21 48.81 69.21
CA GLY D 364 -38.81 47.85 68.32
C GLY D 364 -38.12 47.66 66.99
N ASP D 365 -37.27 48.60 66.56
CA ASP D 365 -36.62 48.50 65.26
C ASP D 365 -35.64 47.34 65.22
N LYS D 366 -35.35 46.86 63.99
CA LYS D 366 -34.54 45.67 63.72
C LYS D 366 -33.15 46.07 63.22
N ILE D 367 -32.12 45.65 63.95
CA ILE D 367 -30.76 46.05 63.62
C ILE D 367 -30.03 44.95 62.82
N VAL D 368 -30.44 43.70 63.02
CA VAL D 368 -29.69 42.56 62.50
C VAL D 368 -30.67 41.41 62.35
N ALA D 369 -30.55 40.68 61.24
CA ALA D 369 -31.34 39.47 61.03
C ALA D 369 -30.43 38.26 61.17
N ALA D 370 -31.07 37.09 61.33
CA ALA D 370 -30.38 35.80 61.37
C ALA D 370 -31.42 34.70 61.20
N ILE D 371 -30.96 33.44 61.20
CA ILE D 371 -31.78 32.36 60.66
C ILE D 371 -32.99 32.12 61.55
N ASP D 372 -32.77 31.91 62.84
CA ASP D 372 -33.82 31.65 63.81
C ASP D 372 -34.23 32.97 64.50
N PRO D 373 -35.52 33.22 64.77
CA PRO D 373 -35.90 34.55 65.26
C PRO D 373 -35.15 35.00 66.50
N GLU D 374 -34.74 34.07 67.36
CA GLU D 374 -33.85 34.43 68.47
C GLU D 374 -32.44 34.63 67.94
N GLU D 375 -31.64 35.37 68.70
CA GLU D 375 -30.30 35.75 68.25
C GLU D 375 -30.40 36.91 67.26
N GLU D 376 -31.61 37.19 66.78
CA GLU D 376 -31.88 38.49 66.17
C GLU D 376 -31.58 39.61 67.16
N VAL D 377 -31.06 40.73 66.67
CA VAL D 377 -30.86 41.93 67.51
C VAL D 377 -31.89 42.97 67.10
N ILE D 378 -32.76 43.34 68.04
CA ILE D 378 -33.75 44.39 67.90
C ILE D 378 -33.28 45.61 68.69
N ALA D 379 -33.74 46.79 68.28
CA ALA D 379 -33.26 48.06 68.84
C ALA D 379 -34.13 48.44 70.03
N GLU D 380 -33.57 48.28 71.25
CA GLU D 380 -34.39 48.29 72.47
C GLU D 380 -35.18 49.58 72.60
N ALA D 381 -34.51 50.72 72.40
CA ALA D 381 -35.22 51.98 72.39
C ALA D 381 -34.47 52.93 71.47
N GLU D 382 -34.76 54.21 71.58
CA GLU D 382 -34.22 55.19 70.67
C GLU D 382 -32.69 55.17 70.69
N GLY D 383 -32.09 55.40 69.53
CA GLY D 383 -30.66 55.44 69.35
C GLY D 383 -30.27 55.53 67.88
N VAL D 384 -28.95 55.51 67.64
CA VAL D 384 -28.40 55.53 66.29
C VAL D 384 -27.22 54.55 66.19
N VAL D 385 -26.88 54.17 64.94
CA VAL D 385 -26.08 52.98 64.68
C VAL D 385 -24.65 53.37 64.29
N HIS D 386 -23.71 52.51 64.66
CA HIS D 386 -22.29 52.65 64.30
C HIS D 386 -21.73 51.28 63.97
N LEU D 387 -21.06 51.19 62.80
CA LEU D 387 -20.45 49.97 62.31
C LEU D 387 -18.96 50.01 62.61
N HIS D 388 -18.48 49.02 63.36
CA HIS D 388 -17.06 48.85 63.64
C HIS D 388 -16.66 47.42 63.33
N GLU D 389 -15.37 47.22 63.02
CA GLU D 389 -14.83 45.87 62.83
C GLU D 389 -15.50 45.12 61.69
N PRO D 390 -15.15 45.43 60.44
CA PRO D 390 -15.67 44.69 59.29
C PRO D 390 -14.85 43.44 58.98
N ALA D 391 -15.47 42.56 58.19
CA ALA D 391 -14.75 41.37 57.72
C ALA D 391 -13.64 41.76 56.76
N SER D 392 -13.90 42.73 55.91
CA SER D 392 -12.97 43.25 54.92
C SER D 392 -13.75 44.38 54.24
N ILE D 393 -13.03 45.24 53.52
CA ILE D 393 -13.65 46.41 52.91
C ILE D 393 -13.36 46.44 51.41
N LEU D 394 -14.42 46.53 50.62
CA LEU D 394 -14.34 46.63 49.17
C LEU D 394 -14.15 48.10 48.78
N VAL D 395 -12.98 48.43 48.26
CA VAL D 395 -12.69 49.82 47.85
C VAL D 395 -13.13 49.95 46.39
N VAL D 396 -14.43 50.13 46.17
CA VAL D 396 -14.92 50.32 44.81
C VAL D 396 -14.47 51.68 44.29
N LYS D 397 -14.53 51.86 42.97
CA LYS D 397 -14.38 53.16 42.32
C LYS D 397 -15.72 53.47 41.65
N ALA D 398 -16.59 54.15 42.38
CA ALA D 398 -17.88 54.54 41.85
C ALA D 398 -18.26 55.89 42.45
N ARG D 399 -19.52 56.29 42.24
CA ARG D 399 -20.05 57.56 42.71
C ARG D 399 -21.39 57.30 43.36
N VAL D 400 -21.59 57.91 44.53
CA VAL D 400 -22.76 57.68 45.36
C VAL D 400 -23.69 58.87 45.25
N TYR D 401 -25.00 58.60 45.36
CA TYR D 401 -26.04 59.61 45.16
C TYR D 401 -27.23 59.26 46.05
N PRO D 402 -27.37 59.89 47.22
CA PRO D 402 -28.50 59.54 48.09
C PRO D 402 -29.82 60.01 47.50
N PHE D 403 -30.91 59.41 47.99
CA PHE D 403 -32.26 59.72 47.53
C PHE D 403 -33.23 59.73 48.73
N GLU D 404 -34.43 60.30 48.51
CA GLU D 404 -35.42 60.49 49.56
C GLU D 404 -36.76 59.81 49.31
N ASP D 405 -37.19 59.66 48.05
CA ASP D 405 -38.45 58.98 47.75
C ASP D 405 -38.20 57.85 46.76
N ASP D 406 -39.30 57.31 46.21
CA ASP D 406 -39.28 56.34 45.11
C ASP D 406 -38.13 56.57 44.14
N VAL D 407 -37.32 55.46 43.88
CA VAL D 407 -36.20 55.46 42.93
C VAL D 407 -36.71 55.07 41.54
N GLU D 408 -36.06 55.58 40.51
CA GLU D 408 -36.55 55.39 39.15
C GLU D 408 -35.76 54.36 38.34
N VAL D 409 -34.58 53.94 38.81
CA VAL D 409 -33.70 53.01 38.10
C VAL D 409 -33.46 51.81 38.98
N SER D 410 -33.79 50.62 38.48
CA SER D 410 -33.50 49.42 39.25
C SER D 410 -32.01 49.12 39.20
N THR D 411 -31.61 48.03 39.83
CA THR D 411 -30.20 47.65 39.82
C THR D 411 -29.89 46.81 38.59
N GLY D 412 -28.64 46.93 38.13
CA GLY D 412 -28.20 46.37 36.90
C GLY D 412 -28.12 47.38 35.78
N ASP D 413 -29.00 48.39 35.77
CA ASP D 413 -29.10 49.33 34.66
C ASP D 413 -27.77 50.05 34.39
N ARG D 414 -27.46 50.18 33.10
CA ARG D 414 -26.38 51.00 32.57
C ARG D 414 -26.87 52.43 32.38
N VAL D 415 -25.96 53.37 32.47
CA VAL D 415 -26.31 54.77 32.23
C VAL D 415 -25.05 55.62 32.10
N ALA D 416 -25.22 56.83 31.49
CA ALA D 416 -24.34 57.94 31.13
C ALA D 416 -24.71 59.20 31.91
N PRO D 417 -23.85 60.23 31.94
CA PRO D 417 -24.21 61.47 32.65
C PRO D 417 -25.47 62.09 32.09
N GLY D 418 -26.21 62.77 32.98
CA GLY D 418 -27.43 63.49 32.64
C GLY D 418 -28.71 62.68 32.71
N ASP D 419 -28.64 61.42 33.13
CA ASP D 419 -29.83 60.59 33.18
C ASP D 419 -30.45 60.66 34.58
N VAL D 420 -31.74 60.33 34.67
CA VAL D 420 -32.56 60.62 35.84
C VAL D 420 -32.56 59.40 36.76
N LEU D 421 -31.79 59.48 37.86
CA LEU D 421 -31.66 58.34 38.79
C LEU D 421 -32.94 58.10 39.59
N ALA D 422 -33.35 59.08 40.40
CA ALA D 422 -34.52 58.90 41.27
C ALA D 422 -34.97 60.25 41.83
N ASP D 423 -36.08 60.21 42.55
CA ASP D 423 -36.69 61.41 43.13
C ASP D 423 -37.06 62.41 42.03
N GLY D 424 -38.04 62.00 41.23
CA GLY D 424 -38.80 62.91 40.41
C GLY D 424 -38.06 63.53 39.26
N GLY D 425 -36.74 63.62 39.38
CA GLY D 425 -35.93 64.31 38.39
C GLY D 425 -34.85 65.14 39.03
N LYS D 426 -34.72 65.03 40.36
CA LYS D 426 -33.78 65.91 41.06
C LYS D 426 -32.34 65.39 40.96
N VAL D 427 -32.08 64.21 41.53
CA VAL D 427 -30.76 63.61 41.40
C VAL D 427 -30.58 63.03 40.00
N LYS D 428 -29.33 62.90 39.58
CA LYS D 428 -29.10 62.43 38.23
C LYS D 428 -27.65 61.97 38.12
N SER D 429 -27.33 61.38 36.98
CA SER D 429 -26.04 60.75 36.82
C SER D 429 -24.93 61.78 36.78
N ASP D 430 -23.77 61.41 37.32
CA ASP D 430 -22.52 62.10 37.00
C ASP D 430 -21.69 61.42 35.90
N VAL D 431 -21.13 60.24 36.23
CA VAL D 431 -20.22 59.54 35.34
C VAL D 431 -21.04 58.63 34.43
N TYR D 432 -20.39 58.10 33.40
CA TYR D 432 -20.83 56.87 32.78
C TYR D 432 -20.67 55.71 33.76
N GLY D 433 -21.71 54.91 33.94
CA GLY D 433 -21.60 53.83 34.89
C GLY D 433 -22.83 52.93 34.88
N ARG D 434 -22.75 51.89 35.72
CA ARG D 434 -23.83 50.93 35.87
C ARG D 434 -24.35 50.99 37.31
N VAL D 435 -25.70 50.91 37.46
CA VAL D 435 -26.39 51.22 38.71
C VAL D 435 -26.32 50.04 39.68
N GLU D 436 -26.24 50.38 40.97
CA GLU D 436 -26.34 49.43 42.07
C GLU D 436 -27.29 50.06 43.10
N VAL D 437 -28.60 49.83 42.93
CA VAL D 437 -29.58 50.36 43.86
C VAL D 437 -29.33 49.78 45.25
N ASP D 438 -28.86 50.62 46.18
CA ASP D 438 -28.72 50.25 47.58
C ASP D 438 -29.96 50.69 48.33
N LEU D 439 -30.62 49.77 49.04
CA LEU D 439 -31.78 50.11 49.86
C LEU D 439 -31.46 50.21 51.34
N VAL D 440 -30.32 49.68 51.78
CA VAL D 440 -29.91 49.82 53.18
C VAL D 440 -29.28 51.19 53.42
N ARG D 441 -28.34 51.61 52.57
CA ARG D 441 -27.80 52.95 52.64
C ARG D 441 -28.68 53.99 51.96
N ASN D 442 -29.74 53.57 51.28
CA ASN D 442 -30.65 54.46 50.54
C ASN D 442 -29.88 55.44 49.66
N VAL D 443 -28.81 54.94 49.05
CA VAL D 443 -28.08 55.63 47.98
C VAL D 443 -28.26 54.84 46.69
N VAL D 444 -28.23 55.55 45.56
CA VAL D 444 -28.20 54.91 44.24
C VAL D 444 -26.77 55.00 43.73
N ARG D 445 -26.08 53.86 43.71
CA ARG D 445 -24.67 53.78 43.35
C ARG D 445 -24.51 53.71 41.84
N VAL D 446 -23.43 54.33 41.33
CA VAL D 446 -23.10 54.27 39.92
C VAL D 446 -21.62 53.93 39.78
N VAL D 447 -21.34 52.79 39.16
CA VAL D 447 -19.99 52.27 39.02
C VAL D 447 -19.48 52.68 37.65
N GLU D 448 -18.27 53.23 37.63
CA GLU D 448 -17.73 53.90 36.44
C GLU D 448 -17.42 52.84 35.40
N SER D 449 -18.26 52.76 34.36
CA SER D 449 -18.15 51.71 33.36
C SER D 449 -19.15 51.94 32.21
N TYR D 450 -18.70 51.59 30.99
CA TYR D 450 -19.31 52.00 29.72
C TYR D 450 -20.21 50.93 29.13
N ASP D 451 -21.03 51.37 28.16
CA ASP D 451 -21.92 50.49 27.41
C ASP D 451 -21.24 49.84 26.20
N ILE D 452 -19.91 49.67 26.26
CA ILE D 452 -19.06 49.18 25.19
C ILE D 452 -19.61 47.90 24.58
N ASP D 453 -19.39 47.72 23.28
CA ASP D 453 -19.86 46.56 22.51
C ASP D 453 -18.63 45.78 22.06
N ALA D 454 -18.25 44.75 22.81
CA ALA D 454 -16.98 44.07 22.56
C ALA D 454 -17.18 42.56 22.69
N ARG D 455 -17.12 41.85 21.56
CA ARG D 455 -17.59 40.47 21.49
C ARG D 455 -16.43 39.51 21.25
N MET D 456 -16.79 38.25 21.03
CA MET D 456 -15.86 37.13 20.97
C MET D 456 -16.35 36.05 20.00
N GLY D 457 -15.51 35.70 19.03
CA GLY D 457 -15.73 34.51 18.23
C GLY D 457 -16.43 34.79 16.91
N ALA D 458 -16.84 33.69 16.28
CA ALA D 458 -17.56 33.78 15.01
C ALA D 458 -18.76 34.71 15.09
N GLU D 459 -19.32 34.90 16.29
CA GLU D 459 -20.43 35.85 16.44
C GLU D 459 -19.98 37.26 16.10
N ALA D 460 -18.83 37.65 16.62
CA ALA D 460 -18.20 38.91 16.25
C ALA D 460 -17.98 39.00 14.74
N ILE D 461 -17.20 38.06 14.19
CA ILE D 461 -16.68 38.22 12.84
C ILE D 461 -17.79 38.25 11.80
N GLN D 462 -18.84 37.44 11.99
CA GLN D 462 -19.97 37.51 11.04
C GLN D 462 -20.51 38.93 10.94
N GLN D 463 -20.38 39.71 12.02
CA GLN D 463 -20.72 41.13 11.99
C GLN D 463 -19.70 41.90 11.14
N LEU D 464 -18.43 41.90 11.57
CA LEU D 464 -17.39 42.65 10.87
C LEU D 464 -17.35 42.33 9.38
N LEU D 465 -17.52 41.06 9.03
CA LEU D 465 -17.66 40.70 7.62
C LEU D 465 -18.94 41.28 7.04
N LYS D 466 -20.02 41.29 7.83
CA LYS D 466 -21.29 41.81 7.32
C LYS D 466 -21.22 43.32 7.08
N GLU D 467 -20.43 44.04 7.88
CA GLU D 467 -20.18 45.48 7.68
C GLU D 467 -18.90 45.69 6.85
N LEU D 468 -18.97 45.26 5.60
CA LEU D 468 -17.86 45.42 4.66
C LEU D 468 -18.47 45.85 3.33
N ASP D 469 -18.42 47.14 3.05
CA ASP D 469 -18.86 47.63 1.75
C ASP D 469 -17.73 47.31 0.76
N LEU D 470 -17.85 46.16 0.07
CA LEU D 470 -16.71 45.64 -0.69
C LEU D 470 -16.19 46.67 -1.68
N GLU D 471 -17.09 47.35 -2.39
CA GLU D 471 -16.69 48.36 -3.35
C GLU D 471 -15.77 49.40 -2.71
N ALA D 472 -16.12 49.86 -1.51
CA ALA D 472 -15.32 50.82 -0.77
C ALA D 472 -13.87 50.35 -0.67
N LEU D 473 -13.68 49.17 -0.10
CA LEU D 473 -12.34 48.69 0.23
C LEU D 473 -11.49 48.50 -1.03
N GLU D 474 -12.10 48.03 -2.13
CA GLU D 474 -11.45 48.14 -3.42
C GLU D 474 -10.89 49.55 -3.61
N LYS D 475 -11.78 50.55 -3.58
CA LYS D 475 -11.38 51.92 -3.86
C LYS D 475 -10.14 52.31 -3.07
N GLU D 476 -10.12 52.02 -1.76
CA GLU D 476 -8.99 52.41 -0.93
C GLU D 476 -7.74 51.63 -1.31
N LEU D 477 -7.89 50.33 -1.57
CA LEU D 477 -6.73 49.49 -1.75
C LEU D 477 -5.95 49.86 -3.00
N LEU D 478 -6.65 50.15 -4.10
CA LEU D 478 -5.94 50.67 -5.27
C LEU D 478 -5.47 52.09 -5.01
N GLU D 479 -6.37 52.95 -4.53
CA GLU D 479 -5.99 54.31 -4.12
C GLU D 479 -4.77 54.27 -3.21
N GLU D 480 -4.42 53.07 -2.74
CA GLU D 480 -3.15 52.81 -2.07
C GLU D 480 -2.22 51.93 -2.88
N MET D 481 -2.73 51.22 -3.90
CA MET D 481 -1.79 50.57 -4.81
C MET D 481 -0.82 51.56 -5.45
N LYS D 482 -1.03 52.86 -5.26
CA LYS D 482 -0.18 53.91 -5.82
C LYS D 482 1.07 54.17 -4.99
N HIS D 483 1.22 53.50 -3.87
CA HIS D 483 2.28 53.79 -2.92
C HIS D 483 3.62 53.23 -3.37
N PRO D 484 4.72 53.83 -2.91
CA PRO D 484 6.06 53.28 -3.11
C PRO D 484 6.45 52.23 -2.08
N SER D 485 7.74 51.87 -2.07
CA SER D 485 8.34 50.93 -1.12
C SER D 485 7.91 49.50 -1.43
N ARG D 486 6.89 49.38 -2.29
CA ARG D 486 6.46 48.13 -2.92
C ARG D 486 5.96 47.10 -1.90
N ALA D 487 6.12 47.38 -0.61
CA ALA D 487 5.67 46.40 0.37
C ALA D 487 4.21 46.66 0.72
N ARG D 488 3.82 47.92 0.91
CA ARG D 488 2.40 48.25 0.96
C ARG D 488 1.73 47.92 -0.38
N ARG D 489 2.34 48.30 -1.50
CA ARG D 489 1.73 48.00 -2.79
C ARG D 489 1.51 46.50 -2.97
N ALA D 490 2.34 45.67 -2.31
CA ALA D 490 2.28 44.22 -2.49
C ALA D 490 1.06 43.61 -1.83
N LYS D 491 0.80 43.97 -0.56
CA LYS D 491 -0.26 43.32 0.20
C LYS D 491 -1.64 43.91 -0.09
N ALA D 492 -1.71 45.17 -0.53
CA ALA D 492 -2.98 45.66 -1.07
C ALA D 492 -3.35 44.94 -2.37
N ARG D 493 -2.39 44.29 -3.02
CA ARG D 493 -2.74 43.38 -4.12
C ARG D 493 -3.31 42.07 -3.57
N LYS D 494 -2.53 41.37 -2.72
CA LYS D 494 -3.00 40.15 -2.09
C LYS D 494 -4.41 40.32 -1.54
N ARG D 495 -4.60 41.35 -0.70
CA ARG D 495 -5.93 41.64 -0.16
C ARG D 495 -6.93 41.92 -1.27
N LEU D 496 -6.57 42.81 -2.21
CA LEU D 496 -7.52 43.23 -3.23
C LEU D 496 -7.99 42.06 -4.08
N GLU D 497 -7.08 41.15 -4.41
CA GLU D 497 -7.41 39.91 -5.10
C GLU D 497 -8.62 39.23 -4.45
N VAL D 498 -8.63 39.18 -3.11
CA VAL D 498 -9.70 38.53 -2.35
C VAL D 498 -11.00 39.33 -2.42
N VAL D 499 -10.89 40.65 -2.47
CA VAL D 499 -12.09 41.46 -2.62
C VAL D 499 -12.74 41.16 -3.97
N ARG D 500 -11.96 41.28 -5.04
CA ARG D 500 -12.53 41.08 -6.36
C ARG D 500 -12.96 39.63 -6.54
N ALA D 501 -12.22 38.69 -5.95
CA ALA D 501 -12.72 37.32 -5.82
C ALA D 501 -14.15 37.29 -5.32
N PHE D 502 -14.47 38.10 -4.31
CA PHE D 502 -15.84 38.10 -3.84
C PHE D 502 -16.74 38.94 -4.74
N LEU D 503 -16.25 40.12 -5.15
CA LEU D 503 -17.03 40.97 -6.04
C LEU D 503 -17.42 40.23 -7.30
N ASP D 504 -16.42 39.70 -8.02
CA ASP D 504 -16.67 39.08 -9.32
C ASP D 504 -17.61 37.89 -9.20
N SER D 505 -17.51 37.12 -8.10
CA SER D 505 -18.33 35.90 -7.97
C SER D 505 -19.75 36.21 -7.50
N GLY D 506 -19.91 37.13 -6.54
CA GLY D 506 -21.17 37.35 -5.87
C GLY D 506 -21.32 36.67 -4.52
N ASN D 507 -20.24 36.19 -3.93
CA ASN D 507 -20.32 35.55 -2.62
C ASN D 507 -20.26 36.63 -1.55
N ARG D 508 -20.86 36.34 -0.39
CA ARG D 508 -20.72 37.36 0.64
C ARG D 508 -19.67 36.94 1.65
N PRO D 509 -18.65 37.78 1.93
CA PRO D 509 -17.60 37.38 2.88
C PRO D 509 -18.12 36.71 4.14
N GLU D 510 -19.13 37.31 4.77
CA GLU D 510 -19.80 36.74 5.93
C GLU D 510 -20.13 35.24 5.78
N TRP D 511 -20.34 34.76 4.55
CA TRP D 511 -20.73 33.37 4.33
C TRP D 511 -19.69 32.36 4.77
N MET D 512 -18.47 32.79 5.10
CA MET D 512 -17.45 31.87 5.58
C MET D 512 -17.67 31.65 7.08
N ILE D 513 -18.90 31.85 7.56
CA ILE D 513 -19.24 31.58 8.94
C ILE D 513 -20.62 30.96 8.89
N LEU D 514 -20.73 29.69 9.24
CA LEU D 514 -22.01 29.04 9.11
C LEU D 514 -22.84 29.29 10.34
N GLU D 515 -24.12 29.59 10.13
CA GLU D 515 -25.10 29.45 11.19
C GLU D 515 -25.69 28.04 11.12
N ALA D 516 -26.09 27.64 9.93
CA ALA D 516 -26.65 26.32 9.67
C ALA D 516 -25.54 25.43 9.07
N VAL D 517 -24.95 24.58 9.90
CA VAL D 517 -24.02 23.55 9.43
C VAL D 517 -24.83 22.44 8.76
N PRO D 518 -24.47 22.00 7.56
CA PRO D 518 -25.25 20.97 6.88
C PRO D 518 -24.83 19.58 7.32
N VAL D 519 -25.74 18.64 7.08
CA VAL D 519 -25.52 17.24 7.42
C VAL D 519 -25.59 16.39 6.15
N LEU D 520 -24.72 15.42 6.07
CA LEU D 520 -24.50 14.64 4.87
C LEU D 520 -25.41 13.42 4.87
N PRO D 521 -26.10 13.11 3.76
CA PRO D 521 -27.14 12.06 3.79
C PRO D 521 -26.68 10.83 4.55
N PRO D 522 -27.58 10.11 5.23
CA PRO D 522 -27.13 8.96 6.03
C PRO D 522 -26.40 7.89 5.22
N ASP D 523 -26.95 7.49 4.06
CA ASP D 523 -26.38 6.38 3.31
C ASP D 523 -24.88 6.59 3.02
N LEU D 524 -24.45 7.87 2.82
CA LEU D 524 -23.03 8.22 2.61
C LEU D 524 -22.21 8.18 3.90
N ARG D 525 -22.75 7.69 4.97
CA ARG D 525 -22.00 7.61 6.23
C ARG D 525 -22.76 6.60 7.06
N PRO D 526 -22.83 5.35 6.64
CA PRO D 526 -23.91 4.48 7.11
C PRO D 526 -23.66 3.93 8.50
N MET D 527 -24.73 3.29 8.97
CA MET D 527 -24.72 2.41 10.13
C MET D 527 -25.17 1.07 9.58
N VAL D 528 -24.30 0.06 9.64
CA VAL D 528 -24.57 -1.23 9.05
C VAL D 528 -24.32 -2.34 10.07
N GLN D 529 -25.20 -3.34 10.01
CA GLN D 529 -24.98 -4.63 10.63
C GLN D 529 -24.08 -5.49 9.75
N VAL D 530 -22.89 -5.79 10.25
CA VAL D 530 -21.98 -6.76 9.64
C VAL D 530 -22.50 -8.16 9.98
N ASP D 531 -21.90 -9.20 9.39
CA ASP D 531 -22.37 -10.58 9.54
C ASP D 531 -22.85 -10.93 10.95
N GLY D 532 -22.05 -10.62 11.97
CA GLY D 532 -22.38 -11.08 13.31
C GLY D 532 -23.51 -10.33 13.97
N GLY D 533 -24.40 -9.76 13.17
CA GLY D 533 -25.40 -8.84 13.68
C GLY D 533 -24.84 -7.60 14.35
N ARG D 534 -23.51 -7.43 14.36
CA ARG D 534 -22.89 -6.24 14.92
C ARG D 534 -22.90 -5.10 13.93
N PHE D 535 -22.66 -3.90 14.44
CA PHE D 535 -22.84 -2.69 13.65
C PHE D 535 -21.51 -2.04 13.34
N ALA D 536 -21.41 -1.49 12.15
CA ALA D 536 -20.23 -0.73 11.79
C ALA D 536 -20.71 0.61 11.30
N THR D 537 -20.04 1.68 11.74
CA THR D 537 -20.57 3.03 11.53
C THR D 537 -19.45 3.96 11.12
N SER D 538 -19.80 4.95 10.30
CA SER D 538 -18.83 5.95 9.88
C SER D 538 -18.32 6.76 11.06
N ASP D 539 -17.17 7.37 10.84
CA ASP D 539 -16.62 8.27 11.84
C ASP D 539 -17.43 9.55 11.95
N LEU D 540 -18.22 9.90 10.93
CA LEU D 540 -18.89 11.19 10.95
C LEU D 540 -19.97 11.24 12.01
N ASN D 541 -20.79 10.20 12.13
CA ASN D 541 -21.79 10.23 13.18
C ASN D 541 -21.16 10.62 14.50
N ASP D 542 -20.16 9.86 14.97
CA ASP D 542 -19.55 10.25 16.23
C ASP D 542 -18.98 11.67 16.20
N LEU D 543 -18.72 12.24 15.02
CA LEU D 543 -18.34 13.66 14.99
C LEU D 543 -19.55 14.59 15.10
N TYR D 544 -20.62 14.32 14.32
CA TYR D 544 -21.87 15.05 14.46
C TYR D 544 -22.40 14.99 15.89
N ARG D 545 -22.71 13.79 16.39
CA ARG D 545 -23.18 13.63 17.76
C ARG D 545 -22.42 14.57 18.68
N ARG D 546 -21.11 14.42 18.71
CA ARG D 546 -20.17 15.32 19.37
C ARG D 546 -20.55 16.78 19.24
N LEU D 547 -20.97 17.20 18.05
CA LEU D 547 -21.34 18.60 17.85
C LEU D 547 -22.77 18.84 18.25
N ILE D 548 -23.64 17.85 18.03
CA ILE D 548 -25.05 18.08 18.35
C ILE D 548 -25.24 18.23 19.85
N ASN D 549 -24.53 17.43 20.67
CA ASN D 549 -24.51 17.64 22.12
C ASN D 549 -24.18 19.09 22.45
N ARG D 550 -23.07 19.60 21.93
CA ARG D 550 -22.59 20.90 22.38
C ARG D 550 -23.54 22.04 21.98
N ASN D 551 -24.05 22.00 20.75
CA ASN D 551 -25.09 22.95 20.34
C ASN D 551 -26.32 22.83 21.23
N ASN D 552 -26.74 21.60 21.54
CA ASN D 552 -27.90 21.42 22.41
C ASN D 552 -27.61 21.94 23.81
N ARG D 553 -26.58 21.43 24.45
CA ARG D 553 -26.27 21.88 25.80
C ARG D 553 -25.95 23.36 25.85
N LEU D 554 -25.71 24.01 24.72
CA LEU D 554 -25.60 25.47 24.75
C LEU D 554 -26.97 26.14 24.63
N LYS D 555 -27.84 25.58 23.80
CA LYS D 555 -29.20 26.08 23.71
C LYS D 555 -29.88 26.08 25.07
N LYS D 556 -29.54 25.10 25.91
CA LYS D 556 -30.01 25.08 27.29
C LYS D 556 -29.28 26.13 28.13
N LEU D 557 -27.94 26.06 28.19
CA LEU D 557 -27.20 27.03 29.00
C LEU D 557 -27.63 28.47 28.74
N LEU D 558 -28.10 28.76 27.52
CA LEU D 558 -28.66 30.08 27.23
C LEU D 558 -29.87 30.36 28.11
N ALA D 559 -30.95 29.57 27.93
CA ALA D 559 -32.22 29.89 28.56
C ALA D 559 -32.13 29.87 30.07
N GLN D 560 -31.31 28.96 30.62
CA GLN D 560 -31.09 28.90 32.05
C GLN D 560 -30.15 30.01 32.54
N GLY D 561 -29.87 31.01 31.69
CA GLY D 561 -29.08 32.18 32.01
C GLY D 561 -27.75 31.94 32.70
N ALA D 562 -26.80 31.32 32.04
CA ALA D 562 -25.64 31.02 32.87
C ALA D 562 -24.59 32.11 32.73
N PRO D 563 -23.64 32.16 33.66
CA PRO D 563 -22.60 33.21 33.60
C PRO D 563 -21.87 33.22 32.25
N GLU D 564 -21.17 34.31 31.88
CA GLU D 564 -20.37 34.24 30.65
C GLU D 564 -19.38 33.09 30.73
N ILE D 565 -18.53 33.11 31.75
CA ILE D 565 -17.43 32.17 31.93
C ILE D 565 -17.86 30.77 31.57
N ILE D 566 -19.14 30.44 31.78
CA ILE D 566 -19.68 29.16 31.33
C ILE D 566 -20.15 29.26 29.89
N ILE D 567 -21.09 30.16 29.56
CA ILE D 567 -21.51 30.20 28.16
C ILE D 567 -20.32 30.36 27.22
N ARG D 568 -19.26 31.04 27.67
CA ARG D 568 -18.05 31.14 26.85
C ARG D 568 -17.54 29.76 26.48
N ASN D 569 -17.30 28.94 27.50
CA ASN D 569 -16.75 27.61 27.30
C ASN D 569 -17.62 26.74 26.41
N GLU D 570 -18.94 26.91 26.46
CA GLU D 570 -19.79 26.12 25.57
C GLU D 570 -19.58 26.53 24.13
N LYS D 571 -19.45 27.85 23.88
CA LYS D 571 -19.26 28.33 22.52
C LYS D 571 -17.91 27.86 21.97
N ARG D 572 -16.83 28.13 22.72
CA ARG D 572 -15.53 27.63 22.31
C ARG D 572 -15.62 26.17 21.89
N MET D 573 -15.98 25.31 22.84
CA MET D 573 -16.23 23.91 22.57
C MET D 573 -17.11 23.71 21.35
N LEU D 574 -17.92 24.70 21.00
CA LEU D 574 -18.75 24.54 19.81
C LEU D 574 -17.91 24.69 18.54
N GLN D 575 -17.00 25.67 18.48
CA GLN D 575 -16.17 25.74 17.28
C GLN D 575 -15.39 24.44 17.13
N GLU D 576 -14.69 24.04 18.20
CA GLU D 576 -13.84 22.86 18.11
C GLU D 576 -14.63 21.64 17.69
N ALA D 577 -15.90 21.56 18.09
CA ALA D 577 -16.79 20.61 17.47
C ALA D 577 -16.77 20.84 15.97
N VAL D 578 -17.29 21.99 15.49
CA VAL D 578 -17.45 22.15 14.05
C VAL D 578 -16.11 22.15 13.35
N ASP D 579 -15.05 22.53 14.05
CA ASP D 579 -13.74 22.50 13.42
C ASP D 579 -13.18 21.09 13.30
N ALA D 580 -13.76 20.12 13.98
CA ALA D 580 -13.30 18.74 13.80
C ALA D 580 -14.21 17.95 12.87
N LEU D 581 -15.50 18.23 12.86
CA LEU D 581 -16.36 17.67 11.83
C LEU D 581 -15.78 17.92 10.46
N LEU D 582 -15.30 19.14 10.21
CA LEU D 582 -14.95 19.58 8.87
C LEU D 582 -13.52 19.24 8.51
N ASP D 583 -12.57 19.50 9.41
CA ASP D 583 -11.17 19.27 9.13
C ASP D 583 -10.41 18.77 10.37
N ASN D 584 -10.97 17.78 11.07
CA ASN D 584 -10.36 17.29 12.31
C ASN D 584 -8.83 17.28 12.23
N GLY D 585 -8.18 17.71 13.31
CA GLY D 585 -6.74 17.75 13.39
C GLY D 585 -6.07 18.93 12.72
N ARG D 586 -6.75 19.57 11.77
CA ARG D 586 -6.19 20.76 11.17
C ARG D 586 -5.74 21.74 12.25
N ARG D 587 -6.65 22.14 13.15
CA ARG D 587 -6.26 22.94 14.31
C ARG D 587 -6.42 22.18 15.61
N GLY D 588 -5.43 22.32 16.47
CA GLY D 588 -5.46 21.72 17.78
C GLY D 588 -5.27 20.21 17.71
N ALA D 589 -5.51 19.57 18.85
CA ALA D 589 -5.49 18.11 18.88
C ALA D 589 -6.58 17.56 17.97
N PRO D 590 -6.46 16.30 17.57
CA PRO D 590 -7.48 15.67 16.74
C PRO D 590 -8.46 14.85 17.60
N VAL D 591 -9.66 14.72 17.09
CA VAL D 591 -10.78 14.10 17.82
C VAL D 591 -10.63 12.58 17.73
N THR D 592 -10.35 11.96 18.87
CA THR D 592 -10.05 10.54 18.98
C THR D 592 -11.23 9.85 19.63
N ASN D 593 -11.72 8.76 19.04
CA ASN D 593 -12.64 7.92 19.80
C ASN D 593 -11.92 7.36 21.02
N PRO D 594 -12.66 6.89 22.02
CA PRO D 594 -12.03 6.50 23.28
C PRO D 594 -11.41 5.12 23.15
N GLY D 595 -10.30 4.93 23.87
CA GLY D 595 -9.61 3.66 23.86
C GLY D 595 -8.74 3.40 22.64
N SER D 596 -8.65 4.36 21.74
CA SER D 596 -7.74 4.30 20.61
C SER D 596 -7.17 5.69 20.42
N ASP D 597 -6.15 5.77 19.56
CA ASP D 597 -5.50 7.03 19.25
C ASP D 597 -5.68 7.40 17.78
N ARG D 598 -6.66 6.79 17.16
CA ARG D 598 -6.93 6.97 15.74
C ARG D 598 -7.70 8.25 15.54
N PRO D 599 -7.13 9.26 14.92
CA PRO D 599 -7.92 10.44 14.56
C PRO D 599 -9.14 10.01 13.77
N LEU D 600 -10.27 10.60 14.11
CA LEU D 600 -11.47 10.32 13.34
C LEU D 600 -11.31 10.88 11.94
N ARG D 601 -12.12 10.39 11.02
CA ARG D 601 -11.97 10.75 9.62
C ARG D 601 -12.94 11.88 9.33
N SER D 602 -12.42 13.10 9.23
CA SER D 602 -13.27 14.26 9.03
C SER D 602 -13.53 14.49 7.53
N LEU D 603 -14.54 15.31 7.26
CA LEU D 603 -14.90 15.62 5.87
C LEU D 603 -13.69 15.91 4.98
N THR D 604 -12.75 16.78 5.39
CA THR D 604 -11.60 17.02 4.50
C THR D 604 -10.75 15.77 4.32
N ASP D 605 -10.49 15.05 5.42
CA ASP D 605 -9.76 13.79 5.29
C ASP D 605 -10.38 12.85 4.26
N ILE D 606 -11.70 12.81 4.14
CA ILE D 606 -12.33 12.02 3.08
C ILE D 606 -11.95 12.56 1.73
N LEU D 607 -12.07 13.88 1.57
CA LEU D 607 -11.92 14.45 0.25
C LEU D 607 -10.51 14.27 -0.30
N SER D 608 -9.49 14.31 0.56
CA SER D 608 -8.13 14.58 0.13
C SER D 608 -7.14 13.52 0.56
N GLY D 609 -6.12 13.39 -0.26
CA GLY D 609 -5.04 12.44 -0.03
C GLY D 609 -5.09 11.33 -1.06
N LYS D 610 -3.98 10.58 -1.08
CA LYS D 610 -3.95 9.43 -1.98
C LYS D 610 -5.14 8.51 -1.70
N GLN D 611 -5.60 8.45 -0.46
CA GLN D 611 -6.74 7.63 -0.10
C GLN D 611 -8.07 8.36 -0.21
N GLY D 612 -8.05 9.66 -0.51
CA GLY D 612 -9.24 10.47 -0.58
C GLY D 612 -10.15 10.11 -1.76
N ARG D 613 -11.28 10.81 -1.79
CA ARG D 613 -12.30 10.58 -2.81
C ARG D 613 -11.75 10.83 -4.22
N PHE D 614 -10.96 11.88 -4.42
CA PHE D 614 -10.48 12.11 -5.78
C PHE D 614 -9.59 10.98 -6.33
N ARG D 615 -8.42 10.84 -5.72
CA ARG D 615 -7.41 9.94 -6.24
C ARG D 615 -7.81 8.48 -6.08
N GLN D 616 -8.81 8.14 -5.27
CA GLN D 616 -9.12 6.73 -5.02
C GLN D 616 -10.44 6.27 -5.62
N ASN D 617 -11.31 7.18 -6.04
CA ASN D 617 -12.60 6.81 -6.59
C ASN D 617 -13.04 7.64 -7.79
N LEU D 618 -12.38 8.76 -8.11
CA LEU D 618 -12.75 9.53 -9.29
C LEU D 618 -11.73 9.44 -10.43
N LEU D 619 -10.43 9.52 -10.12
CA LEU D 619 -9.37 9.32 -11.11
C LEU D 619 -9.02 7.87 -11.33
N GLY D 620 -9.87 6.95 -10.90
CA GLY D 620 -9.72 5.51 -11.10
C GLY D 620 -10.29 4.63 -9.98
N LYS D 621 -11.20 3.76 -10.38
CA LYS D 621 -12.05 2.94 -9.53
C LYS D 621 -11.55 1.49 -9.57
N ARG D 622 -12.28 0.58 -8.95
CA ARG D 622 -12.20 -0.83 -9.32
C ARG D 622 -13.17 -1.08 -10.50
N VAL D 623 -13.14 -2.29 -11.07
CA VAL D 623 -13.98 -2.55 -12.24
C VAL D 623 -14.48 -3.99 -12.30
N ASP D 624 -15.69 -4.14 -12.84
CA ASP D 624 -16.25 -5.41 -13.27
C ASP D 624 -15.59 -5.87 -14.56
N TYR D 625 -15.75 -7.17 -14.83
CA TYR D 625 -15.18 -7.80 -16.00
C TYR D 625 -13.67 -7.65 -15.98
N SER D 626 -13.07 -8.21 -14.95
CA SER D 626 -11.63 -8.13 -14.93
C SER D 626 -11.13 -9.30 -14.11
N GLY D 627 -9.92 -9.75 -14.44
CA GLY D 627 -9.30 -10.85 -13.73
C GLY D 627 -7.81 -10.63 -13.59
N ARG D 628 -7.17 -11.52 -12.83
CA ARG D 628 -5.75 -11.44 -12.54
C ARG D 628 -5.26 -12.87 -12.60
N SER D 629 -3.99 -13.06 -12.98
CA SER D 629 -3.41 -14.39 -12.84
C SER D 629 -1.92 -14.36 -13.09
N VAL D 630 -1.30 -15.53 -12.89
CA VAL D 630 0.12 -15.69 -13.13
C VAL D 630 0.38 -15.85 -14.63
N ILE D 631 1.41 -15.17 -15.13
CA ILE D 631 1.73 -15.25 -16.53
C ILE D 631 2.84 -16.27 -16.77
N VAL D 632 3.09 -16.53 -18.03
CA VAL D 632 3.75 -17.73 -18.47
C VAL D 632 4.03 -17.45 -19.94
N VAL D 633 5.22 -17.81 -20.42
CA VAL D 633 5.58 -17.50 -21.80
C VAL D 633 4.88 -18.49 -22.73
N GLY D 634 4.23 -17.97 -23.77
CA GLY D 634 3.79 -18.83 -24.84
C GLY D 634 4.43 -18.49 -26.18
N PRO D 635 5.48 -19.24 -26.57
CA PRO D 635 6.25 -18.80 -27.73
C PRO D 635 5.58 -19.20 -29.02
N GLN D 636 4.50 -20.00 -28.90
CA GLN D 636 3.68 -20.43 -30.02
C GLN D 636 2.66 -19.39 -30.44
N LEU D 637 2.50 -18.29 -29.70
CA LEU D 637 1.46 -17.32 -30.01
C LEU D 637 1.89 -16.48 -31.20
N LYS D 638 0.91 -15.99 -31.95
CA LYS D 638 1.24 -14.90 -32.86
C LYS D 638 1.25 -13.57 -32.09
N LEU D 639 1.90 -12.56 -32.68
CA LEU D 639 2.12 -11.31 -31.98
C LEU D 639 0.88 -10.83 -31.26
N HIS D 640 -0.28 -10.97 -31.90
CA HIS D 640 -1.53 -10.39 -31.41
C HIS D 640 -2.31 -11.35 -30.53
N GLN D 641 -1.66 -12.20 -29.75
CA GLN D 641 -2.43 -13.20 -29.02
C GLN D 641 -1.91 -13.45 -27.60
N CYS D 642 -2.67 -14.24 -26.85
CA CYS D 642 -2.38 -14.47 -25.45
C CYS D 642 -3.13 -15.71 -25.01
N GLY D 643 -2.67 -16.27 -23.89
CA GLY D 643 -3.29 -17.48 -23.35
C GLY D 643 -4.17 -17.19 -22.15
N LEU D 644 -5.48 -17.14 -22.39
CA LEU D 644 -6.48 -16.88 -21.35
C LEU D 644 -7.05 -18.22 -20.86
N PRO D 645 -6.76 -18.65 -19.64
CA PRO D 645 -7.35 -19.92 -19.17
C PRO D 645 -8.86 -19.86 -19.28
N LYS D 646 -9.48 -21.03 -19.48
CA LYS D 646 -10.87 -21.03 -19.88
C LYS D 646 -11.80 -20.80 -18.69
N ARG D 647 -11.36 -21.10 -17.47
CA ARG D 647 -12.17 -20.76 -16.32
C ARG D 647 -12.32 -19.24 -16.16
N MET D 648 -11.22 -18.50 -16.28
CA MET D 648 -11.33 -17.04 -16.33
C MET D 648 -12.26 -16.61 -17.47
N ALA D 649 -12.07 -17.21 -18.64
CA ALA D 649 -12.80 -16.79 -19.84
C ALA D 649 -14.29 -16.73 -19.59
N LEU D 650 -14.83 -17.85 -19.11
CA LEU D 650 -16.22 -18.00 -18.79
C LEU D 650 -16.70 -16.75 -18.07
N GLU D 651 -16.17 -16.51 -16.86
CA GLU D 651 -16.63 -15.39 -16.04
C GLU D 651 -16.53 -14.07 -16.79
N LEU D 652 -15.33 -13.69 -17.23
CA LEU D 652 -15.19 -12.40 -17.88
C LEU D 652 -16.16 -12.20 -19.04
N PHE D 653 -16.80 -13.26 -19.53
CA PHE D 653 -17.73 -13.10 -20.64
C PHE D 653 -19.12 -13.57 -20.24
N LYS D 654 -19.32 -13.91 -18.96
CA LYS D 654 -20.52 -14.56 -18.43
C LYS D 654 -21.82 -14.05 -19.00
N PRO D 655 -22.09 -12.78 -19.05
CA PRO D 655 -23.28 -12.35 -19.78
C PRO D 655 -23.28 -12.94 -21.17
N PHE D 656 -22.30 -12.59 -22.01
CA PHE D 656 -22.28 -13.07 -23.39
C PHE D 656 -22.54 -14.57 -23.45
N LEU D 657 -21.94 -15.33 -22.53
CA LEU D 657 -22.09 -16.78 -22.52
C LEU D 657 -23.50 -17.22 -22.15
N LEU D 658 -24.19 -16.44 -21.31
CA LEU D 658 -25.57 -16.77 -21.01
C LEU D 658 -26.44 -16.58 -22.25
N LYS D 659 -26.29 -15.46 -22.97
CA LYS D 659 -27.10 -15.24 -24.15
C LYS D 659 -26.81 -16.28 -25.23
N LYS D 660 -25.53 -16.49 -25.57
CA LYS D 660 -25.23 -17.53 -26.53
C LYS D 660 -25.82 -18.86 -26.07
N MET D 661 -25.58 -19.21 -24.80
CA MET D 661 -26.08 -20.49 -24.27
C MET D 661 -27.55 -20.71 -24.59
N GLU D 662 -28.31 -19.63 -24.85
CA GLU D 662 -29.68 -19.78 -25.33
C GLU D 662 -29.71 -19.96 -26.84
N GLU D 663 -29.17 -18.99 -27.57
CA GLU D 663 -29.27 -18.99 -29.02
C GLU D 663 -28.95 -20.34 -29.64
N LYS D 664 -28.20 -21.19 -28.94
CA LYS D 664 -28.10 -22.60 -29.30
C LYS D 664 -29.06 -23.43 -28.46
N GLY D 665 -29.00 -23.31 -27.14
CA GLY D 665 -29.98 -23.98 -26.32
C GLY D 665 -29.44 -24.99 -25.34
N ILE D 666 -28.24 -24.76 -24.79
CA ILE D 666 -27.74 -25.57 -23.69
C ILE D 666 -28.51 -25.21 -22.43
N ALA D 667 -29.49 -24.33 -22.58
CA ALA D 667 -30.49 -24.03 -21.55
C ALA D 667 -31.65 -23.33 -22.23
N PRO D 668 -32.85 -23.34 -21.60
CA PRO D 668 -34.04 -22.78 -22.26
C PRO D 668 -34.03 -21.26 -22.28
N ASN D 669 -33.74 -20.66 -21.12
CA ASN D 669 -33.72 -19.22 -20.92
C ASN D 669 -32.43 -18.86 -20.17
N VAL D 670 -32.16 -17.56 -20.02
CA VAL D 670 -30.84 -17.18 -19.52
C VAL D 670 -30.72 -17.46 -18.03
N LYS D 671 -31.83 -17.38 -17.27
CA LYS D 671 -31.75 -17.59 -15.84
C LYS D 671 -31.35 -19.03 -15.52
N ALA D 672 -31.99 -20.01 -16.16
CA ALA D 672 -31.53 -21.39 -15.99
C ALA D 672 -30.11 -21.56 -16.51
N ALA D 673 -29.78 -20.87 -17.60
CA ALA D 673 -28.41 -20.88 -18.11
C ALA D 673 -27.41 -20.54 -17.02
N ARG D 674 -27.69 -19.52 -16.21
CA ARG D 674 -26.76 -19.18 -15.13
C ARG D 674 -26.66 -20.30 -14.10
N ARG D 675 -27.78 -20.95 -13.74
CA ARG D 675 -27.72 -21.90 -12.63
C ARG D 675 -26.91 -23.14 -12.99
N MET D 676 -26.75 -23.41 -14.29
CA MET D 676 -25.85 -24.45 -14.75
C MET D 676 -24.43 -24.20 -14.24
N LEU D 677 -23.84 -23.05 -14.63
CA LEU D 677 -22.45 -22.74 -14.40
C LEU D 677 -22.12 -22.38 -12.95
N GLU D 678 -23.08 -22.45 -12.02
CA GLU D 678 -22.85 -22.02 -10.65
C GLU D 678 -22.22 -23.10 -9.77
N ARG D 679 -22.42 -24.37 -10.10
CA ARG D 679 -21.60 -25.43 -9.56
C ARG D 679 -20.82 -26.07 -10.70
N GLN D 680 -19.59 -26.51 -10.41
CA GLN D 680 -18.66 -26.90 -11.48
C GLN D 680 -19.15 -28.14 -12.23
N ARG D 681 -19.48 -29.21 -11.49
CA ARG D 681 -20.06 -30.40 -12.09
C ARG D 681 -21.03 -30.05 -13.22
N ASP D 682 -21.99 -29.17 -12.93
CA ASP D 682 -23.06 -28.87 -13.86
C ASP D 682 -22.60 -28.26 -15.19
N ILE D 683 -21.31 -27.95 -15.38
CA ILE D 683 -20.85 -27.44 -16.67
C ILE D 683 -20.72 -28.61 -17.64
N LYS D 684 -21.52 -28.59 -18.70
CA LYS D 684 -21.45 -29.64 -19.72
C LYS D 684 -20.49 -29.21 -20.82
N ASP D 685 -19.97 -30.21 -21.56
CA ASP D 685 -18.89 -29.94 -22.50
C ASP D 685 -19.23 -28.79 -23.43
N GLU D 686 -20.35 -28.88 -24.15
CA GLU D 686 -20.65 -27.89 -25.19
C GLU D 686 -20.90 -26.50 -24.62
N VAL D 687 -20.77 -26.33 -23.30
CA VAL D 687 -20.66 -24.98 -22.76
C VAL D 687 -19.46 -24.27 -23.39
N TRP D 688 -18.30 -24.95 -23.42
CA TRP D 688 -17.07 -24.33 -23.89
C TRP D 688 -17.13 -24.08 -25.39
N ASP D 689 -17.53 -25.07 -26.16
CA ASP D 689 -17.77 -24.82 -27.57
C ASP D 689 -18.66 -23.58 -27.73
N ALA D 690 -19.67 -23.45 -26.87
CA ALA D 690 -20.51 -22.26 -26.86
C ALA D 690 -19.69 -21.00 -26.65
N LEU D 691 -18.80 -21.01 -25.64
CA LEU D 691 -17.96 -19.85 -25.34
C LEU D 691 -17.14 -19.44 -26.57
N GLU D 692 -16.45 -20.41 -27.20
CA GLU D 692 -15.54 -20.11 -28.32
C GLU D 692 -16.26 -19.29 -29.40
N GLU D 693 -17.53 -19.58 -29.64
CA GLU D 693 -18.33 -18.70 -30.48
C GLU D 693 -18.34 -17.29 -29.91
N VAL D 694 -18.63 -17.18 -28.61
CA VAL D 694 -18.84 -15.89 -27.93
C VAL D 694 -17.73 -14.91 -28.29
N ILE D 695 -16.50 -15.30 -27.92
CA ILE D 695 -15.35 -14.40 -27.91
C ILE D 695 -14.74 -14.22 -29.28
N HIS D 696 -15.31 -14.81 -30.31
CA HIS D 696 -14.71 -14.69 -31.62
C HIS D 696 -14.47 -13.24 -31.97
N GLY D 697 -13.29 -12.96 -32.50
CA GLY D 697 -13.02 -11.68 -33.10
C GLY D 697 -12.62 -10.64 -32.10
N LYS D 698 -13.27 -10.63 -30.92
CA LYS D 698 -13.06 -9.59 -29.91
C LYS D 698 -11.79 -9.83 -29.10
N VAL D 699 -11.22 -8.75 -28.58
CA VAL D 699 -9.97 -8.84 -27.82
C VAL D 699 -10.22 -8.52 -26.35
N VAL D 700 -9.22 -8.85 -25.53
CA VAL D 700 -9.20 -8.42 -24.14
C VAL D 700 -7.97 -7.55 -23.94
N LEU D 701 -7.77 -7.10 -22.72
CA LEU D 701 -6.63 -6.26 -22.39
C LEU D 701 -5.79 -6.97 -21.34
N LEU D 702 -4.48 -6.88 -21.50
CA LEU D 702 -3.54 -7.29 -20.47
C LEU D 702 -2.90 -6.05 -19.88
N ASN D 703 -2.70 -6.07 -18.55
CA ASN D 703 -2.16 -4.96 -17.77
C ASN D 703 -1.11 -5.53 -16.84
N ARG D 704 0.05 -4.87 -16.76
CA ARG D 704 1.11 -5.43 -15.93
C ARG D 704 1.70 -4.37 -15.02
N ALA D 705 2.38 -4.88 -13.99
CA ALA D 705 2.28 -4.36 -12.64
C ALA D 705 2.39 -2.85 -12.72
N PRO D 706 3.54 -2.23 -12.88
CA PRO D 706 3.59 -0.76 -13.04
C PRO D 706 3.34 -0.31 -14.46
N THR D 707 2.17 0.26 -14.70
CA THR D 707 1.82 0.84 -15.99
C THR D 707 2.56 2.17 -16.16
N LEU D 708 3.89 2.05 -16.37
CA LEU D 708 4.72 3.22 -16.48
C LEU D 708 4.45 4.01 -17.76
N HIS D 709 4.08 3.34 -18.84
CA HIS D 709 3.81 4.08 -20.07
C HIS D 709 2.64 3.45 -20.82
N ARG D 710 2.35 4.03 -21.97
CA ARG D 710 1.13 3.77 -22.73
C ARG D 710 0.94 2.28 -22.99
N LEU D 711 1.90 1.45 -22.56
CA LEU D 711 2.02 0.07 -23.03
C LEU D 711 1.99 -0.95 -21.90
N GLY D 712 1.75 -0.52 -20.66
CA GLY D 712 1.38 -1.51 -19.65
C GLY D 712 0.07 -2.18 -19.99
N ILE D 713 -0.66 -1.62 -20.96
CA ILE D 713 -1.91 -2.15 -21.46
C ILE D 713 -1.80 -2.30 -22.96
N GLN D 714 -2.09 -3.49 -23.46
CA GLN D 714 -2.17 -3.80 -24.88
C GLN D 714 -3.29 -4.80 -25.11
N ALA D 715 -3.75 -4.87 -26.36
CA ALA D 715 -4.90 -5.67 -26.76
C ALA D 715 -4.50 -6.98 -27.43
N PHE D 716 -5.23 -8.04 -27.13
CA PHE D 716 -4.94 -9.38 -27.62
C PHE D 716 -6.24 -10.10 -27.95
N GLN D 717 -6.20 -10.91 -29.00
CA GLN D 717 -7.22 -11.91 -29.11
C GLN D 717 -6.90 -13.03 -28.15
N PRO D 718 -7.82 -13.39 -27.27
CA PRO D 718 -7.54 -14.51 -26.37
C PRO D 718 -7.68 -15.80 -27.15
N VAL D 719 -6.79 -16.75 -26.87
CA VAL D 719 -7.05 -18.13 -27.24
C VAL D 719 -7.17 -18.92 -25.94
N LEU D 720 -8.33 -19.57 -25.77
CA LEU D 720 -8.63 -20.32 -24.57
C LEU D 720 -7.69 -21.50 -24.42
N VAL D 721 -7.42 -21.86 -23.18
CA VAL D 721 -6.45 -22.89 -22.84
C VAL D 721 -6.90 -23.54 -21.54
N GLU D 722 -6.43 -24.73 -21.26
CA GLU D 722 -6.70 -25.32 -19.95
C GLU D 722 -5.71 -24.71 -18.97
N GLY D 723 -5.62 -25.25 -17.76
CA GLY D 723 -4.68 -24.69 -16.80
C GLY D 723 -5.05 -23.28 -16.36
N GLN D 724 -4.29 -22.74 -15.41
CA GLN D 724 -4.68 -21.49 -14.78
C GLN D 724 -3.98 -20.27 -15.34
N SER D 725 -2.85 -20.43 -16.00
CA SER D 725 -1.90 -19.34 -16.17
C SER D 725 -2.19 -18.55 -17.43
N ILE D 726 -1.85 -17.26 -17.40
CA ILE D 726 -1.96 -16.43 -18.61
C ILE D 726 -0.74 -16.70 -19.48
N GLN D 727 -0.93 -16.74 -20.80
CA GLN D 727 0.20 -16.89 -21.71
C GLN D 727 0.52 -15.55 -22.36
N LEU D 728 1.69 -15.01 -22.06
CA LEU D 728 2.15 -13.78 -22.68
C LEU D 728 2.92 -14.07 -23.96
N HIS D 729 2.76 -13.18 -24.96
CA HIS D 729 3.64 -13.34 -26.13
C HIS D 729 5.06 -12.86 -25.81
N PRO D 730 6.09 -13.56 -26.25
CA PRO D 730 7.43 -13.17 -25.78
C PRO D 730 7.88 -11.79 -26.27
N LEU D 731 7.48 -11.38 -27.47
CA LEU D 731 7.97 -10.11 -28.01
C LEU D 731 7.46 -8.92 -27.20
N VAL D 732 6.25 -9.01 -26.64
CA VAL D 732 5.71 -7.90 -25.89
C VAL D 732 6.17 -7.88 -24.44
N CYS D 733 6.97 -8.86 -24.01
CA CYS D 733 7.46 -8.81 -22.63
C CYS D 733 8.22 -7.52 -22.32
N GLU D 734 8.92 -6.95 -23.31
CA GLU D 734 9.79 -5.82 -23.03
C GLU D 734 9.00 -4.61 -22.61
N ALA D 735 7.98 -4.26 -23.39
CA ALA D 735 7.22 -3.06 -23.05
C ALA D 735 6.68 -3.16 -21.66
N PHE D 736 6.11 -4.32 -21.32
CA PHE D 736 5.56 -4.58 -19.99
C PHE D 736 6.64 -4.69 -18.91
N ASN D 737 7.90 -4.90 -19.29
CA ASN D 737 8.94 -5.28 -18.35
C ASN D 737 8.53 -6.52 -17.55
N ALA D 738 8.01 -7.51 -18.28
CA ALA D 738 7.45 -8.74 -17.72
C ALA D 738 8.42 -9.90 -17.98
N ASP D 739 9.08 -10.41 -16.91
CA ASP D 739 9.76 -11.71 -16.96
C ASP D 739 8.81 -12.74 -16.34
N PHE D 740 9.31 -13.95 -16.06
CA PHE D 740 8.43 -15.05 -15.64
C PHE D 740 8.98 -15.71 -14.38
N ASP D 741 9.49 -14.84 -13.45
CA ASP D 741 9.82 -14.98 -12.03
C ASP D 741 8.63 -15.03 -11.22
N GLY D 742 7.49 -15.11 -11.92
CA GLY D 742 6.20 -15.26 -11.26
C GLY D 742 5.29 -14.03 -11.28
N ASP D 743 5.56 -13.05 -12.16
CA ASP D 743 4.76 -11.87 -12.38
C ASP D 743 3.30 -12.23 -12.63
N GLN D 744 2.38 -11.28 -12.45
CA GLN D 744 0.98 -11.52 -12.71
C GLN D 744 0.47 -10.44 -13.65
N MET D 745 -0.70 -10.68 -14.21
CA MET D 745 -1.26 -9.69 -15.11
C MET D 745 -2.75 -9.60 -14.90
N ALA D 746 -3.28 -8.43 -15.22
CA ALA D 746 -4.70 -8.17 -15.18
C ALA D 746 -5.33 -8.40 -16.55
N VAL D 747 -6.59 -8.86 -16.54
CA VAL D 747 -7.41 -8.94 -17.74
C VAL D 747 -8.63 -8.03 -17.57
N HIS D 748 -8.94 -7.26 -18.61
CA HIS D 748 -10.17 -6.49 -18.64
C HIS D 748 -10.86 -6.74 -19.98
N VAL D 749 -12.14 -7.07 -19.94
CA VAL D 749 -12.92 -7.27 -21.15
C VAL D 749 -13.46 -5.91 -21.59
N PRO D 750 -13.18 -5.44 -22.81
CA PRO D 750 -13.96 -4.33 -23.34
C PRO D 750 -15.35 -4.83 -23.65
N LEU D 751 -16.31 -3.91 -23.67
CA LEU D 751 -17.71 -4.30 -23.83
C LEU D 751 -18.33 -3.76 -25.11
N SER D 752 -18.38 -2.44 -25.27
CA SER D 752 -19.15 -1.88 -26.34
C SER D 752 -18.50 -2.22 -27.66
N SER D 753 -19.32 -2.19 -28.71
CA SER D 753 -18.73 -2.24 -30.04
C SER D 753 -17.74 -1.10 -30.24
N PHE D 754 -17.79 -0.08 -29.41
CA PHE D 754 -16.80 0.99 -29.46
C PHE D 754 -15.52 0.60 -28.73
N ALA D 755 -15.66 -0.03 -27.56
CA ALA D 755 -14.49 -0.38 -26.77
C ALA D 755 -13.73 -1.51 -27.40
N GLN D 756 -14.41 -2.33 -28.20
CA GLN D 756 -13.71 -3.27 -29.07
C GLN D 756 -12.96 -2.53 -30.16
N ALA D 757 -13.68 -1.76 -30.98
CA ALA D 757 -13.03 -1.06 -32.11
C ALA D 757 -11.89 -0.16 -31.67
N GLU D 758 -11.88 0.26 -30.41
CA GLU D 758 -10.73 0.96 -29.87
C GLU D 758 -9.58 0.01 -29.60
N ALA D 759 -9.87 -1.13 -28.97
CA ALA D 759 -8.82 -2.07 -28.59
C ALA D 759 -8.11 -2.62 -29.81
N ARG D 760 -8.85 -3.05 -30.82
CA ARG D 760 -8.20 -3.68 -31.96
C ARG D 760 -7.45 -2.64 -32.81
N ILE D 761 -8.11 -1.58 -33.24
CA ILE D 761 -7.39 -0.65 -34.09
C ILE D 761 -6.22 -0.02 -33.33
N GLN D 762 -6.48 0.57 -32.17
CA GLN D 762 -5.47 1.45 -31.60
C GLN D 762 -4.53 0.77 -30.64
N MET D 763 -4.99 -0.24 -29.91
CA MET D 763 -4.24 -0.76 -28.79
C MET D 763 -3.76 -2.19 -28.96
N LEU D 764 -4.00 -2.80 -30.12
CA LEU D 764 -3.50 -4.15 -30.34
C LEU D 764 -1.99 -4.13 -30.36
N SER D 765 -1.36 -5.22 -29.92
CA SER D 765 0.10 -5.20 -29.89
C SER D 765 0.64 -4.98 -31.28
N ALA D 766 0.14 -5.77 -32.26
CA ALA D 766 0.73 -5.78 -33.60
C ALA D 766 0.69 -4.40 -34.27
N HIS D 767 -0.08 -3.47 -33.73
CA HIS D 767 -0.09 -2.14 -34.31
C HIS D 767 0.85 -1.19 -33.57
N ASN D 768 1.26 -1.51 -32.37
CA ASN D 768 2.12 -0.63 -31.61
C ASN D 768 3.48 -1.30 -31.55
N LEU D 769 4.32 -1.01 -32.54
CA LEU D 769 5.62 -1.65 -32.58
C LEU D 769 6.77 -0.67 -32.36
N LEU D 770 6.57 0.60 -32.60
CA LEU D 770 7.59 1.60 -32.35
C LEU D 770 7.27 2.34 -31.06
N SER D 771 8.31 2.63 -30.25
CA SER D 771 8.12 3.36 -29.00
C SER D 771 7.61 4.77 -29.26
N PRO D 772 6.64 5.25 -28.48
CA PRO D 772 6.19 6.61 -28.66
C PRO D 772 7.16 7.62 -28.07
N ALA D 773 8.19 7.18 -27.35
CA ALA D 773 9.14 8.07 -26.71
C ALA D 773 10.34 8.34 -27.59
N SER D 774 10.91 7.30 -28.19
CA SER D 774 12.07 7.45 -29.04
C SER D 774 11.76 7.18 -30.50
N GLY D 775 10.62 6.58 -30.79
CA GLY D 775 10.32 6.24 -32.16
C GLY D 775 11.02 5.02 -32.67
N GLU D 776 11.93 4.44 -31.87
CA GLU D 776 12.60 3.17 -32.16
C GLU D 776 11.64 1.99 -32.06
N PRO D 777 12.06 0.82 -32.46
CA PRO D 777 11.18 -0.34 -32.32
C PRO D 777 11.23 -0.87 -30.91
N LEU D 778 10.14 -1.51 -30.49
CA LEU D 778 9.99 -1.89 -29.10
C LEU D 778 9.61 -3.36 -28.99
N ALA D 779 8.83 -3.85 -29.95
CA ALA D 779 8.72 -5.29 -30.11
C ALA D 779 9.94 -5.71 -30.93
N LYS D 780 10.99 -6.08 -30.26
CA LYS D 780 12.09 -6.52 -31.08
C LYS D 780 12.64 -7.81 -30.52
N PRO D 781 13.65 -8.39 -31.13
CA PRO D 781 14.22 -9.60 -30.56
C PRO D 781 14.97 -9.31 -29.28
N SER D 782 14.86 -10.25 -28.35
CA SER D 782 15.51 -10.19 -27.07
C SER D 782 15.94 -11.62 -26.77
N ARG D 783 16.12 -11.93 -25.48
CA ARG D 783 17.20 -12.86 -25.10
C ARG D 783 17.43 -14.04 -26.03
N ASP D 784 16.57 -15.05 -25.98
CA ASP D 784 16.80 -16.23 -26.80
C ASP D 784 16.73 -15.89 -28.27
N ILE D 785 15.84 -14.99 -28.65
CA ILE D 785 15.59 -14.82 -30.07
C ILE D 785 16.85 -14.34 -30.78
N ILE D 786 17.62 -13.44 -30.16
CA ILE D 786 18.84 -13.03 -30.83
C ILE D 786 19.95 -14.04 -30.56
N LEU D 787 20.01 -14.62 -29.36
CA LEU D 787 20.97 -15.70 -29.15
C LEU D 787 20.88 -16.70 -30.29
N GLY D 788 19.68 -17.17 -30.60
CA GLY D 788 19.48 -17.99 -31.78
C GLY D 788 20.09 -17.43 -33.06
N LEU D 789 19.71 -16.23 -33.48
CA LEU D 789 20.11 -15.79 -34.81
C LEU D 789 21.59 -15.41 -34.85
N TYR D 790 22.17 -14.98 -33.73
CA TYR D 790 23.61 -14.79 -33.68
C TYR D 790 24.35 -16.06 -34.01
N TYR D 791 24.06 -17.12 -33.24
CA TYR D 791 24.75 -18.38 -33.38
C TYR D 791 24.76 -18.89 -34.82
N ILE D 792 23.67 -18.70 -35.56
CA ILE D 792 23.70 -19.20 -36.91
C ILE D 792 24.19 -18.18 -37.93
N THR D 793 24.32 -16.91 -37.59
CA THR D 793 24.95 -16.03 -38.57
C THR D 793 26.40 -15.72 -38.23
N GLN D 794 26.92 -16.21 -37.11
CA GLN D 794 28.33 -16.02 -36.85
C GLN D 794 29.14 -16.91 -37.81
N VAL D 795 30.44 -16.66 -37.86
CA VAL D 795 31.31 -17.31 -38.83
C VAL D 795 32.56 -17.79 -38.10
N ARG D 796 32.94 -19.04 -38.36
CA ARG D 796 34.15 -19.61 -37.77
C ARG D 796 35.37 -18.91 -38.32
N LYS D 797 36.40 -18.82 -37.48
CA LYS D 797 37.68 -18.22 -37.85
C LYS D 797 38.76 -19.18 -37.35
N GLU D 798 39.19 -20.11 -38.21
CA GLU D 798 40.10 -21.19 -37.83
C GLU D 798 41.55 -20.75 -37.88
N LYS D 799 42.37 -21.41 -37.05
CA LYS D 799 43.73 -20.97 -36.79
C LYS D 799 44.79 -21.96 -37.32
N LYS D 800 44.42 -22.89 -38.21
CA LYS D 800 45.32 -23.95 -38.66
C LYS D 800 46.26 -23.49 -39.75
N GLY D 801 45.70 -23.13 -40.91
CA GLY D 801 46.51 -22.74 -42.04
C GLY D 801 47.35 -21.50 -41.79
N ALA D 802 46.93 -20.65 -40.85
CA ALA D 802 47.70 -19.47 -40.47
C ALA D 802 47.94 -18.53 -41.64
N GLY D 803 47.25 -18.72 -42.76
CA GLY D 803 47.43 -17.83 -43.89
C GLY D 803 48.63 -18.13 -44.76
N LEU D 804 48.70 -19.36 -45.25
CA LEU D 804 49.68 -19.71 -46.27
C LEU D 804 49.42 -18.93 -47.55
N GLU D 805 50.40 -18.93 -48.44
CA GLU D 805 50.28 -18.33 -49.76
C GLU D 805 50.40 -19.45 -50.79
N PHE D 806 49.25 -19.93 -51.26
CA PHE D 806 49.19 -20.97 -52.29
C PHE D 806 48.76 -20.33 -53.59
N ALA D 807 49.53 -20.56 -54.65
CA ALA D 807 49.30 -19.85 -55.90
C ALA D 807 48.17 -20.46 -56.74
N THR D 808 47.81 -21.71 -56.47
CA THR D 808 46.73 -22.38 -57.21
C THR D 808 45.73 -23.05 -56.27
N PRO D 809 44.44 -22.77 -56.44
CA PRO D 809 43.40 -23.62 -55.86
C PRO D 809 43.74 -25.10 -55.84
N GLU D 810 44.06 -25.70 -57.01
CA GLU D 810 44.09 -27.16 -57.11
C GLU D 810 44.92 -27.79 -56.02
N GLU D 811 45.89 -27.04 -55.49
CA GLU D 811 46.77 -27.57 -54.45
C GLU D 811 46.33 -27.17 -53.06
N ALA D 812 45.79 -25.95 -52.88
CA ALA D 812 45.19 -25.55 -51.62
C ALA D 812 44.21 -26.62 -51.15
N LEU D 813 43.20 -26.90 -51.96
CA LEU D 813 42.37 -28.08 -51.73
C LEU D 813 43.23 -29.29 -51.35
N ALA D 814 44.19 -29.63 -52.22
CA ALA D 814 45.11 -30.72 -51.92
C ALA D 814 45.65 -30.58 -50.50
N ALA D 815 46.28 -29.43 -50.21
CA ALA D 815 46.73 -29.09 -48.86
C ALA D 815 45.66 -29.41 -47.82
N HIS D 816 44.43 -28.99 -48.10
CA HIS D 816 43.35 -29.23 -47.14
C HIS D 816 43.03 -30.72 -47.02
N GLU D 817 42.96 -31.46 -48.14
CA GLU D 817 42.72 -32.89 -47.98
C GLU D 817 43.95 -33.59 -47.44
N ARG D 818 45.08 -32.86 -47.35
CA ARG D 818 46.24 -33.33 -46.62
C ARG D 818 46.07 -33.19 -45.11
N GLY D 819 45.20 -32.29 -44.66
CA GLY D 819 44.97 -32.09 -43.25
C GLY D 819 45.80 -30.99 -42.62
N GLU D 820 46.56 -30.26 -43.42
CA GLU D 820 47.52 -29.27 -42.93
C GLU D 820 46.95 -27.85 -42.92
N VAL D 821 45.74 -27.65 -43.43
CA VAL D 821 45.12 -26.32 -43.48
C VAL D 821 43.62 -26.46 -43.23
N ALA D 822 43.12 -25.75 -42.22
CA ALA D 822 41.73 -25.89 -41.83
C ALA D 822 40.81 -25.14 -42.81
N LEU D 823 39.54 -25.53 -42.75
CA LEU D 823 38.63 -25.17 -43.83
C LEU D 823 38.46 -23.66 -43.94
N ASN D 824 38.47 -22.95 -42.79
CA ASN D 824 38.09 -21.54 -42.70
C ASN D 824 39.23 -20.59 -42.41
N ALA D 825 40.41 -21.10 -42.06
CA ALA D 825 41.65 -20.34 -42.01
C ALA D 825 41.82 -19.44 -43.24
N PRO D 826 42.23 -18.20 -43.05
CA PRO D 826 42.25 -17.26 -44.16
C PRO D 826 43.61 -17.29 -44.85
N ILE D 827 43.59 -17.45 -46.17
CA ILE D 827 44.80 -17.65 -46.96
C ILE D 827 44.73 -16.72 -48.17
N LYS D 828 45.83 -16.01 -48.42
CA LYS D 828 46.06 -15.38 -49.71
C LYS D 828 46.49 -16.49 -50.66
N VAL D 829 45.68 -16.76 -51.68
CA VAL D 829 45.99 -17.75 -52.71
C VAL D 829 46.02 -17.03 -54.05
N ALA D 830 47.21 -16.85 -54.59
CA ALA D 830 47.40 -16.15 -55.85
C ALA D 830 46.61 -14.84 -55.86
N GLY D 831 47.01 -13.93 -54.98
CA GLY D 831 46.42 -12.60 -54.98
C GLY D 831 45.45 -12.31 -53.86
N ARG D 832 44.16 -12.35 -54.19
CA ARG D 832 43.12 -12.03 -53.23
C ARG D 832 43.17 -13.00 -52.04
N GLU D 833 42.51 -12.58 -50.97
CA GLU D 833 42.35 -13.38 -49.77
C GLU D 833 40.99 -14.07 -49.85
N THR D 834 40.99 -15.40 -49.87
CA THR D 834 39.77 -16.17 -49.69
C THR D 834 40.16 -17.37 -48.84
N SER D 835 39.25 -18.34 -48.68
CA SER D 835 39.53 -19.48 -47.80
C SER D 835 39.26 -20.80 -48.50
N VAL D 836 39.95 -21.83 -48.01
CA VAL D 836 39.82 -23.19 -48.55
C VAL D 836 38.37 -23.56 -48.78
N GLY D 837 37.47 -23.06 -47.93
CA GLY D 837 36.06 -23.42 -48.04
C GLY D 837 35.32 -22.68 -49.11
N ARG D 838 35.83 -21.52 -49.53
CA ARG D 838 35.24 -20.80 -50.64
C ARG D 838 35.65 -21.38 -51.99
N LEU D 839 36.57 -22.36 -52.00
CA LEU D 839 36.91 -23.07 -53.24
C LEU D 839 36.21 -24.41 -53.34
N LYS D 840 36.41 -25.27 -52.33
CA LYS D 840 35.90 -26.65 -52.35
C LYS D 840 34.44 -26.68 -52.81
N TYR D 841 33.66 -25.79 -52.18
CA TYR D 841 32.19 -25.76 -52.16
C TYR D 841 31.76 -24.47 -52.85
N VAL D 842 31.04 -24.61 -53.97
CA VAL D 842 30.48 -23.48 -54.71
C VAL D 842 29.08 -23.86 -55.19
N PHE D 843 28.04 -23.30 -54.55
CA PHE D 843 26.65 -23.70 -54.74
C PHE D 843 25.92 -22.76 -55.68
N ALA D 844 25.12 -23.34 -56.60
CA ALA D 844 24.49 -22.53 -57.64
C ALA D 844 23.34 -21.73 -57.11
N ASN D 845 22.70 -22.21 -56.05
CA ASN D 845 21.52 -21.57 -55.52
C ASN D 845 21.49 -21.86 -54.03
N PRO D 846 20.61 -21.18 -53.28
CA PRO D 846 20.64 -21.33 -51.83
C PRO D 846 20.13 -22.68 -51.36
N ASP D 847 19.02 -23.21 -51.92
CA ASP D 847 18.56 -24.53 -51.51
C ASP D 847 19.70 -25.56 -51.48
N GLU D 848 20.55 -25.56 -52.51
CA GLU D 848 21.64 -26.52 -52.58
C GLU D 848 22.57 -26.36 -51.38
N ALA D 849 22.95 -25.12 -51.08
CA ALA D 849 23.81 -24.87 -49.94
C ALA D 849 23.19 -25.41 -48.65
N LEU D 850 21.88 -25.24 -48.48
CA LEU D 850 21.21 -25.80 -47.31
C LEU D 850 21.13 -27.32 -47.40
N LEU D 851 20.85 -27.87 -48.60
CA LEU D 851 20.93 -29.31 -48.79
C LEU D 851 22.28 -29.88 -48.37
N ALA D 852 23.37 -29.20 -48.72
CA ALA D 852 24.68 -29.66 -48.25
C ALA D 852 24.73 -29.69 -46.74
N VAL D 853 24.13 -28.68 -46.10
CA VAL D 853 24.10 -28.57 -44.65
C VAL D 853 23.25 -29.68 -44.04
N ALA D 854 22.19 -30.07 -44.73
CA ALA D 854 21.40 -31.19 -44.26
C ALA D 854 22.12 -32.54 -44.37
N HIS D 855 23.24 -32.60 -45.09
CA HIS D 855 23.92 -33.88 -45.32
C HIS D 855 25.29 -33.93 -44.69
N GLY D 856 25.57 -33.05 -43.74
CA GLY D 856 26.82 -33.05 -43.03
C GLY D 856 27.92 -32.30 -43.74
N ILE D 857 27.75 -32.05 -45.04
CA ILE D 857 28.86 -31.56 -45.84
C ILE D 857 29.46 -30.30 -45.23
N VAL D 858 28.62 -29.29 -44.96
CA VAL D 858 29.06 -28.06 -44.31
C VAL D 858 28.13 -27.69 -43.16
N ASP D 859 28.68 -26.97 -42.20
CA ASP D 859 27.88 -26.45 -41.12
C ASP D 859 27.50 -25.00 -41.43
N LEU D 860 26.63 -24.42 -40.60
CA LEU D 860 26.07 -23.13 -40.97
C LEU D 860 27.07 -22.01 -40.77
N GLN D 861 28.06 -22.22 -39.92
CA GLN D 861 29.03 -21.20 -39.58
C GLN D 861 30.25 -21.20 -40.49
N ASP D 862 30.33 -22.17 -41.42
CA ASP D 862 31.40 -22.26 -42.45
C ASP D 862 31.15 -21.26 -43.57
N VAL D 863 32.18 -20.51 -43.95
CA VAL D 863 32.03 -19.56 -45.06
C VAL D 863 32.34 -20.28 -46.37
N VAL D 864 31.40 -20.21 -47.29
CA VAL D 864 31.33 -20.98 -48.52
C VAL D 864 31.11 -19.98 -49.66
N THR D 865 30.81 -20.45 -50.87
CA THR D 865 30.46 -19.57 -51.99
C THR D 865 29.09 -19.94 -52.52
N VAL D 866 28.19 -18.94 -52.66
CA VAL D 866 26.84 -19.21 -53.18
C VAL D 866 26.32 -18.11 -54.10
N ARG D 867 25.54 -18.53 -55.09
CA ARG D 867 25.05 -17.67 -56.16
C ARG D 867 23.60 -17.37 -55.81
N TYR D 868 23.40 -16.23 -55.14
CA TYR D 868 22.08 -15.76 -54.71
C TYR D 868 21.77 -14.47 -55.47
N MET D 869 20.78 -14.53 -56.35
CA MET D 869 20.36 -13.35 -57.10
C MET D 869 21.54 -12.74 -57.86
N GLY D 870 21.96 -13.48 -58.87
CA GLY D 870 23.02 -12.95 -59.68
C GLY D 870 24.29 -12.99 -58.88
N LYS D 871 24.65 -11.86 -58.28
CA LYS D 871 25.91 -11.70 -57.58
C LYS D 871 26.28 -13.00 -56.85
N ARG D 872 27.52 -13.45 -57.05
CA ARG D 872 28.00 -14.71 -56.48
C ARG D 872 28.84 -14.38 -55.25
N LEU D 873 28.31 -14.70 -54.05
CA LEU D 873 28.75 -14.06 -52.79
C LEU D 873 29.56 -15.01 -51.92
N GLU D 874 30.44 -14.40 -51.10
CA GLU D 874 31.21 -15.10 -50.07
C GLU D 874 30.58 -14.85 -48.68
N THR D 875 29.80 -15.81 -48.19
CA THR D 875 29.11 -15.78 -46.89
C THR D 875 29.09 -17.20 -46.34
N SER D 876 28.17 -17.45 -45.45
CA SER D 876 27.88 -18.76 -44.91
C SER D 876 26.50 -19.19 -45.35
N PRO D 877 26.13 -20.47 -45.14
CA PRO D 877 24.72 -20.84 -45.29
C PRO D 877 23.85 -20.22 -44.20
N GLY D 878 24.34 -20.19 -42.95
CA GLY D 878 23.71 -19.38 -41.94
C GLY D 878 23.30 -18.01 -42.46
N ARG D 879 24.26 -17.17 -42.85
CA ARG D 879 23.88 -15.85 -43.32
C ARG D 879 22.93 -15.92 -44.50
N ILE D 880 22.90 -17.04 -45.23
CA ILE D 880 21.96 -17.18 -46.35
C ILE D 880 20.60 -17.65 -45.88
N LEU D 881 20.57 -18.59 -44.91
CA LEU D 881 19.31 -19.00 -44.30
C LEU D 881 18.56 -17.79 -43.79
N PHE D 882 19.21 -17.05 -42.88
CA PHE D 882 18.66 -15.83 -42.31
C PHE D 882 17.99 -15.01 -43.39
N ALA D 883 18.75 -14.62 -44.42
CA ALA D 883 18.21 -13.78 -45.49
C ALA D 883 16.94 -14.38 -46.08
N ARG D 884 16.85 -15.71 -46.18
CA ARG D 884 15.60 -16.24 -46.73
C ARG D 884 14.47 -16.10 -45.73
N ILE D 885 14.78 -16.17 -44.43
CA ILE D 885 13.76 -16.02 -43.39
C ILE D 885 13.04 -14.69 -43.53
N VAL D 886 13.82 -13.60 -43.50
CA VAL D 886 13.32 -12.28 -43.84
C VAL D 886 12.49 -12.31 -45.12
N ALA D 887 13.07 -12.88 -46.19
CA ALA D 887 12.48 -12.76 -47.51
C ALA D 887 11.16 -13.49 -47.62
N GLU D 888 11.05 -14.60 -46.91
CA GLU D 888 9.83 -15.40 -46.97
C GLU D 888 8.76 -14.80 -46.06
N ALA D 889 9.17 -14.22 -44.92
CA ALA D 889 8.21 -13.65 -43.97
C ALA D 889 7.51 -12.44 -44.56
N VAL D 890 8.28 -11.48 -45.07
CA VAL D 890 7.69 -10.31 -45.72
C VAL D 890 7.26 -10.54 -47.16
N GLU D 891 7.54 -11.72 -47.73
CA GLU D 891 7.06 -12.07 -49.07
C GLU D 891 7.43 -11.01 -50.10
N ASP D 892 8.68 -10.56 -50.04
CA ASP D 892 9.22 -9.66 -51.05
C ASP D 892 10.73 -9.90 -51.06
N GLU D 893 11.18 -10.83 -51.90
CA GLU D 893 12.58 -11.23 -51.87
C GLU D 893 13.51 -10.06 -52.20
N LYS D 894 13.00 -9.08 -52.95
CA LYS D 894 13.81 -7.98 -53.44
C LYS D 894 14.07 -6.96 -52.35
N VAL D 895 12.99 -6.50 -51.70
CA VAL D 895 13.09 -5.60 -50.54
C VAL D 895 13.98 -6.24 -49.49
N ALA D 896 13.53 -7.37 -48.94
CA ALA D 896 14.28 -8.14 -47.96
C ALA D 896 15.78 -8.16 -48.24
N TRP D 897 16.20 -8.40 -49.49
CA TRP D 897 17.62 -8.35 -49.79
C TRP D 897 18.24 -7.02 -49.35
N GLU D 898 17.49 -5.93 -49.47
CA GLU D 898 18.07 -4.62 -49.21
C GLU D 898 18.13 -4.32 -47.71
N LEU D 899 17.09 -4.67 -46.96
CA LEU D 899 17.00 -4.25 -45.57
C LEU D 899 18.17 -4.80 -44.77
N ILE D 900 18.33 -6.12 -44.75
CA ILE D 900 19.38 -6.77 -43.95
C ILE D 900 20.73 -6.16 -44.28
N GLN D 901 21.64 -6.20 -43.33
CA GLN D 901 23.06 -6.28 -43.63
C GLN D 901 23.40 -7.73 -43.49
N LEU D 902 24.03 -8.30 -44.51
CA LEU D 902 24.29 -9.72 -44.52
C LEU D 902 25.68 -10.09 -44.05
N ASP D 903 26.66 -9.18 -44.19
CA ASP D 903 28.04 -9.61 -44.01
C ASP D 903 28.52 -9.37 -42.58
N VAL D 904 27.70 -9.85 -41.63
CA VAL D 904 27.84 -9.52 -40.21
C VAL D 904 26.94 -10.40 -39.35
N PRO D 905 27.30 -10.71 -38.10
CA PRO D 905 26.37 -11.47 -37.25
C PRO D 905 25.19 -10.60 -36.86
N GLN D 906 24.02 -11.21 -36.76
CA GLN D 906 22.87 -10.46 -36.31
C GLN D 906 22.92 -10.39 -34.78
N GLU D 907 22.75 -9.19 -34.25
CA GLU D 907 22.71 -9.00 -32.82
C GLU D 907 21.59 -8.02 -32.50
N LYS D 908 21.56 -7.52 -31.27
CA LYS D 908 20.43 -6.72 -30.84
C LYS D 908 20.23 -5.52 -31.77
N ASN D 909 21.31 -4.80 -32.10
CA ASN D 909 21.18 -3.59 -32.91
C ASN D 909 20.75 -3.90 -34.33
N SER D 910 21.46 -4.82 -35.00
CA SER D 910 21.11 -5.09 -36.38
C SER D 910 19.67 -5.55 -36.50
N LEU D 911 19.22 -6.42 -35.58
CA LEU D 911 17.84 -6.88 -35.65
C LEU D 911 16.87 -5.75 -35.35
N LYS D 912 17.13 -4.96 -34.31
CA LYS D 912 16.35 -3.75 -34.12
C LYS D 912 16.29 -2.95 -35.41
N ASP D 913 17.42 -2.84 -36.12
CA ASP D 913 17.46 -1.96 -37.27
C ASP D 913 16.63 -2.49 -38.42
N LEU D 914 16.47 -3.80 -38.47
CA LEU D 914 15.67 -4.44 -39.49
C LEU D 914 14.18 -4.14 -39.25
N VAL D 915 13.71 -4.40 -38.03
CA VAL D 915 12.31 -4.11 -37.68
C VAL D 915 11.96 -2.66 -38.04
N TYR D 916 12.82 -1.71 -37.67
CA TYR D 916 12.55 -0.33 -38.05
C TYR D 916 12.54 -0.17 -39.55
N GLN D 917 13.54 -0.75 -40.22
CA GLN D 917 13.65 -0.55 -41.67
C GLN D 917 12.55 -1.28 -42.38
N ALA D 918 12.22 -2.48 -41.91
CA ALA D 918 11.06 -3.19 -42.44
C ALA D 918 9.80 -2.37 -42.24
N PHE D 919 9.58 -1.87 -41.00
CA PHE D 919 8.44 -1.01 -40.69
C PHE D 919 8.30 0.13 -41.70
N LEU D 920 9.43 0.80 -42.02
CA LEU D 920 9.32 2.00 -42.83
C LEU D 920 8.91 1.67 -44.25
N ARG D 921 9.23 0.47 -44.74
CA ARG D 921 9.08 0.16 -46.15
C ARG D 921 8.12 -1.00 -46.42
N LEU D 922 7.52 -1.59 -45.40
CA LEU D 922 6.54 -2.65 -45.59
C LEU D 922 5.33 -2.52 -44.68
N GLY D 923 5.46 -1.84 -43.55
CA GLY D 923 4.31 -1.52 -42.74
C GLY D 923 4.16 -2.47 -41.58
N MET D 924 3.06 -2.24 -40.86
CA MET D 924 2.87 -3.00 -39.63
C MET D 924 2.51 -4.43 -39.94
N GLU D 925 1.50 -4.64 -40.79
CA GLU D 925 0.99 -6.00 -40.95
C GLU D 925 2.13 -6.96 -41.23
N LYS D 926 3.04 -6.57 -42.13
CA LYS D 926 4.12 -7.47 -42.51
C LYS D 926 5.17 -7.55 -41.40
N THR D 927 5.52 -6.40 -40.81
CA THR D 927 6.48 -6.45 -39.72
C THR D 927 5.96 -7.34 -38.60
N ALA D 928 4.63 -7.39 -38.43
CA ALA D 928 4.05 -8.36 -37.52
C ALA D 928 4.47 -9.76 -37.93
N ARG D 929 4.32 -10.08 -39.21
CA ARG D 929 4.67 -11.43 -39.65
C ARG D 929 6.17 -11.62 -39.65
N LEU D 930 6.91 -10.59 -40.07
CA LEU D 930 8.36 -10.62 -39.93
C LEU D 930 8.76 -10.98 -38.51
N LEU D 931 8.08 -10.36 -37.52
CA LEU D 931 8.50 -10.46 -36.12
C LEU D 931 8.30 -11.87 -35.58
N ASP D 932 7.11 -12.46 -35.80
CA ASP D 932 6.91 -13.84 -35.41
C ASP D 932 7.95 -14.73 -36.07
N ALA D 933 8.25 -14.45 -37.36
CA ALA D 933 9.23 -15.21 -38.12
C ALA D 933 10.57 -15.26 -37.41
N LEU D 934 11.15 -14.07 -37.16
CA LEU D 934 12.38 -14.01 -36.38
C LEU D 934 12.19 -14.62 -35.00
N LYS D 935 10.95 -14.70 -34.51
CA LYS D 935 10.73 -15.36 -33.22
C LYS D 935 10.82 -16.87 -33.35
N TYR D 936 10.21 -17.42 -34.41
CA TYR D 936 10.15 -18.86 -34.55
C TYR D 936 11.54 -19.45 -34.72
N TYR D 937 12.30 -18.94 -35.67
CA TYR D 937 13.57 -19.57 -35.99
C TYR D 937 14.59 -19.30 -34.90
N GLY D 938 14.77 -18.04 -34.54
CA GLY D 938 15.63 -17.73 -33.41
C GLY D 938 15.41 -18.63 -32.20
N PHE D 939 14.18 -19.10 -32.01
CA PHE D 939 13.88 -19.88 -30.80
C PHE D 939 14.28 -21.34 -30.97
N THR D 940 13.93 -21.95 -32.12
CA THR D 940 14.37 -23.32 -32.37
C THR D 940 15.87 -23.41 -32.45
N PHE D 941 16.50 -22.40 -33.01
CA PHE D 941 17.94 -22.44 -33.19
C PHE D 941 18.64 -22.46 -31.84
N SER D 942 18.32 -21.52 -30.96
CA SER D 942 18.97 -21.48 -29.66
C SER D 942 19.04 -22.87 -29.04
N THR D 943 17.96 -23.64 -29.11
CA THR D 943 17.95 -24.91 -28.39
C THR D 943 18.92 -25.91 -29.00
N THR D 944 18.80 -26.16 -30.32
CA THR D 944 19.63 -27.18 -30.97
C THR D 944 21.11 -26.83 -30.97
N SER D 945 21.46 -25.63 -31.43
CA SER D 945 22.85 -25.17 -31.37
C SER D 945 23.60 -25.50 -30.06
N GLY D 946 22.90 -25.60 -28.92
CA GLY D 946 23.53 -26.13 -27.73
C GLY D 946 24.42 -25.18 -26.96
N ILE D 947 23.81 -24.11 -26.49
CA ILE D 947 24.45 -23.16 -25.59
C ILE D 947 24.19 -23.57 -24.16
N THR D 948 25.21 -23.47 -23.33
CA THR D 948 25.11 -23.88 -21.94
C THR D 948 26.06 -23.01 -21.13
N ILE D 949 26.22 -23.35 -19.85
CA ILE D 949 27.16 -22.68 -18.96
C ILE D 949 27.70 -23.67 -17.94
N GLY D 950 29.00 -23.90 -17.96
CA GLY D 950 29.57 -24.73 -16.92
C GLY D 950 30.62 -23.88 -16.28
N ILE D 951 31.02 -24.22 -15.05
CA ILE D 951 31.98 -23.36 -14.35
C ILE D 951 33.19 -23.06 -15.23
N ASP D 952 33.58 -24.04 -16.07
CA ASP D 952 34.77 -23.94 -16.90
C ASP D 952 34.67 -22.89 -17.98
N ASP D 953 33.49 -22.28 -18.09
CA ASP D 953 33.27 -21.35 -19.16
C ASP D 953 33.57 -19.92 -18.73
N ALA D 954 33.76 -19.65 -17.45
CA ALA D 954 34.35 -18.37 -17.06
C ALA D 954 35.86 -18.54 -17.07
N VAL D 955 36.48 -18.14 -18.17
CA VAL D 955 37.88 -18.44 -18.42
C VAL D 955 38.68 -17.34 -17.76
N ILE D 956 39.45 -17.68 -16.74
CA ILE D 956 40.21 -16.65 -16.06
C ILE D 956 41.43 -16.36 -16.90
N PRO D 957 41.45 -15.30 -17.70
CA PRO D 957 42.58 -15.10 -18.62
C PRO D 957 43.92 -15.14 -17.88
N GLU D 958 44.90 -15.83 -18.49
CA GLU D 958 46.18 -15.99 -17.81
C GLU D 958 46.88 -14.64 -17.66
N GLU D 959 46.60 -13.70 -18.56
CA GLU D 959 47.12 -12.35 -18.40
C GLU D 959 46.89 -11.84 -16.98
N LYS D 960 46.05 -12.52 -16.19
CA LYS D 960 45.63 -11.96 -14.90
C LYS D 960 46.82 -11.68 -14.00
N LYS D 961 47.53 -12.71 -13.55
CA LYS D 961 48.49 -12.45 -12.48
C LYS D 961 49.69 -11.64 -12.96
N GLN D 962 49.97 -11.57 -14.27
CA GLN D 962 50.85 -10.53 -14.77
C GLN D 962 50.41 -9.18 -14.22
N TYR D 963 49.11 -8.89 -14.38
CA TYR D 963 48.48 -7.65 -13.93
C TYR D 963 48.29 -7.57 -12.42
N LEU D 964 48.01 -8.70 -11.76
CA LEU D 964 47.88 -8.71 -10.29
C LEU D 964 49.23 -8.43 -9.63
N GLU D 965 50.27 -9.14 -10.07
CA GLU D 965 51.61 -8.91 -9.55
C GLU D 965 52.11 -7.51 -9.88
N GLU D 966 51.96 -7.07 -11.14
CA GLU D 966 52.41 -5.75 -11.57
C GLU D 966 51.83 -4.63 -10.71
N ALA D 967 50.88 -4.97 -9.83
CA ALA D 967 50.13 -4.01 -9.04
C ALA D 967 50.73 -3.81 -7.64
N ASP D 968 50.88 -4.91 -6.89
CA ASP D 968 51.45 -4.78 -5.55
C ASP D 968 52.77 -4.03 -5.60
N ARG D 969 53.62 -4.34 -6.58
CA ARG D 969 54.88 -3.63 -6.73
C ARG D 969 54.65 -2.13 -6.89
N LYS D 970 53.71 -1.75 -7.77
CA LYS D 970 53.40 -0.34 -7.92
C LYS D 970 52.53 0.17 -6.78
N LEU D 971 52.06 -0.72 -5.89
CA LEU D 971 51.33 -0.28 -4.71
C LEU D 971 52.29 0.17 -3.61
N LEU D 972 53.21 -0.72 -3.20
CA LEU D 972 54.27 -0.31 -2.30
C LEU D 972 55.22 0.68 -2.94
N GLN D 973 55.19 0.84 -4.28
CA GLN D 973 55.81 1.97 -4.98
C GLN D 973 55.11 3.29 -4.69
N ILE D 974 53.97 3.24 -4.00
CA ILE D 974 53.35 4.41 -3.41
C ILE D 974 53.12 4.26 -1.91
N GLU D 975 53.13 3.04 -1.35
CA GLU D 975 53.33 2.88 0.09
C GLU D 975 54.75 3.23 0.52
N GLN D 976 55.62 3.59 -0.43
CA GLN D 976 56.98 4.00 -0.17
C GLN D 976 57.26 5.47 -0.51
N ALA D 977 56.47 6.08 -1.39
CA ALA D 977 56.41 7.54 -1.43
C ALA D 977 55.55 8.08 -0.28
N TYR D 978 55.24 7.23 0.69
CA TYR D 978 54.68 7.57 2.00
C TYR D 978 55.44 6.91 3.13
N GLU D 979 55.86 5.65 2.96
CA GLU D 979 56.70 4.99 3.97
C GLU D 979 57.90 5.84 4.31
N MET D 980 58.52 6.43 3.28
CA MET D 980 59.44 7.56 3.45
C MET D 980 58.68 8.89 3.31
N GLY D 981 57.55 8.99 4.00
CA GLY D 981 56.82 10.23 4.20
C GLY D 981 56.89 11.21 3.06
N PHE D 982 56.82 10.74 1.81
CA PHE D 982 57.00 11.65 0.68
C PHE D 982 55.78 12.55 0.48
N LEU D 983 54.59 12.00 0.62
CA LEU D 983 53.35 12.73 0.43
C LEU D 983 52.21 11.95 1.09
N THR D 984 51.11 12.65 1.38
CA THR D 984 50.25 12.37 2.52
C THR D 984 49.32 11.17 2.31
N ASP D 985 48.58 10.84 3.38
CA ASP D 985 47.51 9.84 3.31
C ASP D 985 46.39 10.27 2.38
N ARG D 986 46.02 11.56 2.42
CA ARG D 986 45.00 12.05 1.51
C ARG D 986 45.50 12.11 0.07
N GLU D 987 46.82 12.00 -0.13
CA GLU D 987 47.41 11.79 -1.44
C GLU D 987 47.56 10.31 -1.78
N ARG D 988 47.86 9.48 -0.77
CA ARG D 988 48.10 8.07 -0.99
C ARG D 988 46.87 7.35 -1.51
N TYR D 989 45.85 7.24 -0.65
CA TYR D 989 44.60 6.57 -0.98
C TYR D 989 44.11 7.01 -2.35
N ASP D 990 44.30 8.29 -2.68
CA ASP D 990 43.88 8.80 -3.99
C ASP D 990 44.58 8.05 -5.12
N GLN D 991 45.90 7.90 -5.04
CA GLN D 991 46.58 7.15 -6.09
C GLN D 991 46.54 5.65 -5.86
N ILE D 992 46.10 5.18 -4.68
CA ILE D 992 45.95 3.74 -4.51
C ILE D 992 44.81 3.21 -5.37
N LEU D 993 43.78 4.02 -5.60
CA LEU D 993 42.63 3.58 -6.38
C LEU D 993 42.55 4.22 -7.75
N GLN D 994 43.42 5.18 -8.08
CA GLN D 994 43.65 5.44 -9.50
C GLN D 994 44.37 4.25 -10.15
N LEU D 995 45.27 3.61 -9.42
CA LEU D 995 45.91 2.38 -9.89
C LEU D 995 44.86 1.30 -10.11
N TRP D 996 44.17 0.89 -9.03
CA TRP D 996 43.28 -0.27 -9.11
C TRP D 996 42.13 -0.09 -10.11
N THR D 997 41.75 1.14 -10.45
CA THR D 997 40.69 1.30 -11.45
C THR D 997 41.19 0.94 -12.83
N GLU D 998 42.36 1.46 -13.22
CA GLU D 998 42.95 1.15 -14.52
C GLU D 998 43.61 -0.24 -14.56
N THR D 999 43.74 -0.90 -13.41
CA THR D 999 44.01 -2.34 -13.37
C THR D 999 42.79 -3.13 -13.83
N THR D 1000 41.63 -2.83 -13.25
CA THR D 1000 40.38 -3.49 -13.64
C THR D 1000 40.16 -3.39 -15.14
N GLU D 1001 40.32 -2.18 -15.69
CA GLU D 1001 40.14 -1.98 -17.12
C GLU D 1001 41.01 -2.95 -17.92
N LYS D 1002 42.28 -3.06 -17.54
CA LYS D 1002 43.21 -3.93 -18.25
C LYS D 1002 42.69 -5.35 -18.31
N VAL D 1003 42.43 -5.95 -17.15
CA VAL D 1003 42.02 -7.36 -17.14
C VAL D 1003 40.63 -7.55 -17.71
N THR D 1004 39.78 -6.51 -17.69
CA THR D 1004 38.51 -6.65 -18.38
C THR D 1004 38.73 -6.88 -19.86
N GLN D 1005 39.56 -6.03 -20.48
CA GLN D 1005 39.96 -6.26 -21.86
C GLN D 1005 40.56 -7.64 -22.04
N ALA D 1006 41.53 -7.99 -21.18
CA ALA D 1006 42.19 -9.28 -21.32
C ALA D 1006 41.17 -10.42 -21.39
N VAL D 1007 40.01 -10.24 -20.75
CA VAL D 1007 38.98 -11.28 -20.73
C VAL D 1007 38.26 -11.37 -22.05
N PHE D 1008 38.24 -10.29 -22.82
CA PHE D 1008 37.58 -10.33 -24.11
C PHE D 1008 38.56 -10.62 -25.25
N LYS D 1009 39.77 -10.08 -25.19
CA LYS D 1009 40.83 -10.56 -26.08
C LYS D 1009 40.96 -12.07 -25.96
N ASN D 1010 41.13 -12.56 -24.72
CA ASN D 1010 41.25 -14.01 -24.52
C ASN D 1010 40.05 -14.76 -25.07
N PHE D 1011 38.89 -14.10 -25.12
CA PHE D 1011 37.69 -14.76 -25.64
C PHE D 1011 37.69 -14.74 -27.17
N GLU D 1012 37.79 -13.54 -27.74
CA GLU D 1012 37.56 -13.36 -29.17
C GLU D 1012 38.66 -14.00 -29.99
N GLU D 1013 39.88 -14.01 -29.45
CA GLU D 1013 41.00 -14.62 -30.14
C GLU D 1013 41.05 -16.12 -29.96
N ASN D 1014 40.40 -16.66 -28.93
CA ASN D 1014 40.65 -18.06 -28.64
C ASN D 1014 39.38 -18.90 -28.44
N TYR D 1015 38.29 -18.31 -27.94
CA TYR D 1015 37.04 -19.05 -27.78
C TYR D 1015 35.89 -18.17 -28.22
N PRO D 1016 35.88 -17.78 -29.48
CA PRO D 1016 34.88 -16.82 -29.96
C PRO D 1016 33.45 -17.32 -29.80
N PHE D 1017 33.26 -18.54 -29.33
CA PHE D 1017 31.91 -19.07 -29.23
C PHE D 1017 31.56 -19.51 -27.83
N ASN D 1018 32.43 -19.23 -26.86
CA ASN D 1018 32.13 -19.56 -25.47
C ASN D 1018 30.90 -18.80 -25.01
N PRO D 1019 30.05 -19.41 -24.18
CA PRO D 1019 28.67 -18.89 -23.99
C PRO D 1019 28.59 -17.52 -23.35
N LEU D 1020 29.41 -17.22 -22.34
CA LEU D 1020 29.39 -15.86 -21.82
C LEU D 1020 29.71 -14.88 -22.94
N TYR D 1021 30.87 -15.04 -23.60
CA TYR D 1021 31.25 -14.13 -24.69
C TYR D 1021 30.07 -13.93 -25.64
N VAL D 1022 29.56 -15.04 -26.20
CA VAL D 1022 28.42 -15.01 -27.13
C VAL D 1022 27.24 -14.23 -26.57
N MET D 1023 26.87 -14.51 -25.31
CA MET D 1023 25.66 -13.90 -24.74
C MET D 1023 25.83 -12.39 -24.60
N ALA D 1024 26.93 -11.95 -23.97
CA ALA D 1024 27.17 -10.52 -23.85
C ALA D 1024 27.34 -9.86 -25.20
N GLN D 1025 27.90 -10.58 -26.17
CA GLN D 1025 28.26 -9.94 -27.44
C GLN D 1025 27.02 -9.63 -28.26
N SER D 1026 26.15 -10.61 -28.45
CA SER D 1026 24.97 -10.33 -29.24
C SER D 1026 24.03 -9.34 -28.57
N GLY D 1027 24.18 -9.11 -27.27
CA GLY D 1027 23.14 -8.40 -26.54
C GLY D 1027 22.07 -9.30 -25.96
N ALA D 1028 22.33 -10.59 -25.85
CA ALA D 1028 21.35 -11.50 -25.28
C ALA D 1028 21.37 -11.47 -23.77
N ARG D 1029 22.49 -11.10 -23.16
CA ARG D 1029 22.60 -10.99 -21.72
C ARG D 1029 23.99 -10.46 -21.40
N GLY D 1030 24.19 -10.09 -20.14
CA GLY D 1030 25.50 -9.69 -19.69
C GLY D 1030 26.05 -8.44 -20.35
N ASN D 1031 26.95 -7.79 -19.66
CA ASN D 1031 27.75 -6.74 -20.27
C ASN D 1031 29.16 -6.94 -19.74
N PRO D 1032 30.13 -6.23 -20.28
CA PRO D 1032 31.52 -6.50 -19.92
C PRO D 1032 31.75 -6.44 -18.43
N GLN D 1033 31.08 -5.51 -17.75
CA GLN D 1033 31.40 -5.25 -16.36
C GLN D 1033 30.94 -6.41 -15.46
N GLN D 1034 29.72 -6.90 -15.63
CA GLN D 1034 29.37 -8.10 -14.89
C GLN D 1034 30.31 -9.25 -15.29
N ILE D 1035 30.39 -9.53 -16.60
CA ILE D 1035 31.19 -10.67 -17.07
C ILE D 1035 32.57 -10.64 -16.44
N ARG D 1036 33.16 -9.44 -16.31
CA ARG D 1036 34.48 -9.30 -15.69
C ARG D 1036 34.51 -9.90 -14.29
N GLN D 1037 33.39 -9.84 -13.56
CA GLN D 1037 33.31 -10.41 -12.23
C GLN D 1037 33.17 -11.94 -12.25
N LEU D 1038 32.71 -12.50 -13.35
CA LEU D 1038 32.69 -13.94 -13.42
C LEU D 1038 34.08 -14.50 -13.63
N CYS D 1039 34.87 -13.88 -14.51
CA CYS D 1039 36.18 -14.38 -14.90
C CYS D 1039 37.33 -13.59 -14.29
N GLY D 1040 37.22 -12.27 -14.24
CA GLY D 1040 38.36 -11.44 -13.91
C GLY D 1040 38.53 -11.32 -12.41
N LEU D 1041 38.35 -10.12 -11.88
CA LEU D 1041 38.24 -9.87 -10.46
C LEU D 1041 37.02 -9.01 -10.19
N ARG D 1042 36.56 -9.04 -8.94
CA ARG D 1042 35.33 -8.32 -8.59
C ARG D 1042 35.55 -6.80 -8.62
N GLY D 1043 36.66 -6.31 -8.13
CA GLY D 1043 36.97 -4.90 -8.26
C GLY D 1043 37.05 -4.19 -6.92
N LEU D 1044 37.00 -2.87 -6.98
CA LEU D 1044 36.87 -2.07 -5.77
C LEU D 1044 35.44 -2.15 -5.26
N MET D 1045 35.26 -2.16 -3.94
CA MET D 1045 33.92 -2.16 -3.39
C MET D 1045 33.67 -0.88 -2.62
N GLN D 1046 32.38 -0.59 -2.42
CA GLN D 1046 31.96 0.57 -1.65
C GLN D 1046 31.89 0.23 -0.17
N LYS D 1047 32.26 1.17 0.65
CA LYS D 1047 32.15 1.35 2.09
C LYS D 1047 30.84 2.08 2.42
N PRO D 1048 30.22 1.86 3.58
CA PRO D 1048 28.89 2.46 3.81
C PRO D 1048 28.84 3.93 3.45
N SER D 1049 29.77 4.72 4.02
CA SER D 1049 29.82 6.16 3.81
C SER D 1049 29.55 6.54 2.36
N GLY D 1050 30.32 5.98 1.45
CA GLY D 1050 30.28 6.37 0.05
C GLY D 1050 31.67 6.32 -0.52
N GLU D 1051 32.65 6.25 0.37
CA GLU D 1051 34.05 6.05 0.00
C GLU D 1051 34.29 4.61 -0.42
N THR D 1052 35.37 4.41 -1.17
CA THR D 1052 35.74 3.10 -1.65
C THR D 1052 36.82 2.47 -0.78
N PHE D 1053 36.70 1.17 -0.53
CA PHE D 1053 37.82 0.46 0.09
C PHE D 1053 39.03 0.48 -0.84
N GLU D 1054 40.18 0.88 -0.28
CA GLU D 1054 41.43 0.77 -1.01
C GLU D 1054 41.83 -0.69 -1.21
N VAL D 1055 41.38 -1.58 -0.34
CA VAL D 1055 41.57 -3.02 -0.58
C VAL D 1055 40.45 -3.45 -1.53
N PRO D 1056 40.79 -3.88 -2.75
CA PRO D 1056 39.79 -4.51 -3.61
C PRO D 1056 39.63 -5.99 -3.29
N VAL D 1057 38.56 -6.55 -3.83
CA VAL D 1057 38.37 -8.00 -3.84
C VAL D 1057 39.01 -8.48 -5.14
N ARG D 1058 40.12 -9.22 -5.01
CA ARG D 1058 40.82 -9.76 -6.16
C ARG D 1058 40.16 -11.03 -6.69
N SER D 1059 39.34 -11.69 -5.87
CA SER D 1059 38.68 -12.91 -6.29
C SER D 1059 37.73 -12.63 -7.45
N SER D 1060 37.42 -13.69 -8.19
CA SER D 1060 36.33 -13.76 -9.15
C SER D 1060 35.11 -14.38 -8.46
N PHE D 1061 34.00 -14.50 -9.20
CA PHE D 1061 32.96 -15.40 -8.72
C PHE D 1061 33.28 -16.86 -9.04
N ARG D 1062 33.92 -17.12 -10.18
CA ARG D 1062 34.42 -18.48 -10.42
C ARG D 1062 35.45 -18.84 -9.38
N GLU D 1063 36.40 -17.94 -9.13
CA GLU D 1063 37.43 -18.24 -8.14
C GLU D 1063 36.79 -18.47 -6.77
N GLY D 1064 36.01 -17.51 -6.30
CA GLY D 1064 35.42 -17.63 -4.99
C GLY D 1064 35.92 -16.53 -4.09
N LEU D 1065 35.02 -15.99 -3.24
CA LEU D 1065 35.32 -14.87 -2.37
C LEU D 1065 35.66 -15.34 -0.97
N THR D 1066 36.63 -14.67 -0.35
CA THR D 1066 36.86 -14.85 1.07
C THR D 1066 35.67 -14.28 1.83
N VAL D 1067 35.36 -14.90 2.98
CA VAL D 1067 34.23 -14.44 3.80
C VAL D 1067 34.32 -12.92 3.89
N LEU D 1068 35.46 -12.45 4.39
CA LEU D 1068 35.65 -11.01 4.52
C LEU D 1068 35.42 -10.30 3.18
N GLU D 1069 35.98 -10.82 2.10
CA GLU D 1069 35.68 -10.23 0.80
C GLU D 1069 34.18 -10.12 0.59
N TYR D 1070 33.47 -11.23 0.85
CA TYR D 1070 32.03 -11.23 0.60
C TYR D 1070 31.34 -10.16 1.43
N PHE D 1071 31.73 -10.04 2.69
CA PHE D 1071 31.11 -9.07 3.58
C PHE D 1071 31.30 -7.64 3.08
N ILE D 1072 32.56 -7.21 2.93
CA ILE D 1072 32.85 -5.89 2.38
C ILE D 1072 31.94 -5.63 1.19
N SER D 1073 31.80 -6.62 0.32
CA SER D 1073 31.04 -6.43 -0.90
C SER D 1073 29.58 -6.14 -0.62
N SER D 1074 29.12 -6.31 0.62
CA SER D 1074 27.71 -6.26 0.98
C SER D 1074 27.22 -4.85 1.25
N HIS D 1075 28.00 -4.03 1.95
CA HIS D 1075 27.69 -2.61 2.05
C HIS D 1075 27.25 -2.06 0.69
N GLY D 1076 27.99 -2.43 -0.36
CA GLY D 1076 27.61 -2.02 -1.70
C GLY D 1076 26.16 -2.31 -2.01
N ALA D 1077 25.77 -3.58 -1.96
CA ALA D 1077 24.45 -3.95 -2.50
C ALA D 1077 23.32 -3.42 -1.63
N ARG D 1078 23.47 -3.52 -0.30
CA ARG D 1078 22.44 -3.00 0.61
C ARG D 1078 22.17 -1.52 0.35
N LYS D 1079 23.23 -0.69 0.40
CA LYS D 1079 23.14 0.71 -0.02
C LYS D 1079 22.56 0.88 -1.41
N GLY D 1080 22.50 -0.18 -2.20
CA GLY D 1080 22.03 -0.05 -3.56
C GLY D 1080 20.58 -0.42 -3.63
N GLY D 1081 20.18 -1.42 -2.87
CA GLY D 1081 18.77 -1.73 -2.73
C GLY D 1081 17.98 -0.59 -2.13
N ALA D 1082 18.37 -0.16 -0.93
CA ALA D 1082 17.82 1.04 -0.31
C ALA D 1082 17.59 2.11 -1.36
N ASP D 1083 18.57 2.31 -2.24
CA ASP D 1083 18.48 3.35 -3.24
C ASP D 1083 17.33 3.07 -4.21
N THR D 1084 17.28 1.89 -4.80
CA THR D 1084 16.19 1.62 -5.74
C THR D 1084 14.83 1.75 -5.08
N ALA D 1085 14.77 1.81 -3.75
CA ALA D 1085 13.51 1.89 -3.02
C ALA D 1085 13.08 3.33 -2.76
N LEU D 1086 13.99 4.18 -2.26
CA LEU D 1086 13.63 5.60 -2.14
C LEU D 1086 13.49 6.25 -3.53
N ARG D 1087 14.47 6.04 -4.41
CA ARG D 1087 14.36 6.52 -5.79
C ARG D 1087 12.99 6.24 -6.39
N THR D 1088 12.59 4.98 -6.41
CA THR D 1088 11.35 4.63 -7.07
C THR D 1088 10.21 5.55 -6.66
N ALA D 1089 10.20 6.00 -5.40
CA ALA D 1089 9.10 6.83 -4.95
C ALA D 1089 9.13 8.22 -5.57
N ASP D 1090 10.28 8.67 -6.05
CA ASP D 1090 10.34 9.99 -6.63
C ASP D 1090 10.06 9.95 -8.12
N SER D 1091 10.61 8.97 -8.81
CA SER D 1091 10.17 8.79 -10.18
C SER D 1091 8.67 8.84 -10.23
N GLY D 1092 8.02 7.96 -9.47
CA GLY D 1092 6.58 7.92 -9.41
C GLY D 1092 6.02 9.30 -9.20
N TYR D 1093 6.26 9.85 -8.01
CA TYR D 1093 5.83 11.21 -7.72
C TYR D 1093 6.13 12.16 -8.88
N LEU D 1094 7.35 12.08 -9.43
CA LEU D 1094 7.73 12.99 -10.52
C LEU D 1094 6.82 12.79 -11.73
N THR D 1095 6.81 11.56 -12.25
CA THR D 1095 5.87 11.14 -13.27
C THR D 1095 4.48 11.74 -13.03
N ARG D 1096 4.03 11.81 -11.77
CA ARG D 1096 2.65 12.21 -11.54
C ARG D 1096 2.48 13.70 -11.72
N LYS D 1097 3.42 14.48 -11.20
CA LYS D 1097 3.40 15.89 -11.48
C LYS D 1097 3.37 16.11 -12.98
N LEU D 1098 4.23 15.39 -13.70
CA LEU D 1098 4.30 15.54 -15.16
C LEU D 1098 2.94 15.33 -15.80
N VAL D 1099 2.24 14.25 -15.43
CA VAL D 1099 0.92 14.05 -16.02
C VAL D 1099 -0.01 15.19 -15.66
N ASP D 1100 0.03 15.67 -14.41
CA ASP D 1100 -0.93 16.69 -14.07
C ASP D 1100 -0.70 17.95 -14.88
N VAL D 1101 0.56 18.35 -15.07
CA VAL D 1101 0.80 19.62 -15.75
C VAL D 1101 0.64 19.53 -17.27
N THR D 1102 0.29 18.37 -17.85
CA THR D 1102 0.21 18.24 -19.31
C THR D 1102 -1.03 17.53 -19.81
N HIS D 1103 -1.89 17.02 -18.93
CA HIS D 1103 -2.96 16.12 -19.36
C HIS D 1103 -3.88 16.78 -20.37
N GLU D 1104 -4.10 18.08 -20.23
CA GLU D 1104 -5.03 18.74 -21.13
C GLU D 1104 -4.42 19.00 -22.51
N ILE D 1105 -3.12 18.78 -22.67
CA ILE D 1105 -2.46 18.97 -23.96
C ILE D 1105 -2.86 17.81 -24.87
N VAL D 1106 -3.60 18.14 -25.94
CA VAL D 1106 -4.03 17.22 -26.99
C VAL D 1106 -3.68 17.89 -28.33
N VAL D 1107 -3.64 17.11 -29.40
CA VAL D 1107 -3.26 17.67 -30.72
C VAL D 1107 -4.57 18.19 -31.30
N ARG D 1108 -4.93 19.42 -30.90
CA ARG D 1108 -6.29 19.94 -31.03
C ARG D 1108 -6.63 20.44 -32.43
N GLU D 1109 -5.65 20.81 -33.26
CA GLU D 1109 -5.91 21.37 -34.57
C GLU D 1109 -4.75 21.03 -35.50
N ALA D 1110 -4.92 21.37 -36.78
CA ALA D 1110 -4.05 20.91 -37.85
C ALA D 1110 -2.87 21.88 -38.10
N ASP D 1111 -3.14 23.17 -38.27
CA ASP D 1111 -2.06 24.16 -38.27
C ASP D 1111 -2.52 25.41 -37.54
N CYS D 1112 -1.73 25.82 -36.55
CA CYS D 1112 -1.87 27.10 -35.87
C CYS D 1112 -1.32 28.27 -36.66
N GLY D 1113 -0.86 28.05 -37.87
CA GLY D 1113 -0.36 29.15 -38.66
C GLY D 1113 0.81 29.90 -38.04
N THR D 1114 1.34 29.41 -36.93
CA THR D 1114 2.45 30.10 -36.32
C THR D 1114 3.59 30.24 -37.32
N THR D 1115 4.24 31.39 -37.33
CA THR D 1115 5.39 31.62 -38.18
C THR D 1115 6.70 31.67 -37.38
N ASN D 1116 6.70 31.08 -36.18
CA ASN D 1116 7.87 31.02 -35.30
C ASN D 1116 8.24 29.57 -35.06
N TYR D 1117 9.51 29.35 -34.83
CA TYR D 1117 10.10 28.01 -34.89
C TYR D 1117 11.32 28.01 -33.99
N ILE D 1118 12.15 26.96 -34.08
CA ILE D 1118 13.36 26.87 -33.28
C ILE D 1118 14.53 26.30 -34.09
N SER D 1119 15.71 26.84 -33.83
CA SER D 1119 16.95 26.33 -34.38
C SER D 1119 17.45 25.18 -33.52
N VAL D 1120 17.60 24.00 -34.12
CA VAL D 1120 18.18 22.84 -33.44
C VAL D 1120 19.64 22.79 -33.81
N PRO D 1121 20.58 23.16 -32.91
CA PRO D 1121 21.99 23.24 -33.31
C PRO D 1121 22.59 21.86 -33.54
N LEU D 1122 23.18 21.65 -34.72
CA LEU D 1122 23.95 20.43 -34.95
C LEU D 1122 25.36 20.53 -34.37
N PHE D 1123 25.75 21.69 -33.86
CA PHE D 1123 27.12 21.90 -33.40
C PHE D 1123 27.13 22.36 -31.95
N GLN D 1124 28.09 21.83 -31.19
CA GLN D 1124 28.15 22.01 -29.75
C GLN D 1124 29.29 22.96 -29.37
N PRO D 1125 29.00 24.16 -28.80
CA PRO D 1125 30.09 25.09 -28.45
C PRO D 1125 30.96 24.56 -27.33
N ASP D 1126 31.91 23.70 -27.75
CA ASP D 1126 32.91 23.01 -26.95
C ASP D 1126 33.67 23.97 -26.02
N GLU D 1127 34.38 23.40 -25.05
CA GLU D 1127 35.49 24.08 -24.41
C GLU D 1127 36.77 23.22 -24.41
N VAL D 1128 36.69 21.97 -24.90
CA VAL D 1128 37.90 21.17 -25.18
C VAL D 1128 38.79 21.91 -26.16
N THR D 1129 38.25 22.26 -27.33
CA THR D 1129 38.86 23.20 -28.25
C THR D 1129 38.15 24.56 -28.23
N ARG D 1130 37.05 24.67 -27.47
CA ARG D 1130 36.07 25.77 -27.50
C ARG D 1130 35.88 26.25 -28.94
N SER D 1131 35.96 25.28 -29.86
CA SER D 1131 35.50 25.38 -31.24
C SER D 1131 34.09 24.79 -31.29
N LEU D 1132 33.58 24.54 -32.49
CA LEU D 1132 32.38 23.72 -32.64
C LEU D 1132 32.79 22.29 -32.94
N ARG D 1133 32.36 21.35 -32.11
CA ARG D 1133 32.41 19.93 -32.43
C ARG D 1133 31.02 19.50 -32.86
N LEU D 1134 30.93 18.77 -33.97
CA LEU D 1134 29.63 18.23 -34.35
C LEU D 1134 29.02 17.53 -33.14
N ARG D 1135 27.69 17.52 -33.07
CA ARG D 1135 26.99 16.89 -31.95
C ARG D 1135 26.77 15.41 -32.18
N LYS D 1136 26.73 14.65 -31.08
CA LYS D 1136 26.57 13.19 -31.17
C LYS D 1136 25.32 12.81 -31.97
N ARG D 1137 25.45 11.75 -32.79
CA ARG D 1137 24.40 11.43 -33.77
C ARG D 1137 23.04 11.30 -33.10
N ALA D 1138 22.95 10.42 -32.09
CA ALA D 1138 21.67 10.13 -31.46
C ALA D 1138 21.06 11.38 -30.81
N ASP D 1139 21.90 12.25 -30.23
CA ASP D 1139 21.35 13.48 -29.68
C ASP D 1139 20.81 14.37 -30.78
N ILE D 1140 21.36 14.30 -31.98
CA ILE D 1140 20.78 15.06 -33.08
C ILE D 1140 19.53 14.39 -33.59
N GLU D 1141 19.58 13.07 -33.72
CA GLU D 1141 18.36 12.37 -34.03
C GLU D 1141 17.28 12.76 -33.03
N ALA D 1142 17.68 12.96 -31.77
CA ALA D 1142 16.75 13.26 -30.69
C ALA D 1142 15.99 14.56 -30.92
N GLY D 1143 16.70 15.61 -31.37
CA GLY D 1143 16.08 16.89 -31.65
C GLY D 1143 15.46 17.06 -33.04
N LEU D 1144 15.66 16.09 -33.97
CA LEU D 1144 15.29 16.23 -35.38
C LEU D 1144 14.33 15.17 -35.91
N TYR D 1145 14.44 13.91 -35.48
CA TYR D 1145 13.66 12.87 -36.14
C TYR D 1145 12.19 13.26 -36.06
N GLY D 1146 11.51 13.14 -37.19
CA GLY D 1146 10.06 13.35 -37.20
C GLY D 1146 9.60 14.76 -36.87
N ARG D 1147 10.44 15.78 -37.13
CA ARG D 1147 10.09 17.19 -37.00
C ARG D 1147 9.40 17.67 -38.27
N VAL D 1148 9.29 18.99 -38.42
CA VAL D 1148 8.70 19.60 -39.62
C VAL D 1148 9.44 20.89 -39.88
N LEU D 1149 10.01 21.06 -41.06
CA LEU D 1149 10.79 22.26 -41.31
C LEU D 1149 9.87 23.47 -41.35
N ALA D 1150 10.37 24.61 -40.90
CA ALA D 1150 9.61 25.84 -41.00
C ALA D 1150 10.22 26.85 -41.95
N ARG D 1151 11.43 26.59 -42.46
CA ARG D 1151 12.00 27.26 -43.62
C ARG D 1151 12.48 26.19 -44.58
N GLU D 1152 12.80 26.59 -45.80
CA GLU D 1152 13.44 25.66 -46.71
C GLU D 1152 14.87 25.39 -46.26
N VAL D 1153 15.38 24.25 -46.67
CA VAL D 1153 16.79 23.94 -46.54
C VAL D 1153 17.28 23.40 -47.86
N GLU D 1154 18.46 23.83 -48.26
CA GLU D 1154 19.08 23.27 -49.45
C GLU D 1154 20.51 22.91 -49.10
N VAL D 1155 20.79 21.63 -49.01
CA VAL D 1155 22.11 21.13 -48.66
C VAL D 1155 22.43 19.93 -49.53
N LEU D 1156 23.67 19.88 -50.02
CA LEU D 1156 24.16 18.85 -50.92
C LEU D 1156 23.14 18.55 -52.02
N GLY D 1157 22.89 19.57 -52.84
CA GLY D 1157 22.00 19.44 -53.98
C GLY D 1157 20.58 19.00 -53.68
N VAL D 1158 20.24 18.75 -52.41
CA VAL D 1158 18.90 18.30 -52.09
C VAL D 1158 18.07 19.47 -51.60
N ARG D 1159 16.76 19.36 -51.81
CA ARG D 1159 15.83 20.38 -51.36
C ARG D 1159 14.89 19.74 -50.35
N LEU D 1160 15.05 20.14 -49.09
CA LEU D 1160 14.11 19.82 -48.03
C LEU D 1160 13.18 21.02 -47.89
N GLU D 1161 11.89 20.80 -48.12
CA GLU D 1161 10.95 21.91 -48.23
C GLU D 1161 10.35 22.31 -46.88
N GLU D 1162 9.90 23.55 -46.80
CA GLU D 1162 9.02 23.93 -45.71
C GLU D 1162 7.83 22.98 -45.71
N GLY D 1163 7.53 22.42 -44.56
CA GLY D 1163 6.39 21.56 -44.39
C GLY D 1163 6.75 20.10 -44.26
N ARG D 1164 7.98 19.72 -44.57
CA ARG D 1164 8.29 18.31 -44.72
C ARG D 1164 8.67 17.70 -43.37
N TYR D 1165 8.19 16.47 -43.15
CA TYR D 1165 8.50 15.70 -41.94
C TYR D 1165 9.82 14.99 -42.11
N LEU D 1166 10.87 15.44 -41.42
CA LEU D 1166 12.15 14.76 -41.52
C LEU D 1166 12.00 13.27 -41.20
N SER D 1167 12.10 12.40 -42.22
CA SER D 1167 12.22 10.98 -41.96
C SER D 1167 13.60 10.65 -41.44
N MET D 1168 13.72 9.42 -40.93
CA MET D 1168 14.97 9.09 -40.28
C MET D 1168 16.12 9.38 -41.23
N ASP D 1169 15.94 9.05 -42.50
CA ASP D 1169 16.93 9.31 -43.55
C ASP D 1169 17.10 10.80 -43.83
N ASP D 1170 16.01 11.54 -43.87
CA ASP D 1170 16.15 12.99 -43.92
C ASP D 1170 17.16 13.47 -42.91
N VAL D 1171 17.12 12.90 -41.70
CA VAL D 1171 18.04 13.33 -40.65
C VAL D 1171 19.46 12.99 -41.02
N HIS D 1172 19.70 11.72 -41.32
CA HIS D 1172 21.07 11.29 -41.59
C HIS D 1172 21.71 12.12 -42.70
N LEU D 1173 20.92 12.52 -43.69
CA LEU D 1173 21.43 13.39 -44.75
C LEU D 1173 21.85 14.75 -44.21
N LEU D 1174 21.11 15.28 -43.24
CA LEU D 1174 21.43 16.61 -42.72
C LEU D 1174 22.70 16.60 -41.89
N ILE D 1175 23.00 15.48 -41.22
CA ILE D 1175 24.27 15.37 -40.51
C ILE D 1175 25.42 15.46 -41.51
N LYS D 1176 25.38 14.61 -42.56
CA LYS D 1176 26.35 14.67 -43.65
C LYS D 1176 26.58 16.12 -44.11
N ALA D 1177 25.52 16.76 -44.62
CA ALA D 1177 25.61 18.16 -45.04
C ALA D 1177 26.21 19.05 -43.96
N ALA D 1178 26.02 18.68 -42.69
CA ALA D 1178 26.67 19.43 -41.63
C ALA D 1178 28.14 19.09 -41.53
N GLU D 1179 28.47 17.79 -41.66
CA GLU D 1179 29.87 17.39 -41.70
C GLU D 1179 30.61 18.09 -42.83
N ALA D 1180 29.89 18.52 -43.86
CA ALA D 1180 30.46 19.18 -45.04
C ALA D 1180 30.59 20.68 -44.87
N GLY D 1181 29.75 21.30 -44.04
CA GLY D 1181 29.85 22.73 -43.80
C GLY D 1181 28.72 23.54 -44.39
N GLU D 1182 27.70 22.90 -44.97
CA GLU D 1182 26.59 23.63 -45.61
C GLU D 1182 25.50 24.01 -44.61
N ILE D 1183 25.52 23.43 -43.41
CA ILE D 1183 24.45 23.65 -42.43
C ILE D 1183 25.02 23.61 -41.03
N GLN D 1184 24.40 24.38 -40.13
CA GLN D 1184 24.77 24.39 -38.72
C GLN D 1184 23.60 24.24 -37.76
N GLU D 1185 22.37 24.52 -38.18
CA GLU D 1185 21.21 24.43 -37.30
C GLU D 1185 19.94 24.38 -38.13
N VAL D 1186 19.21 23.28 -38.05
CA VAL D 1186 17.98 23.08 -38.82
C VAL D 1186 16.85 23.89 -38.17
N PRO D 1187 16.06 24.64 -38.94
CA PRO D 1187 14.87 25.33 -38.41
C PRO D 1187 13.65 24.43 -38.40
N VAL D 1188 13.06 24.23 -37.22
CA VAL D 1188 12.06 23.21 -37.01
C VAL D 1188 10.82 23.78 -36.32
N ARG D 1189 9.68 23.15 -36.61
CA ARG D 1189 8.41 23.46 -35.96
C ARG D 1189 8.29 22.63 -34.69
N SER D 1190 8.49 23.27 -33.56
CA SER D 1190 8.47 22.66 -32.26
C SER D 1190 7.21 23.07 -31.52
N PRO D 1191 6.80 22.33 -30.48
CA PRO D 1191 5.68 22.77 -29.66
C PRO D 1191 6.08 23.85 -28.66
N LEU D 1192 7.37 24.11 -28.51
CA LEU D 1192 7.85 25.25 -27.75
C LEU D 1192 7.20 26.52 -28.27
N THR D 1193 6.56 26.44 -29.44
CA THR D 1193 6.05 27.65 -30.05
C THR D 1193 4.69 27.52 -30.74
N CYS D 1194 4.04 26.35 -30.76
CA CYS D 1194 2.68 26.31 -31.31
C CYS D 1194 1.86 27.37 -30.58
N GLN D 1195 0.99 28.04 -31.34
CA GLN D 1195 0.01 28.94 -30.78
C GLN D 1195 -1.37 28.29 -30.72
N THR D 1196 -1.45 26.98 -30.81
CA THR D 1196 -2.71 26.31 -30.54
C THR D 1196 -3.03 26.51 -29.07
N ARG D 1197 -4.28 26.85 -28.78
CA ARG D 1197 -4.69 27.02 -27.39
C ARG D 1197 -5.12 25.68 -26.81
N TYR D 1198 -4.67 25.41 -25.58
CA TYR D 1198 -4.96 24.22 -24.80
C TYR D 1198 -4.45 22.96 -25.46
N GLY D 1199 -3.71 23.04 -26.57
CA GLY D 1199 -3.18 21.86 -27.25
C GLY D 1199 -1.92 22.16 -28.05
N VAL D 1200 -1.73 21.44 -29.16
CA VAL D 1200 -0.73 21.81 -30.16
C VAL D 1200 -1.20 21.33 -31.53
N CYS D 1201 -0.78 22.05 -32.58
CA CYS D 1201 -1.05 21.69 -33.97
C CYS D 1201 -0.37 20.37 -34.32
N GLN D 1202 -0.68 19.86 -35.52
CA GLN D 1202 -0.01 18.68 -36.06
C GLN D 1202 1.42 19.02 -36.44
N LYS D 1203 1.59 20.11 -37.21
CA LYS D 1203 2.89 20.55 -37.72
C LYS D 1203 3.93 20.74 -36.63
N CYS D 1204 3.61 21.55 -35.63
CA CYS D 1204 4.54 21.78 -34.53
C CYS D 1204 4.86 20.49 -33.80
N TYR D 1205 3.90 19.56 -33.72
CA TYR D 1205 4.26 18.27 -33.13
C TYR D 1205 5.26 17.50 -33.98
N GLY D 1206 4.81 16.99 -35.12
CA GLY D 1206 5.59 16.06 -35.90
C GLY D 1206 5.00 14.66 -35.90
N TYR D 1207 5.86 13.69 -36.24
CA TYR D 1207 5.49 12.28 -36.28
C TYR D 1207 4.82 11.84 -34.99
N ASP D 1208 3.92 10.85 -35.09
CA ASP D 1208 3.51 10.01 -33.96
C ASP D 1208 4.49 8.85 -33.90
N LEU D 1209 5.59 9.06 -33.19
CA LEU D 1209 6.68 8.09 -33.20
C LEU D 1209 6.23 6.65 -33.16
N SER D 1210 5.16 6.33 -32.44
CA SER D 1210 4.70 4.95 -32.45
C SER D 1210 4.41 4.45 -33.88
N MET D 1211 4.20 5.37 -34.83
CA MET D 1211 3.88 5.04 -36.22
C MET D 1211 4.85 5.63 -37.24
N ALA D 1212 5.85 6.38 -36.80
CA ALA D 1212 6.86 6.94 -37.70
C ALA D 1212 6.19 7.66 -38.87
N ARG D 1213 5.21 8.48 -38.55
CA ARG D 1213 4.40 9.16 -39.55
C ARG D 1213 3.72 10.34 -38.88
N PRO D 1214 3.08 11.23 -39.64
CA PRO D 1214 2.55 12.43 -38.98
C PRO D 1214 1.52 12.05 -37.92
N VAL D 1215 1.59 12.77 -36.80
CA VAL D 1215 0.72 12.53 -35.66
C VAL D 1215 -0.71 12.84 -36.02
N SER D 1216 -1.65 12.03 -35.54
CA SER D 1216 -3.06 12.15 -35.90
C SER D 1216 -3.78 13.07 -34.91
N ILE D 1217 -4.49 14.08 -35.43
CA ILE D 1217 -5.18 15.05 -34.59
C ILE D 1217 -6.01 14.30 -33.56
N GLY D 1218 -5.79 14.59 -32.28
CA GLY D 1218 -6.50 13.97 -31.19
C GLY D 1218 -5.64 13.05 -30.34
N GLU D 1219 -4.36 12.91 -30.66
CA GLU D 1219 -3.48 12.16 -29.78
C GLU D 1219 -3.31 12.96 -28.50
N ALA D 1220 -3.35 12.28 -27.35
CA ALA D 1220 -3.07 12.96 -26.10
C ALA D 1220 -1.55 13.02 -25.94
N VAL D 1221 -0.94 14.03 -26.56
CA VAL D 1221 0.53 14.03 -26.61
C VAL D 1221 1.11 14.43 -25.27
N GLY D 1222 0.44 15.32 -24.53
CA GLY D 1222 0.83 15.61 -23.16
C GLY D 1222 0.98 14.35 -22.34
N ILE D 1223 -0.06 13.54 -22.27
CA ILE D 1223 0.06 12.30 -21.51
C ILE D 1223 1.19 11.45 -22.08
N VAL D 1224 1.30 11.34 -23.41
CA VAL D 1224 2.42 10.56 -23.93
C VAL D 1224 3.73 11.15 -23.43
N ALA D 1225 3.88 12.47 -23.47
CA ALA D 1225 5.11 13.07 -22.99
C ALA D 1225 5.39 12.63 -21.56
N ALA D 1226 4.44 12.86 -20.68
CA ALA D 1226 4.64 12.55 -19.27
C ALA D 1226 5.09 11.12 -19.08
N GLN D 1227 4.33 10.18 -19.67
CA GLN D 1227 4.71 8.79 -19.65
C GLN D 1227 6.12 8.58 -20.21
N SER D 1228 6.48 9.33 -21.27
CA SER D 1228 7.75 9.05 -21.94
C SER D 1228 8.91 9.44 -21.06
N ILE D 1229 8.70 10.42 -20.20
CA ILE D 1229 9.76 10.96 -19.38
C ILE D 1229 9.81 10.30 -18.01
N GLY D 1230 8.69 9.80 -17.52
CA GLY D 1230 8.69 9.23 -16.20
C GLY D 1230 9.33 7.87 -16.20
N GLU D 1231 8.90 7.08 -17.16
CA GLU D 1231 9.04 5.62 -17.19
C GLU D 1231 10.49 5.20 -17.03
N PRO D 1232 11.43 5.97 -17.60
CA PRO D 1232 12.86 5.68 -17.41
C PRO D 1232 13.39 5.89 -16.00
N GLY D 1233 12.86 6.81 -15.20
CA GLY D 1233 13.54 7.06 -13.93
C GLY D 1233 13.28 5.87 -13.03
N THR D 1234 14.24 4.96 -12.91
CA THR D 1234 14.12 3.93 -11.89
C THR D 1234 15.44 3.41 -11.31
N GLN D 1235 16.48 3.08 -12.11
CA GLN D 1235 16.73 3.32 -13.56
C GLN D 1235 17.35 4.71 -13.95
N LEU D 1236 17.83 5.52 -12.97
CA LEU D 1236 18.66 6.74 -13.22
C LEU D 1236 19.61 6.98 -12.02
N THR D 1237 20.84 6.47 -12.11
CA THR D 1237 21.69 6.29 -10.93
C THR D 1237 22.77 7.36 -10.82
N MET D 1238 22.65 8.23 -9.80
CA MET D 1238 23.62 9.30 -9.50
C MET D 1238 24.91 8.75 -8.89
N GLN D 1254 24.58 14.64 -11.26
CA GLN D 1254 23.66 14.00 -10.32
C GLN D 1254 22.68 13.13 -11.11
N GLY D 1255 21.93 12.23 -10.44
CA GLY D 1255 21.03 11.37 -11.17
C GLY D 1255 19.66 11.98 -11.42
N LEU D 1256 18.61 11.19 -11.22
CA LEU D 1256 17.21 11.65 -11.18
C LEU D 1256 17.02 12.93 -10.35
N PRO D 1257 17.76 13.10 -9.26
CA PRO D 1257 17.75 14.39 -8.58
C PRO D 1257 17.85 15.56 -9.51
N ARG D 1258 18.90 15.57 -10.33
CA ARG D 1258 19.15 16.71 -11.21
C ARG D 1258 17.96 16.96 -12.12
N VAL D 1259 17.35 15.89 -12.64
CA VAL D 1259 16.08 16.00 -13.36
C VAL D 1259 15.02 16.72 -12.51
N ILE D 1260 14.86 16.30 -11.27
CA ILE D 1260 13.81 16.93 -10.48
C ILE D 1260 14.16 18.38 -10.18
N GLU D 1261 15.44 18.66 -9.97
CA GLU D 1261 15.87 20.03 -9.75
C GLU D 1261 15.51 20.91 -10.95
N LEU D 1262 15.40 20.33 -12.14
CA LEU D 1262 15.07 21.12 -13.32
C LEU D 1262 13.57 21.22 -13.54
N PHE D 1263 12.84 20.12 -13.37
CA PHE D 1263 11.41 20.19 -13.70
C PHE D 1263 10.68 21.09 -12.72
N GLU D 1264 11.07 21.06 -11.44
CA GLU D 1264 10.52 21.99 -10.43
C GLU D 1264 11.08 23.39 -10.54
N ALA D 1265 12.16 23.60 -11.28
CA ALA D 1265 12.69 24.92 -11.53
C ALA D 1265 13.29 25.52 -10.26
N ARG D 1266 13.76 24.66 -9.38
CA ARG D 1266 14.46 25.08 -8.18
C ARG D 1266 15.81 25.71 -8.52
N ARG D 1267 16.22 26.68 -7.71
CA ARG D 1267 17.55 27.27 -7.88
C ARG D 1267 18.55 26.38 -7.17
N PRO D 1268 19.53 25.85 -7.87
CA PRO D 1268 20.34 24.76 -7.30
C PRO D 1268 21.21 25.24 -6.16
N LYS D 1269 21.83 24.26 -5.49
CA LYS D 1269 22.82 24.57 -4.44
C LYS D 1269 24.14 25.00 -5.06
N ALA D 1270 24.67 24.18 -5.97
CA ALA D 1270 25.90 24.51 -6.68
C ALA D 1270 25.60 25.57 -7.76
N LYS D 1271 25.13 26.74 -7.31
CA LYS D 1271 24.61 27.74 -8.26
C LYS D 1271 25.75 28.56 -8.86
N ALA D 1272 25.83 28.53 -10.18
CA ALA D 1272 26.76 29.38 -10.91
C ALA D 1272 26.19 30.78 -11.05
N VAL D 1273 27.09 31.73 -11.15
CA VAL D 1273 26.77 33.14 -11.13
C VAL D 1273 26.90 33.67 -12.55
N ILE D 1274 25.78 34.10 -13.12
CA ILE D 1274 25.77 34.53 -14.50
C ILE D 1274 25.81 36.05 -14.54
N SER D 1275 26.05 36.63 -15.72
CA SER D 1275 26.23 38.07 -15.90
C SER D 1275 24.92 38.75 -16.30
N GLU D 1276 24.62 39.87 -15.63
CA GLU D 1276 23.34 40.55 -15.79
C GLU D 1276 23.22 41.32 -17.10
N ILE D 1277 24.33 41.75 -17.70
CA ILE D 1277 24.30 42.58 -18.91
C ILE D 1277 25.45 42.22 -19.84
N ASP D 1278 25.52 42.89 -20.99
CA ASP D 1278 26.68 42.81 -21.86
C ASP D 1278 27.84 43.59 -21.24
N GLY D 1279 29.06 43.11 -21.48
CA GLY D 1279 30.23 43.79 -20.94
C GLY D 1279 31.50 43.05 -21.28
N VAL D 1280 32.56 43.35 -20.52
CA VAL D 1280 33.81 42.60 -20.62
C VAL D 1280 34.45 42.57 -19.23
N VAL D 1281 35.11 41.46 -18.91
CA VAL D 1281 35.46 41.12 -17.55
C VAL D 1281 36.89 41.58 -17.24
N ARG D 1282 37.21 41.62 -15.95
CA ARG D 1282 38.59 41.83 -15.51
C ARG D 1282 38.74 41.23 -14.11
N ILE D 1283 39.57 40.19 -14.00
CA ILE D 1283 39.72 39.49 -12.72
C ILE D 1283 40.48 40.36 -11.73
N GLU D 1284 40.28 40.09 -10.44
CA GLU D 1284 41.01 40.80 -9.39
C GLU D 1284 41.18 39.83 -8.22
N GLU D 1285 42.32 39.13 -8.21
CA GLU D 1285 42.53 37.99 -7.30
C GLU D 1285 43.49 38.38 -6.17
N THR D 1286 42.92 38.97 -5.13
CA THR D 1286 43.67 39.30 -3.93
C THR D 1286 43.51 38.17 -2.90
N GLU D 1287 44.16 38.34 -1.74
CA GLU D 1287 44.30 37.22 -0.81
C GLU D 1287 42.95 36.77 -0.29
N GLU D 1288 42.25 37.63 0.46
CA GLU D 1288 41.01 37.26 1.09
C GLU D 1288 39.79 37.77 0.33
N LYS D 1289 39.89 37.86 -1.00
CA LYS D 1289 38.76 38.15 -1.86
C LYS D 1289 39.22 38.03 -3.30
N LEU D 1290 38.34 37.50 -4.16
CA LEU D 1290 38.63 37.28 -5.58
C LEU D 1290 37.41 37.76 -6.36
N SER D 1291 37.36 39.06 -6.65
CA SER D 1291 36.19 39.68 -7.25
C SER D 1291 36.40 39.87 -8.74
N VAL D 1292 35.32 39.75 -9.51
CA VAL D 1292 35.33 39.91 -10.96
C VAL D 1292 34.40 41.05 -11.34
N PHE D 1293 34.87 41.93 -12.21
CA PHE D 1293 34.08 43.03 -12.74
C PHE D 1293 33.73 42.74 -14.19
N VAL D 1294 32.44 42.80 -14.52
CA VAL D 1294 32.01 42.76 -15.93
C VAL D 1294 31.65 44.16 -16.39
N GLU D 1295 32.63 44.89 -16.91
CA GLU D 1295 32.51 46.32 -17.18
C GLU D 1295 31.80 46.57 -18.52
N SER D 1296 30.91 47.56 -18.52
CA SER D 1296 30.12 47.93 -19.70
C SER D 1296 30.49 49.34 -20.16
N GLU D 1297 30.17 49.63 -21.43
CA GLU D 1297 30.46 50.92 -22.03
C GLU D 1297 29.77 52.09 -21.31
N GLY D 1298 28.87 51.80 -20.37
CA GLY D 1298 28.38 52.76 -19.40
C GLY D 1298 28.95 52.44 -18.02
N PHE D 1299 28.16 51.81 -17.15
CA PHE D 1299 28.61 51.43 -15.82
C PHE D 1299 28.42 49.92 -15.65
N SER D 1300 28.95 49.37 -14.55
CA SER D 1300 28.98 47.92 -14.36
C SER D 1300 28.94 47.52 -12.89
N LYS D 1301 28.81 46.20 -12.68
CA LYS D 1301 28.65 45.57 -11.37
C LYS D 1301 29.81 44.63 -11.07
N GLU D 1302 29.99 44.35 -9.79
CA GLU D 1302 31.07 43.52 -9.25
C GLU D 1302 30.51 42.25 -8.62
N TYR D 1303 31.14 41.11 -8.91
CA TYR D 1303 30.64 39.79 -8.52
C TYR D 1303 31.63 39.13 -7.57
N LYS D 1304 31.33 39.14 -6.28
CA LYS D 1304 32.20 38.50 -5.30
C LYS D 1304 31.91 37.00 -5.24
N LEU D 1305 32.96 36.22 -4.95
CA LEU D 1305 32.75 34.77 -4.80
C LEU D 1305 33.98 34.08 -4.20
N PRO D 1306 33.80 32.96 -3.50
CA PRO D 1306 34.94 32.29 -2.86
C PRO D 1306 36.08 32.06 -3.84
N LYS D 1307 37.31 32.11 -3.32
CA LYS D 1307 38.47 32.23 -4.20
C LYS D 1307 38.66 30.99 -5.06
N GLU D 1308 38.48 29.79 -4.49
CA GLU D 1308 38.80 28.64 -5.34
C GLU D 1308 37.72 28.37 -6.38
N ALA D 1309 36.75 29.27 -6.48
CA ALA D 1309 35.69 29.13 -7.47
C ALA D 1309 36.29 29.08 -8.87
N ARG D 1310 35.71 28.21 -9.70
CA ARG D 1310 36.28 27.87 -11.00
C ARG D 1310 35.66 28.76 -12.09
N LEU D 1311 36.49 29.57 -12.73
CA LEU D 1311 36.00 30.55 -13.68
C LEU D 1311 35.62 29.91 -15.01
N LEU D 1312 34.95 30.71 -15.85
CA LEU D 1312 34.67 30.39 -17.25
C LEU D 1312 34.88 31.61 -18.14
N VAL D 1313 35.58 32.62 -17.63
CA VAL D 1313 35.88 33.85 -18.36
C VAL D 1313 37.38 34.07 -18.29
N LYS D 1314 38.06 33.93 -19.43
CA LYS D 1314 39.40 34.48 -19.54
C LYS D 1314 39.30 36.01 -19.45
N ASP D 1315 40.06 36.60 -18.50
CA ASP D 1315 40.05 38.04 -18.27
C ASP D 1315 40.05 38.78 -19.61
N GLY D 1316 39.22 39.81 -19.71
CA GLY D 1316 39.12 40.59 -20.92
C GLY D 1316 38.16 40.06 -21.96
N ASP D 1317 37.67 38.82 -21.82
CA ASP D 1317 36.74 38.28 -22.80
C ASP D 1317 35.43 39.05 -22.81
N TYR D 1318 34.55 38.70 -23.74
CA TYR D 1318 33.28 39.37 -23.96
C TYR D 1318 32.14 38.41 -23.65
N VAL D 1319 31.26 38.81 -22.72
CA VAL D 1319 30.20 37.96 -22.18
C VAL D 1319 28.83 38.48 -22.64
N GLU D 1320 27.93 37.54 -22.95
CA GLU D 1320 26.51 37.84 -23.15
C GLU D 1320 25.81 37.92 -21.79
N ALA D 1321 24.65 38.57 -21.77
CA ALA D 1321 23.92 38.71 -20.51
C ALA D 1321 23.27 37.37 -20.13
N GLY D 1322 23.73 36.78 -19.02
CA GLY D 1322 23.28 35.46 -18.64
C GLY D 1322 24.20 34.32 -19.01
N GLN D 1323 25.45 34.61 -19.39
CA GLN D 1323 26.40 33.59 -19.80
C GLN D 1323 27.27 33.22 -18.61
N PRO D 1324 27.27 31.96 -18.16
CA PRO D 1324 27.87 31.64 -16.86
C PRO D 1324 29.28 32.16 -16.73
N LEU D 1325 29.55 32.95 -15.69
CA LEU D 1325 30.93 33.28 -15.38
C LEU D 1325 31.57 32.17 -14.56
N THR D 1326 31.04 31.87 -13.38
CA THR D 1326 31.48 30.66 -12.72
C THR D 1326 30.89 29.46 -13.46
N ARG D 1327 31.34 28.27 -13.08
CA ARG D 1327 30.71 27.07 -13.59
C ARG D 1327 29.72 26.52 -12.57
N GLY D 1328 28.90 25.58 -13.03
CA GLY D 1328 27.90 24.92 -12.22
C GLY D 1328 26.55 24.98 -12.89
N ALA D 1329 25.51 24.71 -12.11
CA ALA D 1329 24.17 24.85 -12.66
C ALA D 1329 23.74 26.30 -12.61
N ILE D 1330 22.76 26.64 -13.44
CA ILE D 1330 22.28 28.00 -13.60
C ILE D 1330 20.89 28.09 -13.01
N ASP D 1331 20.71 29.01 -12.10
CA ASP D 1331 19.37 29.34 -11.68
C ASP D 1331 18.58 29.66 -12.93
N PRO D 1332 17.61 28.83 -13.33
CA PRO D 1332 16.82 29.16 -14.52
C PRO D 1332 16.06 30.46 -14.39
N HIS D 1333 15.86 30.95 -13.18
CA HIS D 1333 15.16 32.21 -13.03
C HIS D 1333 16.09 33.39 -13.30
N GLN D 1334 17.28 33.40 -12.70
CA GLN D 1334 18.28 34.40 -13.06
C GLN D 1334 18.47 34.45 -14.56
N LEU D 1335 18.43 33.28 -15.21
CA LEU D 1335 18.51 33.22 -16.67
C LEU D 1335 17.29 33.86 -17.31
N LEU D 1336 16.08 33.39 -16.96
CA LEU D 1336 14.86 33.88 -17.60
C LEU D 1336 14.82 35.40 -17.63
N GLU D 1337 15.09 36.05 -16.49
CA GLU D 1337 15.06 37.50 -16.41
C GLU D 1337 16.16 38.13 -17.24
N ALA D 1338 17.31 37.46 -17.31
CA ALA D 1338 18.49 37.97 -18.00
C ALA D 1338 18.40 37.80 -19.52
N LYS D 1339 18.08 36.59 -20.00
CA LYS D 1339 18.16 36.32 -21.43
C LYS D 1339 16.81 36.04 -22.11
N GLY D 1340 15.73 35.84 -21.38
CA GLY D 1340 14.43 35.71 -22.00
C GLY D 1340 13.99 34.26 -22.15
N PRO D 1341 12.72 34.03 -22.49
CA PRO D 1341 12.21 32.65 -22.42
C PRO D 1341 12.93 31.66 -23.35
N GLU D 1342 12.98 31.86 -24.67
CA GLU D 1342 13.66 30.84 -25.48
C GLU D 1342 15.06 30.57 -24.95
N ALA D 1343 15.69 31.56 -24.32
CA ALA D 1343 17.00 31.33 -23.70
C ALA D 1343 16.91 30.28 -22.61
N VAL D 1344 15.96 30.42 -21.68
CA VAL D 1344 15.83 29.42 -20.61
C VAL D 1344 15.10 28.19 -21.13
N GLU D 1345 14.14 28.36 -22.04
CA GLU D 1345 13.53 27.21 -22.69
C GLU D 1345 14.61 26.30 -23.25
N ARG D 1346 15.67 26.90 -23.78
CA ARG D 1346 16.86 26.18 -24.24
C ARG D 1346 17.52 25.39 -23.11
N TYR D 1347 18.07 26.10 -22.13
CA TYR D 1347 18.73 25.46 -20.99
C TYR D 1347 17.93 24.29 -20.45
N LEU D 1348 16.64 24.51 -20.24
CA LEU D 1348 15.84 23.51 -19.54
C LEU D 1348 15.78 22.22 -20.33
N VAL D 1349 15.49 22.31 -21.64
CA VAL D 1349 15.38 21.09 -22.41
C VAL D 1349 16.72 20.37 -22.44
N GLU D 1350 17.80 21.09 -22.78
CA GLU D 1350 19.07 20.40 -22.94
C GLU D 1350 19.51 19.78 -21.62
N GLU D 1351 19.30 20.51 -20.52
CA GLU D 1351 19.85 20.09 -19.24
C GLU D 1351 19.20 18.81 -18.74
N ILE D 1352 17.87 18.74 -18.81
CA ILE D 1352 17.17 17.47 -18.63
C ILE D 1352 17.86 16.37 -19.45
N GLN D 1353 18.02 16.62 -20.75
CA GLN D 1353 18.46 15.53 -21.64
C GLN D 1353 19.84 14.97 -21.26
N LYS D 1354 20.78 15.84 -20.86
CA LYS D 1354 22.10 15.37 -20.48
C LYS D 1354 22.02 14.26 -19.44
N VAL D 1355 21.01 14.30 -18.54
CA VAL D 1355 20.83 13.24 -17.54
C VAL D 1355 20.41 11.95 -18.21
N TYR D 1356 19.48 12.02 -19.15
CA TYR D 1356 18.92 10.80 -19.74
C TYR D 1356 19.91 10.15 -20.68
N ARG D 1357 20.52 10.95 -21.55
CA ARG D 1357 21.65 10.50 -22.34
C ARG D 1357 22.65 9.75 -21.48
N ALA D 1358 23.10 10.38 -20.38
CA ALA D 1358 24.08 9.73 -19.52
C ALA D 1358 23.74 8.30 -19.17
N GLN D 1359 22.46 7.96 -19.05
CA GLN D 1359 22.10 6.58 -18.76
C GLN D 1359 21.71 5.80 -20.00
N GLY D 1360 21.74 6.42 -21.17
CA GLY D 1360 21.42 5.68 -22.37
C GLY D 1360 19.93 5.52 -22.54
N VAL D 1361 19.22 6.65 -22.52
CA VAL D 1361 17.78 6.69 -22.67
C VAL D 1361 17.48 7.61 -23.85
N LYS D 1362 17.35 7.02 -25.04
CA LYS D 1362 16.97 7.78 -26.22
C LYS D 1362 15.52 8.24 -26.05
N LEU D 1363 15.30 9.53 -26.12
CA LEU D 1363 14.00 10.06 -25.76
C LEU D 1363 13.84 11.40 -26.45
N HIS D 1364 12.73 11.58 -27.16
CA HIS D 1364 12.64 12.69 -28.11
C HIS D 1364 12.56 14.02 -27.38
N ASP D 1365 13.38 14.98 -27.81
CA ASP D 1365 13.33 16.33 -27.25
C ASP D 1365 11.91 16.90 -27.19
N LYS D 1366 11.04 16.53 -28.13
CA LYS D 1366 9.74 17.20 -28.20
C LYS D 1366 8.92 16.97 -26.92
N HIS D 1367 8.99 15.76 -26.34
CA HIS D 1367 8.28 15.47 -25.08
C HIS D 1367 8.65 16.47 -23.98
N ILE D 1368 9.95 16.58 -23.68
CA ILE D 1368 10.45 17.51 -22.69
C ILE D 1368 10.00 18.93 -22.99
N GLU D 1369 9.92 19.29 -24.28
CA GLU D 1369 9.45 20.62 -24.65
C GLU D 1369 7.99 20.81 -24.23
N ILE D 1370 7.13 19.86 -24.60
CA ILE D 1370 5.71 19.91 -24.27
C ILE D 1370 5.59 20.35 -22.83
N VAL D 1371 6.25 19.59 -21.95
CA VAL D 1371 6.23 19.94 -20.54
C VAL D 1371 6.77 21.34 -20.33
N VAL D 1372 8.06 21.55 -20.65
CA VAL D 1372 8.67 22.85 -20.39
C VAL D 1372 7.72 23.96 -20.80
N ARG D 1373 7.17 23.85 -21.99
CA ARG D 1373 6.16 24.81 -22.46
C ARG D 1373 5.06 25.09 -21.44
N GLN D 1374 4.71 24.10 -20.62
CA GLN D 1374 3.72 24.36 -19.58
C GLN D 1374 4.31 25.05 -18.37
N MET D 1375 5.58 24.79 -18.07
CA MET D 1375 6.25 25.59 -17.06
C MET D 1375 6.24 27.06 -17.41
N MET D 1376 6.24 27.39 -18.70
CA MET D 1376 6.37 28.78 -19.15
C MET D 1376 5.02 29.48 -19.33
N LYS D 1377 3.92 28.78 -19.01
CA LYS D 1377 2.54 29.14 -19.36
C LYS D 1377 2.09 30.50 -18.82
N TYR D 1378 2.80 31.06 -17.83
CA TYR D 1378 2.26 32.11 -16.96
C TYR D 1378 3.12 33.37 -16.94
N VAL D 1379 2.49 34.48 -16.57
CA VAL D 1379 3.14 35.77 -16.66
C VAL D 1379 2.63 36.69 -15.55
N GLU D 1380 3.50 37.60 -15.12
CA GLU D 1380 3.25 38.60 -14.08
C GLU D 1380 2.99 39.94 -14.74
N VAL D 1381 2.01 40.69 -14.23
CA VAL D 1381 1.75 42.03 -14.78
C VAL D 1381 2.79 43.00 -14.23
N THR D 1382 3.08 44.05 -15.00
CA THR D 1382 4.02 45.06 -14.57
C THR D 1382 3.58 46.49 -14.86
N ASP D 1383 2.48 46.68 -15.55
CA ASP D 1383 1.71 47.91 -15.52
C ASP D 1383 0.42 47.54 -16.21
N PRO D 1384 -0.73 47.80 -15.60
CA PRO D 1384 -2.00 47.35 -16.17
C PRO D 1384 -2.57 48.24 -17.26
N GLY D 1385 -1.80 49.20 -17.79
CA GLY D 1385 -2.30 50.03 -18.87
C GLY D 1385 -3.67 50.60 -18.58
N ASP D 1386 -4.68 50.11 -19.31
CA ASP D 1386 -6.07 50.53 -19.16
C ASP D 1386 -6.98 49.34 -18.84
N SER D 1387 -6.55 48.47 -17.91
CA SER D 1387 -7.23 47.19 -17.65
C SER D 1387 -7.54 47.03 -16.16
N ARG D 1388 -8.33 46.01 -15.85
CA ARG D 1388 -8.64 45.78 -14.44
C ARG D 1388 -7.53 45.03 -13.71
N LEU D 1389 -6.40 44.75 -14.35
CA LEU D 1389 -5.35 43.95 -13.71
C LEU D 1389 -4.58 44.79 -12.70
N LEU D 1390 -3.59 44.19 -12.04
CA LEU D 1390 -2.86 44.85 -10.96
C LEU D 1390 -1.39 44.46 -10.98
N GLU D 1391 -0.52 45.44 -10.89
CA GLU D 1391 0.91 45.17 -10.86
C GLU D 1391 1.24 44.07 -9.88
N GLY D 1392 1.79 42.99 -10.40
CA GLY D 1392 2.13 41.82 -9.63
C GLY D 1392 1.21 40.65 -9.90
N GLN D 1393 -0.04 40.93 -10.26
CA GLN D 1393 -0.99 39.87 -10.53
C GLN D 1393 -0.39 38.93 -11.54
N VAL D 1394 -0.68 37.65 -11.39
CA VAL D 1394 -0.18 36.66 -12.31
C VAL D 1394 -1.35 36.22 -13.18
N LEU D 1395 -1.04 35.66 -14.33
CA LEU D 1395 -2.08 35.11 -15.17
C LEU D 1395 -1.45 34.42 -16.36
N GLU D 1396 -2.25 33.59 -17.02
CA GLU D 1396 -1.79 32.81 -18.15
C GLU D 1396 -1.30 33.75 -19.25
N LYS D 1397 -0.10 33.45 -19.78
CA LYS D 1397 0.39 34.16 -20.97
C LYS D 1397 -0.70 34.24 -22.03
N TRP D 1398 -1.52 33.18 -22.14
CA TRP D 1398 -2.59 33.18 -23.12
C TRP D 1398 -3.60 34.30 -22.88
N ASP D 1399 -4.05 34.43 -21.63
CA ASP D 1399 -5.16 35.33 -21.31
C ASP D 1399 -4.75 36.80 -21.37
N VAL D 1400 -3.48 37.11 -21.13
CA VAL D 1400 -3.00 38.48 -21.27
C VAL D 1400 -2.83 38.84 -22.73
N GLU D 1401 -2.15 37.99 -23.50
CA GLU D 1401 -2.13 38.18 -24.95
C GLU D 1401 -3.55 38.34 -25.48
N ALA D 1402 -4.48 37.56 -24.93
CA ALA D 1402 -5.88 37.60 -25.35
C ALA D 1402 -6.45 39.02 -25.29
N LEU D 1403 -6.55 39.60 -24.09
CA LEU D 1403 -7.15 40.92 -23.96
C LEU D 1403 -6.20 42.05 -24.41
N ASN D 1404 -4.89 41.81 -24.47
CA ASN D 1404 -4.08 42.86 -25.07
C ASN D 1404 -4.45 43.11 -26.52
N GLU D 1405 -5.25 42.22 -27.12
CA GLU D 1405 -5.88 42.45 -28.42
C GLU D 1405 -7.15 43.28 -28.28
N ARG D 1406 -8.05 42.91 -27.35
CA ARG D 1406 -9.22 43.73 -27.06
C ARG D 1406 -8.83 45.14 -26.66
N LEU D 1407 -7.58 45.36 -26.27
CA LEU D 1407 -7.11 46.68 -25.87
C LEU D 1407 -6.41 47.42 -26.99
N ILE D 1408 -5.60 46.73 -27.79
CA ILE D 1408 -5.19 47.29 -29.07
C ILE D 1408 -6.38 47.43 -30.01
N ALA D 1409 -7.54 46.87 -29.63
CA ALA D 1409 -8.78 47.07 -30.36
C ALA D 1409 -9.48 48.36 -29.94
N GLU D 1410 -9.84 48.46 -28.67
CA GLU D 1410 -10.41 49.73 -28.22
C GLU D 1410 -9.35 50.83 -28.15
N GLY D 1411 -8.18 50.54 -28.72
CA GLY D 1411 -7.13 51.52 -28.92
C GLY D 1411 -6.57 52.13 -27.65
N LYS D 1412 -6.85 51.54 -26.49
CA LYS D 1412 -6.34 52.05 -25.21
C LYS D 1412 -4.93 51.47 -25.03
N THR D 1413 -4.37 51.56 -23.72
CA THR D 1413 -3.01 51.10 -23.43
C THR D 1413 -2.99 49.59 -23.13
N PRO D 1414 -1.85 48.92 -23.40
CA PRO D 1414 -1.79 47.47 -23.18
C PRO D 1414 -1.20 47.11 -21.82
N VAL D 1415 -1.54 45.93 -21.31
CA VAL D 1415 -0.88 45.41 -20.12
C VAL D 1415 0.59 45.23 -20.42
N ALA D 1416 1.43 45.79 -19.56
CA ALA D 1416 2.83 45.41 -19.52
C ALA D 1416 2.96 44.12 -18.72
N TRP D 1417 3.64 43.13 -19.30
CA TRP D 1417 3.79 41.85 -18.63
C TRP D 1417 5.22 41.37 -18.81
N LYS D 1418 5.49 40.18 -18.30
CA LYS D 1418 6.85 39.77 -17.96
C LYS D 1418 6.82 38.26 -17.86
N PRO D 1419 7.78 37.55 -18.43
CA PRO D 1419 7.64 36.10 -18.48
C PRO D 1419 7.85 35.53 -17.08
N LEU D 1420 7.10 34.50 -16.77
CA LEU D 1420 7.17 33.76 -15.51
C LEU D 1420 7.53 32.29 -15.75
N LEU D 1421 8.54 31.80 -15.03
CA LEU D 1421 8.91 30.36 -15.08
C LEU D 1421 8.51 29.68 -13.77
N MET D 1422 7.58 28.73 -13.84
CA MET D 1422 7.10 27.99 -12.68
C MET D 1422 7.49 26.53 -12.80
N GLY D 1423 7.84 25.90 -11.67
CA GLY D 1423 8.05 24.47 -11.65
C GLY D 1423 6.77 23.73 -11.97
N VAL D 1424 6.89 22.42 -12.22
CA VAL D 1424 5.71 21.71 -12.71
C VAL D 1424 4.65 21.65 -11.63
N THR D 1425 5.05 21.39 -10.37
CA THR D 1425 4.08 21.27 -9.28
C THR D 1425 3.23 22.52 -9.19
N LYS D 1426 3.89 23.69 -9.07
CA LYS D 1426 3.14 24.94 -8.96
C LYS D 1426 2.31 25.22 -10.20
N SER D 1427 2.73 24.70 -11.38
CA SER D 1427 2.01 25.01 -12.62
C SER D 1427 0.73 24.22 -12.77
N ALA D 1428 0.72 22.96 -12.33
CA ALA D 1428 -0.53 22.22 -12.27
C ALA D 1428 -1.52 22.88 -11.33
N LEU D 1429 -1.03 23.29 -10.14
CA LEU D 1429 -1.88 23.89 -9.12
C LEU D 1429 -2.49 25.22 -9.58
N SER D 1430 -1.80 25.95 -10.44
CA SER D 1430 -2.32 27.19 -10.96
C SER D 1430 -3.19 27.02 -12.20
N THR D 1431 -3.47 25.79 -12.64
CA THR D 1431 -4.33 25.66 -13.82
C THR D 1431 -5.67 26.36 -13.61
N LYS D 1432 -6.35 26.64 -14.73
CA LYS D 1432 -7.71 27.16 -14.66
C LYS D 1432 -8.63 26.18 -13.96
N SER D 1433 -8.66 24.95 -14.44
CA SER D 1433 -9.65 23.97 -13.99
C SER D 1433 -9.37 23.61 -12.52
N TRP D 1434 -10.27 24.07 -11.63
CA TRP D 1434 -10.14 23.75 -10.20
C TRP D 1434 -10.41 22.28 -9.93
N LEU D 1435 -11.11 21.61 -10.85
CA LEU D 1435 -11.30 20.18 -10.74
C LEU D 1435 -9.99 19.44 -10.99
N SER D 1436 -9.16 19.94 -11.90
CA SER D 1436 -7.83 19.36 -12.06
C SER D 1436 -6.98 19.65 -10.84
N ALA D 1437 -7.03 20.88 -10.33
CA ALA D 1437 -6.10 21.25 -9.27
C ALA D 1437 -6.46 20.61 -7.94
N ALA D 1438 -7.75 20.53 -7.64
CA ALA D 1438 -8.16 19.94 -6.37
C ALA D 1438 -7.81 18.48 -6.31
N SER D 1439 -7.86 17.78 -7.45
CA SER D 1439 -7.56 16.36 -7.58
C SER D 1439 -6.07 16.05 -7.70
N PHE D 1440 -5.20 17.05 -7.67
CA PHE D 1440 -3.76 16.85 -7.69
C PHE D 1440 -3.16 16.85 -6.29
N GLN D 1441 -3.17 18.02 -5.65
CA GLN D 1441 -2.41 18.28 -4.44
C GLN D 1441 -3.07 19.47 -3.74
N ASN D 1442 -2.63 19.75 -2.50
CA ASN D 1442 -3.08 20.91 -1.74
C ASN D 1442 -4.56 21.16 -1.99
N THR D 1443 -5.33 20.14 -1.63
CA THR D 1443 -6.72 20.04 -2.05
C THR D 1443 -7.57 21.16 -1.48
N THR D 1444 -7.44 21.45 -0.18
CA THR D 1444 -8.25 22.54 0.36
C THR D 1444 -7.81 23.86 -0.22
N HIS D 1445 -6.53 24.21 -0.06
CA HIS D 1445 -6.10 25.52 -0.54
C HIS D 1445 -6.68 25.78 -1.91
N VAL D 1446 -6.64 24.76 -2.78
CA VAL D 1446 -7.30 24.86 -4.08
C VAL D 1446 -8.79 25.08 -3.88
N LEU D 1447 -9.43 24.19 -3.12
CA LEU D 1447 -10.89 24.12 -3.12
C LEU D 1447 -11.50 25.43 -2.62
N THR D 1448 -10.99 25.94 -1.48
CA THR D 1448 -11.48 27.21 -0.96
C THR D 1448 -11.33 28.31 -2.01
N GLU D 1449 -10.09 28.64 -2.38
CA GLU D 1449 -9.88 29.77 -3.28
C GLU D 1449 -10.81 29.70 -4.49
N ALA D 1450 -11.12 28.49 -4.95
CA ALA D 1450 -12.07 28.34 -6.04
C ALA D 1450 -13.48 28.78 -5.64
N ALA D 1451 -13.96 28.30 -4.48
CA ALA D 1451 -15.34 28.59 -4.09
C ALA D 1451 -15.54 30.07 -3.80
N ILE D 1452 -14.58 30.68 -3.11
CA ILE D 1452 -14.60 32.13 -2.92
C ILE D 1452 -14.85 32.83 -4.25
N ALA D 1453 -14.04 32.51 -5.28
CA ALA D 1453 -14.12 33.15 -6.59
C ALA D 1453 -15.24 32.60 -7.45
N GLY D 1454 -15.99 31.61 -6.96
CA GLY D 1454 -17.04 31.01 -7.75
C GLY D 1454 -16.52 30.65 -9.11
N LYS D 1455 -15.31 30.06 -9.16
CA LYS D 1455 -14.72 29.55 -10.38
C LYS D 1455 -15.65 28.54 -11.02
N LYS D 1456 -15.67 28.53 -12.35
CA LYS D 1456 -16.35 27.46 -13.05
C LYS D 1456 -15.34 26.71 -13.91
N ASP D 1457 -15.20 25.41 -13.66
CA ASP D 1457 -14.35 24.56 -14.47
C ASP D 1457 -15.03 24.29 -15.81
N GLU D 1458 -14.38 24.72 -16.89
CA GLU D 1458 -14.92 24.55 -18.24
C GLU D 1458 -14.88 23.10 -18.73
N LEU D 1459 -14.25 22.18 -17.99
CA LEU D 1459 -14.16 20.80 -18.44
C LEU D 1459 -13.38 20.69 -19.74
N ILE D 1460 -12.28 21.44 -19.82
CA ILE D 1460 -11.51 21.50 -21.06
C ILE D 1460 -10.54 20.33 -21.19
N GLY D 1461 -10.01 19.84 -20.07
CA GLY D 1461 -8.93 18.87 -20.06
C GLY D 1461 -9.39 17.44 -19.82
N LEU D 1462 -8.44 16.60 -19.42
CA LEU D 1462 -8.75 15.18 -19.28
C LEU D 1462 -9.23 14.83 -17.87
N LYS D 1463 -8.39 15.11 -16.85
CA LYS D 1463 -8.78 14.84 -15.47
C LYS D 1463 -10.18 15.31 -15.24
N GLU D 1464 -10.43 16.59 -15.56
CA GLU D 1464 -11.75 17.15 -15.36
C GLU D 1464 -12.80 16.15 -15.79
N ASN D 1465 -12.76 15.76 -17.06
CA ASN D 1465 -13.79 14.91 -17.63
C ASN D 1465 -13.70 13.49 -17.13
N VAL D 1466 -12.55 13.06 -16.61
CA VAL D 1466 -12.45 11.72 -16.03
C VAL D 1466 -13.22 11.66 -14.73
N ILE D 1467 -13.14 12.73 -13.91
CA ILE D 1467 -13.84 12.72 -12.63
C ILE D 1467 -15.36 12.71 -12.85
N LEU D 1468 -15.84 13.54 -13.77
CA LEU D 1468 -17.24 13.50 -14.17
C LEU D 1468 -17.62 12.18 -14.84
N GLY D 1469 -16.65 11.49 -15.48
CA GLY D 1469 -16.94 10.28 -16.20
C GLY D 1469 -17.39 10.47 -17.64
N ARG D 1470 -17.21 11.64 -18.22
CA ARG D 1470 -17.65 11.81 -19.60
C ARG D 1470 -16.56 11.38 -20.59
N LEU D 1471 -16.92 11.28 -21.86
CA LEU D 1471 -15.96 10.92 -22.90
C LEU D 1471 -14.85 11.96 -22.99
N ILE D 1472 -13.61 11.57 -22.69
CA ILE D 1472 -12.51 12.54 -22.66
C ILE D 1472 -12.33 13.23 -24.01
N PRO D 1473 -11.72 14.41 -24.03
CA PRO D 1473 -11.58 15.18 -25.27
C PRO D 1473 -10.34 14.82 -26.08
N ALA D 1474 -10.09 13.51 -26.22
CA ALA D 1474 -8.92 13.00 -26.93
C ALA D 1474 -9.30 11.70 -27.59
N GLY D 1475 -8.52 11.32 -28.62
CA GLY D 1475 -8.73 10.05 -29.31
C GLY D 1475 -10.10 9.97 -29.96
N THR D 1476 -10.72 8.80 -29.86
CA THR D 1476 -12.08 8.64 -30.38
C THR D 1476 -13.02 9.72 -29.88
N GLY D 1477 -12.63 10.46 -28.85
CA GLY D 1477 -13.42 11.51 -28.26
C GLY D 1477 -13.10 12.92 -28.71
N SER D 1478 -12.10 13.11 -29.57
CA SER D 1478 -11.82 14.44 -30.08
C SER D 1478 -12.98 14.91 -30.95
N ASP D 1479 -13.40 16.16 -30.75
CA ASP D 1479 -14.42 16.75 -31.61
C ASP D 1479 -14.05 16.67 -33.08
N PHE D 1480 -12.76 16.56 -33.40
CA PHE D 1480 -12.37 16.46 -34.80
C PHE D 1480 -12.98 15.25 -35.50
N VAL D 1481 -13.35 14.22 -34.74
CA VAL D 1481 -13.59 12.90 -35.30
C VAL D 1481 -14.85 12.23 -34.76
N ARG D 1482 -15.41 12.76 -33.68
CA ARG D 1482 -16.48 12.01 -33.04
C ARG D 1482 -17.79 12.14 -33.78
N PHE D 1483 -17.97 13.24 -34.54
CA PHE D 1483 -19.19 13.49 -35.29
C PHE D 1483 -19.14 12.93 -36.69
N THR D 1484 -18.34 11.90 -36.96
CA THR D 1484 -18.23 11.39 -38.32
C THR D 1484 -19.35 10.39 -38.60
N GLN D 1485 -19.89 10.46 -39.82
CA GLN D 1485 -20.97 9.60 -40.30
C GLN D 1485 -20.46 8.56 -41.32
N VAL D 1486 -21.23 7.47 -41.45
CA VAL D 1486 -20.90 6.39 -42.36
C VAL D 1486 -22.18 5.74 -42.88
N VAL D 1487 -22.34 5.72 -44.20
CA VAL D 1487 -23.54 5.21 -44.87
C VAL D 1487 -23.14 4.37 -46.07
N ASP D 1488 -23.77 3.20 -46.21
CA ASP D 1488 -23.56 2.36 -47.38
C ASP D 1488 -24.25 2.97 -48.59
N GLN D 1489 -23.54 2.95 -49.74
CA GLN D 1489 -24.06 3.58 -50.96
C GLN D 1489 -25.45 3.05 -51.31
N LYS D 1490 -25.72 1.78 -51.00
CA LYS D 1490 -27.07 1.22 -51.06
C LYS D 1490 -28.03 1.80 -50.01
N THR D 1491 -27.58 2.78 -49.19
CA THR D 1491 -28.47 3.59 -48.37
C THR D 1491 -28.24 5.10 -48.51
N LEU D 1492 -27.10 5.54 -49.05
CA LEU D 1492 -26.88 6.95 -49.32
C LEU D 1492 -27.67 7.44 -50.51
N LYS D 1493 -27.98 6.56 -51.46
CA LYS D 1493 -28.85 6.95 -52.57
C LYS D 1493 -30.32 6.61 -52.32
N ALA D 1494 -30.62 5.76 -51.32
CA ALA D 1494 -32.00 5.41 -50.97
C ALA D 1494 -32.73 6.55 -50.27
N ILE D 1495 -32.01 7.42 -49.57
CA ILE D 1495 -32.62 8.55 -48.89
C ILE D 1495 -32.45 9.85 -49.67
N GLU D 1496 -31.55 9.88 -50.67
CA GLU D 1496 -31.27 11.09 -51.42
C GLU D 1496 -32.30 11.37 -52.52
N GLU D 1497 -33.17 10.41 -52.85
CA GLU D 1497 -34.08 10.54 -53.98
C GLU D 1497 -35.53 10.83 -53.60
N ALA D 1498 -36.02 10.30 -52.48
CA ALA D 1498 -37.30 10.77 -51.96
C ALA D 1498 -37.21 12.24 -51.55
N ARG D 1499 -36.03 12.64 -51.04
CA ARG D 1499 -35.74 13.99 -50.56
C ARG D 1499 -35.15 14.91 -51.63
N LYS D 1500 -35.39 14.62 -52.93
CA LYS D 1500 -35.06 15.56 -54.00
C LYS D 1500 -36.27 16.36 -54.50
N GLU D 1501 -37.50 15.92 -54.15
CA GLU D 1501 -38.73 16.61 -54.52
C GLU D 1501 -39.61 16.77 -53.28
N ALA D 1502 -40.10 17.99 -53.06
CA ALA D 1502 -41.00 18.27 -51.94
C ALA D 1502 -42.22 17.37 -52.02
N ALA E 2 -1.36 -9.05 -36.57
CA ALA E 2 -1.92 -7.72 -36.86
C ALA E 2 -3.39 -7.75 -37.34
N GLU E 3 -3.95 -6.57 -37.59
CA GLU E 3 -5.31 -6.65 -38.13
C GLU E 3 -5.25 -6.71 -39.64
N PRO E 4 -6.05 -7.56 -40.24
CA PRO E 4 -5.91 -7.81 -41.68
C PRO E 4 -6.25 -6.61 -42.55
N GLY E 5 -5.23 -5.96 -43.10
CA GLY E 5 -5.41 -4.82 -43.97
C GLY E 5 -5.25 -3.49 -43.30
N ILE E 6 -4.85 -3.47 -42.02
CA ILE E 6 -4.86 -2.25 -41.22
C ILE E 6 -4.10 -1.13 -41.93
N ASP E 7 -2.88 -1.42 -42.38
CA ASP E 7 -2.01 -0.39 -42.96
C ASP E 7 -2.72 0.46 -43.98
N LYS E 8 -3.65 -0.11 -44.75
CA LYS E 8 -4.37 0.70 -45.72
C LYS E 8 -5.53 1.45 -45.08
N LEU E 9 -6.11 0.88 -44.03
CA LEU E 9 -7.15 1.58 -43.29
C LEU E 9 -6.65 2.96 -42.85
N PHE E 10 -5.52 2.99 -42.12
CA PHE E 10 -4.95 4.27 -41.70
C PHE E 10 -4.69 5.18 -42.88
N GLY E 11 -4.55 4.62 -44.07
CA GLY E 11 -4.38 5.44 -45.26
C GLY E 11 -5.62 6.23 -45.61
N MET E 12 -6.79 5.66 -45.38
CA MET E 12 -8.03 6.31 -45.82
C MET E 12 -8.33 7.57 -45.02
N VAL E 13 -8.27 7.47 -43.70
CA VAL E 13 -8.70 8.55 -42.82
C VAL E 13 -7.56 9.51 -42.56
N ASP E 14 -7.94 10.72 -42.20
CA ASP E 14 -6.97 11.78 -41.94
C ASP E 14 -6.28 11.64 -40.59
N SER E 15 -6.85 10.88 -39.65
CA SER E 15 -6.32 10.70 -38.30
C SER E 15 -6.80 9.35 -37.76
N LYS E 16 -5.88 8.58 -37.18
CA LYS E 16 -6.22 7.19 -36.88
C LYS E 16 -7.54 7.09 -36.13
N TYR E 17 -7.85 8.06 -35.27
CA TYR E 17 -9.02 7.91 -34.40
C TYR E 17 -10.33 8.01 -35.20
N ARG E 18 -10.34 8.80 -36.28
CA ARG E 18 -11.52 8.84 -37.15
C ARG E 18 -11.84 7.49 -37.80
N LEU E 19 -10.83 6.70 -38.14
CA LEU E 19 -11.13 5.33 -38.53
C LEU E 19 -11.91 4.63 -37.42
N THR E 20 -11.43 4.77 -36.17
CA THR E 20 -11.94 3.93 -35.08
C THR E 20 -13.41 4.14 -34.87
N VAL E 21 -13.88 5.39 -35.01
CA VAL E 21 -15.30 5.67 -34.79
C VAL E 21 -16.10 5.25 -36.02
N VAL E 22 -15.59 5.51 -37.24
CA VAL E 22 -16.31 5.03 -38.41
C VAL E 22 -16.50 3.54 -38.33
N VAL E 23 -15.44 2.81 -37.97
CA VAL E 23 -15.58 1.37 -37.83
C VAL E 23 -16.63 1.04 -36.80
N ALA E 24 -16.52 1.62 -35.60
CA ALA E 24 -17.41 1.25 -34.48
C ALA E 24 -18.85 1.62 -34.76
N LYS E 25 -19.08 2.76 -35.41
CA LYS E 25 -20.42 3.17 -35.80
C LYS E 25 -20.99 2.19 -36.83
N ARG E 26 -20.37 2.09 -38.01
CA ARG E 26 -20.81 1.08 -38.96
C ARG E 26 -20.98 -0.25 -38.26
N ALA E 27 -20.05 -0.58 -37.36
CA ALA E 27 -20.12 -1.89 -36.71
C ALA E 27 -21.30 -2.02 -35.77
N GLN E 28 -21.94 -0.91 -35.36
CA GLN E 28 -23.18 -1.04 -34.60
C GLN E 28 -24.44 -0.84 -35.44
N GLN E 29 -24.36 -0.05 -36.53
CA GLN E 29 -25.41 -0.05 -37.54
C GLN E 29 -25.77 -1.49 -37.88
N LEU E 30 -24.75 -2.34 -37.91
CA LEU E 30 -24.97 -3.73 -38.29
C LEU E 30 -25.60 -4.50 -37.15
N LEU E 31 -25.05 -4.37 -35.93
CA LEU E 31 -25.55 -5.19 -34.83
C LEU E 31 -27.06 -5.00 -34.62
N ARG E 32 -27.57 -3.79 -34.83
CA ARG E 32 -28.98 -3.54 -34.58
C ARG E 32 -29.86 -3.99 -35.73
N HIS E 33 -29.35 -3.94 -36.98
CA HIS E 33 -30.16 -4.22 -38.16
C HIS E 33 -30.13 -5.69 -38.62
N GLY E 34 -29.38 -6.56 -37.95
CA GLY E 34 -29.29 -7.93 -38.45
C GLY E 34 -28.45 -8.09 -39.69
N PHE E 35 -27.64 -7.10 -40.01
CA PHE E 35 -26.71 -7.13 -41.11
C PHE E 35 -27.43 -6.93 -42.45
N LYS E 36 -28.76 -6.85 -42.49
CA LYS E 36 -29.44 -6.75 -43.77
C LYS E 36 -28.86 -5.65 -44.65
N ASN E 37 -28.34 -4.58 -44.05
CA ASN E 37 -27.83 -3.43 -44.81
C ASN E 37 -26.43 -3.62 -45.35
N THR E 38 -25.79 -4.76 -45.07
CA THR E 38 -24.41 -4.98 -45.44
C THR E 38 -24.18 -4.60 -46.89
N VAL E 39 -22.94 -4.23 -47.21
CA VAL E 39 -22.62 -3.89 -48.58
C VAL E 39 -21.58 -4.90 -49.05
N LEU E 40 -21.66 -6.10 -48.49
CA LEU E 40 -20.89 -7.27 -48.92
C LEU E 40 -21.72 -8.18 -49.81
N GLU E 41 -21.02 -9.15 -50.49
CA GLU E 41 -21.63 -10.27 -51.20
C GLU E 41 -21.27 -11.60 -50.51
N PRO E 42 -22.12 -12.64 -50.64
CA PRO E 42 -22.08 -13.78 -49.69
C PRO E 42 -20.73 -14.46 -49.56
N GLU E 43 -19.89 -14.38 -50.58
CA GLU E 43 -18.57 -15.02 -50.58
C GLU E 43 -17.50 -14.19 -49.89
N GLU E 44 -17.69 -12.88 -49.79
CA GLU E 44 -16.83 -12.03 -48.97
C GLU E 44 -17.22 -12.03 -47.50
N ARG E 45 -18.31 -12.71 -47.15
CA ARG E 45 -18.84 -12.70 -45.79
C ARG E 45 -17.84 -13.29 -44.81
N PRO E 46 -17.37 -12.51 -43.84
CA PRO E 46 -16.53 -13.08 -42.78
C PRO E 46 -17.22 -14.29 -42.19
N LYS E 47 -16.44 -15.32 -41.88
CA LYS E 47 -17.06 -16.55 -41.44
C LYS E 47 -16.20 -17.19 -40.36
N MET E 48 -16.83 -17.60 -39.28
CA MET E 48 -16.14 -18.35 -38.24
C MET E 48 -16.52 -19.82 -38.34
N GLN E 49 -15.62 -20.67 -37.82
CA GLN E 49 -15.72 -22.13 -37.88
C GLN E 49 -16.20 -22.70 -36.53
N THR E 50 -17.43 -23.21 -36.49
CA THR E 50 -17.91 -23.83 -35.27
C THR E 50 -17.53 -25.31 -35.23
N LEU E 51 -17.89 -25.98 -34.12
CA LEU E 51 -17.68 -27.42 -34.04
C LEU E 51 -18.64 -28.16 -34.98
N GLU E 52 -19.78 -27.57 -35.31
CA GLU E 52 -20.66 -28.15 -36.32
C GLU E 52 -20.19 -27.78 -37.73
N GLY E 53 -20.23 -26.49 -38.09
CA GLY E 53 -19.79 -26.07 -39.42
C GLY E 53 -19.65 -24.57 -39.55
N LEU E 54 -18.95 -24.16 -40.63
CA LEU E 54 -18.64 -22.75 -40.87
C LEU E 54 -19.90 -21.90 -40.91
N PHE E 55 -19.86 -20.74 -40.24
CA PHE E 55 -20.99 -19.82 -40.18
C PHE E 55 -20.55 -18.37 -40.18
N ASP E 56 -21.53 -17.49 -40.37
CA ASP E 56 -21.27 -16.07 -40.47
C ASP E 56 -20.51 -15.56 -39.25
N ASP E 57 -19.45 -14.78 -39.49
CA ASP E 57 -18.73 -14.17 -38.38
C ASP E 57 -19.69 -13.29 -37.57
N PRO E 58 -19.77 -13.47 -36.25
CA PRO E 58 -20.69 -12.67 -35.43
C PRO E 58 -20.14 -11.30 -35.09
N ASN E 59 -18.82 -11.18 -35.02
CA ASN E 59 -18.16 -9.98 -34.54
C ASN E 59 -18.40 -8.83 -35.51
N ALA E 60 -19.38 -7.98 -35.18
CA ALA E 60 -19.77 -6.89 -36.06
C ALA E 60 -18.62 -5.97 -36.39
N VAL E 61 -17.53 -6.03 -35.64
CA VAL E 61 -16.42 -5.14 -35.91
C VAL E 61 -15.53 -5.70 -37.03
N THR E 62 -15.18 -6.98 -36.98
CA THR E 62 -14.48 -7.57 -38.12
C THR E 62 -15.24 -7.25 -39.41
N TRP E 63 -16.55 -7.51 -39.43
CA TRP E 63 -17.35 -7.10 -40.57
C TRP E 63 -17.04 -5.66 -40.96
N ALA E 64 -17.35 -4.72 -40.06
CA ALA E 64 -17.20 -3.31 -40.36
C ALA E 64 -15.84 -3.00 -41.01
N MET E 65 -14.77 -3.64 -40.54
CA MET E 65 -13.47 -3.33 -41.11
C MET E 65 -13.38 -3.82 -42.55
N LYS E 66 -13.54 -5.14 -42.76
CA LYS E 66 -13.62 -5.64 -44.13
C LYS E 66 -14.58 -4.79 -44.96
N GLU E 67 -15.80 -4.63 -44.45
CA GLU E 67 -16.83 -3.79 -45.05
C GLU E 67 -16.24 -2.48 -45.56
N LEU E 68 -15.34 -1.90 -44.78
CA LEU E 68 -14.78 -0.59 -45.12
C LEU E 68 -13.77 -0.67 -46.27
N LEU E 69 -12.97 -1.75 -46.32
CA LEU E 69 -11.95 -1.90 -47.34
C LEU E 69 -12.54 -1.92 -48.75
N THR E 70 -13.76 -2.43 -48.89
CA THR E 70 -14.37 -2.50 -50.21
C THR E 70 -14.46 -1.13 -50.87
N GLY E 71 -14.56 -0.06 -50.09
CA GLY E 71 -14.88 1.24 -50.63
C GLY E 71 -16.36 1.49 -50.80
N ARG E 72 -17.21 0.57 -50.37
CA ARG E 72 -18.64 0.65 -50.57
C ARG E 72 -19.35 1.46 -49.48
N LEU E 73 -18.59 2.14 -48.62
CA LEU E 73 -19.13 2.97 -47.55
C LEU E 73 -18.64 4.41 -47.72
N VAL E 74 -19.42 5.36 -47.20
CA VAL E 74 -19.03 6.75 -47.21
C VAL E 74 -18.88 7.23 -45.77
N PHE E 75 -17.80 7.96 -45.54
CA PHE E 75 -17.44 8.53 -44.25
C PHE E 75 -17.32 10.04 -44.42
N GLY E 76 -17.44 10.77 -43.32
CA GLY E 76 -17.37 12.22 -43.37
C GLY E 76 -18.32 12.94 -42.40
N GLU E 77 -18.07 14.23 -42.21
CA GLU E 77 -18.82 15.04 -41.27
C GLU E 77 -19.93 15.81 -41.96
N ASN E 78 -21.10 15.82 -41.34
CA ASN E 78 -22.28 16.55 -41.80
C ASN E 78 -22.71 16.07 -43.20
N LEU E 79 -23.19 14.83 -43.23
CA LEU E 79 -23.65 14.21 -44.47
C LEU E 79 -25.13 13.85 -44.48
N VAL E 80 -25.79 13.76 -43.33
CA VAL E 80 -27.20 13.40 -43.29
C VAL E 80 -27.85 14.14 -42.13
N PRO E 81 -29.18 14.21 -42.12
CA PRO E 81 -29.88 14.35 -40.84
C PRO E 81 -29.84 13.03 -40.08
N GLU E 82 -29.54 13.11 -38.78
CA GLU E 82 -29.39 11.90 -37.98
C GLU E 82 -30.70 11.12 -37.91
N ASP E 83 -31.82 11.83 -37.74
CA ASP E 83 -33.11 11.17 -37.64
C ASP E 83 -33.61 10.65 -39.00
N ARG E 84 -33.12 11.20 -40.12
CA ARG E 84 -33.48 10.71 -41.44
C ARG E 84 -32.68 9.49 -41.84
N LEU E 85 -31.63 9.16 -41.10
CA LEU E 85 -30.97 7.88 -41.29
C LEU E 85 -31.49 6.83 -40.32
N GLN E 86 -31.66 7.18 -39.04
CA GLN E 86 -32.07 6.14 -38.09
C GLN E 86 -33.48 5.60 -38.37
N LYS E 87 -34.13 6.07 -39.43
CA LYS E 87 -35.40 5.49 -39.89
C LYS E 87 -35.32 4.94 -41.31
N GLU E 88 -34.79 5.72 -42.27
CA GLU E 88 -34.66 5.21 -43.65
C GLU E 88 -33.92 3.89 -43.68
N MET E 89 -33.02 3.67 -42.73
CA MET E 89 -32.32 2.40 -42.57
C MET E 89 -33.12 1.38 -41.76
N GLU E 90 -33.99 1.83 -40.84
CA GLU E 90 -34.97 0.92 -40.23
C GLU E 90 -36.08 0.60 -41.21
N ARG E 91 -36.19 1.39 -42.28
CA ARG E 91 -37.09 1.14 -43.39
C ARG E 91 -36.50 0.11 -44.37
N LEU E 92 -35.36 0.44 -44.99
CA LEU E 92 -34.75 -0.47 -45.98
C LEU E 92 -34.42 -1.83 -45.37
N TYR E 93 -34.22 -1.91 -44.05
CA TYR E 93 -33.88 -3.17 -43.39
C TYR E 93 -34.45 -3.15 -41.97
N PRO E 94 -35.47 -3.96 -41.68
CA PRO E 94 -36.21 -3.81 -40.42
C PRO E 94 -35.53 -4.48 -39.23
N VAL E 95 -36.08 -4.19 -38.06
CA VAL E 95 -35.57 -4.67 -36.77
C VAL E 95 -36.31 -5.94 -36.30
N SER F 78 -4.22 28.37 23.94
CA SER F 78 -3.61 27.40 23.01
C SER F 78 -4.02 25.94 23.27
N ASP F 79 -4.22 25.60 24.56
CA ASP F 79 -4.78 24.32 25.03
C ASP F 79 -6.09 24.58 25.76
N PRO F 80 -7.22 24.06 25.26
CA PRO F 80 -8.53 24.55 25.71
C PRO F 80 -8.90 24.26 27.17
N VAL F 81 -8.19 23.39 27.86
CA VAL F 81 -8.42 23.22 29.29
C VAL F 81 -7.66 24.28 30.08
N ARG F 82 -6.34 24.27 29.99
CA ARG F 82 -5.53 25.22 30.74
C ARG F 82 -6.11 26.63 30.61
N GLN F 83 -6.79 26.91 29.50
CA GLN F 83 -7.48 28.19 29.34
C GLN F 83 -8.63 28.34 30.32
N TYR F 84 -9.60 27.44 30.27
CA TYR F 84 -10.72 27.49 31.23
C TYR F 84 -10.19 27.46 32.67
N LEU F 85 -9.18 26.64 32.94
CA LEU F 85 -8.52 26.68 34.25
C LEU F 85 -8.01 28.07 34.59
N HIS F 86 -7.86 28.95 33.61
CA HIS F 86 -7.37 30.28 33.94
C HIS F 86 -8.53 31.23 34.23
N GLU F 87 -9.55 31.24 33.36
CA GLU F 87 -10.73 32.06 33.61
C GLU F 87 -11.34 31.78 34.99
N ILE F 88 -11.18 30.55 35.48
CA ILE F 88 -11.69 30.16 36.79
C ILE F 88 -10.81 30.72 37.88
N GLY F 89 -9.50 30.74 37.67
CA GLY F 89 -8.57 31.24 38.68
C GLY F 89 -8.74 32.73 38.93
N GLN F 90 -9.71 33.30 38.22
CA GLN F 90 -9.98 34.74 38.17
C GLN F 90 -11.01 35.16 39.22
N VAL F 91 -12.21 34.57 39.17
CA VAL F 91 -13.24 34.76 40.20
C VAL F 91 -12.70 34.12 41.49
N PRO F 92 -12.46 34.89 42.55
CA PRO F 92 -11.84 34.31 43.74
C PRO F 92 -12.82 33.43 44.52
N LEU F 93 -12.26 32.60 45.38
CA LEU F 93 -13.10 31.78 46.23
C LEU F 93 -13.86 32.65 47.22
N LEU F 94 -15.15 32.32 47.41
CA LEU F 94 -15.96 33.00 48.40
C LEU F 94 -15.42 32.76 49.82
N THR F 95 -15.99 33.50 50.78
CA THR F 95 -15.81 33.22 52.19
C THR F 95 -17.18 33.00 52.83
N LEU F 96 -17.18 32.37 54.01
CA LEU F 96 -18.42 31.88 54.62
C LEU F 96 -19.51 32.95 54.62
N GLU F 97 -19.14 34.20 54.94
CA GLU F 97 -20.10 35.31 54.86
C GLU F 97 -20.64 35.48 53.44
N GLU F 98 -19.74 35.66 52.46
CA GLU F 98 -20.15 35.87 51.08
C GLU F 98 -20.94 34.69 50.52
N GLU F 99 -20.64 33.47 51.00
CA GLU F 99 -21.50 32.34 50.71
C GLU F 99 -22.94 32.65 51.12
N VAL F 100 -23.13 32.95 52.41
CA VAL F 100 -24.49 33.16 52.92
C VAL F 100 -25.11 34.43 52.38
N GLU F 101 -24.28 35.47 52.15
CA GLU F 101 -24.80 36.73 51.60
C GLU F 101 -25.42 36.50 50.23
N LEU F 102 -24.67 35.84 49.33
CA LEU F 102 -25.15 35.58 47.97
C LEU F 102 -26.28 34.56 47.98
N ALA F 103 -26.06 33.43 48.65
CA ALA F 103 -27.14 32.49 48.89
C ALA F 103 -28.38 33.22 49.36
N ARG F 104 -28.22 34.05 50.40
CA ARG F 104 -29.33 34.81 50.96
C ARG F 104 -30.00 35.67 49.89
N LYS F 105 -29.23 36.51 49.19
CA LYS F 105 -29.86 37.43 48.24
C LYS F 105 -30.65 36.70 47.15
N VAL F 106 -30.32 35.42 46.85
CA VAL F 106 -31.03 34.68 45.81
C VAL F 106 -32.42 34.24 46.28
N GLU F 107 -32.47 33.56 47.42
CA GLU F 107 -33.74 33.07 47.95
C GLU F 107 -34.75 34.20 48.06
N GLU F 108 -34.33 35.36 48.58
CA GLU F 108 -35.21 36.51 48.68
C GLU F 108 -35.72 36.92 47.30
N GLY F 109 -34.84 36.91 46.29
CA GLY F 109 -35.22 37.35 44.96
C GLY F 109 -36.20 36.42 44.28
N MET F 110 -36.15 35.13 44.60
CA MET F 110 -37.21 34.23 44.15
C MET F 110 -38.52 34.56 44.84
N GLU F 111 -38.54 34.58 46.19
CA GLU F 111 -39.72 35.06 46.90
C GLU F 111 -40.21 36.35 46.27
N ALA F 112 -39.28 37.29 46.07
CA ALA F 112 -39.61 38.60 45.54
C ALA F 112 -40.29 38.53 44.19
N ILE F 113 -40.13 37.42 43.47
CA ILE F 113 -40.69 37.35 42.13
C ILE F 113 -42.16 36.95 42.18
N LYS F 114 -42.52 35.99 43.05
CA LYS F 114 -43.94 35.61 43.10
C LYS F 114 -44.75 36.63 43.89
N LYS F 115 -44.19 37.19 44.98
CA LYS F 115 -44.78 38.39 45.53
C LYS F 115 -44.93 39.44 44.44
N LEU F 116 -43.89 39.59 43.61
CA LEU F 116 -43.89 40.51 42.47
C LEU F 116 -44.71 39.99 41.29
N SER F 117 -45.29 38.79 41.39
CA SER F 117 -46.25 38.33 40.40
C SER F 117 -47.68 38.29 40.90
N GLU F 118 -47.91 38.30 42.22
CA GLU F 118 -49.26 38.41 42.76
C GLU F 118 -49.72 39.86 42.90
N ILE F 119 -48.80 40.82 42.80
CA ILE F 119 -49.15 42.23 42.69
C ILE F 119 -49.59 42.56 41.27
N THR F 120 -48.87 42.03 40.26
CA THR F 120 -49.16 42.29 38.85
C THR F 120 -49.92 41.17 38.17
N GLY F 121 -49.82 39.94 38.68
CA GLY F 121 -50.44 38.78 38.06
C GLY F 121 -49.87 38.37 36.71
N LEU F 122 -48.72 38.91 36.30
CA LEU F 122 -48.22 38.58 34.97
C LEU F 122 -47.91 37.09 34.86
N ASP F 123 -46.77 36.63 35.42
CA ASP F 123 -46.44 35.22 35.53
C ASP F 123 -45.08 35.04 36.20
N PRO F 124 -44.91 34.10 37.13
CA PRO F 124 -43.61 33.95 37.78
C PRO F 124 -42.44 33.88 36.79
N ASP F 125 -42.46 32.91 35.87
CA ASP F 125 -41.33 32.72 34.97
C ASP F 125 -41.18 33.92 34.04
N LEU F 126 -42.24 34.27 33.30
CA LEU F 126 -42.26 35.40 32.39
C LEU F 126 -41.59 36.61 33.03
N ILE F 127 -41.84 36.80 34.32
CA ILE F 127 -41.18 37.88 35.05
C ILE F 127 -39.71 37.56 35.24
N ARG F 128 -39.41 36.38 35.80
CA ARG F 128 -38.03 36.09 36.16
C ARG F 128 -37.11 36.29 34.97
N GLU F 129 -37.56 35.85 33.78
CA GLU F 129 -36.75 36.06 32.57
C GLU F 129 -36.45 37.54 32.33
N VAL F 130 -37.42 38.43 32.64
CA VAL F 130 -37.27 39.87 32.40
C VAL F 130 -36.33 40.50 33.43
N VAL F 131 -36.38 40.01 34.67
CA VAL F 131 -35.36 40.36 35.65
C VAL F 131 -33.99 39.92 35.15
N ARG F 132 -33.92 38.71 34.57
CA ARG F 132 -32.65 38.17 34.09
C ARG F 132 -32.11 39.02 32.94
N ALA F 133 -32.98 39.40 32.00
CA ALA F 133 -32.54 40.15 30.82
C ALA F 133 -31.70 41.36 31.22
N LYS F 134 -32.30 42.28 31.98
CA LYS F 134 -31.64 43.55 32.26
C LYS F 134 -30.40 43.37 33.12
N ILE F 135 -30.39 42.43 34.04
CA ILE F 135 -29.24 42.30 34.93
C ILE F 135 -28.02 41.83 34.17
N LEU F 136 -28.19 40.84 33.28
CA LEU F 136 -27.08 40.25 32.51
C LEU F 136 -26.63 41.13 31.33
N GLY F 137 -27.45 42.11 30.95
CA GLY F 137 -27.20 42.90 29.76
C GLY F 137 -28.02 42.40 28.58
N SER F 138 -28.21 43.29 27.60
CA SER F 138 -28.89 42.84 26.40
C SER F 138 -27.99 41.98 25.52
N ALA F 139 -26.73 41.75 25.92
CA ALA F 139 -25.78 40.93 25.17
C ALA F 139 -26.46 39.65 24.69
N ARG F 140 -27.39 39.15 25.50
CA ARG F 140 -28.14 37.93 25.22
C ARG F 140 -29.64 38.21 25.34
N VAL F 141 -30.41 37.63 24.41
CA VAL F 141 -31.85 37.48 24.61
C VAL F 141 -32.39 36.51 23.55
N ARG F 142 -33.26 35.59 23.98
CA ARG F 142 -33.93 34.63 23.10
C ARG F 142 -35.32 34.37 23.66
N HIS F 143 -36.26 34.06 22.78
CA HIS F 143 -37.61 33.71 23.23
C HIS F 143 -37.51 32.39 24.00
N ILE F 144 -37.54 32.48 25.33
CA ILE F 144 -37.29 31.34 26.22
C ILE F 144 -38.46 30.36 26.08
N PRO F 145 -38.27 29.19 25.45
CA PRO F 145 -39.38 28.23 25.30
C PRO F 145 -39.98 27.85 26.64
N GLY F 146 -41.31 28.01 26.75
CA GLY F 146 -42.04 27.84 28.00
C GLY F 146 -42.70 29.10 28.49
N LEU F 147 -42.10 30.26 28.21
CA LEU F 147 -42.77 31.55 28.34
C LEU F 147 -43.58 31.80 27.06
N LYS F 148 -44.73 32.47 27.23
CA LYS F 148 -45.73 32.49 26.16
C LYS F 148 -45.56 33.65 25.19
N GLU F 149 -44.75 34.65 25.52
CA GLU F 149 -44.38 35.70 24.58
C GLU F 149 -42.92 35.53 24.17
N THR F 150 -42.64 35.82 22.89
CA THR F 150 -41.28 35.76 22.34
C THR F 150 -40.50 36.96 22.85
N LEU F 151 -39.56 36.70 23.77
CA LEU F 151 -38.99 37.74 24.64
C LEU F 151 -37.96 38.57 23.90
N ASP F 152 -38.47 39.42 23.00
CA ASP F 152 -37.80 40.45 22.23
C ASP F 152 -37.71 41.73 23.04
N PRO F 153 -36.61 42.47 22.93
CA PRO F 153 -36.35 43.60 23.83
C PRO F 153 -37.42 44.69 23.85
N LYS F 154 -38.50 44.51 23.07
CA LYS F 154 -39.64 45.40 23.17
C LYS F 154 -40.52 45.04 24.36
N THR F 155 -40.82 43.74 24.51
CA THR F 155 -41.57 43.26 25.67
C THR F 155 -40.73 43.24 26.93
N VAL F 156 -39.44 43.60 26.85
CA VAL F 156 -38.61 43.79 28.04
C VAL F 156 -38.65 45.23 28.50
N GLU F 157 -38.55 46.18 27.57
CA GLU F 157 -38.86 47.56 27.91
C GLU F 157 -40.34 47.69 28.27
N GLU F 158 -41.21 47.10 27.46
CA GLU F 158 -42.64 47.15 27.72
C GLU F 158 -42.99 46.58 29.09
N ILE F 159 -42.25 45.58 29.56
CA ILE F 159 -42.62 44.92 30.80
C ILE F 159 -41.70 45.34 31.93
N ASP F 160 -40.47 45.73 31.61
CA ASP F 160 -39.72 46.49 32.61
C ASP F 160 -40.42 47.78 32.98
N GLN F 161 -41.44 48.19 32.21
CA GLN F 161 -42.12 49.46 32.43
C GLN F 161 -43.32 49.28 33.36
N LYS F 162 -44.31 48.48 32.96
CA LYS F 162 -45.41 48.28 33.90
C LYS F 162 -44.91 47.66 35.21
N LEU F 163 -43.64 47.23 35.25
CA LEU F 163 -42.96 46.83 36.47
C LEU F 163 -42.39 48.02 37.22
N LYS F 164 -41.48 48.78 36.58
CA LYS F 164 -40.93 49.95 37.25
C LYS F 164 -41.98 51.02 37.52
N SER F 165 -43.22 50.83 37.05
CA SER F 165 -44.37 51.73 37.29
C SER F 165 -44.92 51.63 38.68
N LEU F 166 -44.29 50.96 39.62
CA LEU F 166 -44.95 50.53 40.83
C LEU F 166 -44.66 51.46 42.02
N PRO F 167 -45.48 51.37 43.08
CA PRO F 167 -45.27 52.20 44.26
C PRO F 167 -44.10 51.71 45.11
N LYS F 168 -43.25 52.65 45.53
CA LYS F 168 -41.99 52.34 46.21
C LYS F 168 -42.07 51.15 47.17
N GLU F 169 -43.24 50.89 47.76
CA GLU F 169 -43.43 49.75 48.65
C GLU F 169 -43.83 48.47 47.91
N HIS F 170 -43.99 48.54 46.59
CA HIS F 170 -44.20 47.37 45.74
C HIS F 170 -43.08 47.16 44.73
N LYS F 171 -42.78 48.19 43.92
CA LYS F 171 -41.57 48.26 43.12
C LYS F 171 -40.35 48.20 44.04
N ARG F 172 -40.61 48.07 45.33
CA ARG F 172 -39.59 47.64 46.29
C ARG F 172 -38.92 46.35 45.82
N TYR F 173 -39.71 45.42 45.22
CA TYR F 173 -39.28 44.06 44.92
C TYR F 173 -38.68 43.87 43.53
N LEU F 174 -38.90 44.80 42.59
CA LEU F 174 -38.03 44.88 41.43
C LEU F 174 -36.59 44.99 41.88
N HIS F 175 -36.31 45.91 42.81
CA HIS F 175 -34.95 46.03 43.35
C HIS F 175 -34.51 44.73 44.00
N ILE F 176 -35.45 43.93 44.49
CA ILE F 176 -35.08 42.72 45.21
C ILE F 176 -34.69 41.62 44.24
N ALA F 177 -35.50 41.41 43.20
CA ALA F 177 -35.13 40.43 42.20
C ALA F 177 -33.78 40.79 41.57
N ARG F 178 -33.70 41.98 40.94
CA ARG F 178 -32.48 42.38 40.25
C ARG F 178 -31.25 42.10 41.10
N GLU F 179 -31.28 42.45 42.39
CA GLU F 179 -30.13 42.17 43.25
C GLU F 179 -29.88 40.67 43.39
N GLY F 180 -30.95 39.86 43.41
CA GLY F 180 -30.79 38.43 43.63
C GLY F 180 -30.25 37.70 42.41
N GLU F 181 -30.83 37.97 41.22
CA GLU F 181 -30.25 37.45 39.99
C GLU F 181 -28.75 37.69 39.97
N ALA F 182 -28.31 38.87 40.41
CA ALA F 182 -26.88 39.16 40.33
C ALA F 182 -26.07 38.36 41.33
N ALA F 183 -26.71 37.83 42.37
CA ALA F 183 -25.98 36.97 43.31
C ALA F 183 -25.87 35.56 42.74
N ARG F 184 -26.95 35.09 42.12
CA ARG F 184 -26.92 33.87 41.33
C ARG F 184 -25.61 33.79 40.55
N GLN F 185 -25.41 34.75 39.63
CA GLN F 185 -24.21 34.81 38.80
C GLN F 185 -22.95 34.67 39.64
N HIS F 186 -22.71 35.58 40.56
CA HIS F 186 -21.46 35.46 41.28
C HIS F 186 -21.39 34.22 42.17
N LEU F 187 -22.50 33.52 42.41
CA LEU F 187 -22.37 32.28 43.18
C LEU F 187 -22.01 31.08 42.30
N ILE F 188 -22.47 31.08 41.06
CA ILE F 188 -22.09 30.04 40.11
C ILE F 188 -20.62 30.24 39.80
N GLU F 189 -20.30 31.40 39.19
CA GLU F 189 -18.93 31.73 38.84
C GLU F 189 -17.98 31.50 40.03
N ALA F 190 -18.49 31.60 41.25
CA ALA F 190 -17.62 31.50 42.42
C ALA F 190 -17.34 30.08 42.83
N ASN F 191 -18.06 29.11 42.26
CA ASN F 191 -17.91 27.72 42.65
C ASN F 191 -17.64 26.85 41.43
N LEU F 192 -16.96 27.41 40.43
CA LEU F 192 -16.64 26.58 39.27
C LEU F 192 -15.48 25.64 39.57
N ARG F 193 -14.46 26.09 40.30
CA ARG F 193 -13.34 25.23 40.70
C ARG F 193 -13.83 23.89 41.23
N LEU F 194 -14.90 23.89 42.01
CA LEU F 194 -15.37 22.64 42.61
C LEU F 194 -15.71 21.61 41.53
N VAL F 195 -16.54 22.00 40.56
CA VAL F 195 -16.91 21.11 39.46
C VAL F 195 -15.66 20.52 38.80
N VAL F 196 -14.66 21.36 38.52
CA VAL F 196 -13.42 20.87 37.92
C VAL F 196 -12.98 19.63 38.71
N SER F 197 -12.79 19.78 40.01
CA SER F 197 -12.18 18.71 40.79
C SER F 197 -13.10 17.52 41.02
N ILE F 198 -14.30 17.50 40.44
CA ILE F 198 -15.18 16.35 40.49
C ILE F 198 -15.13 15.65 39.13
N ALA F 199 -15.49 16.39 38.08
CA ALA F 199 -15.37 15.85 36.72
C ALA F 199 -13.97 15.36 36.43
N LYS F 200 -12.95 15.87 37.14
CA LYS F 200 -11.61 15.34 36.98
C LYS F 200 -11.59 13.83 37.18
N LYS F 201 -12.41 13.32 38.10
CA LYS F 201 -12.40 11.93 38.47
C LYS F 201 -13.26 11.06 37.56
N TYR F 202 -13.98 11.66 36.61
CA TYR F 202 -14.96 10.95 35.80
C TYR F 202 -14.50 10.80 34.34
N THR F 203 -13.19 10.91 34.09
CA THR F 203 -12.63 10.78 32.75
C THR F 203 -12.60 9.33 32.30
N GLY F 204 -12.16 9.14 31.06
CA GLY F 204 -12.03 7.83 30.46
C GLY F 204 -13.32 7.06 30.52
N ARG F 205 -14.43 7.71 30.21
CA ARG F 205 -15.74 7.10 30.44
C ARG F 205 -16.65 7.31 29.25
N GLY F 206 -16.16 7.92 28.18
CA GLY F 206 -16.96 8.24 27.01
C GLY F 206 -17.10 9.71 26.76
N LEU F 207 -16.64 10.56 27.69
CA LEU F 207 -16.84 12.00 27.64
C LEU F 207 -15.54 12.76 27.89
N SER F 208 -15.31 13.76 27.06
CA SER F 208 -14.16 14.63 27.16
C SER F 208 -14.19 15.42 28.45
N PHE F 209 -12.99 15.70 28.98
CA PHE F 209 -12.89 16.48 30.22
C PHE F 209 -13.87 17.63 30.20
N LEU F 210 -13.66 18.56 29.28
CA LEU F 210 -14.57 19.70 29.16
C LEU F 210 -16.01 19.21 29.14
N ASP F 211 -16.36 18.39 28.15
CA ASP F 211 -17.72 17.88 28.10
C ASP F 211 -18.24 17.49 29.49
N LEU F 212 -17.41 16.80 30.28
CA LEU F 212 -17.81 16.51 31.67
C LEU F 212 -17.97 17.80 32.47
N ILE F 213 -17.04 18.73 32.32
CA ILE F 213 -17.14 19.99 33.05
C ILE F 213 -18.48 20.66 32.80
N GLN F 214 -18.78 21.05 31.55
CA GLN F 214 -20.08 21.66 31.27
C GLN F 214 -21.20 20.87 31.93
N GLU F 215 -21.28 19.56 31.66
CA GLU F 215 -22.32 18.78 32.30
C GLU F 215 -22.29 19.00 33.82
N GLY F 216 -21.09 18.95 34.41
CA GLY F 216 -20.89 19.33 35.80
C GLY F 216 -21.46 20.69 36.19
N ASN F 217 -20.94 21.76 35.58
CA ASN F 217 -21.52 23.07 35.80
C ASN F 217 -23.04 23.02 35.60
N GLN F 218 -23.50 22.43 34.49
CA GLN F 218 -24.94 22.35 34.24
C GLN F 218 -25.71 22.01 35.51
N GLY F 219 -25.29 20.96 36.22
CA GLY F 219 -25.88 20.66 37.51
C GLY F 219 -25.69 21.79 38.50
N LEU F 220 -24.45 22.29 38.63
CA LEU F 220 -24.17 23.37 39.56
C LEU F 220 -25.22 24.49 39.50
N ILE F 221 -25.66 24.83 38.29
CA ILE F 221 -26.82 25.72 38.15
C ILE F 221 -28.00 25.20 38.95
N ARG F 222 -28.32 23.91 38.81
CA ARG F 222 -29.38 23.32 39.63
C ARG F 222 -29.16 23.66 41.10
N ALA F 223 -27.93 23.43 41.59
CA ALA F 223 -27.67 23.52 43.02
C ALA F 223 -27.99 24.90 43.60
N VAL F 224 -27.76 26.01 42.88
CA VAL F 224 -28.09 27.30 43.50
C VAL F 224 -29.60 27.48 43.58
N GLU F 225 -30.31 27.26 42.48
CA GLU F 225 -31.76 27.45 42.50
C GLU F 225 -32.47 26.52 43.50
N LYS F 226 -31.74 25.58 44.11
CA LYS F 226 -32.32 24.66 45.08
C LYS F 226 -31.52 24.63 46.38
N PHE F 227 -30.73 25.64 46.65
CA PHE F 227 -30.06 25.69 47.94
C PHE F 227 -30.93 26.34 49.02
N GLU F 228 -30.62 25.98 50.28
CA GLU F 228 -31.25 26.54 51.48
C GLU F 228 -30.13 26.84 52.48
N TYR F 229 -29.64 28.09 52.46
CA TYR F 229 -28.61 28.53 53.39
C TYR F 229 -29.06 28.37 54.82
N LYS F 230 -30.38 28.47 55.05
CA LYS F 230 -30.93 28.38 56.39
C LYS F 230 -30.57 27.06 57.06
N ARG F 231 -30.29 26.00 56.28
CA ARG F 231 -29.88 24.71 56.83
C ARG F 231 -28.47 24.75 57.43
N ARG F 232 -27.75 25.87 57.27
CA ARG F 232 -26.43 26.08 57.85
C ARG F 232 -25.35 25.22 57.22
N PHE F 233 -25.56 24.73 55.99
CA PHE F 233 -24.56 23.92 55.28
C PHE F 233 -23.64 24.80 54.46
N LYS F 234 -22.39 24.37 54.32
CA LYS F 234 -21.54 25.03 53.34
C LYS F 234 -22.07 24.67 51.94
N PHE F 235 -21.92 25.61 50.99
CA PHE F 235 -22.48 25.36 49.66
C PHE F 235 -21.85 24.14 49.01
N SER F 236 -20.54 23.94 49.19
CA SER F 236 -19.91 22.75 48.67
C SER F 236 -20.81 21.56 48.85
N THR F 237 -21.16 21.26 50.10
CA THR F 237 -21.82 19.98 50.45
C THR F 237 -23.06 19.71 49.60
N TYR F 238 -23.88 20.71 49.31
CA TYR F 238 -25.13 20.42 48.59
C TYR F 238 -24.89 20.30 47.09
N ALA F 239 -23.99 21.12 46.55
CA ALA F 239 -23.78 21.12 45.11
C ALA F 239 -23.06 19.85 44.66
N THR F 240 -22.21 19.29 45.53
CA THR F 240 -21.38 18.15 45.17
C THR F 240 -22.28 16.94 44.94
N TRP F 241 -23.59 17.17 44.97
CA TRP F 241 -24.61 16.17 44.64
C TRP F 241 -25.17 16.37 43.24
N TRP F 242 -25.56 17.62 42.91
CA TRP F 242 -26.16 17.91 41.60
C TRP F 242 -25.12 17.86 40.48
N ILE F 243 -23.88 18.25 40.79
CA ILE F 243 -22.73 18.11 39.91
C ILE F 243 -22.60 16.66 39.51
N ARG F 244 -22.29 15.79 40.48
CA ARG F 244 -22.12 14.40 40.10
C ARG F 244 -23.44 13.73 39.72
N GLN F 245 -24.58 14.39 39.87
CA GLN F 245 -25.80 13.81 39.32
C GLN F 245 -25.90 14.02 37.81
N ALA F 246 -25.34 15.13 37.31
CA ALA F 246 -25.43 15.47 35.89
C ALA F 246 -24.27 14.96 35.06
N ILE F 247 -23.07 14.88 35.64
CA ILE F 247 -22.00 14.11 35.01
C ILE F 247 -22.49 12.70 34.71
N ASN F 248 -22.93 12.00 35.77
CA ASN F 248 -23.36 10.63 35.60
C ASN F 248 -24.54 10.53 34.64
N ARG F 249 -25.37 11.57 34.55
CA ARG F 249 -26.45 11.45 33.57
C ARG F 249 -25.94 11.58 32.14
N ALA F 250 -24.99 12.50 31.91
CA ALA F 250 -24.46 12.65 30.55
C ALA F 250 -23.56 11.48 30.18
N ILE F 251 -22.72 11.04 31.14
CA ILE F 251 -21.94 9.84 30.94
C ILE F 251 -22.82 8.66 30.58
N ALA F 252 -24.13 8.77 30.82
CA ALA F 252 -25.05 7.70 30.48
C ALA F 252 -26.09 8.07 29.44
N ASP F 253 -26.04 9.27 28.86
CA ASP F 253 -27.03 9.62 27.84
C ASP F 253 -26.42 10.07 26.54
N GLN F 254 -25.13 10.39 26.50
CA GLN F 254 -24.52 10.67 25.21
C GLN F 254 -23.39 9.73 24.83
N ALA F 255 -22.74 9.08 25.79
CA ALA F 255 -21.49 8.36 25.49
C ALA F 255 -21.63 7.43 24.26
N ARG F 256 -22.71 6.67 24.17
CA ARG F 256 -22.82 5.61 23.17
C ARG F 256 -23.39 6.09 21.83
N THR F 257 -22.79 5.62 20.73
CA THR F 257 -23.27 5.95 19.39
C THR F 257 -24.73 5.56 19.22
N ILE F 258 -25.11 4.41 19.78
CA ILE F 258 -26.49 4.00 19.95
C ILE F 258 -26.82 4.32 21.39
N ARG F 259 -27.68 5.33 21.57
CA ARG F 259 -28.15 5.74 22.90
C ARG F 259 -29.06 4.65 23.46
N ILE F 260 -28.85 4.33 24.73
CA ILE F 260 -29.71 3.38 25.43
C ILE F 260 -30.30 4.03 26.69
N PRO F 261 -31.59 3.80 26.98
CA PRO F 261 -32.16 4.28 28.24
C PRO F 261 -31.18 4.19 29.40
N VAL F 262 -31.20 5.21 30.28
CA VAL F 262 -30.27 5.29 31.42
C VAL F 262 -30.44 4.12 32.40
N HIS F 263 -31.64 3.56 32.52
CA HIS F 263 -31.85 2.48 33.47
C HIS F 263 -31.31 1.17 32.97
N MET F 264 -31.18 1.05 31.65
CA MET F 264 -30.58 -0.12 30.99
C MET F 264 -29.07 -0.07 31.05
N VAL F 265 -28.49 1.09 30.75
CA VAL F 265 -27.10 1.34 31.14
C VAL F 265 -26.89 0.94 32.58
N GLU F 266 -27.79 1.40 33.45
CA GLU F 266 -27.63 1.24 34.90
C GLU F 266 -27.37 -0.22 35.26
N THR F 267 -28.14 -1.13 34.66
CA THR F 267 -28.07 -2.54 35.01
C THR F 267 -26.94 -3.23 34.26
N ILE F 268 -26.59 -2.72 33.07
CA ILE F 268 -25.42 -3.24 32.35
C ILE F 268 -24.18 -3.18 33.25
N ASN F 269 -23.81 -1.98 33.69
CA ASN F 269 -22.71 -1.88 34.63
C ASN F 269 -22.87 -2.82 35.83
N LYS F 270 -24.11 -3.21 36.15
CA LYS F 270 -24.32 -4.12 37.27
C LYS F 270 -23.78 -5.51 36.95
N LEU F 271 -23.90 -5.95 35.69
CA LEU F 271 -23.18 -7.13 35.25
C LEU F 271 -21.68 -6.91 35.33
N SER F 272 -21.19 -5.91 34.60
CA SER F 272 -19.78 -5.59 34.54
C SER F 272 -19.15 -5.66 35.92
N ARG F 273 -19.85 -5.17 36.93
CA ARG F 273 -19.25 -5.14 38.25
C ARG F 273 -19.32 -6.50 38.92
N THR F 274 -20.47 -7.19 38.85
CA THR F 274 -20.59 -8.45 39.56
C THR F 274 -19.87 -9.58 38.84
N ALA F 275 -19.82 -9.52 37.50
CA ALA F 275 -18.95 -10.43 36.76
C ALA F 275 -17.51 -10.24 37.20
N ARG F 276 -17.07 -8.98 37.31
CA ARG F 276 -15.69 -8.72 37.70
C ARG F 276 -15.34 -9.37 39.04
N GLN F 277 -16.22 -9.30 40.03
CA GLN F 277 -15.86 -9.96 41.28
C GLN F 277 -15.86 -11.48 41.11
N LEU F 278 -16.87 -12.02 40.42
CA LEU F 278 -16.85 -13.44 40.08
C LEU F 278 -15.49 -13.85 39.54
N GLN F 279 -15.01 -13.14 38.51
CA GLN F 279 -13.69 -13.43 37.96
C GLN F 279 -12.60 -13.30 39.02
N GLN F 280 -12.68 -12.28 39.88
CA GLN F 280 -11.69 -12.08 40.92
C GLN F 280 -11.77 -13.16 42.01
N GLU F 281 -12.85 -13.93 42.05
CA GLU F 281 -12.96 -15.05 42.95
C GLU F 281 -12.67 -16.38 42.29
N LEU F 282 -12.71 -16.44 40.95
CA LEU F 282 -12.69 -17.71 40.22
C LEU F 282 -11.33 -18.08 39.65
N GLY F 283 -10.44 -17.12 39.45
CA GLY F 283 -9.24 -17.38 38.68
C GLY F 283 -9.52 -17.60 37.21
N ARG F 284 -10.66 -17.10 36.73
CA ARG F 284 -11.07 -17.21 35.34
C ARG F 284 -12.35 -16.42 35.17
N GLU F 285 -12.69 -16.12 33.92
CA GLU F 285 -13.89 -15.37 33.67
C GLU F 285 -15.10 -16.27 33.86
N PRO F 286 -16.21 -15.72 34.34
CA PRO F 286 -17.41 -16.53 34.55
C PRO F 286 -18.08 -16.89 33.24
N THR F 287 -18.92 -17.91 33.32
CA THR F 287 -19.81 -18.26 32.22
C THR F 287 -21.09 -17.44 32.31
N TYR F 288 -21.92 -17.52 31.27
CA TYR F 288 -23.24 -16.90 31.35
C TYR F 288 -23.96 -17.35 32.61
N GLU F 289 -23.93 -18.66 32.90
CA GLU F 289 -24.67 -19.20 34.04
C GLU F 289 -24.15 -18.62 35.36
N GLU F 290 -22.85 -18.75 35.61
CA GLU F 290 -22.28 -18.24 36.85
C GLU F 290 -22.60 -16.78 37.07
N ILE F 291 -23.08 -16.07 36.04
CA ILE F 291 -23.51 -14.69 36.19
C ILE F 291 -24.97 -14.60 36.63
N ALA F 292 -25.85 -15.28 35.91
CA ALA F 292 -27.26 -15.31 36.29
C ALA F 292 -27.48 -15.81 37.72
N GLU F 293 -26.53 -16.55 38.27
CA GLU F 293 -26.67 -16.98 39.66
C GLU F 293 -26.36 -15.80 40.57
N ALA F 294 -25.11 -15.33 40.55
CA ALA F 294 -24.74 -14.19 41.38
C ALA F 294 -25.57 -12.95 41.07
N MET F 295 -26.28 -12.94 39.93
CA MET F 295 -27.16 -11.82 39.62
C MET F 295 -28.50 -11.94 40.31
N GLY F 296 -28.90 -13.15 40.68
CA GLY F 296 -30.06 -13.35 41.52
C GLY F 296 -31.27 -13.88 40.79
N PRO F 297 -32.46 -13.46 41.24
CA PRO F 297 -33.70 -14.01 40.71
C PRO F 297 -34.21 -13.20 39.54
N GLY F 298 -34.96 -13.88 38.66
CA GLY F 298 -35.31 -13.30 37.40
C GLY F 298 -34.17 -13.23 36.42
N TRP F 299 -32.99 -13.74 36.82
CA TRP F 299 -31.80 -13.80 35.98
C TRP F 299 -31.48 -15.25 35.65
N ASP F 300 -31.63 -15.58 34.37
CA ASP F 300 -31.24 -16.85 33.75
C ASP F 300 -30.05 -16.61 32.82
N ALA F 301 -29.47 -17.71 32.36
CA ALA F 301 -28.35 -17.61 31.43
C ALA F 301 -28.76 -16.92 30.13
N LYS F 302 -29.98 -17.21 29.63
CA LYS F 302 -30.45 -16.57 28.39
C LYS F 302 -30.43 -15.04 28.50
N ARG F 303 -30.85 -14.49 29.65
CA ARG F 303 -31.09 -13.05 29.78
C ARG F 303 -29.83 -12.27 30.08
N VAL F 304 -28.77 -12.91 30.60
CA VAL F 304 -27.49 -12.22 30.65
C VAL F 304 -26.89 -12.15 29.24
N GLU F 305 -27.12 -13.16 28.42
CA GLU F 305 -26.62 -13.13 27.04
C GLU F 305 -27.21 -11.97 26.27
N GLU F 306 -28.54 -11.95 26.06
CA GLU F 306 -29.10 -10.91 25.22
C GLU F 306 -28.91 -9.51 25.82
N THR F 307 -28.58 -9.42 27.11
CA THR F 307 -28.20 -8.13 27.70
C THR F 307 -26.86 -7.66 27.17
N LEU F 308 -25.86 -8.56 27.13
CA LEU F 308 -24.58 -8.25 26.52
C LEU F 308 -24.73 -7.89 25.05
N LYS F 309 -25.56 -8.64 24.32
CA LYS F 309 -25.55 -8.38 22.90
C LYS F 309 -26.19 -7.04 22.55
N ILE F 310 -26.66 -6.26 23.52
CA ILE F 310 -26.96 -4.87 23.26
C ILE F 310 -25.99 -3.93 23.97
N ALA F 311 -25.31 -4.37 25.01
CA ALA F 311 -24.18 -3.62 25.50
C ALA F 311 -23.16 -3.33 24.41
N GLN F 312 -23.26 -4.00 23.25
CA GLN F 312 -22.19 -4.08 22.25
C GLN F 312 -22.06 -2.77 21.49
N GLU F 313 -20.93 -2.08 21.67
CA GLU F 313 -20.68 -0.82 20.97
C GLU F 313 -20.33 -1.08 19.50
N PRO F 314 -20.84 -0.28 18.57
CA PRO F 314 -20.47 -0.46 17.16
C PRO F 314 -18.99 -0.15 16.93
N VAL F 315 -18.53 -0.54 15.74
CA VAL F 315 -17.13 -0.43 15.37
C VAL F 315 -16.98 0.44 14.13
N SER F 316 -15.81 1.08 14.02
CA SER F 316 -15.62 2.12 13.03
C SER F 316 -15.46 1.55 11.63
N LEU F 317 -16.18 2.14 10.66
CA LEU F 317 -16.00 1.73 9.28
C LEU F 317 -14.60 2.05 8.77
N GLU F 318 -13.92 3.01 9.36
CA GLU F 318 -12.56 3.32 9.01
C GLU F 318 -11.56 2.65 9.94
N THR F 319 -11.94 1.56 10.61
CA THR F 319 -10.98 0.92 11.49
C THR F 319 -9.86 0.37 10.62
N PRO F 320 -8.62 0.67 10.94
CA PRO F 320 -7.54 0.49 9.97
C PRO F 320 -7.19 -0.98 9.82
N ILE F 321 -6.93 -1.40 8.58
CA ILE F 321 -6.69 -2.80 8.21
C ILE F 321 -5.22 -2.95 7.83
N GLY F 322 -4.53 -3.85 8.51
CA GLY F 322 -3.11 -4.06 8.25
C GLY F 322 -2.22 -3.24 9.17
N ASP F 323 -0.95 -3.12 8.77
CA ASP F 323 0.01 -2.31 9.53
C ASP F 323 0.70 -1.22 8.70
N GLU F 324 0.61 -1.26 7.36
CA GLU F 324 0.54 -0.02 6.61
C GLU F 324 -0.88 0.47 6.87
N LYS F 325 -1.42 1.39 6.08
CA LYS F 325 -2.83 1.66 6.34
C LYS F 325 -3.68 1.74 5.08
N ASP F 326 -3.16 1.34 3.92
CA ASP F 326 -3.96 1.49 2.70
C ASP F 326 -5.05 0.43 2.62
N SER F 327 -5.85 0.30 3.67
CA SER F 327 -7.12 -0.44 3.60
C SER F 327 -7.97 -0.06 4.81
N PHE F 328 -9.28 -0.13 4.61
CA PHE F 328 -10.29 0.27 5.59
C PHE F 328 -11.28 -0.86 5.78
N TYR F 329 -11.50 -1.27 7.04
CA TYR F 329 -12.42 -2.36 7.37
C TYR F 329 -13.78 -2.20 6.72
N GLY F 330 -14.08 -1.01 6.21
CA GLY F 330 -15.39 -0.80 5.62
C GLY F 330 -15.43 -1.17 4.16
N ASP F 331 -14.25 -1.24 3.58
CA ASP F 331 -14.18 -1.59 2.18
C ASP F 331 -14.50 -3.06 1.96
N PHE F 332 -14.22 -3.90 2.95
CA PHE F 332 -14.50 -5.31 2.80
C PHE F 332 -15.98 -5.65 3.08
N ILE F 333 -16.86 -4.66 2.99
CA ILE F 333 -18.25 -4.80 3.39
C ILE F 333 -19.14 -4.59 2.17
N PRO F 334 -19.83 -5.61 1.71
CA PRO F 334 -20.67 -5.47 0.51
C PRO F 334 -22.01 -4.80 0.80
N ASP F 335 -22.42 -3.93 -0.11
CA ASP F 335 -23.69 -3.21 0.01
C ASP F 335 -24.81 -4.12 -0.47
N GLU F 336 -25.56 -4.69 0.46
CA GLU F 336 -26.65 -5.60 0.10
C GLU F 336 -28.01 -4.94 -0.01
N HIS F 337 -28.15 -3.65 0.27
CA HIS F 337 -29.43 -3.02 -0.01
C HIS F 337 -29.63 -2.86 -1.51
N LEU F 338 -28.77 -2.09 -2.15
CA LEU F 338 -29.00 -1.75 -3.54
C LEU F 338 -29.01 -3.02 -4.40
N PRO F 339 -29.95 -3.14 -5.34
CA PRO F 339 -30.02 -4.39 -6.13
C PRO F 339 -28.79 -4.55 -7.03
N SER F 340 -28.16 -5.74 -6.98
CA SER F 340 -27.11 -6.12 -7.92
C SER F 340 -27.63 -6.12 -9.37
N PRO F 341 -26.75 -6.23 -10.39
CA PRO F 341 -27.21 -6.07 -11.79
C PRO F 341 -27.77 -7.37 -12.34
N VAL F 342 -27.23 -8.49 -11.87
CA VAL F 342 -27.92 -9.77 -11.99
C VAL F 342 -29.34 -9.62 -11.47
N ASP F 343 -29.48 -9.08 -10.24
CA ASP F 343 -30.79 -8.93 -9.59
C ASP F 343 -31.70 -8.03 -10.41
N ALA F 344 -31.37 -6.75 -10.51
CA ALA F 344 -32.29 -5.80 -11.14
C ALA F 344 -32.54 -6.14 -12.60
N ALA F 345 -31.65 -6.87 -13.23
CA ALA F 345 -31.99 -7.47 -14.51
C ALA F 345 -33.03 -8.56 -14.34
N THR F 346 -32.89 -9.41 -13.31
CA THR F 346 -33.86 -10.49 -13.09
C THR F 346 -35.29 -9.95 -12.99
N GLN F 347 -35.49 -8.88 -12.21
CA GLN F 347 -36.84 -8.38 -11.98
C GLN F 347 -37.50 -7.90 -13.28
N SER F 348 -36.71 -7.46 -14.25
CA SER F 348 -37.32 -6.99 -15.49
C SER F 348 -37.73 -8.15 -16.39
N LEU F 349 -36.95 -9.24 -16.46
CA LEU F 349 -37.40 -10.42 -17.23
C LEU F 349 -38.44 -11.25 -16.49
N LEU F 350 -38.84 -10.86 -15.29
CA LEU F 350 -40.03 -11.43 -14.68
C LEU F 350 -41.25 -10.56 -14.98
N SER F 351 -41.23 -9.30 -14.54
CA SER F 351 -42.39 -8.43 -14.61
C SER F 351 -42.80 -8.15 -16.06
N GLU F 352 -42.07 -8.70 -17.04
CA GLU F 352 -42.48 -8.68 -18.43
C GLU F 352 -42.76 -10.07 -19.00
N GLU F 353 -41.99 -11.10 -18.65
CA GLU F 353 -42.39 -12.45 -19.03
C GLU F 353 -43.53 -13.00 -18.14
N LEU F 354 -44.11 -12.14 -17.29
CA LEU F 354 -45.42 -12.38 -16.69
C LEU F 354 -46.52 -11.58 -17.39
N GLU F 355 -46.20 -10.38 -17.86
CA GLU F 355 -47.06 -9.73 -18.85
C GLU F 355 -47.11 -10.54 -20.14
N LYS F 356 -46.18 -11.50 -20.30
CA LYS F 356 -46.13 -12.51 -21.37
C LYS F 356 -47.00 -13.74 -21.07
N ALA F 357 -47.81 -13.68 -20.01
CA ALA F 357 -48.81 -14.71 -19.73
C ALA F 357 -50.13 -14.11 -19.26
N LEU F 358 -50.36 -12.81 -19.44
CA LEU F 358 -51.68 -12.22 -19.23
C LEU F 358 -52.47 -12.15 -20.54
N SER F 359 -51.92 -11.44 -21.53
CA SER F 359 -52.57 -11.24 -22.82
C SER F 359 -52.29 -12.36 -23.81
N LYS F 360 -51.94 -13.54 -23.32
CA LYS F 360 -51.72 -14.72 -24.17
C LYS F 360 -52.93 -15.64 -24.22
N LEU F 361 -53.81 -15.59 -23.21
CA LEU F 361 -55.00 -16.42 -23.18
C LEU F 361 -56.26 -15.59 -22.90
N SER F 362 -56.14 -14.51 -22.13
CA SER F 362 -57.19 -13.48 -22.05
C SER F 362 -56.71 -12.24 -21.30
N GLU F 363 -57.08 -11.04 -21.77
CA GLU F 363 -56.55 -9.77 -21.24
C GLU F 363 -57.60 -8.98 -20.46
N ARG F 364 -58.83 -9.47 -20.36
CA ARG F 364 -59.80 -8.94 -19.41
C ARG F 364 -60.09 -9.91 -18.28
N GLU F 365 -59.79 -11.20 -18.45
CA GLU F 365 -59.64 -12.07 -17.30
C GLU F 365 -58.20 -12.08 -16.80
N ALA F 366 -57.27 -11.56 -17.60
CA ALA F 366 -55.97 -11.14 -17.11
C ALA F 366 -55.92 -9.64 -16.84
N MET F 367 -57.09 -9.04 -16.55
CA MET F 367 -57.22 -7.71 -15.96
C MET F 367 -58.02 -7.70 -14.65
N VAL F 368 -59.03 -8.57 -14.50
CA VAL F 368 -59.71 -8.68 -13.22
C VAL F 368 -58.85 -9.43 -12.21
N LEU F 369 -58.05 -10.40 -12.67
CA LEU F 369 -57.00 -10.97 -11.83
C LEU F 369 -55.75 -10.10 -11.84
N LYS F 370 -55.53 -9.30 -12.89
CA LYS F 370 -54.49 -8.27 -12.91
C LYS F 370 -54.83 -7.09 -11.99
N LEU F 371 -56.01 -7.12 -11.36
CA LEU F 371 -56.31 -6.28 -10.21
C LEU F 371 -56.74 -7.10 -8.99
N ARG F 372 -56.53 -8.41 -9.01
CA ARG F 372 -56.49 -9.18 -7.77
C ARG F 372 -55.11 -9.12 -7.14
N LYS F 373 -54.16 -8.49 -7.82
CA LYS F 373 -52.84 -8.08 -7.32
C LYS F 373 -52.46 -6.83 -8.12
N GLY F 374 -51.16 -6.47 -8.15
CA GLY F 374 -50.77 -5.32 -8.95
C GLY F 374 -49.46 -5.44 -9.69
N LEU F 375 -49.38 -4.96 -10.95
CA LEU F 375 -48.11 -4.99 -11.70
C LEU F 375 -47.07 -4.06 -11.09
N ILE F 376 -47.50 -3.04 -10.33
CA ILE F 376 -46.72 -2.33 -9.33
C ILE F 376 -47.73 -1.75 -8.32
N ASP F 377 -47.40 -1.87 -7.02
CA ASP F 377 -48.26 -1.64 -5.85
C ASP F 377 -49.12 -2.80 -5.35
N GLY F 378 -49.36 -3.83 -6.16
CA GLY F 378 -50.22 -4.88 -5.64
C GLY F 378 -51.63 -4.38 -5.37
N ARG F 379 -52.63 -5.26 -5.48
CA ARG F 379 -54.03 -4.89 -5.25
C ARG F 379 -54.72 -6.14 -4.68
N GLU F 380 -54.71 -6.30 -3.36
CA GLU F 380 -55.14 -7.58 -2.79
C GLU F 380 -55.74 -7.36 -1.41
N HIS F 381 -57.07 -7.46 -1.30
CA HIS F 381 -57.62 -7.49 0.05
C HIS F 381 -58.37 -8.79 0.38
N THR F 382 -59.68 -8.90 0.09
CA THR F 382 -60.36 -10.21 0.03
C THR F 382 -61.64 -10.24 -0.83
N LEU F 383 -62.61 -9.36 -0.48
CA LEU F 383 -63.98 -9.50 -0.96
C LEU F 383 -64.74 -8.18 -1.15
N GLU F 384 -64.10 -7.02 -0.97
CA GLU F 384 -64.82 -5.76 -0.75
C GLU F 384 -64.71 -4.81 -1.94
N GLU F 385 -63.50 -4.49 -2.40
CA GLU F 385 -63.34 -3.80 -3.69
C GLU F 385 -63.50 -4.77 -4.85
N VAL F 386 -63.17 -6.05 -4.64
CA VAL F 386 -63.49 -7.08 -5.62
C VAL F 386 -64.98 -7.06 -5.93
N GLY F 387 -65.81 -6.60 -4.99
CA GLY F 387 -67.23 -6.41 -5.21
C GLY F 387 -67.67 -5.05 -5.73
N ALA F 388 -66.73 -4.15 -6.03
CA ALA F 388 -67.12 -2.78 -6.39
C ALA F 388 -67.17 -2.49 -7.89
N PHE F 389 -66.02 -2.50 -8.59
CA PHE F 389 -65.97 -2.20 -10.03
C PHE F 389 -65.01 -3.22 -10.66
N PHE F 390 -65.56 -4.38 -11.03
CA PHE F 390 -64.86 -5.34 -11.87
C PHE F 390 -65.51 -5.51 -13.24
N GLY F 391 -66.81 -5.22 -13.34
CA GLY F 391 -67.66 -5.57 -14.46
C GLY F 391 -68.75 -6.55 -14.08
N VAL F 392 -68.45 -7.47 -13.14
CA VAL F 392 -69.25 -8.64 -12.79
C VAL F 392 -69.51 -8.66 -11.27
N THR F 393 -70.12 -9.74 -10.77
CA THR F 393 -70.51 -9.83 -9.37
C THR F 393 -69.36 -10.40 -8.51
N ARG F 394 -69.56 -10.42 -7.19
CA ARG F 394 -68.46 -10.54 -6.24
C ARG F 394 -67.80 -11.92 -6.27
N GLU F 395 -68.57 -12.98 -6.02
CA GLU F 395 -68.03 -14.34 -6.04
C GLU F 395 -67.98 -14.91 -7.45
N ARG F 396 -68.14 -14.06 -8.45
CA ARG F 396 -67.94 -14.42 -9.85
C ARG F 396 -66.56 -14.01 -10.37
N ILE F 397 -65.90 -13.04 -9.73
CA ILE F 397 -64.51 -12.74 -10.08
C ILE F 397 -63.55 -13.66 -9.33
N ARG F 398 -63.96 -14.18 -8.16
CA ARG F 398 -63.22 -15.24 -7.50
C ARG F 398 -63.35 -16.57 -8.21
N GLN F 399 -64.12 -16.64 -9.29
CA GLN F 399 -64.18 -17.81 -10.15
C GLN F 399 -63.31 -17.65 -11.40
N ILE F 400 -63.46 -16.53 -12.14
CA ILE F 400 -62.50 -16.18 -13.19
C ILE F 400 -61.16 -15.77 -12.59
N GLU F 401 -61.11 -15.54 -11.27
CA GLU F 401 -59.85 -15.63 -10.56
C GLU F 401 -59.29 -17.05 -10.61
N ASN F 402 -60.15 -18.06 -10.40
CA ASN F 402 -59.73 -19.45 -10.50
C ASN F 402 -59.43 -19.84 -11.95
N LYS F 403 -60.27 -19.41 -12.90
CA LYS F 403 -59.97 -19.68 -14.31
C LYS F 403 -58.88 -18.76 -14.86
N ALA F 404 -58.68 -17.59 -14.25
CA ALA F 404 -57.48 -16.82 -14.50
C ALA F 404 -56.25 -17.66 -14.17
N LEU F 405 -56.08 -18.00 -12.89
CA LEU F 405 -55.02 -18.89 -12.49
C LEU F 405 -55.08 -20.18 -13.29
N ARG F 406 -56.25 -20.83 -13.34
CA ARG F 406 -56.34 -22.12 -14.01
C ARG F 406 -55.81 -22.06 -15.43
N LYS F 407 -56.16 -20.99 -16.17
CA LYS F 407 -55.66 -20.80 -17.53
C LYS F 407 -54.14 -20.61 -17.54
N LEU F 408 -53.59 -20.08 -16.45
CA LEU F 408 -52.17 -19.82 -16.38
C LEU F 408 -51.38 -21.06 -15.99
N LYS F 409 -51.98 -22.01 -15.26
CA LYS F 409 -51.23 -23.23 -14.95
C LYS F 409 -51.13 -24.16 -16.15
N TYR F 410 -52.11 -24.12 -17.07
CA TYR F 410 -51.95 -24.80 -18.36
C TYR F 410 -51.37 -23.89 -19.43
N HIS F 411 -51.53 -22.57 -19.30
CA HIS F 411 -50.77 -21.63 -20.11
C HIS F 411 -49.27 -21.91 -19.99
N GLU F 412 -48.77 -22.00 -18.76
CA GLU F 412 -47.38 -22.32 -18.46
C GLU F 412 -47.18 -23.83 -18.29
N SER F 413 -47.64 -24.56 -19.32
CA SER F 413 -47.17 -25.90 -19.60
C SER F 413 -46.65 -26.00 -21.03
N ARG F 414 -46.63 -24.89 -21.79
CA ARG F 414 -45.90 -24.77 -23.06
C ARG F 414 -44.81 -23.71 -23.01
N THR F 415 -45.14 -22.49 -22.57
CA THR F 415 -44.12 -21.46 -22.29
C THR F 415 -43.61 -21.65 -20.85
N ARG F 416 -42.91 -22.81 -20.64
CA ARG F 416 -42.39 -23.33 -19.37
C ARG F 416 -41.29 -22.47 -18.79
N LYS F 417 -41.10 -21.31 -19.41
CA LYS F 417 -40.13 -20.30 -18.95
C LYS F 417 -40.76 -19.40 -17.88
N LEU F 418 -41.20 -20.05 -16.81
CA LEU F 418 -41.42 -19.36 -15.54
C LEU F 418 -40.94 -20.17 -14.35
N ARG F 419 -40.79 -21.49 -14.48
CA ARG F 419 -40.27 -22.30 -13.39
C ARG F 419 -38.96 -21.71 -12.85
N ASP F 420 -38.02 -21.41 -13.76
CA ASP F 420 -36.67 -21.00 -13.39
C ASP F 420 -36.64 -19.79 -12.46
N PHE F 421 -37.77 -19.14 -12.20
CA PHE F 421 -37.77 -17.95 -11.36
C PHE F 421 -37.94 -18.27 -9.88
N LEU F 422 -38.27 -19.52 -9.53
CA LEU F 422 -38.20 -20.03 -8.17
C LEU F 422 -36.80 -20.53 -7.80
N ASP F 423 -35.84 -20.38 -8.72
CA ASP F 423 -34.40 -20.67 -8.50
C ASP F 423 -34.05 -22.16 -8.52
NA NA J . 14.94 -10.68 -15.02
N1 DCP K . 8.76 -3.76 -9.76
C2 DCP K . 8.35 -2.42 -9.57
N3 DCP K . 8.27 -1.94 -8.20
C4 DCP K . 8.47 -2.73 -7.03
C5 DCP K . 8.90 -4.09 -7.22
C6 DCP K . 8.99 -4.59 -8.60
O2 DCP K . 8.13 -1.73 -10.48
N4 DCP K . 8.40 -2.16 -5.72
C1' DCP K . 8.84 -4.41 -10.99
C2' DCP K . 9.56 -3.72 -11.71
C3' DCP K . 10.18 -4.80 -12.54
C4' DCP K . 10.55 -5.91 -11.63
O4' DCP K . 9.57 -5.83 -10.83
O3' DCP K . 9.27 -5.30 -13.42
C5' DCP K . 11.94 -5.53 -11.05
O5' DCP K . 12.91 -5.83 -12.00
PA DCP K . 13.87 -7.02 -11.51
O1A DCP K . 14.91 -6.54 -10.52
O2A DCP K . 12.96 -8.01 -10.80
O3A DCP K . 14.61 -7.88 -12.72
PB DCP K . 14.56 -7.44 -14.31
O1B DCP K . 13.71 -6.20 -14.43
O2B DCP K . 13.97 -8.59 -15.08
O3B DCP K . 16.13 -7.15 -14.81
PG DCP K . 17.13 -8.45 -15.02
O1G DCP K . 16.89 -9.33 -13.82
O2G DCP K . 16.67 -9.14 -16.29
O3G DCP K . 18.62 -8.20 -15.05
H5 DCP K . 9.06 -4.65 -6.49
H6 DCP K . 9.24 -5.48 -8.74
HN41 DCP K . 9.08 -2.17 -5.21
HN42 DCP K . 7.65 -1.81 -5.45
H1' DCP K . 7.97 -4.52 -11.39
H2'1 DCP K . 10.24 -3.26 -11.18
H2'2 DCP K . 9.06 -3.11 -12.26
H3' DCP K . 10.97 -4.46 -12.97
H4' DCP K . 10.56 -6.76 -12.10
HO3' DCP K . 9.35 -6.15 -13.47
H5'1 DCP K . 12.10 -6.04 -10.24
H5'2 DCP K . 11.96 -4.58 -10.85
MG MG L . 9.30 -10.17 -12.84
ZN ZN M . -47.00 5.71 7.36
ZN ZN N . 2.14 25.89 -33.53
#